data_4U3C
#
_entry.id   4U3C
#
_cell.length_a   338.422
_cell.length_b   239.418
_cell.length_c   239.447
_cell.angle_alpha   90.000
_cell.angle_beta   134.900
_cell.angle_gamma   90.000
#
_symmetry.space_group_name_H-M   'C 1 2 1'
#
loop_
_entity.id
_entity.type
_entity.pdbx_description
1 polymer 'Alpha-1,4-glucan:maltose-1-phosphate maltosyltransferase'
2 branched alpha-D-glucopyranose-(1-4)-alpha-D-glucopyranose
3 branched alpha-D-glucopyranose-(1-4)-alpha-D-glucopyranose-(1-4)-alpha-D-glucopyranose-(1-4)-alpha-D-glucopyranose-(1-4)-alpha-D-glucopyranose-(1-4)-alpha-D-glucopyranose
#
_entity_poly.entity_id   1
_entity_poly.type   'polypeptide(L)'
_entity_poly.pdbx_seq_one_letter_code
;MGSSHHHHHHSSGLEVLFQGPHMSGRAIGTETEWWVPGRVEIDDVAPVVSCGVYPAKAVVGEVVPVSAAVWREGHEAVAA
TLVVRYLGVRYPHLTDRPRARVLPTPSEPQQRVKPLLIPMTSGQEPFVFHGQFTPDRVGLWTFRVDGWGDPIHTWRHGLI
AKLDAGQGETELSNDLLVGAVLLERAATGVPRGLRDPLLAAAAALRTPGDPVTRTALALTPEIEELLADYPLRDLVTRGE
QFGVWVDRPLARFGAWYEMFPRSTGGWDDDGNPVHGTFATAAAELPRIAGMGFDVVYLPPIHPIGKVHRKGRNNSPTAAP
TDVGSPWAIGSDEGGHDTVHPSLGTIDDFDDFVSAARDLGMEVALDLALQCAPDHPWAREHRQWFTELPDGTIAYAENPP
KKYQDIYPLNFDNDPEGLYDEVLRVVQHWVNHGVKFFRVDNPHTKPPNFWAWLIAQVKTVDPDVLFLSEAFTPPARQYGL
AKLGFTQSYSYFTWRTTKWELTEFGNQIAELADYRRPNLFVNTPDILHAVLQHNGPGMFAIRAVLAATMSPAWGMYCGYE
LFEHRAVREGSEEYLDSEKYELRPRDFASALDQGRSLQPFITRLNIIRRLHPAFQQLRTIHFHHVDNDALLAYSKFDPAT
GDCVLVVVTLNAFGPEEATLWLDMAALGMEDYDRFWVRDEITGEEYQWGQANYIRIDPARAVAHIINMPAVPYESRNTLL
RRR
;
_entity_poly.pdbx_strand_id   A,B,C,D,E,F
#
loop_
_chem_comp.id
_chem_comp.type
_chem_comp.name
_chem_comp.formula
GLC D-saccharide, alpha linking alpha-D-glucopyranose 'C6 H12 O6'
#
# COMPACT_ATOMS: atom_id res chain seq x y z
N PRO A 37 -24.89 9.86 41.20
CA PRO A 37 -23.44 10.05 41.00
C PRO A 37 -22.68 8.74 40.81
N GLY A 38 -22.03 8.52 39.66
CA GLY A 38 -22.35 9.10 38.35
C GLY A 38 -23.80 9.03 37.92
N ARG A 39 -24.43 10.21 37.78
CA ARG A 39 -25.84 10.33 37.37
C ARG A 39 -26.04 9.78 35.96
N VAL A 40 -25.06 10.08 35.11
CA VAL A 40 -25.04 9.63 33.72
C VAL A 40 -23.88 8.67 33.46
N GLU A 41 -24.21 7.54 32.85
CA GLU A 41 -23.31 6.41 32.69
C GLU A 41 -22.24 6.48 31.56
N ILE A 42 -20.97 6.18 31.89
CA ILE A 42 -19.84 6.11 30.94
C ILE A 42 -18.99 4.82 31.03
N ASP A 43 -18.90 4.02 29.96
CA ASP A 43 -18.28 2.70 30.08
C ASP A 43 -17.63 2.25 28.76
N ASP A 44 -16.80 1.21 28.84
CA ASP A 44 -16.17 0.58 27.68
C ASP A 44 -15.38 1.58 26.86
N VAL A 45 -14.65 2.46 27.54
CA VAL A 45 -13.84 3.42 26.81
C VAL A 45 -12.70 2.68 26.12
N ALA A 46 -12.34 3.14 24.92
CA ALA A 46 -11.22 2.63 24.14
C ALA A 46 -10.61 3.81 23.36
N PRO A 47 -9.29 3.80 23.14
CA PRO A 47 -8.37 2.72 23.47
C PRO A 47 -7.80 2.85 24.87
N VAL A 48 -7.96 1.77 25.66
CA VAL A 48 -7.34 1.70 26.99
C VAL A 48 -6.57 0.38 27.14
N VAL A 49 -5.41 0.49 27.78
CA VAL A 49 -4.49 -0.64 27.89
C VAL A 49 -4.30 -1.08 29.32
N SER A 50 -4.48 -2.38 29.56
CA SER A 50 -4.33 -2.93 30.89
C SER A 50 -5.12 -2.09 31.91
N CYS A 51 -6.35 -1.73 31.54
CA CYS A 51 -7.25 -0.95 32.37
C CYS A 51 -6.62 0.35 32.84
N GLY A 52 -5.77 0.94 31.98
CA GLY A 52 -5.24 2.25 32.25
C GLY A 52 -3.87 2.32 32.89
N VAL A 53 -3.27 1.17 33.19
CA VAL A 53 -1.94 1.17 33.79
C VAL A 53 -0.92 1.72 32.80
N TYR A 54 -1.06 1.33 31.54
CA TYR A 54 -0.12 1.73 30.50
C TYR A 54 -0.82 2.59 29.48
N PRO A 55 -0.12 3.63 29.00
CA PRO A 55 -0.67 4.51 27.98
C PRO A 55 -0.71 3.85 26.62
N ALA A 56 -1.66 4.24 25.78
CA ALA A 56 -1.74 3.68 24.45
C ALA A 56 -0.65 4.30 23.62
N LYS A 57 -0.38 3.71 22.46
CA LYS A 57 0.70 4.13 21.58
C LYS A 57 0.09 4.78 20.34
N ALA A 58 0.71 5.86 19.90
CA ALA A 58 0.32 6.52 18.66
C ALA A 58 1.52 7.34 18.20
N VAL A 59 1.48 7.81 16.97
CA VAL A 59 2.53 8.71 16.49
C VAL A 59 1.93 9.98 15.92
N VAL A 60 2.79 10.95 15.65
CA VAL A 60 2.34 12.23 15.14
C VAL A 60 1.66 12.13 13.78
N GLY A 61 0.50 12.76 13.67
CA GLY A 61 -0.26 12.77 12.45
C GLY A 61 -1.00 11.47 12.16
N GLU A 62 -1.16 10.64 13.18
CA GLU A 62 -1.92 9.42 12.99
C GLU A 62 -3.31 9.71 13.51
N VAL A 63 -4.33 9.24 12.80
CA VAL A 63 -5.68 9.44 13.29
C VAL A 63 -5.92 8.38 14.35
N VAL A 64 -6.21 8.84 15.56
CA VAL A 64 -6.46 7.95 16.68
C VAL A 64 -7.96 7.85 16.93
N PRO A 65 -8.53 6.66 16.73
CA PRO A 65 -9.97 6.52 16.90
C PRO A 65 -10.34 6.18 18.34
N VAL A 66 -11.33 6.89 18.85
CA VAL A 66 -11.74 6.74 20.24
C VAL A 66 -13.21 6.36 20.24
N SER A 67 -13.58 5.46 21.14
CA SER A 67 -14.97 5.04 21.25
C SER A 67 -15.33 4.75 22.69
N ALA A 68 -16.61 4.90 23.02
CA ALA A 68 -17.10 4.67 24.36
C ALA A 68 -18.61 4.44 24.32
N ALA A 69 -19.16 3.91 25.39
CA ALA A 69 -20.58 3.66 25.45
C ALA A 69 -21.24 4.59 26.46
N VAL A 70 -22.22 5.37 26.01
CA VAL A 70 -22.92 6.28 26.90
C VAL A 70 -24.45 6.12 26.77
N TRP A 71 -25.12 6.01 27.91
CA TRP A 71 -26.57 5.82 27.94
C TRP A 71 -27.13 6.43 29.20
N ARG A 72 -28.45 6.61 29.22
CA ARG A 72 -29.11 7.24 30.34
C ARG A 72 -30.56 6.76 30.44
N GLU A 73 -31.34 7.30 31.37
CA GLU A 73 -32.73 6.85 31.60
C GLU A 73 -33.61 7.08 30.38
N GLY A 74 -34.50 6.12 30.14
CA GLY A 74 -35.60 6.29 29.20
C GLY A 74 -35.20 6.63 27.78
N HIS A 75 -36.10 7.31 27.08
CA HIS A 75 -35.86 7.70 25.71
C HIS A 75 -35.29 9.11 25.54
N GLU A 76 -34.90 9.75 26.65
CA GLU A 76 -34.21 11.03 26.55
C GLU A 76 -32.85 10.84 25.89
N ALA A 77 -32.60 11.62 24.85
CA ALA A 77 -31.40 11.50 24.02
C ALA A 77 -30.14 11.88 24.79
N VAL A 78 -29.00 11.32 24.40
CA VAL A 78 -27.77 11.58 25.10
C VAL A 78 -26.65 11.78 24.08
N ALA A 79 -25.64 12.56 24.46
CA ALA A 79 -24.51 12.85 23.59
C ALA A 79 -23.25 12.96 24.42
N ALA A 80 -22.11 12.78 23.76
CA ALA A 80 -20.83 12.85 24.45
C ALA A 80 -19.86 13.73 23.69
N THR A 81 -18.96 14.38 24.42
CA THR A 81 -17.93 15.22 23.83
C THR A 81 -16.60 14.68 24.35
N LEU A 82 -15.68 14.39 23.42
CA LEU A 82 -14.37 13.88 23.80
C LEU A 82 -13.40 15.03 24.07
N VAL A 83 -12.82 15.06 25.26
CA VAL A 83 -11.98 16.18 25.65
C VAL A 83 -10.49 15.81 25.65
N VAL A 84 -9.74 16.37 24.72
CA VAL A 84 -8.31 16.08 24.64
C VAL A 84 -7.46 17.30 25.04
N ARG A 85 -6.41 17.06 25.82
CA ARG A 85 -5.49 18.14 26.21
C ARG A 85 -4.09 17.55 26.10
N TYR A 86 -3.14 18.36 25.65
CA TYR A 86 -1.77 17.93 25.53
C TYR A 86 -0.92 18.44 26.67
N LEU A 87 -0.39 17.47 27.41
CA LEU A 87 0.47 17.70 28.55
C LEU A 87 1.91 17.83 28.10
N GLY A 88 2.84 17.69 29.03
CA GLY A 88 4.25 17.88 28.72
C GLY A 88 4.90 16.74 27.97
N VAL A 89 6.17 16.51 28.31
CA VAL A 89 6.91 15.34 27.89
C VAL A 89 6.67 14.35 29.04
N ARG A 90 7.66 14.07 29.88
CA ARG A 90 7.61 13.13 31.02
C ARG A 90 7.27 11.74 30.48
N TYR A 91 6.53 10.93 31.23
CA TYR A 91 6.15 9.59 30.78
C TYR A 91 5.33 8.84 31.86
N PRO A 92 5.89 8.61 33.07
CA PRO A 92 5.10 7.81 34.02
C PRO A 92 4.03 8.63 34.75
N LYS A 114 -7.93 26.16 28.03
CA LYS A 114 -6.83 25.20 28.06
C LYS A 114 -7.23 23.78 27.55
N PRO A 115 -8.54 23.42 27.55
CA PRO A 115 -8.77 22.12 26.92
C PRO A 115 -9.18 22.21 25.45
N LEU A 116 -9.04 21.12 24.71
CA LEU A 116 -9.43 21.08 23.31
C LEU A 116 -10.63 20.12 23.20
N LEU A 117 -11.75 20.57 22.64
CA LEU A 117 -12.99 19.77 22.61
C LEU A 117 -13.44 19.21 21.25
N ILE A 118 -13.67 17.89 21.20
CA ILE A 118 -14.09 17.20 19.97
C ILE A 118 -15.41 16.49 20.22
N PRO A 119 -16.43 16.80 19.40
CA PRO A 119 -17.76 16.20 19.54
C PRO A 119 -17.76 14.76 19.05
N MET A 120 -18.57 13.90 19.67
CA MET A 120 -18.58 12.49 19.34
C MET A 120 -19.89 12.13 18.67
N THR A 121 -19.87 11.12 17.81
CA THR A 121 -21.05 10.79 17.03
C THR A 121 -21.54 9.36 17.24
N SER A 122 -22.86 9.21 17.34
CA SER A 122 -23.51 7.89 17.46
C SER A 122 -23.41 7.17 16.13
N GLY A 123 -23.64 5.87 16.10
CA GLY A 123 -23.51 5.18 14.83
C GLY A 123 -24.48 4.04 14.71
N GLN A 124 -24.05 2.92 14.11
CA GLN A 124 -24.95 1.80 13.88
C GLN A 124 -25.42 1.17 15.19
N GLU A 125 -24.45 0.81 16.03
CA GLU A 125 -24.72 0.18 17.30
C GLU A 125 -25.23 1.29 18.24
N PRO A 126 -26.43 1.11 18.83
CA PRO A 126 -27.02 2.13 19.72
C PRO A 126 -26.17 2.46 20.96
N PHE A 127 -26.09 3.74 21.31
CA PHE A 127 -25.44 4.22 22.54
C PHE A 127 -23.91 4.15 22.56
N VAL A 128 -23.28 3.67 21.51
CA VAL A 128 -21.82 3.65 21.53
C VAL A 128 -21.36 4.85 20.71
N PHE A 129 -20.50 5.69 21.27
CA PHE A 129 -20.17 6.90 20.53
C PHE A 129 -18.71 6.85 20.17
N HIS A 130 -18.42 7.35 18.98
CA HIS A 130 -17.08 7.27 18.44
C HIS A 130 -16.54 8.67 18.12
N GLY A 131 -15.23 8.81 18.24
CA GLY A 131 -14.55 10.07 18.02
C GLY A 131 -13.14 9.82 17.57
N GLN A 132 -12.45 10.89 17.20
CA GLN A 132 -11.09 10.82 16.68
C GLN A 132 -10.38 12.11 17.05
N PHE A 133 -9.06 12.03 17.17
CA PHE A 133 -8.23 13.23 17.27
C PHE A 133 -6.85 12.98 16.71
N THR A 134 -6.23 13.99 16.12
CA THR A 134 -4.92 13.80 15.54
C THR A 134 -3.89 14.72 16.19
N PRO A 135 -3.00 14.12 17.00
CA PRO A 135 -1.96 14.77 17.81
C PRO A 135 -0.93 15.40 16.88
N ASP A 136 -0.52 16.64 17.12
CA ASP A 136 0.40 17.25 16.17
C ASP A 136 1.82 17.49 16.68
N ARG A 137 2.04 17.21 17.96
CA ARG A 137 3.36 17.36 18.54
C ARG A 137 3.68 16.14 19.42
N VAL A 138 4.95 15.77 19.47
CA VAL A 138 5.43 14.67 20.31
C VAL A 138 5.28 14.96 21.80
N GLY A 139 4.99 13.91 22.56
CA GLY A 139 4.83 14.00 24.01
C GLY A 139 3.68 13.17 24.54
N LEU A 140 3.27 13.44 25.78
CA LEU A 140 2.21 12.66 26.42
C LEU A 140 0.88 13.39 26.37
N TRP A 141 -0.12 12.71 25.80
CA TRP A 141 -1.44 13.32 25.65
C TRP A 141 -2.45 12.66 26.58
N THR A 142 -3.54 13.39 26.85
CA THR A 142 -4.60 12.89 27.72
C THR A 142 -5.95 13.08 27.03
N PHE A 143 -6.85 12.13 27.25
CA PHE A 143 -8.22 12.25 26.75
C PHE A 143 -9.16 11.66 27.78
N ARG A 144 -10.41 12.11 27.75
CA ARG A 144 -11.45 11.57 28.62
C ARG A 144 -12.77 11.78 27.92
N VAL A 145 -13.79 11.01 28.29
CA VAL A 145 -15.08 11.20 27.66
C VAL A 145 -16.07 11.83 28.64
N ASP A 146 -16.72 12.91 28.22
CA ASP A 146 -17.69 13.60 29.05
C ASP A 146 -19.09 13.29 28.50
N GLY A 147 -20.03 12.96 29.37
CA GLY A 147 -21.36 12.58 28.90
C GLY A 147 -22.45 13.55 29.34
N TRP A 148 -23.43 13.76 28.47
CA TRP A 148 -24.51 14.68 28.77
C TRP A 148 -25.79 14.31 28.05
N GLY A 149 -26.92 14.85 28.52
CA GLY A 149 -28.20 14.64 27.88
C GLY A 149 -28.60 15.89 27.11
N ASP A 150 -28.91 15.73 25.82
CA ASP A 150 -29.28 16.86 24.99
C ASP A 150 -30.80 16.87 24.85
N PRO A 151 -31.49 17.75 25.62
CA PRO A 151 -32.95 17.78 25.68
C PRO A 151 -33.56 18.19 24.35
N ILE A 152 -32.88 19.06 23.60
CA ILE A 152 -33.41 19.52 22.31
C ILE A 152 -33.64 18.34 21.41
N HIS A 153 -32.64 17.46 21.34
CA HIS A 153 -32.71 16.29 20.49
C HIS A 153 -33.91 15.48 20.97
N THR A 154 -34.06 15.35 22.30
CA THR A 154 -35.17 14.60 22.88
C THR A 154 -36.45 15.25 22.40
N TRP A 155 -36.50 16.57 22.57
CA TRP A 155 -37.67 17.39 22.27
C TRP A 155 -37.96 17.36 20.78
N ARG A 156 -36.91 17.54 19.98
CA ARG A 156 -37.03 17.58 18.53
C ARG A 156 -37.55 16.26 17.99
N HIS A 157 -36.86 15.18 18.32
CA HIS A 157 -37.21 13.86 17.79
C HIS A 157 -38.61 13.46 18.23
N GLY A 158 -38.95 13.82 19.47
CA GLY A 158 -40.26 13.55 20.01
C GLY A 158 -41.34 14.32 19.29
N LEU A 159 -41.07 15.60 18.98
CA LEU A 159 -42.07 16.41 18.30
C LEU A 159 -42.34 15.97 16.87
N ILE A 160 -41.29 15.62 16.14
CA ILE A 160 -41.45 15.16 14.75
C ILE A 160 -42.32 13.91 14.61
N ALA A 161 -42.17 12.95 15.53
CA ALA A 161 -43.00 11.75 15.53
C ALA A 161 -44.48 12.08 15.76
N LYS A 162 -44.72 12.94 16.74
CA LYS A 162 -46.06 13.42 17.10
C LYS A 162 -46.70 14.35 16.07
N LEU A 163 -45.87 15.10 15.34
CA LEU A 163 -46.37 16.08 14.35
C LEU A 163 -47.17 15.35 13.27
N ASP A 164 -46.80 14.10 12.98
CA ASP A 164 -47.48 13.30 11.97
C ASP A 164 -48.91 13.04 12.44
N ALA A 165 -49.09 12.92 13.76
CA ALA A 165 -50.41 12.71 14.34
C ALA A 165 -51.15 14.05 14.18
N GLY A 166 -50.44 15.14 14.43
CA GLY A 166 -50.94 16.50 14.29
C GLY A 166 -52.31 16.81 14.88
N GLU A 171 -54.10 22.57 20.85
CA GLU A 171 -53.93 21.23 20.30
C GLU A 171 -52.75 20.51 20.93
N LEU A 172 -51.64 20.45 20.20
CA LEU A 172 -50.35 20.02 20.71
C LEU A 172 -49.76 21.11 21.62
N SER A 173 -50.37 22.29 21.56
CA SER A 173 -50.16 23.46 22.43
C SER A 173 -49.17 23.44 23.62
N ASN A 174 -48.75 22.27 24.06
CA ASN A 174 -47.92 22.16 25.27
C ASN A 174 -46.44 21.95 24.96
N ASP A 175 -46.14 21.01 24.08
CA ASP A 175 -44.76 20.62 23.78
C ASP A 175 -43.97 21.80 23.21
N LEU A 176 -44.62 22.62 22.41
CA LEU A 176 -43.95 23.73 21.74
C LEU A 176 -43.35 24.74 22.72
N LEU A 177 -44.12 25.09 23.74
CA LEU A 177 -43.63 25.99 24.78
C LEU A 177 -42.41 25.40 25.50
N VAL A 178 -42.43 24.08 25.68
CA VAL A 178 -41.31 23.40 26.35
C VAL A 178 -40.05 23.56 25.50
N GLY A 179 -40.21 23.46 24.17
CA GLY A 179 -39.09 23.69 23.28
C GLY A 179 -38.69 25.15 23.45
N ALA A 180 -39.71 26.01 23.43
CA ALA A 180 -39.52 27.45 23.51
C ALA A 180 -38.80 27.94 24.77
N VAL A 181 -38.89 27.18 25.86
CA VAL A 181 -38.23 27.57 27.10
C VAL A 181 -36.82 26.99 27.09
N LEU A 182 -36.60 26.07 26.15
CA LEU A 182 -35.31 25.42 25.97
C LEU A 182 -34.43 26.36 25.19
N LEU A 183 -34.91 26.77 24.02
CA LEU A 183 -34.11 27.55 23.10
C LEU A 183 -33.68 28.83 23.79
N GLU A 184 -34.59 29.40 24.58
CA GLU A 184 -34.24 30.56 25.38
C GLU A 184 -33.17 30.22 26.43
N ARG A 185 -33.33 29.08 27.11
CA ARG A 185 -32.35 28.65 28.08
C ARG A 185 -31.01 28.40 27.37
N ALA A 186 -31.10 27.92 26.13
CA ALA A 186 -29.95 27.73 25.24
C ALA A 186 -29.27 29.05 24.86
N ALA A 187 -30.07 30.10 24.69
CA ALA A 187 -29.54 31.38 24.24
C ALA A 187 -28.51 31.90 25.24
N THR A 188 -28.71 31.58 26.53
CA THR A 188 -27.83 32.04 27.59
C THR A 188 -26.38 31.61 27.31
N GLY A 189 -26.25 30.45 26.69
CA GLY A 189 -24.95 29.90 26.29
C GLY A 189 -24.22 30.54 25.15
N VAL A 190 -24.94 31.21 24.24
CA VAL A 190 -24.30 31.84 23.09
C VAL A 190 -24.07 33.34 23.34
N PRO A 191 -22.86 33.84 22.99
CA PRO A 191 -22.35 35.19 23.28
C PRO A 191 -22.98 36.36 22.51
N ARG A 192 -23.55 37.29 23.26
CA ARG A 192 -24.17 38.54 22.79
C ARG A 192 -23.86 38.93 21.35
N GLY A 193 -24.82 38.70 20.46
CA GLY A 193 -24.70 39.15 19.09
C GLY A 193 -25.47 38.30 18.11
N LEU A 194 -25.02 37.08 17.88
CA LEU A 194 -25.70 36.22 16.93
C LEU A 194 -26.68 35.36 17.72
N ARG A 195 -26.75 35.63 19.03
CA ARG A 195 -27.63 34.90 19.95
C ARG A 195 -29.11 34.96 19.55
N ASP A 196 -29.49 35.95 18.74
CA ASP A 196 -30.86 36.44 18.75
C ASP A 196 -31.84 35.58 17.89
N PRO A 197 -31.41 34.98 16.74
CA PRO A 197 -32.47 34.29 15.97
C PRO A 197 -33.05 33.11 16.75
N LEU A 198 -32.34 32.69 17.81
CA LEU A 198 -32.90 31.69 18.69
C LEU A 198 -34.10 32.29 19.40
N LEU A 199 -33.94 33.48 19.98
CA LEU A 199 -35.07 34.14 20.65
C LEU A 199 -36.17 34.43 19.62
N ALA A 200 -35.76 34.65 18.38
CA ALA A 200 -36.66 34.73 17.24
C ALA A 200 -37.32 33.37 17.04
N ALA A 201 -36.49 32.33 17.10
CA ALA A 201 -37.02 30.98 17.01
C ALA A 201 -37.84 30.69 18.26
N ALA A 202 -37.45 31.22 19.42
CA ALA A 202 -38.19 30.98 20.66
C ALA A 202 -39.53 31.75 20.79
N ALA A 203 -39.69 32.87 20.11
CA ALA A 203 -40.93 33.65 20.18
C ALA A 203 -41.82 33.60 18.93
N ALA A 204 -41.59 32.62 18.05
CA ALA A 204 -42.40 32.47 16.85
C ALA A 204 -43.54 31.43 16.94
N LEU A 205 -43.73 30.83 18.11
CA LEU A 205 -44.93 30.03 18.38
C LEU A 205 -45.48 30.32 19.77
N ARG A 206 -44.85 31.25 20.51
CA ARG A 206 -45.48 31.67 21.76
C ARG A 206 -46.79 32.24 21.26
N THR A 207 -46.70 32.93 20.12
CA THR A 207 -47.87 33.33 19.35
C THR A 207 -48.58 32.08 18.83
N PRO A 208 -49.91 31.94 19.06
CA PRO A 208 -50.66 30.78 18.54
C PRO A 208 -50.55 30.71 17.03
N GLY A 209 -50.77 29.55 16.44
CA GLY A 209 -50.73 29.50 15.00
C GLY A 209 -50.61 28.12 14.39
N ASP A 210 -50.13 28.12 13.16
CA ASP A 210 -49.85 26.92 12.42
C ASP A 210 -48.85 26.07 13.22
N PRO A 211 -48.95 24.73 13.11
CA PRO A 211 -47.90 23.89 13.70
C PRO A 211 -46.58 24.18 12.99
N VAL A 212 -46.63 24.19 11.67
CA VAL A 212 -45.47 24.35 10.82
C VAL A 212 -44.80 25.73 11.05
N THR A 213 -45.50 26.66 11.71
CA THR A 213 -44.97 28.02 11.97
C THR A 213 -43.63 28.11 12.70
N ARG A 214 -43.40 27.36 13.77
CA ARG A 214 -42.12 27.60 14.43
C ARG A 214 -41.19 26.45 14.13
N THR A 215 -41.75 25.40 13.51
CA THR A 215 -40.92 24.30 13.04
C THR A 215 -40.06 24.88 11.92
N ALA A 216 -40.56 25.99 11.35
CA ALA A 216 -39.86 26.83 10.38
C ALA A 216 -38.45 27.09 10.87
N LEU A 217 -38.36 27.36 12.17
CA LEU A 217 -37.23 28.03 12.78
C LEU A 217 -36.36 26.91 13.34
N ALA A 218 -36.90 25.70 13.26
CA ALA A 218 -36.23 24.48 13.66
C ALA A 218 -35.72 23.87 12.35
N LEU A 219 -36.62 23.83 11.35
CA LEU A 219 -36.41 23.29 10.01
C LEU A 219 -35.05 23.72 9.43
N THR A 220 -34.85 25.02 9.45
CA THR A 220 -33.64 25.67 8.94
C THR A 220 -32.29 25.26 9.53
N PRO A 221 -31.35 24.88 8.65
CA PRO A 221 -29.95 24.45 8.77
C PRO A 221 -29.12 25.57 9.42
N GLU A 222 -29.81 26.66 9.68
CA GLU A 222 -29.26 27.84 10.29
C GLU A 222 -29.33 27.58 11.78
N ILE A 223 -30.31 26.78 12.19
CA ILE A 223 -30.53 26.49 13.62
C ILE A 223 -29.87 25.16 14.07
N GLU A 224 -29.31 24.36 13.16
CA GLU A 224 -28.52 23.21 13.63
C GLU A 224 -27.15 23.75 14.04
N GLU A 225 -26.64 24.65 13.19
CA GLU A 225 -25.82 25.81 13.57
C GLU A 225 -24.59 25.82 14.51
N LEU A 226 -24.70 26.85 15.33
CA LEU A 226 -23.94 27.38 16.43
C LEU A 226 -24.07 26.42 17.59
N LEU A 227 -25.26 25.83 17.73
CA LEU A 227 -25.48 24.90 18.82
C LEU A 227 -24.53 23.72 18.69
N ALA A 228 -24.17 23.33 17.48
CA ALA A 228 -23.14 22.29 17.39
C ALA A 228 -21.86 22.87 18.02
N ASP A 229 -21.53 24.11 17.65
CA ASP A 229 -20.34 24.80 18.15
C ASP A 229 -20.47 25.13 19.66
N TYR A 230 -21.64 25.66 20.04
CA TYR A 230 -21.97 25.92 21.44
C TYR A 230 -23.26 25.21 21.80
N PRO A 231 -23.15 24.17 22.61
CA PRO A 231 -24.25 23.26 22.94
C PRO A 231 -24.86 23.54 24.30
N LEU A 232 -26.10 23.10 24.45
CA LEU A 232 -26.78 23.22 25.74
C LEU A 232 -26.58 21.91 26.48
N ARG A 233 -25.75 21.92 27.49
CA ARG A 233 -25.45 20.65 28.12
C ARG A 233 -26.10 20.58 29.49
N ASP A 234 -26.79 19.48 29.75
CA ASP A 234 -27.46 19.24 31.02
C ASP A 234 -26.92 18.02 31.73
N LEU A 235 -26.90 18.03 33.05
CA LEU A 235 -26.56 16.84 33.86
C LEU A 235 -25.19 16.30 33.46
N VAL A 236 -24.28 17.20 33.10
CA VAL A 236 -22.97 16.79 32.62
C VAL A 236 -22.16 15.96 33.59
N THR A 237 -21.64 14.83 33.13
CA THR A 237 -20.88 13.95 34.01
C THR A 237 -19.58 13.63 33.27
N ARG A 238 -18.46 13.74 33.97
CA ARG A 238 -17.17 13.53 33.36
C ARG A 238 -16.61 12.12 33.61
N GLY A 239 -16.06 11.55 32.54
CA GLY A 239 -15.46 10.23 32.51
C GLY A 239 -14.03 10.10 32.98
N GLU A 240 -13.56 8.86 33.02
CA GLU A 240 -12.21 8.57 33.48
C GLU A 240 -11.19 9.10 32.48
N GLN A 241 -9.97 9.34 32.95
CA GLN A 241 -8.92 9.88 32.10
C GLN A 241 -7.87 8.86 31.69
N PHE A 242 -7.59 8.78 30.40
CA PHE A 242 -6.60 7.82 29.93
C PHE A 242 -5.52 8.54 29.16
N GLY A 243 -4.38 7.91 28.96
CA GLY A 243 -3.28 8.64 28.35
C GLY A 243 -2.75 8.00 27.09
N VAL A 244 -2.24 8.83 26.20
CA VAL A 244 -1.65 8.36 24.95
C VAL A 244 -0.24 8.90 24.82
N TRP A 245 0.70 8.05 24.45
CA TRP A 245 2.04 8.56 24.23
C TRP A 245 2.39 8.62 22.75
N VAL A 246 2.57 9.82 22.23
CA VAL A 246 2.85 9.98 20.81
C VAL A 246 4.36 10.07 20.57
N ASP A 247 4.86 9.30 19.60
CA ASP A 247 6.28 9.27 19.29
C ASP A 247 6.43 9.89 17.90
N ARG A 248 7.67 10.13 17.47
CA ARG A 248 7.87 10.61 16.11
C ARG A 248 7.44 9.53 15.11
N PRO A 249 7.10 9.93 13.86
CA PRO A 249 6.50 9.00 12.90
C PRO A 249 7.37 7.78 12.56
N LEU A 250 8.68 7.88 12.78
CA LEU A 250 9.58 6.78 12.45
C LEU A 250 9.32 5.58 13.36
N ALA A 251 8.61 5.84 14.46
CA ALA A 251 8.23 4.79 15.40
C ALA A 251 7.29 3.80 14.71
N ARG A 252 6.53 4.32 13.75
CA ARG A 252 5.56 3.52 13.00
C ARG A 252 6.02 3.20 11.58
N PHE A 253 6.47 4.22 10.87
CA PHE A 253 6.78 4.04 9.46
C PHE A 253 8.24 4.26 9.14
N GLY A 254 8.93 3.17 8.82
CA GLY A 254 10.30 3.20 8.34
C GLY A 254 10.76 1.81 7.94
N ALA A 255 11.79 1.73 7.11
CA ALA A 255 12.29 0.42 6.68
C ALA A 255 13.73 0.24 7.18
N TRP A 256 14.06 -1.00 7.57
CA TRP A 256 15.35 -1.26 8.21
C TRP A 256 16.34 -2.03 7.34
N TYR A 257 17.63 -1.70 7.46
CA TYR A 257 18.67 -2.45 6.79
C TYR A 257 19.73 -2.85 7.80
N GLU A 258 20.04 -4.15 7.87
CA GLU A 258 21.00 -4.65 8.83
C GLU A 258 22.36 -4.98 8.20
N MET A 259 23.43 -4.31 8.65
CA MET A 259 24.78 -4.53 8.11
C MET A 259 25.90 -4.67 9.11
N PHE A 260 26.90 -5.40 8.66
CA PHE A 260 28.10 -5.62 9.45
C PHE A 260 29.12 -4.63 8.91
N PRO A 261 29.52 -3.65 9.73
CA PRO A 261 30.45 -2.59 9.31
C PRO A 261 31.72 -3.23 8.79
N ARG A 262 32.16 -4.27 9.50
CA ARG A 262 33.36 -5.00 9.18
C ARG A 262 33.31 -5.67 7.79
N SER A 263 32.13 -6.04 7.32
CA SER A 263 32.03 -6.72 6.02
C SER A 263 32.26 -5.78 4.82
N THR A 264 32.43 -4.49 5.11
CA THR A 264 32.67 -3.48 4.07
C THR A 264 34.17 -3.39 3.77
N GLY A 265 34.89 -4.49 3.94
CA GLY A 265 36.33 -4.48 3.77
C GLY A 265 36.86 -4.59 2.36
N GLY A 266 36.31 -5.50 1.56
CA GLY A 266 36.60 -5.42 0.15
C GLY A 266 37.86 -6.10 -0.35
N TRP A 267 38.37 -7.12 0.37
CA TRP A 267 39.47 -7.94 -0.17
C TRP A 267 40.79 -7.15 -0.18
N ASP A 268 41.90 -7.88 -0.37
CA ASP A 268 43.23 -7.26 -0.41
C ASP A 268 43.80 -7.56 -1.78
N ASP A 269 45.09 -7.30 -1.94
CA ASP A 269 45.72 -7.49 -3.23
C ASP A 269 45.65 -8.97 -3.61
N ASP A 270 45.76 -9.85 -2.60
CA ASP A 270 45.41 -11.27 -2.74
C ASP A 270 43.90 -11.48 -2.63
N GLY A 271 43.47 -12.73 -2.56
CA GLY A 271 42.06 -13.05 -2.54
C GLY A 271 41.40 -12.79 -1.18
N ASN A 272 42.20 -12.90 -0.13
CA ASN A 272 41.72 -12.81 1.26
C ASN A 272 40.85 -11.61 1.67
N PRO A 273 39.69 -11.89 2.29
CA PRO A 273 38.76 -10.85 2.76
C PRO A 273 39.45 -9.85 3.70
N VAL A 274 39.01 -8.60 3.74
CA VAL A 274 39.62 -7.63 4.66
C VAL A 274 38.64 -7.01 5.65
N HIS A 275 39.04 -6.86 6.91
CA HIS A 275 38.18 -6.23 7.91
C HIS A 275 37.89 -4.79 7.53
N GLY A 276 36.64 -4.38 7.67
CA GLY A 276 36.27 -3.02 7.30
C GLY A 276 36.34 -2.04 8.45
N THR A 277 36.00 -0.79 8.14
CA THR A 277 35.98 0.31 9.10
C THR A 277 34.77 1.19 8.84
N PHE A 278 34.50 2.10 9.77
CA PHE A 278 33.39 3.04 9.62
C PHE A 278 33.55 3.80 8.31
N ALA A 279 34.79 4.11 7.98
CA ALA A 279 35.10 4.81 6.75
C ALA A 279 34.62 3.99 5.56
N THR A 280 34.99 2.72 5.55
CA THR A 280 34.60 1.80 4.48
C THR A 280 33.10 1.54 4.58
N ALA A 281 32.59 1.50 5.82
CA ALA A 281 31.18 1.27 6.04
C ALA A 281 30.36 2.41 5.41
N ALA A 282 30.82 3.64 5.63
CA ALA A 282 30.13 4.82 5.12
C ALA A 282 30.02 4.82 3.59
N ALA A 283 30.95 4.13 2.93
CA ALA A 283 30.93 4.04 1.47
C ALA A 283 29.73 3.27 0.93
N GLU A 284 29.14 2.39 1.76
CA GLU A 284 28.01 1.61 1.28
C GLU A 284 26.68 2.30 1.59
N LEU A 285 26.74 3.41 2.32
CA LEU A 285 25.52 4.13 2.70
C LEU A 285 24.69 4.74 1.55
N PRO A 286 25.34 5.22 0.48
CA PRO A 286 24.45 5.77 -0.55
C PRO A 286 23.53 4.72 -1.13
N ARG A 287 24.10 3.58 -1.55
CA ARG A 287 23.34 2.57 -2.24
C ARG A 287 22.14 2.11 -1.39
N ILE A 288 22.32 2.11 -0.07
CA ILE A 288 21.25 1.74 0.88
C ILE A 288 20.11 2.75 0.80
N ALA A 289 20.51 4.02 0.81
CA ALA A 289 19.55 5.10 0.72
C ALA A 289 18.82 4.96 -0.61
N GLY A 290 19.57 4.53 -1.63
CA GLY A 290 19.03 4.38 -2.95
C GLY A 290 17.86 3.42 -2.97
N MET A 291 17.91 2.42 -2.09
CA MET A 291 16.82 1.45 -1.97
C MET A 291 15.64 1.91 -1.10
N GLY A 292 15.74 3.07 -0.47
CA GLY A 292 14.59 3.60 0.26
C GLY A 292 14.44 3.29 1.74
N PHE A 293 15.48 2.71 2.33
CA PHE A 293 15.46 2.36 3.75
C PHE A 293 15.62 3.60 4.61
N ASP A 294 14.85 3.68 5.69
CA ASP A 294 14.93 4.85 6.55
C ASP A 294 15.83 4.66 7.78
N VAL A 295 16.16 3.41 8.10
CA VAL A 295 16.96 3.11 9.29
C VAL A 295 18.03 2.06 9.02
N VAL A 296 19.26 2.32 9.49
CA VAL A 296 20.34 1.36 9.36
C VAL A 296 20.68 0.79 10.71
N TYR A 297 20.55 -0.53 10.84
CA TYR A 297 20.78 -1.20 12.11
C TYR A 297 22.12 -1.91 12.11
N LEU A 298 22.94 -1.62 13.13
CA LEU A 298 24.29 -2.16 13.22
C LEU A 298 24.41 -3.09 14.41
N PRO A 299 24.90 -4.32 14.18
CA PRO A 299 25.24 -5.22 15.27
C PRO A 299 26.27 -4.55 16.18
N PRO A 300 26.44 -5.03 17.42
CA PRO A 300 27.25 -4.23 18.35
C PRO A 300 28.59 -3.85 17.75
N ILE A 301 28.96 -2.59 17.95
CA ILE A 301 30.19 -2.03 17.40
C ILE A 301 31.30 -2.08 18.44
N HIS A 302 31.08 -2.81 19.52
CA HIS A 302 32.03 -2.81 20.62
C HIS A 302 33.12 -3.85 20.42
N PRO A 303 34.20 -3.76 21.21
CA PRO A 303 35.27 -4.76 21.13
C PRO A 303 34.82 -6.19 21.43
N ILE A 304 35.32 -7.16 20.65
CA ILE A 304 34.92 -8.55 20.84
C ILE A 304 35.94 -9.28 21.71
N GLY A 305 35.44 -10.06 22.68
CA GLY A 305 36.28 -10.78 23.61
C GLY A 305 37.26 -11.72 22.91
N LYS A 306 38.42 -11.93 23.52
CA LYS A 306 39.46 -12.82 23.02
C LYS A 306 39.48 -14.22 23.69
N VAL A 307 38.75 -14.38 24.79
CA VAL A 307 38.72 -15.63 25.53
C VAL A 307 37.53 -16.49 25.11
N HIS A 308 37.70 -17.75 24.70
CA HIS A 308 36.53 -18.55 24.33
C HIS A 308 35.80 -18.00 23.10
N ARG A 309 36.58 -17.18 22.39
CA ARG A 309 36.16 -16.53 21.15
C ARG A 309 35.74 -17.66 20.24
N LYS A 310 34.65 -17.51 19.51
CA LYS A 310 34.15 -18.58 18.68
C LYS A 310 34.78 -18.58 17.28
N GLY A 311 34.91 -19.80 16.73
CA GLY A 311 35.52 -20.04 15.43
C GLY A 311 34.49 -20.09 14.31
N ARG A 312 34.96 -20.35 13.09
CA ARG A 312 34.08 -20.39 11.92
C ARG A 312 32.95 -21.41 12.17
N ASN A 313 31.72 -21.11 11.75
CA ASN A 313 30.64 -22.09 11.93
C ASN A 313 30.35 -22.49 13.37
N ASN A 314 30.50 -21.57 14.29
CA ASN A 314 30.21 -21.80 15.70
C ASN A 314 31.22 -22.78 16.28
N SER A 315 32.37 -22.91 15.63
CA SER A 315 33.46 -23.77 16.09
C SER A 315 33.88 -23.30 17.48
N PRO A 316 34.21 -24.25 18.36
CA PRO A 316 34.53 -23.93 19.75
C PRO A 316 35.86 -23.18 19.84
N THR A 317 36.79 -23.49 18.94
CA THR A 317 38.12 -22.88 19.00
C THR A 317 38.29 -21.84 17.89
N ALA A 318 38.78 -20.67 18.28
CA ALA A 318 38.91 -19.53 17.37
C ALA A 318 40.34 -19.44 16.82
N ALA A 319 40.45 -19.29 15.49
CA ALA A 319 41.75 -19.08 14.87
C ALA A 319 42.31 -17.71 15.33
N PRO A 320 43.61 -17.44 15.08
CA PRO A 320 44.20 -16.19 15.58
C PRO A 320 43.61 -14.94 14.92
N THR A 321 43.19 -15.09 13.66
CA THR A 321 42.69 -13.97 12.89
C THR A 321 41.17 -13.77 13.00
N ASP A 322 40.45 -14.78 13.50
CA ASP A 322 39.00 -14.70 13.54
C ASP A 322 38.51 -13.55 14.41
N VAL A 323 37.32 -13.05 14.09
CA VAL A 323 36.84 -11.82 14.69
C VAL A 323 35.91 -12.06 15.87
N GLY A 324 35.23 -13.20 15.89
CA GLY A 324 34.33 -13.48 17.01
C GLY A 324 33.03 -12.73 16.82
N SER A 325 31.99 -13.07 17.58
CA SER A 325 30.68 -12.45 17.36
C SER A 325 30.60 -11.14 18.09
N PRO A 326 30.11 -10.10 17.39
CA PRO A 326 30.04 -8.76 17.99
C PRO A 326 29.25 -8.73 19.30
N TRP A 327 28.39 -9.73 19.52
CA TRP A 327 27.56 -9.77 20.73
C TRP A 327 28.35 -10.28 21.95
N ALA A 328 29.56 -10.76 21.68
CA ALA A 328 30.50 -11.10 22.74
C ALA A 328 31.18 -9.80 23.20
N ILE A 329 30.39 -8.90 23.80
CA ILE A 329 30.83 -7.52 24.08
C ILE A 329 31.96 -7.45 25.09
N GLY A 330 32.92 -6.56 24.86
CA GLY A 330 33.92 -6.32 25.88
C GLY A 330 35.26 -7.02 25.69
N SER A 331 36.32 -6.31 26.04
CA SER A 331 37.68 -6.86 26.00
C SER A 331 38.56 -5.94 26.85
N ASP A 332 39.81 -6.33 27.06
CA ASP A 332 40.77 -5.53 27.81
C ASP A 332 40.90 -4.11 27.23
N GLU A 333 40.61 -4.00 25.93
CA GLU A 333 40.59 -2.75 25.21
C GLU A 333 39.49 -1.79 25.67
N GLY A 334 38.30 -2.33 25.90
CA GLY A 334 37.19 -1.50 26.32
C GLY A 334 35.89 -2.22 26.60
N GLY A 335 34.93 -1.46 27.11
CA GLY A 335 33.60 -1.95 27.41
C GLY A 335 32.53 -1.39 26.51
N HIS A 336 31.31 -1.30 27.04
CA HIS A 336 30.17 -0.81 26.27
C HIS A 336 30.25 0.66 25.85
N ASP A 337 31.16 1.42 26.45
CA ASP A 337 31.25 2.85 26.16
C ASP A 337 32.34 3.16 25.12
N THR A 338 33.01 2.12 24.63
CA THR A 338 34.11 2.34 23.69
C THR A 338 33.83 1.70 22.33
N VAL A 339 34.22 2.39 21.27
CA VAL A 339 34.12 1.85 19.92
C VAL A 339 35.23 0.81 19.71
N HIS A 340 34.91 -0.32 19.09
CA HIS A 340 35.95 -1.29 18.74
C HIS A 340 36.97 -0.60 17.83
N PRO A 341 38.26 -0.60 18.23
CA PRO A 341 39.30 0.22 17.60
C PRO A 341 39.52 -0.06 16.11
N SER A 342 39.37 -1.32 15.71
CA SER A 342 39.53 -1.70 14.31
C SER A 342 38.52 -0.99 13.42
N LEU A 343 37.39 -0.62 14.00
CA LEU A 343 36.39 0.15 13.29
C LEU A 343 36.85 1.60 13.16
N GLY A 344 37.45 2.11 14.23
CA GLY A 344 37.97 3.46 14.18
C GLY A 344 37.82 4.20 15.49
N THR A 345 38.22 5.47 15.49
CA THR A 345 38.06 6.33 16.64
C THR A 345 36.58 6.62 16.79
N ILE A 346 36.15 7.11 17.94
CA ILE A 346 34.74 7.40 18.15
C ILE A 346 34.32 8.55 17.23
N ASP A 347 35.29 9.36 16.80
CA ASP A 347 35.00 10.45 15.86
C ASP A 347 34.56 9.88 14.51
N ASP A 348 35.16 8.76 14.12
CA ASP A 348 34.81 8.09 12.87
C ASP A 348 33.33 7.72 12.87
N PHE A 349 32.88 7.24 14.03
CA PHE A 349 31.49 6.90 14.22
C PHE A 349 30.63 8.14 14.05
N ASP A 350 31.03 9.22 14.74
CA ASP A 350 30.29 10.47 14.69
C ASP A 350 30.17 10.92 13.24
N ASP A 351 31.23 10.66 12.48
CA ASP A 351 31.29 10.98 11.07
C ASP A 351 30.34 10.07 10.30
N PHE A 352 30.32 8.80 10.68
CA PHE A 352 29.43 7.84 10.03
C PHE A 352 27.96 8.13 10.27
N VAL A 353 27.59 8.43 11.52
CA VAL A 353 26.21 8.79 11.83
C VAL A 353 25.79 10.03 11.06
N SER A 354 26.65 11.05 11.07
CA SER A 354 26.35 12.31 10.41
C SER A 354 26.22 12.11 8.91
N ALA A 355 27.00 11.15 8.39
CA ALA A 355 26.94 10.80 6.97
C ALA A 355 25.56 10.27 6.62
N ALA A 356 25.04 9.37 7.46
CA ALA A 356 23.73 8.75 7.23
C ALA A 356 22.66 9.83 7.24
N ARG A 357 22.73 10.72 8.23
CA ARG A 357 21.74 11.80 8.39
C ARG A 357 21.72 12.70 7.15
N ASP A 358 22.87 12.83 6.50
CA ASP A 358 22.97 13.63 5.28
C ASP A 358 22.11 12.94 4.22
N LEU A 359 22.03 11.62 4.27
CA LEU A 359 21.29 10.85 3.27
C LEU A 359 19.83 10.66 3.67
N GLY A 360 19.42 11.23 4.80
CA GLY A 360 18.05 11.10 5.23
C GLY A 360 17.81 9.93 6.15
N MET A 361 18.88 9.26 6.57
CA MET A 361 18.73 8.07 7.38
C MET A 361 19.03 8.30 8.86
N GLU A 362 18.78 7.28 9.67
CA GLU A 362 19.02 7.39 11.10
C GLU A 362 19.84 6.15 11.44
N VAL A 363 20.60 6.18 12.52
CA VAL A 363 21.40 5.01 12.87
C VAL A 363 20.89 4.34 14.13
N ALA A 364 20.75 3.03 14.04
CA ALA A 364 20.29 2.23 15.17
C ALA A 364 21.32 1.20 15.58
N LEU A 365 21.65 1.24 16.87
CA LEU A 365 22.67 0.37 17.42
C LEU A 365 22.05 -0.77 18.21
N ASP A 366 22.72 -1.91 18.20
CA ASP A 366 22.27 -3.05 18.93
C ASP A 366 22.59 -2.82 20.39
N LEU A 367 21.59 -2.97 21.25
CA LEU A 367 21.82 -2.81 22.68
C LEU A 367 21.67 -4.18 23.31
N ALA A 368 22.83 -4.74 23.62
CA ALA A 368 22.94 -6.07 24.16
C ALA A 368 23.56 -6.07 25.54
N LEU A 369 22.73 -6.36 26.55
CA LEU A 369 23.16 -6.34 27.93
C LEU A 369 23.77 -7.69 28.21
N GLN A 370 25.04 -7.79 27.83
CA GLN A 370 25.77 -9.02 27.98
C GLN A 370 27.26 -8.66 28.13
N CYS A 371 28.10 -9.62 28.51
CA CYS A 371 29.53 -9.37 28.65
C CYS A 371 30.38 -10.54 28.18
N ALA A 372 31.55 -10.27 27.61
CA ALA A 372 32.51 -11.33 27.33
C ALA A 372 33.32 -11.54 28.61
N PRO A 373 34.05 -12.67 28.72
CA PRO A 373 34.77 -12.86 29.99
C PRO A 373 35.78 -11.74 30.27
N ASP A 374 36.52 -11.35 29.24
CA ASP A 374 37.53 -10.31 29.35
C ASP A 374 36.95 -8.89 29.50
N HIS A 375 35.62 -8.79 29.54
CA HIS A 375 34.93 -7.50 29.70
C HIS A 375 35.36 -6.86 31.00
N PRO A 376 35.63 -5.54 30.96
CA PRO A 376 36.05 -4.80 32.14
C PRO A 376 35.15 -5.00 33.34
N TRP A 377 33.85 -5.20 33.15
CA TRP A 377 32.93 -5.37 34.28
C TRP A 377 33.25 -6.62 35.11
N ALA A 378 33.79 -7.63 34.44
CA ALA A 378 34.14 -8.90 35.09
C ALA A 378 35.10 -8.72 36.25
N ARG A 379 35.94 -7.69 36.15
CA ARG A 379 36.89 -7.36 37.20
C ARG A 379 36.33 -6.18 37.99
N GLU A 380 36.00 -5.09 37.30
CA GLU A 380 35.67 -3.83 37.99
C GLU A 380 34.53 -3.93 38.97
N HIS A 381 33.41 -4.47 38.48
CA HIS A 381 32.25 -4.71 39.30
C HIS A 381 31.76 -6.14 39.16
N ARG A 382 32.00 -6.98 40.16
CA ARG A 382 31.67 -8.38 39.98
C ARG A 382 30.38 -8.68 40.74
N GLN A 383 29.90 -7.71 41.54
CA GLN A 383 28.63 -7.91 42.22
C GLN A 383 27.51 -8.13 41.18
N TRP A 384 27.70 -7.51 40.03
CA TRP A 384 26.75 -7.49 38.89
C TRP A 384 26.58 -8.78 38.13
N PHE A 385 27.27 -9.81 38.61
CA PHE A 385 27.19 -11.10 38.00
C PHE A 385 26.70 -12.17 38.97
N THR A 386 26.33 -13.28 38.37
CA THR A 386 25.89 -14.45 39.12
C THR A 386 27.02 -15.45 39.34
N GLU A 387 27.54 -15.39 40.57
CA GLU A 387 28.70 -16.17 40.95
C GLU A 387 28.26 -17.50 41.53
N LEU A 388 28.89 -18.56 41.04
CA LEU A 388 28.55 -19.92 41.41
C LEU A 388 29.00 -20.23 42.85
N PRO A 389 28.67 -21.41 43.38
CA PRO A 389 29.18 -21.73 44.73
C PRO A 389 30.70 -21.85 44.80
N ASP A 390 31.35 -22.37 43.76
CA ASP A 390 32.81 -22.49 43.75
C ASP A 390 33.57 -21.22 43.35
N GLY A 391 32.89 -20.08 43.30
CA GLY A 391 33.56 -18.82 43.04
C GLY A 391 33.70 -18.47 41.57
N THR A 392 33.46 -19.45 40.70
CA THR A 392 33.48 -19.21 39.27
C THR A 392 32.21 -18.38 39.01
N ILE A 393 32.10 -17.77 37.83
CA ILE A 393 30.90 -17.06 37.47
C ILE A 393 30.35 -17.80 36.26
N ALA A 394 29.05 -18.06 36.30
CA ALA A 394 28.40 -18.87 35.29
C ALA A 394 28.30 -18.24 33.90
N TYR A 395 28.60 -19.11 32.94
CA TYR A 395 28.60 -18.86 31.51
C TYR A 395 27.16 -18.70 31.10
N ALA A 396 26.89 -17.95 30.03
CA ALA A 396 25.50 -17.70 29.67
C ALA A 396 24.93 -19.09 29.42
N GLU A 397 23.69 -19.26 29.85
CA GLU A 397 23.04 -20.55 29.72
C GLU A 397 21.58 -20.63 29.37
N ASN A 398 21.27 -21.60 28.51
CA ASN A 398 19.90 -21.94 28.16
C ASN A 398 19.92 -23.46 28.21
N PRO A 399 19.29 -24.07 29.23
CA PRO A 399 19.54 -25.51 29.38
C PRO A 399 19.02 -26.33 28.18
N PRO A 400 19.83 -27.27 27.65
CA PRO A 400 21.20 -27.63 28.01
C PRO A 400 22.26 -26.89 27.16
N LYS A 401 21.84 -26.00 26.27
CA LYS A 401 22.75 -25.25 25.40
C LYS A 401 23.69 -24.29 26.14
N LYS A 402 24.93 -24.22 25.66
CA LYS A 402 25.92 -23.30 26.22
C LYS A 402 26.46 -22.23 25.24
N TYR A 403 26.51 -21.01 25.75
CA TYR A 403 26.90 -19.79 25.05
C TYR A 403 28.16 -19.35 25.79
N GLN A 404 29.22 -20.13 25.56
CA GLN A 404 30.48 -20.01 26.27
C GLN A 404 31.17 -18.66 26.14
N ASP A 405 30.83 -17.89 25.12
CA ASP A 405 31.52 -16.62 24.94
C ASP A 405 30.90 -15.44 25.70
N ILE A 406 29.82 -15.63 26.48
CA ILE A 406 29.25 -14.46 27.17
C ILE A 406 28.78 -14.75 28.62
N TYR A 407 28.61 -13.69 29.42
CA TYR A 407 28.16 -13.78 30.83
C TYR A 407 26.76 -13.20 31.08
N PRO A 408 25.88 -13.94 31.76
CA PRO A 408 24.61 -13.26 32.09
C PRO A 408 24.78 -12.26 33.23
N LEU A 409 24.04 -11.15 33.21
CA LEU A 409 24.12 -10.21 34.32
C LEU A 409 23.26 -10.67 35.49
N ASN A 410 23.47 -10.09 36.67
CA ASN A 410 22.62 -10.38 37.82
C ASN A 410 21.98 -9.07 38.30
N PHE A 411 20.68 -8.91 38.14
CA PHE A 411 20.07 -7.62 38.43
C PHE A 411 19.66 -7.47 39.89
N ASP A 412 19.84 -8.52 40.69
CA ASP A 412 19.39 -8.48 42.07
C ASP A 412 20.46 -8.14 43.12
N ASN A 413 21.71 -8.57 42.88
CA ASN A 413 22.80 -8.27 43.83
C ASN A 413 23.06 -6.78 43.99
N ASP A 414 23.23 -6.09 42.86
CA ASP A 414 23.50 -4.67 42.88
C ASP A 414 22.61 -3.94 41.89
N PRO A 415 21.35 -3.74 42.25
CA PRO A 415 20.35 -3.16 41.33
C PRO A 415 20.72 -1.72 40.93
N GLU A 416 20.74 -0.76 41.87
CA GLU A 416 20.98 0.64 41.52
C GLU A 416 22.39 0.81 40.96
N GLY A 417 23.21 -0.20 41.21
CA GLY A 417 24.55 -0.27 40.65
C GLY A 417 24.52 -0.50 39.16
N LEU A 418 23.86 -1.56 38.72
CA LEU A 418 23.78 -1.87 37.29
C LEU A 418 22.89 -0.86 36.58
N TYR A 419 21.77 -0.52 37.22
CA TYR A 419 20.82 0.43 36.67
C TYR A 419 21.54 1.71 36.22
N ASP A 420 22.32 2.26 37.16
CA ASP A 420 23.02 3.52 36.96
C ASP A 420 24.12 3.45 35.87
N GLU A 421 24.82 2.33 35.74
CA GLU A 421 25.85 2.25 34.71
C GLU A 421 25.24 2.17 33.31
N VAL A 422 24.24 1.29 33.16
CA VAL A 422 23.59 1.10 31.87
C VAL A 422 22.89 2.34 31.33
N LEU A 423 22.25 3.08 32.24
CA LEU A 423 21.62 4.33 31.83
C LEU A 423 22.66 5.32 31.30
N ARG A 424 23.81 5.37 31.96
CA ARG A 424 24.93 6.22 31.57
C ARG A 424 25.40 5.84 30.17
N VAL A 425 25.50 4.52 29.95
CA VAL A 425 25.99 4.00 28.67
C VAL A 425 25.05 4.40 27.55
N VAL A 426 23.74 4.23 27.79
CA VAL A 426 22.76 4.58 26.79
C VAL A 426 22.87 6.08 26.50
N GLN A 427 23.04 6.87 27.56
CA GLN A 427 23.14 8.32 27.38
C GLN A 427 24.35 8.73 26.57
N HIS A 428 25.41 7.90 26.62
CA HIS A 428 26.63 8.22 25.90
C HIS A 428 26.32 8.30 24.41
N TRP A 429 25.70 7.24 23.91
CA TRP A 429 25.38 7.13 22.49
C TRP A 429 24.26 8.06 22.04
N VAL A 430 23.31 8.32 22.94
CA VAL A 430 22.24 9.28 22.68
C VAL A 430 22.87 10.63 22.38
N ASN A 431 23.93 10.95 23.12
CA ASN A 431 24.69 12.18 22.94
C ASN A 431 25.44 12.19 21.62
N HIS A 432 25.57 11.03 20.98
CA HIS A 432 26.24 10.95 19.68
C HIS A 432 25.32 10.76 18.48
N GLY A 433 24.03 11.07 18.65
CA GLY A 433 23.11 11.11 17.51
C GLY A 433 22.36 9.82 17.29
N VAL A 434 22.52 8.87 18.21
CA VAL A 434 21.84 7.60 18.10
C VAL A 434 20.56 7.61 18.92
N LYS A 435 19.40 7.60 18.25
CA LYS A 435 18.15 7.69 19.00
C LYS A 435 17.22 6.53 18.66
N PHE A 436 17.81 5.43 18.24
CA PHE A 436 17.09 4.17 18.09
C PHE A 436 17.95 2.99 18.50
N PHE A 437 17.46 2.21 19.46
CA PHE A 437 18.22 1.08 19.94
C PHE A 437 17.46 -0.22 19.72
N ARG A 438 18.13 -1.24 19.21
CA ARG A 438 17.51 -2.55 19.08
C ARG A 438 17.90 -3.36 20.30
N VAL A 439 17.07 -3.33 21.35
CA VAL A 439 17.37 -4.02 22.59
C VAL A 439 17.42 -5.52 22.36
N ASP A 440 18.41 -6.21 22.92
CA ASP A 440 18.65 -7.57 22.49
C ASP A 440 18.21 -8.56 23.55
N ASN A 441 17.34 -9.47 23.13
CA ASN A 441 16.78 -10.52 23.98
C ASN A 441 16.25 -9.93 25.30
N PRO A 442 15.42 -8.87 25.23
CA PRO A 442 15.02 -8.15 26.45
C PRO A 442 14.23 -9.00 27.44
N HIS A 443 13.62 -10.08 26.97
CA HIS A 443 12.78 -10.93 27.80
C HIS A 443 13.61 -11.77 28.77
N THR A 444 14.93 -11.77 28.60
CA THR A 444 15.81 -12.52 29.49
C THR A 444 16.41 -11.61 30.56
N LYS A 445 15.83 -10.43 30.69
CA LYS A 445 16.22 -9.46 31.70
C LYS A 445 14.90 -9.03 32.39
N PRO A 446 14.96 -8.52 33.64
CA PRO A 446 13.73 -8.18 34.37
C PRO A 446 12.91 -7.11 33.63
N PRO A 447 11.58 -7.33 33.56
CA PRO A 447 10.61 -6.42 32.93
C PRO A 447 10.64 -5.03 33.43
N ASN A 448 10.64 -4.96 34.76
CA ASN A 448 10.54 -3.68 35.46
C ASN A 448 11.71 -2.78 35.19
N PHE A 449 12.85 -3.43 34.94
CA PHE A 449 14.08 -2.75 34.59
C PHE A 449 13.88 -1.93 33.32
N TRP A 450 13.37 -2.59 32.28
CA TRP A 450 13.15 -1.96 30.99
C TRP A 450 12.19 -0.79 31.16
N ALA A 451 11.14 -1.01 31.93
CA ALA A 451 10.13 0.01 32.22
C ALA A 451 10.82 1.20 32.86
N TRP A 452 11.78 0.92 33.74
CA TRP A 452 12.54 1.98 34.40
C TRP A 452 13.48 2.67 33.44
N LEU A 453 14.25 1.87 32.71
CA LEU A 453 15.28 2.39 31.81
C LEU A 453 14.65 3.28 30.74
N ILE A 454 13.53 2.80 30.19
CA ILE A 454 12.79 3.50 29.13
C ILE A 454 12.24 4.86 29.58
N ALA A 455 11.54 4.89 30.71
CA ALA A 455 10.92 6.13 31.17
C ALA A 455 12.01 7.11 31.53
N GLN A 456 13.11 6.57 32.05
CA GLN A 456 14.26 7.37 32.45
C GLN A 456 14.93 8.02 31.23
N VAL A 457 15.16 7.24 30.18
CA VAL A 457 15.76 7.80 28.97
C VAL A 457 14.84 8.83 28.27
N LYS A 458 13.57 8.48 28.03
CA LYS A 458 12.70 9.40 27.28
C LYS A 458 12.38 10.73 27.93
N THR A 459 12.48 10.81 29.26
CA THR A 459 12.18 12.09 29.85
C THR A 459 13.29 13.12 29.61
N VAL A 460 14.54 12.68 29.58
CA VAL A 460 15.61 13.60 29.21
C VAL A 460 15.57 13.88 27.71
N ASP A 461 15.45 12.83 26.90
CA ASP A 461 15.30 12.98 25.45
C ASP A 461 14.16 12.08 24.96
N PRO A 462 13.04 12.67 24.55
CA PRO A 462 11.85 11.90 24.22
C PRO A 462 11.84 11.35 22.80
N ASP A 463 12.90 11.58 22.04
CA ASP A 463 12.90 11.11 20.66
C ASP A 463 13.69 9.80 20.56
N VAL A 464 14.06 9.25 21.71
CA VAL A 464 14.78 7.98 21.72
C VAL A 464 13.75 6.87 21.72
N LEU A 465 13.93 5.90 20.84
CA LEU A 465 12.95 4.84 20.66
C LEU A 465 13.57 3.44 20.82
N PHE A 466 12.81 2.47 21.29
CA PHE A 466 13.38 1.13 21.53
C PHE A 466 12.61 0.05 20.76
N LEU A 467 13.38 -0.89 20.21
CA LEU A 467 12.86 -2.05 19.51
C LEU A 467 13.23 -3.34 20.23
N SER A 468 12.22 -4.16 20.51
CA SER A 468 12.41 -5.38 21.31
C SER A 468 12.46 -6.66 20.50
N GLU A 469 13.62 -7.31 20.56
CA GLU A 469 13.85 -8.58 19.90
C GLU A 469 13.38 -9.70 20.80
N ALA A 470 12.08 -9.81 21.01
CA ALA A 470 11.61 -10.83 21.93
C ALA A 470 10.91 -11.99 21.22
N PHE A 471 11.67 -13.04 20.91
CA PHE A 471 11.10 -14.23 20.33
C PHE A 471 10.70 -15.09 21.51
N THR A 472 9.47 -14.87 21.96
CA THR A 472 9.01 -15.45 23.22
C THR A 472 7.50 -15.63 23.13
N PRO A 473 6.91 -16.46 23.99
CA PRO A 473 5.47 -16.67 23.92
C PRO A 473 4.68 -15.36 24.06
N PRO A 474 3.41 -15.32 23.60
CA PRO A 474 2.68 -14.04 23.47
C PRO A 474 2.69 -13.18 24.72
N ALA A 475 2.30 -13.75 25.85
CA ALA A 475 2.09 -13.01 27.08
C ALA A 475 3.33 -12.17 27.42
N ARG A 476 4.50 -12.71 27.10
CA ARG A 476 5.75 -11.97 27.27
C ARG A 476 6.02 -11.03 26.09
N GLN A 477 5.90 -11.55 24.87
CA GLN A 477 6.20 -10.76 23.67
C GLN A 477 5.34 -9.50 23.60
N TYR A 478 4.03 -9.70 23.66
CA TYR A 478 3.08 -8.59 23.60
C TYR A 478 3.10 -7.85 24.92
N GLY A 479 3.48 -8.55 25.97
CA GLY A 479 3.54 -7.98 27.31
C GLY A 479 4.57 -6.88 27.34
N LEU A 480 5.74 -7.18 26.77
CA LEU A 480 6.89 -6.27 26.74
C LEU A 480 6.58 -4.97 26.02
N ALA A 481 5.80 -5.09 24.96
CA ALA A 481 5.38 -3.94 24.16
C ALA A 481 4.59 -3.01 25.06
N LYS A 482 3.73 -3.58 25.91
CA LYS A 482 2.90 -2.75 26.79
C LYS A 482 3.74 -1.81 27.68
N LEU A 483 4.94 -2.23 28.06
CA LEU A 483 5.77 -1.42 28.98
C LEU A 483 6.41 -0.19 28.37
N GLY A 484 6.38 -0.06 27.06
CA GLY A 484 6.89 1.15 26.43
C GLY A 484 7.71 0.95 25.17
N PHE A 485 8.03 -0.29 24.83
CA PHE A 485 8.81 -0.55 23.62
C PHE A 485 8.06 -0.05 22.38
N THR A 486 8.74 0.83 21.65
CA THR A 486 8.14 1.52 20.51
C THR A 486 7.82 0.55 19.36
N GLN A 487 8.65 -0.49 19.18
CA GLN A 487 8.38 -1.54 18.20
C GLN A 487 8.76 -2.89 18.78
N SER A 488 8.25 -3.96 18.15
CA SER A 488 8.55 -5.33 18.58
C SER A 488 8.78 -6.25 17.39
N TYR A 489 9.72 -7.18 17.52
CA TYR A 489 9.88 -8.22 16.52
C TYR A 489 8.65 -9.12 16.56
N SER A 490 8.45 -9.95 15.55
CA SER A 490 7.24 -10.77 15.52
C SER A 490 7.49 -12.21 15.09
N TYR A 491 6.43 -13.00 15.10
CA TYR A 491 6.50 -14.40 14.71
C TYR A 491 6.40 -14.52 13.19
N PHE A 492 6.60 -13.40 12.49
CA PHE A 492 6.28 -13.31 11.07
C PHE A 492 6.95 -14.38 10.21
N THR A 493 8.22 -14.66 10.50
CA THR A 493 9.00 -15.54 9.65
C THR A 493 8.37 -16.94 9.54
N TRP A 494 7.68 -17.38 10.59
CA TRP A 494 7.15 -18.74 10.65
C TRP A 494 5.66 -18.80 10.33
N ARG A 495 5.16 -17.78 9.65
CA ARG A 495 3.82 -17.82 9.11
C ARG A 495 3.92 -17.93 7.59
N THR A 496 3.53 -19.08 7.03
CA THR A 496 3.67 -19.26 5.59
C THR A 496 2.47 -19.86 4.87
N THR A 497 1.38 -20.09 5.58
CA THR A 497 0.20 -20.60 4.89
C THR A 497 -0.86 -19.53 4.83
N LYS A 498 -1.77 -19.69 3.87
CA LYS A 498 -2.79 -18.70 3.63
C LYS A 498 -3.58 -18.36 4.91
N TRP A 499 -3.90 -19.36 5.72
CA TRP A 499 -4.66 -19.08 6.94
C TRP A 499 -3.80 -18.38 7.99
N GLU A 500 -2.54 -18.80 8.11
CA GLU A 500 -1.61 -18.15 9.04
C GLU A 500 -1.35 -16.71 8.70
N LEU A 501 -1.02 -16.44 7.44
CA LEU A 501 -0.73 -15.08 7.05
C LEU A 501 -2.01 -14.26 7.24
N THR A 502 -3.15 -14.89 6.94
CA THR A 502 -4.44 -14.24 7.12
C THR A 502 -4.65 -13.85 8.57
N GLU A 503 -4.40 -14.81 9.46
CA GLU A 503 -4.57 -14.55 10.88
C GLU A 503 -3.57 -13.51 11.35
N PHE A 504 -2.31 -13.66 10.94
CA PHE A 504 -1.27 -12.71 11.32
C PHE A 504 -1.52 -11.26 10.90
N GLY A 505 -2.01 -11.07 9.67
CA GLY A 505 -2.29 -9.74 9.15
C GLY A 505 -3.41 -9.10 9.96
N ASN A 506 -4.50 -9.85 10.11
CA ASN A 506 -5.62 -9.35 10.89
C ASN A 506 -5.17 -9.11 12.31
N GLN A 507 -4.27 -9.97 12.80
CA GLN A 507 -3.81 -9.89 14.20
C GLN A 507 -3.04 -8.58 14.47
N ILE A 508 -2.42 -8.01 13.45
CA ILE A 508 -1.58 -6.80 13.60
C ILE A 508 -2.36 -5.75 14.38
N ALA A 509 -3.61 -5.62 13.92
CA ALA A 509 -4.70 -4.95 14.61
C ALA A 509 -5.45 -5.95 15.51
N GLU A 510 -6.17 -5.47 16.50
CA GLU A 510 -6.04 -4.10 16.92
C GLU A 510 -4.96 -3.86 17.98
N LEU A 511 -3.88 -4.63 17.94
CA LEU A 511 -2.93 -4.49 19.03
C LEU A 511 -2.04 -3.28 18.77
N ALA A 512 -2.48 -2.48 17.81
CA ALA A 512 -1.76 -1.32 17.35
C ALA A 512 -1.62 -0.37 18.54
N ASP A 513 -2.59 -0.42 19.46
CA ASP A 513 -2.59 0.48 20.60
C ASP A 513 -1.38 0.31 21.51
N TYR A 514 -0.79 -0.88 21.51
CA TYR A 514 0.42 -1.06 22.31
C TYR A 514 1.53 -1.81 21.60
N ARG A 515 1.25 -2.41 20.44
CA ARG A 515 2.36 -3.04 19.71
C ARG A 515 2.47 -2.55 18.26
N ARG A 516 3.68 -2.17 17.87
CA ARG A 516 3.98 -1.86 16.49
C ARG A 516 4.92 -2.96 16.03
N PRO A 517 4.51 -3.76 15.06
CA PRO A 517 5.47 -4.82 14.71
C PRO A 517 6.47 -4.40 13.64
N ASN A 518 7.71 -4.85 13.79
CA ASN A 518 8.72 -4.69 12.74
C ASN A 518 8.96 -6.02 12.07
N LEU A 519 8.57 -6.11 10.82
CA LEU A 519 8.59 -7.38 10.14
C LEU A 519 9.91 -7.60 9.40
N PHE A 520 10.70 -8.55 9.90
CA PHE A 520 12.00 -8.79 9.29
C PHE A 520 11.87 -10.02 8.42
N VAL A 521 12.31 -9.89 7.18
CA VAL A 521 12.26 -11.01 6.26
C VAL A 521 13.25 -12.08 6.72
N ASN A 522 14.40 -11.61 7.21
CA ASN A 522 15.41 -12.48 7.80
C ASN A 522 16.26 -11.78 8.86
N THR A 523 16.97 -12.57 9.66
CA THR A 523 17.99 -12.06 10.57
C THR A 523 19.15 -13.04 10.45
N PRO A 524 20.33 -12.66 10.97
CA PRO A 524 21.48 -13.57 10.93
C PRO A 524 21.18 -14.93 11.57
N ASP A 525 20.24 -14.93 12.51
CA ASP A 525 19.84 -16.15 13.22
C ASP A 525 18.70 -16.91 12.54
N ILE A 526 17.98 -16.28 11.62
CA ILE A 526 16.80 -16.93 11.05
C ILE A 526 16.79 -16.95 9.51
N LEU A 527 17.08 -18.11 8.92
CA LEU A 527 16.93 -18.31 7.49
C LEU A 527 15.85 -19.39 7.28
N HIS A 528 14.60 -18.96 7.12
CA HIS A 528 13.47 -19.89 7.11
C HIS A 528 13.52 -20.91 5.97
N ALA A 529 12.96 -22.09 6.26
CA ALA A 529 12.95 -23.25 5.37
C ALA A 529 12.35 -22.89 4.01
N VAL A 530 11.30 -22.08 4.02
CA VAL A 530 10.56 -21.77 2.80
C VAL A 530 11.50 -21.04 1.84
N LEU A 531 12.40 -20.27 2.41
CA LEU A 531 13.42 -19.56 1.66
C LEU A 531 14.45 -20.55 1.10
N GLN A 532 14.64 -21.65 1.82
CA GLN A 532 15.66 -22.64 1.51
C GLN A 532 15.44 -23.32 0.16
N HIS A 533 14.18 -23.61 -0.17
CA HIS A 533 13.92 -24.42 -1.34
C HIS A 533 13.07 -23.79 -2.44
N ASN A 534 12.50 -22.62 -2.19
CA ASN A 534 11.60 -22.05 -3.20
C ASN A 534 12.24 -21.06 -4.18
N GLY A 535 13.55 -20.83 -4.04
CA GLY A 535 14.27 -20.07 -5.03
C GLY A 535 14.00 -18.58 -4.94
N PRO A 536 14.63 -17.79 -5.82
CA PRO A 536 14.67 -16.33 -5.70
C PRO A 536 13.28 -15.71 -5.75
N GLY A 537 12.32 -16.44 -6.31
CA GLY A 537 10.94 -15.99 -6.42
C GLY A 537 10.34 -15.71 -5.05
N MET A 538 10.58 -16.63 -4.13
CA MET A 538 10.01 -16.59 -2.78
C MET A 538 10.52 -15.38 -2.05
N PHE A 539 11.78 -15.05 -2.30
CA PHE A 539 12.42 -13.92 -1.66
C PHE A 539 11.65 -12.62 -1.94
N ALA A 540 11.12 -12.50 -3.15
CA ALA A 540 10.25 -11.39 -3.53
C ALA A 540 8.98 -11.45 -2.71
N ILE A 541 8.42 -12.65 -2.62
CA ILE A 541 7.12 -12.87 -2.00
C ILE A 541 7.13 -12.43 -0.54
N ARG A 542 8.18 -12.81 0.19
CA ARG A 542 8.27 -12.45 1.59
C ARG A 542 8.44 -10.93 1.71
N ALA A 543 9.20 -10.35 0.79
CA ALA A 543 9.45 -8.92 0.77
C ALA A 543 8.15 -8.14 0.57
N VAL A 544 7.30 -8.66 -0.34
CA VAL A 544 6.01 -8.04 -0.63
C VAL A 544 5.15 -8.13 0.62
N LEU A 545 5.22 -9.29 1.27
CA LEU A 545 4.44 -9.54 2.46
C LEU A 545 4.91 -8.63 3.59
N ALA A 546 6.22 -8.55 3.77
CA ALA A 546 6.75 -7.75 4.86
C ALA A 546 6.42 -6.27 4.67
N ALA A 547 6.71 -5.78 3.47
CA ALA A 547 6.58 -4.36 3.16
C ALA A 547 5.13 -3.89 3.25
N THR A 548 4.21 -4.72 2.77
CA THR A 548 2.78 -4.39 2.75
C THR A 548 2.03 -4.61 4.08
N MET A 549 2.30 -5.74 4.74
CA MET A 549 1.61 -6.06 5.99
C MET A 549 1.87 -5.02 7.08
N SER A 550 3.10 -4.52 7.16
CA SER A 550 3.43 -3.55 8.21
C SER A 550 4.00 -2.24 7.69
N PRO A 551 3.70 -1.12 8.37
CA PRO A 551 4.27 0.19 8.02
C PRO A 551 5.77 0.09 8.22
N ALA A 552 6.17 -0.70 9.21
CA ALA A 552 7.57 -0.88 9.50
C ALA A 552 8.02 -2.32 9.18
N TRP A 553 9.06 -2.44 8.36
CA TRP A 553 9.61 -3.73 7.95
C TRP A 553 11.13 -3.64 7.91
N GLY A 554 11.80 -4.76 7.73
CA GLY A 554 13.25 -4.78 7.80
C GLY A 554 13.88 -5.89 6.99
N MET A 555 15.19 -5.76 6.78
CA MET A 555 15.96 -6.69 5.97
C MET A 555 17.36 -6.86 6.50
N TYR A 556 17.82 -8.11 6.52
CA TYR A 556 19.18 -8.41 6.93
C TYR A 556 20.07 -8.55 5.68
N CYS A 557 21.28 -8.00 5.74
CA CYS A 557 22.19 -7.95 4.59
C CYS A 557 22.36 -9.30 3.88
N GLY A 558 22.54 -9.24 2.56
CA GLY A 558 22.76 -10.42 1.74
C GLY A 558 21.48 -11.05 1.24
N TYR A 559 20.36 -10.65 1.83
CA TYR A 559 19.07 -11.14 1.40
C TYR A 559 18.87 -10.80 -0.09
N GLU A 560 19.27 -9.58 -0.44
CA GLU A 560 19.14 -9.06 -1.79
C GLU A 560 20.03 -9.78 -2.80
N LEU A 561 20.96 -10.58 -2.29
CA LEU A 561 21.85 -11.34 -3.15
C LEU A 561 21.36 -12.78 -3.30
N PHE A 562 20.20 -13.05 -2.72
CA PHE A 562 19.56 -14.36 -2.76
C PHE A 562 20.35 -15.42 -1.99
N GLU A 563 21.05 -15.00 -0.93
CA GLU A 563 21.76 -15.96 -0.10
C GLU A 563 20.73 -16.93 0.49
N HIS A 564 20.84 -18.20 0.10
CA HIS A 564 19.79 -19.20 0.38
C HIS A 564 20.33 -20.53 0.88
N ARG A 565 21.60 -20.54 1.28
CA ARG A 565 22.26 -21.77 1.72
C ARG A 565 22.35 -21.85 3.25
N ALA A 566 21.83 -22.93 3.81
CA ALA A 566 21.86 -23.11 5.26
C ALA A 566 23.00 -24.04 5.63
N VAL A 567 23.42 -23.99 6.89
CA VAL A 567 24.58 -24.76 7.32
C VAL A 567 24.38 -26.27 7.13
N ARG A 568 23.20 -26.76 7.50
CA ARG A 568 22.81 -28.15 7.30
C ARG A 568 21.31 -28.18 7.09
N GLU A 569 20.79 -29.21 6.43
CA GLU A 569 19.35 -29.27 6.21
C GLU A 569 18.65 -29.29 7.57
N GLY A 570 17.53 -28.56 7.67
CA GLY A 570 16.78 -28.51 8.91
C GLY A 570 17.20 -27.49 9.96
N SER A 571 18.14 -26.62 9.63
CA SER A 571 18.56 -25.59 10.57
C SER A 571 18.09 -24.25 10.04
N GLU A 572 18.06 -23.23 10.89
CA GLU A 572 17.66 -21.92 10.39
C GLU A 572 18.78 -20.88 10.45
N GLU A 573 20.02 -21.37 10.56
CA GLU A 573 21.20 -20.50 10.61
C GLU A 573 21.98 -20.47 9.29
N TYR A 574 22.39 -19.25 8.91
CA TYR A 574 23.10 -19.00 7.66
C TYR A 574 24.44 -19.72 7.68
N LEU A 575 24.72 -20.47 6.61
CA LEU A 575 26.00 -21.17 6.48
C LEU A 575 27.15 -20.15 6.39
N ASP A 576 28.23 -20.43 7.12
CA ASP A 576 29.37 -19.53 7.18
C ASP A 576 28.89 -18.17 7.70
N SER A 577 28.11 -18.19 8.78
CA SER A 577 27.41 -17.01 9.27
C SER A 577 28.33 -15.82 9.52
N GLU A 578 27.80 -14.62 9.22
CA GLU A 578 28.55 -13.39 9.39
C GLU A 578 28.84 -13.10 10.86
N LYS A 579 28.09 -13.73 11.76
CA LYS A 579 28.30 -13.46 13.18
C LYS A 579 29.68 -13.97 13.59
N TYR A 580 30.07 -15.10 13.02
CA TYR A 580 31.33 -15.76 13.40
C TYR A 580 32.43 -15.52 12.39
N GLU A 581 32.06 -14.97 11.24
CA GLU A 581 33.02 -14.85 10.16
C GLU A 581 32.85 -13.51 9.49
N LEU A 582 33.90 -12.98 8.89
CA LEU A 582 33.77 -11.76 8.13
C LEU A 582 33.26 -12.11 6.72
N ARG A 583 32.25 -11.41 6.22
CA ARG A 583 31.69 -11.69 4.88
C ARG A 583 31.45 -10.45 4.00
N PRO A 584 32.47 -10.03 3.22
CA PRO A 584 32.29 -8.97 2.22
C PRO A 584 31.44 -9.45 1.05
N ARG A 585 30.65 -8.55 0.50
CA ARG A 585 29.82 -8.87 -0.65
C ARG A 585 29.99 -7.87 -1.77
N ASP A 586 29.80 -8.33 -3.01
CA ASP A 586 29.97 -7.46 -4.15
C ASP A 586 28.60 -7.28 -4.80
N PHE A 587 27.82 -6.33 -4.28
CA PHE A 587 26.44 -6.12 -4.72
C PHE A 587 26.39 -5.65 -6.17
N ALA A 588 27.34 -4.80 -6.54
CA ALA A 588 27.35 -4.17 -7.85
C ALA A 588 27.40 -5.19 -8.98
N SER A 589 28.30 -6.15 -8.87
CA SER A 589 28.49 -7.17 -9.90
C SER A 589 27.22 -7.99 -10.10
N ALA A 590 26.53 -8.23 -9.00
CA ALA A 590 25.28 -9.00 -9.01
C ALA A 590 24.25 -8.26 -9.85
N LEU A 591 24.26 -6.94 -9.73
CA LEU A 591 23.36 -6.09 -10.50
C LEU A 591 23.60 -6.26 -11.99
N ASP A 592 24.86 -6.29 -12.38
CA ASP A 592 25.25 -6.37 -13.78
C ASP A 592 24.88 -7.70 -14.37
N GLN A 593 25.05 -8.70 -13.50
CA GLN A 593 24.78 -10.10 -13.90
C GLN A 593 23.35 -10.50 -13.61
N GLY A 594 22.53 -9.51 -13.27
CA GLY A 594 21.12 -9.73 -13.06
C GLY A 594 20.68 -10.74 -12.01
N ARG A 595 21.38 -10.84 -10.88
CA ARG A 595 20.95 -11.75 -9.83
C ARG A 595 20.69 -10.99 -8.51
N SER A 596 20.15 -9.78 -8.62
CA SER A 596 19.89 -9.02 -7.41
C SER A 596 18.46 -8.53 -7.32
N LEU A 597 17.92 -8.55 -6.11
CA LEU A 597 16.55 -8.14 -5.86
C LEU A 597 16.52 -6.70 -5.40
N GLN A 598 17.67 -6.04 -5.53
CA GLN A 598 17.79 -4.64 -5.14
C GLN A 598 16.85 -3.66 -5.88
N PRO A 599 16.72 -3.79 -7.22
CA PRO A 599 15.81 -2.85 -7.89
C PRO A 599 14.38 -3.00 -7.37
N PHE A 600 13.93 -4.25 -7.22
CA PHE A 600 12.56 -4.54 -6.81
C PHE A 600 12.26 -3.94 -5.44
N ILE A 601 13.17 -4.17 -4.49
CA ILE A 601 13.01 -3.68 -3.12
C ILE A 601 12.92 -2.16 -3.15
N THR A 602 13.72 -1.56 -4.02
CA THR A 602 13.74 -0.12 -4.20
C THR A 602 12.34 0.30 -4.61
N ARG A 603 11.78 -0.42 -5.59
CA ARG A 603 10.45 -0.08 -6.08
C ARG A 603 9.44 -0.30 -4.97
N LEU A 604 9.68 -1.28 -4.09
CA LEU A 604 8.76 -1.52 -2.98
C LEU A 604 8.78 -0.37 -1.97
N ASN A 605 9.97 0.10 -1.59
CA ASN A 605 10.03 1.18 -0.62
C ASN A 605 9.48 2.50 -1.18
N ILE A 606 9.71 2.76 -2.47
CA ILE A 606 9.16 3.96 -3.12
C ILE A 606 7.64 3.95 -3.08
N ILE A 607 7.08 2.78 -3.35
CA ILE A 607 5.65 2.58 -3.37
C ILE A 607 5.06 2.88 -2.00
N ARG A 608 5.73 2.40 -0.96
CA ARG A 608 5.31 2.66 0.41
C ARG A 608 5.26 4.15 0.73
N ARG A 609 6.30 4.87 0.33
CA ARG A 609 6.36 6.31 0.58
C ARG A 609 5.28 6.96 -0.29
N LEU A 610 5.07 6.41 -1.48
CA LEU A 610 4.12 7.01 -2.42
C LEU A 610 2.71 6.94 -1.87
N HIS A 611 2.32 5.81 -1.29
CA HIS A 611 0.96 5.69 -0.81
C HIS A 611 0.95 5.68 0.72
N PRO A 612 0.39 6.73 1.34
CA PRO A 612 0.36 6.93 2.80
C PRO A 612 -0.53 5.90 3.50
N ALA A 613 -1.25 5.13 2.69
CA ALA A 613 -2.12 4.08 3.20
C ALA A 613 -1.26 3.02 3.88
N PHE A 614 -0.05 2.85 3.38
CA PHE A 614 0.87 1.82 3.85
C PHE A 614 1.53 2.21 5.16
N GLN A 615 1.28 3.44 5.63
CA GLN A 615 1.79 3.84 6.93
C GLN A 615 0.79 3.55 8.02
N GLN A 616 -0.31 2.90 7.67
CA GLN A 616 -1.34 2.66 8.67
C GLN A 616 -1.23 1.24 9.22
N LEU A 617 -1.44 1.09 10.53
CA LEU A 617 -1.51 -0.23 11.13
C LEU A 617 -2.92 -0.80 11.13
N ARG A 618 -3.85 0.05 11.54
CA ARG A 618 -5.21 -0.35 11.88
C ARG A 618 -6.09 -0.85 10.75
N THR A 619 -5.94 -0.28 9.55
CA THR A 619 -6.99 -0.39 8.55
C THR A 619 -6.83 -1.57 7.60
N ILE A 620 -5.90 -2.48 7.88
CA ILE A 620 -5.71 -3.63 7.00
C ILE A 620 -7.01 -4.44 6.94
N HIS A 621 -7.40 -4.89 5.75
CA HIS A 621 -8.59 -5.71 5.62
C HIS A 621 -8.39 -6.77 4.55
N PHE A 622 -8.81 -8.01 4.83
CA PHE A 622 -8.55 -9.11 3.91
C PHE A 622 -9.78 -9.43 3.08
N HIS A 623 -9.58 -9.59 1.77
CA HIS A 623 -10.69 -9.86 0.85
C HIS A 623 -10.63 -11.28 0.33
N HIS A 624 -11.79 -11.85 -0.01
CA HIS A 624 -11.85 -13.27 -0.36
C HIS A 624 -11.38 -13.57 -1.78
N VAL A 625 -10.46 -14.52 -1.89
CA VAL A 625 -10.02 -15.09 -3.16
C VAL A 625 -10.11 -16.60 -3.17
N ASP A 626 -10.90 -17.17 -4.08
CA ASP A 626 -11.16 -18.61 -4.04
C ASP A 626 -9.94 -19.36 -4.59
N ASN A 627 -8.78 -19.13 -4.00
CA ASN A 627 -7.59 -19.92 -4.25
C ASN A 627 -6.70 -19.99 -3.01
N ASP A 628 -6.34 -21.21 -2.62
CA ASP A 628 -5.57 -21.42 -1.40
C ASP A 628 -4.17 -20.83 -1.54
N ALA A 629 -3.74 -20.61 -2.79
CA ALA A 629 -2.40 -20.12 -3.05
C ALA A 629 -2.35 -18.61 -3.24
N LEU A 630 -3.50 -17.96 -3.17
CA LEU A 630 -3.56 -16.52 -3.40
C LEU A 630 -4.05 -15.74 -2.19
N LEU A 631 -3.37 -14.64 -1.88
CA LEU A 631 -3.73 -13.83 -0.74
C LEU A 631 -3.96 -12.37 -1.17
N ALA A 632 -5.13 -11.82 -0.83
CA ALA A 632 -5.48 -10.45 -1.21
C ALA A 632 -6.02 -9.62 -0.04
N TYR A 633 -5.39 -8.47 0.20
CA TYR A 633 -5.75 -7.59 1.29
C TYR A 633 -5.60 -6.13 0.89
N SER A 634 -6.26 -5.25 1.62
CA SER A 634 -6.24 -3.84 1.27
C SER A 634 -6.02 -2.98 2.50
N LYS A 635 -5.37 -1.84 2.29
CA LYS A 635 -5.12 -0.85 3.33
C LYS A 635 -5.56 0.49 2.79
N PHE A 636 -5.96 1.39 3.67
CA PHE A 636 -6.29 2.74 3.25
C PHE A 636 -5.80 3.75 4.29
N ASP A 637 -5.70 5.02 3.91
CA ASP A 637 -5.26 6.05 4.85
C ASP A 637 -6.47 6.94 5.16
N PRO A 638 -6.85 7.01 6.43
CA PRO A 638 -7.97 7.81 6.97
C PRO A 638 -7.90 9.30 6.61
N ALA A 639 -6.68 9.80 6.49
CA ALA A 639 -6.44 11.21 6.21
C ALA A 639 -6.76 11.58 4.76
N THR A 640 -5.99 11.05 3.83
CA THR A 640 -6.10 11.48 2.45
C THR A 640 -7.16 10.67 1.72
N GLY A 641 -7.59 9.58 2.35
CA GLY A 641 -8.57 8.73 1.71
C GLY A 641 -7.88 7.75 0.77
N ASP A 642 -6.56 7.84 0.67
CA ASP A 642 -5.80 6.92 -0.19
C ASP A 642 -6.17 5.48 0.11
N CYS A 643 -6.20 4.65 -0.93
CA CYS A 643 -6.59 3.26 -0.75
C CYS A 643 -5.82 2.38 -1.71
N VAL A 644 -5.31 1.29 -1.17
CA VAL A 644 -4.47 0.39 -1.94
C VAL A 644 -4.83 -1.06 -1.65
N LEU A 645 -4.76 -1.89 -2.69
CA LEU A 645 -5.04 -3.31 -2.59
C LEU A 645 -3.83 -4.09 -3.05
N VAL A 646 -3.49 -5.12 -2.27
CA VAL A 646 -2.34 -5.97 -2.59
C VAL A 646 -2.80 -7.39 -2.85
N VAL A 647 -2.33 -7.98 -3.95
CA VAL A 647 -2.54 -9.40 -4.19
C VAL A 647 -1.22 -10.09 -4.42
N VAL A 648 -0.95 -11.11 -3.61
CA VAL A 648 0.32 -11.80 -3.72
C VAL A 648 0.06 -13.32 -3.82
N THR A 649 1.03 -14.05 -4.40
CA THR A 649 0.97 -15.51 -4.50
C THR A 649 1.95 -16.12 -3.52
N LEU A 650 1.59 -17.26 -2.94
CA LEU A 650 2.48 -17.95 -2.04
C LEU A 650 3.21 -19.08 -2.75
N ASN A 651 2.89 -19.34 -4.01
CA ASN A 651 3.68 -20.36 -4.69
C ASN A 651 4.58 -19.67 -5.70
N ALA A 652 5.86 -19.92 -5.49
CA ALA A 652 6.94 -19.29 -6.22
C ALA A 652 7.09 -19.95 -7.58
N PHE A 653 6.50 -21.13 -7.73
CA PHE A 653 6.79 -21.95 -8.89
C PHE A 653 5.77 -21.92 -10.01
N GLY A 654 4.50 -21.85 -9.65
CA GLY A 654 3.45 -21.92 -10.66
C GLY A 654 2.59 -20.70 -10.92
N PRO A 655 2.19 -20.50 -12.17
CA PRO A 655 1.22 -19.44 -12.40
C PRO A 655 -0.06 -19.79 -11.63
N GLU A 656 -0.77 -18.83 -11.04
CA GLU A 656 -2.00 -19.17 -10.31
C GLU A 656 -3.12 -18.21 -10.65
N GLU A 657 -4.31 -18.75 -10.86
CA GLU A 657 -5.42 -17.89 -11.25
C GLU A 657 -6.62 -18.20 -10.39
N ALA A 658 -7.52 -17.22 -10.25
CA ALA A 658 -8.68 -17.35 -9.38
C ALA A 658 -9.70 -16.24 -9.65
N THR A 659 -10.83 -16.32 -8.95
CA THR A 659 -11.83 -15.26 -9.01
C THR A 659 -11.75 -14.48 -7.71
N LEU A 660 -11.60 -13.16 -7.81
CA LEU A 660 -11.42 -12.37 -6.61
C LEU A 660 -12.71 -11.65 -6.25
N TRP A 661 -13.18 -11.82 -5.02
CA TRP A 661 -14.43 -11.22 -4.59
C TRP A 661 -14.14 -10.11 -3.57
N LEU A 662 -14.86 -9.00 -3.65
CA LEU A 662 -14.57 -7.87 -2.78
C LEU A 662 -15.76 -7.47 -1.91
N ASP A 663 -15.48 -7.02 -0.69
CA ASP A 663 -16.51 -6.41 0.13
C ASP A 663 -16.42 -4.90 -0.04
N MET A 664 -17.22 -4.39 -0.97
CA MET A 664 -17.11 -3.03 -1.46
C MET A 664 -17.34 -2.00 -0.36
N ALA A 665 -18.17 -2.36 0.60
CA ALA A 665 -18.52 -1.47 1.71
C ALA A 665 -17.23 -1.07 2.44
N ALA A 666 -16.34 -2.04 2.59
CA ALA A 666 -15.06 -1.81 3.25
C ALA A 666 -14.20 -0.80 2.48
N LEU A 667 -14.39 -0.74 1.16
CA LEU A 667 -13.65 0.18 0.29
C LEU A 667 -14.44 1.48 0.06
N GLY A 668 -15.62 1.54 0.67
CA GLY A 668 -16.45 2.73 0.60
C GLY A 668 -17.33 2.86 -0.62
N MET A 669 -17.67 1.73 -1.22
CA MET A 669 -18.54 1.73 -2.40
C MET A 669 -19.69 0.77 -2.25
N GLU A 670 -20.76 0.98 -3.01
CA GLU A 670 -21.89 0.05 -3.01
C GLU A 670 -21.49 -1.17 -3.84
N ASP A 671 -22.21 -2.26 -3.66
CA ASP A 671 -21.86 -3.52 -4.32
C ASP A 671 -21.86 -3.46 -5.84
N TYR A 672 -22.77 -2.68 -6.43
CA TYR A 672 -22.87 -2.69 -7.89
C TYR A 672 -21.84 -1.81 -8.58
N ASP A 673 -21.12 -0.98 -7.82
CA ASP A 673 -20.24 0.01 -8.46
C ASP A 673 -19.20 -0.68 -9.31
N ARG A 674 -18.74 -0.01 -10.36
CA ARG A 674 -17.59 -0.48 -11.13
C ARG A 674 -16.64 0.71 -11.29
N PHE A 675 -15.33 0.46 -11.25
CA PHE A 675 -14.34 1.52 -11.11
C PHE A 675 -12.99 1.17 -11.72
N TRP A 676 -12.10 2.15 -11.81
CA TRP A 676 -10.82 1.92 -12.46
C TRP A 676 -9.64 1.92 -11.51
N VAL A 677 -8.70 1.01 -11.78
CA VAL A 677 -7.52 0.84 -10.96
C VAL A 677 -6.25 0.84 -11.80
N ARG A 678 -5.10 1.04 -11.18
CA ARG A 678 -3.81 1.01 -11.88
C ARG A 678 -2.84 0.19 -11.02
N ASP A 679 -2.03 -0.63 -11.69
CA ASP A 679 -1.04 -1.47 -11.01
C ASP A 679 0.30 -0.75 -10.93
N GLU A 680 0.78 -0.45 -9.71
CA GLU A 680 1.96 0.39 -9.56
C GLU A 680 3.25 -0.27 -10.07
N ILE A 681 3.28 -1.61 -10.07
CA ILE A 681 4.39 -2.34 -10.69
C ILE A 681 4.25 -2.38 -12.24
N THR A 682 3.08 -2.76 -12.79
CA THR A 682 2.92 -2.90 -14.24
C THR A 682 2.76 -1.53 -14.88
N GLY A 683 1.99 -0.67 -14.23
CA GLY A 683 1.65 0.63 -14.77
C GLY A 683 0.40 0.80 -15.61
N GLU A 684 -0.33 -0.26 -15.95
CA GLU A 684 -1.50 0.03 -16.78
C GLU A 684 -2.81 -0.11 -16.02
N GLU A 685 -3.75 0.72 -16.45
CA GLU A 685 -5.11 0.88 -15.96
C GLU A 685 -6.07 -0.23 -16.36
N TYR A 686 -7.01 -0.57 -15.46
CA TYR A 686 -8.04 -1.53 -15.83
C TYR A 686 -9.32 -1.16 -15.08
N GLN A 687 -10.41 -1.79 -15.52
CA GLN A 687 -11.74 -1.65 -14.95
C GLN A 687 -12.13 -2.86 -14.11
N TRP A 688 -12.66 -2.55 -12.93
CA TRP A 688 -12.99 -3.59 -12.00
C TRP A 688 -14.41 -3.42 -11.42
N GLY A 689 -14.88 -4.44 -10.71
CA GLY A 689 -16.17 -4.43 -10.04
C GLY A 689 -16.09 -5.24 -8.77
N GLN A 690 -17.22 -5.71 -8.26
CA GLN A 690 -17.20 -6.50 -7.05
C GLN A 690 -16.41 -7.80 -7.23
N ALA A 691 -16.59 -8.45 -8.38
CA ALA A 691 -15.87 -9.70 -8.65
C ALA A 691 -15.01 -9.56 -9.89
N ASN A 692 -13.72 -9.85 -9.75
CA ASN A 692 -12.78 -9.60 -10.83
C ASN A 692 -11.83 -10.76 -11.03
N TYR A 693 -11.34 -10.91 -12.26
CA TYR A 693 -10.44 -12.00 -12.56
C TYR A 693 -9.01 -11.60 -12.31
N ILE A 694 -8.27 -12.50 -11.67
CA ILE A 694 -6.86 -12.25 -11.43
C ILE A 694 -6.03 -13.51 -11.66
N ARG A 695 -4.91 -13.35 -12.35
CA ARG A 695 -3.98 -14.44 -12.58
C ARG A 695 -2.54 -13.96 -12.36
N ILE A 696 -1.76 -14.70 -11.59
CA ILE A 696 -0.40 -14.26 -11.23
C ILE A 696 0.68 -15.20 -11.76
N ASP A 697 1.62 -14.64 -12.50
CA ASP A 697 2.67 -15.44 -13.11
C ASP A 697 4.04 -15.00 -12.59
N PRO A 698 4.67 -15.86 -11.79
CA PRO A 698 6.03 -15.61 -11.32
C PRO A 698 6.96 -15.58 -12.53
N ALA A 699 8.19 -15.09 -12.36
CA ALA A 699 9.17 -14.96 -13.46
C ALA A 699 8.69 -13.86 -14.42
N ARG A 700 7.62 -13.17 -14.02
CA ARG A 700 7.27 -11.86 -14.58
C ARG A 700 6.95 -10.92 -13.43
N ALA A 701 5.96 -11.28 -12.60
CA ALA A 701 5.74 -10.58 -11.34
C ALA A 701 4.95 -11.45 -10.35
N VAL A 702 5.47 -11.54 -9.13
CA VAL A 702 4.87 -12.40 -8.10
C VAL A 702 3.74 -11.70 -7.33
N ALA A 703 3.47 -10.45 -7.64
CA ALA A 703 2.42 -9.72 -6.95
C ALA A 703 1.91 -8.51 -7.72
N HIS A 704 0.68 -8.12 -7.42
CA HIS A 704 0.06 -6.92 -7.96
C HIS A 704 -0.22 -5.92 -6.84
N ILE A 705 0.40 -4.75 -6.93
CA ILE A 705 0.10 -3.69 -5.98
C ILE A 705 -0.74 -2.66 -6.70
N ILE A 706 -1.99 -2.55 -6.27
CA ILE A 706 -3.02 -1.87 -7.04
C ILE A 706 -3.47 -0.57 -6.40
N ASN A 707 -3.47 0.51 -7.17
CA ASN A 707 -3.98 1.75 -6.62
C ASN A 707 -5.49 1.72 -6.84
N MET A 708 -6.24 1.99 -5.78
CA MET A 708 -7.70 1.87 -5.82
C MET A 708 -8.31 3.26 -5.64
N PRO A 709 -9.58 3.42 -6.02
CA PRO A 709 -10.19 4.74 -5.89
C PRO A 709 -10.15 5.24 -4.45
N ALA A 710 -9.81 6.50 -4.26
CA ALA A 710 -9.62 7.01 -2.90
C ALA A 710 -10.91 6.90 -2.10
N VAL A 711 -10.80 6.41 -0.87
CA VAL A 711 -11.95 6.31 0.03
C VAL A 711 -12.55 7.69 0.27
N PRO A 712 -13.87 7.84 0.03
CA PRO A 712 -14.52 9.16 0.12
C PRO A 712 -14.34 9.80 1.49
N TYR A 713 -14.85 11.00 1.71
CA TYR A 713 -14.75 11.52 3.06
C TYR A 713 -15.77 10.80 3.91
N GLU A 714 -15.70 9.48 3.92
CA GLU A 714 -16.40 8.66 4.86
C GLU A 714 -15.43 7.60 5.37
N SER A 715 -14.15 7.94 5.29
CA SER A 715 -13.04 7.10 5.73
C SER A 715 -13.18 6.86 7.23
N ARG A 716 -13.45 7.94 7.94
CA ARG A 716 -13.46 7.98 9.41
C ARG A 716 -14.50 7.04 9.96
N ASN A 717 -15.63 6.94 9.28
CA ASN A 717 -16.64 6.05 9.81
C ASN A 717 -16.34 4.62 9.42
N THR A 718 -15.51 4.41 8.39
CA THR A 718 -15.11 3.04 8.05
C THR A 718 -14.01 2.61 9.04
N LEU A 719 -13.65 3.49 9.96
CA LEU A 719 -12.63 3.16 10.97
C LEU A 719 -13.11 2.79 12.38
N LEU A 720 -14.39 2.95 12.70
CA LEU A 720 -14.84 2.79 14.10
C LEU A 720 -14.35 1.52 14.83
N ARG A 721 -14.27 1.68 16.16
CA ARG A 721 -13.83 0.68 17.14
C ARG A 721 -12.30 0.69 17.28
N PRO B 37 10.03 -2.21 42.28
CA PRO B 37 9.01 -1.38 41.64
C PRO B 37 8.16 -2.17 40.64
N GLY B 38 7.46 -3.19 41.15
CA GLY B 38 6.78 -4.18 40.32
C GLY B 38 7.61 -5.15 39.50
N ARG B 39 8.51 -5.92 40.12
CA ARG B 39 9.39 -6.87 39.39
C ARG B 39 8.66 -7.98 38.65
N VAL B 40 7.60 -8.56 39.21
CA VAL B 40 6.97 -9.59 38.41
C VAL B 40 5.58 -9.12 38.00
N GLU B 41 5.37 -9.21 36.69
CA GLU B 41 4.21 -8.67 36.00
C GLU B 41 2.96 -9.53 36.13
N ILE B 42 1.85 -8.90 36.47
CA ILE B 42 0.54 -9.56 36.55
C ILE B 42 -0.51 -8.77 35.77
N ASP B 43 -1.12 -9.41 34.77
CA ASP B 43 -1.98 -8.69 33.83
C ASP B 43 -3.08 -9.62 33.32
N ASP B 44 -4.10 -9.01 32.70
CA ASP B 44 -5.20 -9.73 32.03
C ASP B 44 -5.87 -10.67 33.03
N VAL B 45 -6.03 -10.19 34.25
CA VAL B 45 -6.69 -10.93 35.30
C VAL B 45 -8.18 -11.06 34.99
N ALA B 46 -8.76 -12.22 35.31
CA ALA B 46 -10.19 -12.45 35.14
C ALA B 46 -10.67 -13.36 36.28
N PRO B 47 -11.92 -13.18 36.72
CA PRO B 47 -12.94 -12.28 36.18
C PRO B 47 -12.87 -10.89 36.78
N VAL B 48 -12.79 -9.87 35.92
CA VAL B 48 -12.88 -8.47 36.34
C VAL B 48 -13.92 -7.75 35.48
N VAL B 49 -14.71 -6.89 36.12
CA VAL B 49 -15.82 -6.21 35.46
C VAL B 49 -15.61 -4.71 35.41
N SER B 50 -15.74 -4.14 34.21
CA SER B 50 -15.55 -2.70 34.04
C SER B 50 -14.26 -2.25 34.72
N CYS B 51 -13.20 -3.03 34.53
CA CYS B 51 -11.88 -2.74 35.09
C CYS B 51 -11.94 -2.57 36.60
N GLY B 52 -12.85 -3.29 37.25
CA GLY B 52 -12.90 -3.33 38.70
C GLY B 52 -13.89 -2.38 39.36
N VAL B 53 -14.62 -1.61 38.56
CA VAL B 53 -15.64 -0.70 39.12
C VAL B 53 -16.78 -1.49 39.75
N TYR B 54 -17.19 -2.57 39.10
CA TYR B 54 -18.31 -3.36 39.58
C TYR B 54 -17.80 -4.75 39.94
N PRO B 55 -18.30 -5.32 41.05
CA PRO B 55 -17.90 -6.67 41.45
C PRO B 55 -18.49 -7.73 40.54
N ALA B 56 -17.80 -8.85 40.40
CA ALA B 56 -18.32 -9.92 39.58
C ALA B 56 -19.43 -10.63 40.36
N LYS B 57 -20.21 -11.44 39.67
CA LYS B 57 -21.35 -12.12 40.29
C LYS B 57 -21.05 -13.61 40.40
N ALA B 58 -21.44 -14.18 41.53
CA ALA B 58 -21.35 -15.62 41.72
C ALA B 58 -22.34 -15.98 42.81
N VAL B 59 -22.62 -17.27 42.99
CA VAL B 59 -23.47 -17.71 44.08
C VAL B 59 -22.81 -18.77 44.95
N VAL B 60 -23.44 -19.06 46.08
CA VAL B 60 -22.90 -20.05 46.99
C VAL B 60 -22.85 -21.44 46.37
N GLY B 61 -21.71 -22.09 46.50
CA GLY B 61 -21.49 -23.42 45.97
C GLY B 61 -21.25 -23.48 44.47
N GLU B 62 -20.94 -22.33 43.88
CA GLU B 62 -20.61 -22.28 42.47
C GLU B 62 -19.09 -22.28 42.36
N VAL B 63 -18.55 -23.02 41.41
CA VAL B 63 -17.10 -23.02 41.23
C VAL B 63 -16.77 -21.77 40.42
N VAL B 64 -15.96 -20.91 41.01
CA VAL B 64 -15.55 -19.67 40.36
C VAL B 64 -14.15 -19.78 39.80
N PRO B 65 -14.01 -19.71 38.48
CA PRO B 65 -12.69 -19.86 37.85
C PRO B 65 -11.95 -18.54 37.76
N VAL B 66 -10.68 -18.56 38.12
CA VAL B 66 -9.86 -17.35 38.13
C VAL B 66 -8.66 -17.59 37.24
N SER B 67 -8.25 -16.59 36.49
CA SER B 67 -7.11 -16.73 35.63
C SER B 67 -6.32 -15.43 35.55
N ALA B 68 -5.03 -15.55 35.29
CA ALA B 68 -4.18 -14.38 35.22
C ALA B 68 -2.91 -14.74 34.47
N ALA B 69 -2.17 -13.73 34.06
CA ALA B 69 -0.94 -13.94 33.35
C ALA B 69 0.20 -13.50 34.23
N VAL B 70 1.13 -14.42 34.51
CA VAL B 70 2.29 -14.08 35.33
C VAL B 70 3.56 -14.53 34.61
N TRP B 71 4.53 -13.63 34.51
CA TRP B 71 5.78 -13.92 33.81
C TRP B 71 6.92 -13.09 34.40
N ARG B 72 8.17 -13.45 34.10
CA ARG B 72 9.30 -12.74 34.67
C ARG B 72 10.43 -12.92 33.67
N GLU B 73 11.62 -12.44 34.02
CA GLU B 73 12.76 -12.47 33.09
C GLU B 73 13.14 -13.90 32.70
N GLY B 74 13.50 -14.05 31.44
CA GLY B 74 14.17 -15.24 30.95
C GLY B 74 13.44 -16.54 31.14
N HIS B 75 14.22 -17.62 31.21
CA HIS B 75 13.70 -18.95 31.38
C HIS B 75 13.61 -19.43 32.83
N GLU B 76 13.83 -18.53 33.79
CA GLU B 76 13.61 -18.89 35.19
C GLU B 76 12.12 -19.11 35.42
N ALA B 77 11.77 -20.26 35.97
CA ALA B 77 10.37 -20.65 36.11
C ALA B 77 9.63 -19.76 37.10
N VAL B 78 8.33 -19.63 36.93
CA VAL B 78 7.53 -18.76 37.79
C VAL B 78 6.21 -19.45 38.14
N ALA B 79 5.64 -19.11 39.29
CA ALA B 79 4.38 -19.70 39.74
C ALA B 79 3.57 -18.64 40.47
N ALA B 80 2.27 -18.84 40.55
CA ALA B 80 1.41 -17.90 41.23
C ALA B 80 0.43 -18.58 42.19
N THR B 81 0.07 -17.88 43.27
CA THR B 81 -0.85 -18.40 44.27
C THR B 81 -2.02 -17.39 44.38
N LEU B 82 -3.24 -17.90 44.24
CA LEU B 82 -4.45 -17.08 44.34
C LEU B 82 -4.97 -16.94 45.77
N VAL B 83 -5.07 -15.70 46.24
CA VAL B 83 -5.45 -15.43 47.63
C VAL B 83 -6.88 -14.88 47.76
N VAL B 84 -7.77 -15.67 48.37
CA VAL B 84 -9.16 -15.25 48.52
C VAL B 84 -9.52 -14.93 49.98
N ARG B 85 -10.27 -13.86 50.21
CA ARG B 85 -10.70 -13.56 51.57
C ARG B 85 -12.17 -13.14 51.51
N TYR B 86 -12.97 -13.58 52.48
CA TYR B 86 -14.36 -13.17 52.60
C TYR B 86 -14.54 -12.13 53.70
N LEU B 87 -14.98 -10.95 53.28
CA LEU B 87 -15.18 -9.80 54.15
C LEU B 87 -16.56 -9.79 54.76
N GLY B 88 -17.02 -8.58 55.08
CA GLY B 88 -18.26 -8.29 55.76
C GLY B 88 -19.40 -8.59 54.82
N VAL B 89 -20.51 -7.87 54.97
CA VAL B 89 -21.55 -8.01 53.97
C VAL B 89 -21.54 -6.77 53.08
N ARG B 90 -21.61 -5.57 53.65
CA ARG B 90 -21.59 -4.29 52.88
C ARG B 90 -21.99 -4.41 51.40
N TYR B 91 -21.28 -3.69 50.54
CA TYR B 91 -21.50 -3.72 49.09
C TYR B 91 -20.59 -2.69 48.37
N PRO B 92 -20.71 -1.37 48.68
CA PRO B 92 -19.90 -0.42 47.89
C PRO B 92 -18.44 -0.33 48.37
N LYS B 114 -6.81 -13.02 58.36
CA LYS B 114 -6.74 -14.43 57.99
C LYS B 114 -6.98 -14.57 56.49
N PRO B 115 -5.91 -14.83 55.73
CA PRO B 115 -6.14 -15.08 54.30
C PRO B 115 -6.26 -16.55 53.95
N LEU B 116 -6.83 -16.82 52.79
CA LEU B 116 -7.01 -18.18 52.28
C LEU B 116 -6.14 -18.41 51.06
N LEU B 117 -5.29 -19.42 51.06
CA LEU B 117 -4.38 -19.58 49.93
C LEU B 117 -4.72 -20.79 49.06
N ILE B 118 -4.87 -20.53 47.76
CA ILE B 118 -5.20 -21.54 46.76
C ILE B 118 -4.10 -21.53 45.70
N PRO B 119 -3.47 -22.68 45.48
CA PRO B 119 -2.41 -22.75 44.47
C PRO B 119 -2.96 -22.73 43.05
N MET B 120 -2.22 -22.11 42.14
CA MET B 120 -2.65 -21.95 40.76
C MET B 120 -1.81 -22.80 39.85
N THR B 121 -2.40 -23.21 38.73
CA THR B 121 -1.75 -24.16 37.84
C THR B 121 -1.56 -23.57 36.45
N SER B 122 -0.42 -23.88 35.84
CA SER B 122 -0.14 -23.44 34.47
C SER B 122 -1.08 -24.20 33.55
N GLY B 123 -1.24 -23.78 32.30
CA GLY B 123 -2.18 -24.51 31.47
C GLY B 123 -1.74 -24.68 30.04
N GLN B 124 -2.67 -24.58 29.10
CA GLN B 124 -2.33 -24.85 27.71
C GLN B 124 -1.32 -23.84 27.21
N GLU B 125 -1.77 -22.59 27.30
CA GLU B 125 -1.07 -21.39 26.91
C GLU B 125 -0.01 -21.05 27.98
N PRO B 126 1.26 -20.88 27.59
CA PRO B 126 2.37 -20.55 28.50
C PRO B 126 2.19 -19.23 29.27
N PHE B 127 2.58 -19.24 30.55
CA PHE B 127 2.62 -18.08 31.44
C PHE B 127 1.23 -17.60 31.91
N VAL B 128 0.16 -18.25 31.46
CA VAL B 128 -1.17 -17.87 31.95
C VAL B 128 -1.52 -18.91 33.01
N PHE B 129 -1.88 -18.44 34.20
CA PHE B 129 -2.10 -19.37 35.31
C PHE B 129 -3.56 -19.34 35.69
N HIS B 130 -4.03 -20.53 36.06
CA HIS B 130 -5.42 -20.72 36.36
C HIS B 130 -5.70 -21.24 37.76
N GLY B 131 -6.83 -20.84 38.31
CA GLY B 131 -7.23 -21.24 39.65
C GLY B 131 -8.74 -21.18 39.79
N GLN B 132 -9.24 -21.70 40.90
CA GLN B 132 -10.67 -21.72 41.18
C GLN B 132 -10.86 -21.65 42.68
N PHE B 133 -12.00 -21.14 43.11
CA PHE B 133 -12.38 -21.21 44.52
C PHE B 133 -13.89 -21.29 44.68
N THR B 134 -14.35 -21.97 45.73
CA THR B 134 -15.79 -22.10 45.93
C THR B 134 -16.21 -21.49 47.26
N PRO B 135 -16.91 -20.34 47.20
CA PRO B 135 -17.37 -19.50 48.31
C PRO B 135 -18.43 -20.21 49.15
N ASP B 136 -18.35 -20.18 50.49
CA ASP B 136 -19.36 -20.91 51.24
C ASP B 136 -20.36 -20.08 52.04
N ARG B 137 -20.18 -18.75 52.12
CA ARG B 137 -21.17 -17.93 52.82
C ARG B 137 -21.46 -16.69 52.01
N VAL B 138 -22.70 -16.20 52.10
CA VAL B 138 -23.16 -14.97 51.45
C VAL B 138 -22.44 -13.73 51.95
N GLY B 139 -22.22 -12.77 51.05
CA GLY B 139 -21.55 -11.53 51.38
C GLY B 139 -20.57 -11.14 50.28
N LEU B 140 -19.67 -10.23 50.59
CA LEU B 140 -18.71 -9.73 49.61
C LEU B 140 -17.34 -10.38 49.77
N TRP B 141 -16.86 -11.00 48.69
CA TRP B 141 -15.57 -11.67 48.74
C TRP B 141 -14.51 -10.92 47.96
N THR B 142 -13.25 -11.17 48.28
CA THR B 142 -12.14 -10.55 47.59
C THR B 142 -11.14 -11.60 47.16
N PHE B 143 -10.51 -11.40 46.02
CA PHE B 143 -9.44 -12.27 45.57
C PHE B 143 -8.39 -11.42 44.90
N ARG B 144 -7.17 -11.92 44.89
CA ARG B 144 -6.09 -11.25 44.19
C ARG B 144 -5.08 -12.30 43.81
N VAL B 145 -4.24 -12.01 42.83
CA VAL B 145 -3.24 -12.98 42.43
C VAL B 145 -1.86 -12.50 42.85
N ASP B 146 -1.13 -13.37 43.55
CA ASP B 146 0.21 -13.05 44.00
C ASP B 146 1.19 -13.84 43.14
N GLY B 147 2.25 -13.19 42.66
CA GLY B 147 3.17 -13.87 41.77
C GLY B 147 4.56 -14.01 42.39
N TRP B 148 5.22 -15.13 42.13
CA TRP B 148 6.56 -15.36 42.69
C TRP B 148 7.36 -16.27 41.77
N GLY B 149 8.67 -16.28 41.94
CA GLY B 149 9.53 -17.16 41.17
C GLY B 149 10.01 -18.34 41.99
N ASP B 150 9.78 -19.56 41.51
CA ASP B 150 10.20 -20.74 42.25
C ASP B 150 11.50 -21.33 41.68
N PRO B 151 12.62 -21.04 42.35
CA PRO B 151 13.95 -21.41 41.86
C PRO B 151 14.09 -22.92 41.80
N ILE B 152 13.40 -23.62 42.70
CA ILE B 152 13.48 -25.07 42.77
C ILE B 152 13.06 -25.63 41.42
N HIS B 153 11.93 -25.13 40.91
CA HIS B 153 11.42 -25.59 39.62
C HIS B 153 12.45 -25.29 38.53
N THR B 154 13.03 -24.09 38.58
CA THR B 154 14.04 -23.66 37.60
C THR B 154 15.19 -24.65 37.63
N TRP B 155 15.67 -24.90 38.84
CA TRP B 155 16.83 -25.74 39.08
C TRP B 155 16.57 -27.17 38.66
N ARG B 156 15.41 -27.69 39.05
CA ARG B 156 15.04 -29.07 38.77
C ARG B 156 14.96 -29.30 37.26
N HIS B 157 14.14 -28.50 36.58
CA HIS B 157 13.90 -28.70 35.16
C HIS B 157 15.18 -28.57 34.35
N GLY B 158 16.01 -27.62 34.76
CA GLY B 158 17.30 -27.41 34.12
C GLY B 158 18.23 -28.57 34.33
N LEU B 159 18.21 -29.13 35.54
CA LEU B 159 19.09 -30.25 35.87
C LEU B 159 18.77 -31.54 35.11
N ILE B 160 17.49 -31.84 34.94
CA ILE B 160 17.12 -33.06 34.22
C ILE B 160 17.64 -33.08 32.78
N ALA B 161 17.59 -31.95 32.09
CA ALA B 161 18.13 -31.87 30.73
C ALA B 161 19.63 -32.09 30.63
N LYS B 162 20.39 -31.44 31.51
CA LYS B 162 21.86 -31.57 31.54
C LYS B 162 22.32 -32.96 32.07
N LEU B 163 21.53 -33.62 32.92
CA LEU B 163 21.87 -34.94 33.51
C LEU B 163 21.96 -35.93 32.35
N ASP B 164 21.15 -35.68 31.32
CA ASP B 164 21.03 -36.43 30.07
C ASP B 164 22.35 -36.29 29.31
N ALA B 165 23.02 -35.17 29.53
CA ALA B 165 24.29 -34.94 28.88
C ALA B 165 25.28 -35.50 29.87
N GLY B 166 25.03 -35.34 31.17
CA GLY B 166 25.89 -35.93 32.19
C GLY B 166 27.40 -35.79 32.08
N GLU B 171 31.96 -34.48 37.31
CA GLU B 171 31.70 -33.64 36.15
C GLU B 171 30.61 -32.66 36.55
N LEU B 172 30.55 -31.51 35.89
CA LEU B 172 29.44 -30.55 36.03
C LEU B 172 29.03 -30.18 37.48
N SER B 173 29.51 -30.98 38.45
CA SER B 173 29.39 -30.83 39.91
C SER B 173 28.78 -29.55 40.51
N ASN B 174 28.78 -28.45 39.76
CA ASN B 174 28.42 -27.14 40.27
C ASN B 174 26.92 -26.97 40.49
N ASP B 175 26.11 -27.36 39.51
CA ASP B 175 24.67 -27.12 39.61
C ASP B 175 24.10 -27.85 40.81
N LEU B 176 24.66 -29.02 41.10
CA LEU B 176 24.18 -29.88 42.18
C LEU B 176 24.26 -29.20 43.55
N LEU B 177 25.38 -28.53 43.82
CA LEU B 177 25.57 -27.79 45.07
C LEU B 177 24.55 -26.66 45.19
N VAL B 178 24.21 -26.05 44.06
CA VAL B 178 23.25 -24.95 44.04
C VAL B 178 21.91 -25.48 44.54
N GLY B 179 21.58 -26.71 44.13
CA GLY B 179 20.37 -27.34 44.64
C GLY B 179 20.52 -27.46 46.14
N ALA B 180 21.69 -27.93 46.56
CA ALA B 180 21.93 -28.24 47.97
C ALA B 180 21.72 -27.04 48.91
N VAL B 181 21.96 -25.83 48.40
CA VAL B 181 21.83 -24.62 49.21
C VAL B 181 20.37 -24.15 49.15
N LEU B 182 19.62 -24.71 48.21
CA LEU B 182 18.21 -24.38 48.02
C LEU B 182 17.36 -25.02 49.09
N LEU B 183 17.41 -26.35 49.19
CA LEU B 183 16.56 -27.05 50.13
C LEU B 183 16.78 -26.57 51.56
N GLU B 184 18.02 -26.23 51.90
CA GLU B 184 18.33 -25.71 53.24
C GLU B 184 17.57 -24.40 53.49
N ARG B 185 17.71 -23.46 52.56
CA ARG B 185 17.01 -22.18 52.64
C ARG B 185 15.51 -22.45 52.54
N ALA B 186 15.15 -23.49 51.77
CA ALA B 186 13.78 -23.96 51.65
C ALA B 186 13.30 -24.52 52.99
N ALA B 187 14.19 -25.23 53.66
CA ALA B 187 13.89 -25.89 54.92
C ALA B 187 13.54 -24.89 56.03
N THR B 188 14.16 -23.72 56.03
CA THR B 188 13.91 -22.76 57.10
C THR B 188 12.41 -22.42 57.14
N GLY B 189 11.79 -22.44 55.96
CA GLY B 189 10.37 -22.19 55.79
C GLY B 189 9.43 -23.24 56.33
N VAL B 190 9.92 -24.48 56.43
CA VAL B 190 9.16 -25.58 57.01
C VAL B 190 9.57 -25.89 58.45
N PRO B 191 8.59 -26.27 59.29
CA PRO B 191 8.88 -26.38 60.72
C PRO B 191 9.71 -27.63 61.05
N ARG B 192 10.73 -27.43 61.87
CA ARG B 192 11.67 -28.46 62.35
C ARG B 192 11.13 -29.90 62.40
N GLY B 193 9.82 -30.03 62.65
CA GLY B 193 9.16 -31.33 62.67
C GLY B 193 9.38 -32.29 61.52
N LEU B 194 8.75 -32.05 60.38
CA LEU B 194 8.94 -32.88 59.19
C LEU B 194 10.00 -32.40 58.20
N ARG B 195 10.67 -31.31 58.54
CA ARG B 195 11.73 -30.74 57.69
C ARG B 195 12.87 -31.71 57.40
N ASP B 196 12.79 -32.91 57.95
CA ASP B 196 13.92 -33.84 57.98
C ASP B 196 14.25 -34.56 56.67
N PRO B 197 13.26 -34.96 55.84
CA PRO B 197 13.73 -35.20 54.46
C PRO B 197 14.30 -34.03 53.68
N LEU B 198 14.11 -32.78 54.08
CA LEU B 198 14.81 -31.71 53.39
C LEU B 198 16.30 -31.76 53.64
N LEU B 199 16.70 -31.88 54.90
CA LEU B 199 18.12 -31.99 55.20
C LEU B 199 18.68 -33.25 54.53
N ALA B 200 17.83 -34.25 54.32
CA ALA B 200 18.21 -35.43 53.55
C ALA B 200 18.58 -34.99 52.13
N ALA B 201 17.71 -34.17 51.56
CA ALA B 201 17.95 -33.52 50.28
C ALA B 201 19.00 -32.40 50.38
N ALA B 202 19.01 -31.65 51.49
CA ALA B 202 19.95 -30.53 51.65
C ALA B 202 21.38 -31.04 51.86
N ALA B 203 21.45 -32.24 52.41
CA ALA B 203 22.68 -32.99 52.56
C ALA B 203 22.61 -34.08 51.52
N ALA B 204 22.09 -33.75 50.34
CA ALA B 204 22.18 -34.74 49.29
C ALA B 204 23.27 -34.52 48.25
N LEU B 205 23.77 -33.34 47.93
CA LEU B 205 24.96 -33.50 47.09
C LEU B 205 26.19 -32.77 47.57
N ARG B 206 26.65 -33.29 48.69
CA ARG B 206 27.85 -32.91 49.36
C ARG B 206 28.96 -33.59 48.57
N THR B 207 29.14 -34.86 48.92
CA THR B 207 30.07 -35.85 48.39
C THR B 207 29.96 -36.34 46.92
N PRO B 208 31.12 -36.52 46.24
CA PRO B 208 31.41 -36.91 44.85
C PRO B 208 30.73 -38.22 44.46
N GLY B 209 30.43 -38.41 43.17
CA GLY B 209 29.84 -39.68 42.78
C GLY B 209 29.10 -39.75 41.45
N ASP B 210 28.29 -40.80 41.30
CA ASP B 210 27.45 -40.99 40.13
C ASP B 210 26.38 -39.92 40.07
N PRO B 211 25.81 -39.67 38.88
CA PRO B 211 24.73 -38.69 38.96
C PRO B 211 23.52 -39.16 39.78
N VAL B 212 22.97 -40.34 39.53
CA VAL B 212 21.76 -40.76 40.25
C VAL B 212 22.05 -41.00 41.77
N THR B 213 23.09 -40.35 42.32
CA THR B 213 23.39 -40.46 43.75
C THR B 213 22.37 -39.95 44.76
N ARG B 214 21.78 -38.80 44.49
CA ARG B 214 20.98 -38.15 45.52
C ARG B 214 19.81 -37.39 44.91
N THR B 215 19.74 -37.53 43.58
CA THR B 215 18.60 -37.11 42.78
C THR B 215 17.50 -38.08 43.19
N ALA B 216 17.94 -39.19 43.77
CA ALA B 216 17.06 -40.22 44.29
C ALA B 216 16.07 -39.59 45.28
N LEU B 217 16.43 -38.46 45.91
CA LEU B 217 15.53 -37.76 46.83
C LEU B 217 14.81 -36.60 46.16
N ALA B 218 15.33 -36.23 44.99
CA ALA B 218 14.82 -35.17 44.15
C ALA B 218 13.47 -35.60 43.59
N LEU B 219 13.45 -36.83 43.09
CA LEU B 219 12.27 -37.41 42.46
C LEU B 219 11.15 -38.02 43.33
N THR B 220 11.45 -38.64 44.47
CA THR B 220 10.32 -39.16 45.26
C THR B 220 9.29 -38.15 45.81
N PRO B 221 8.00 -38.41 45.50
CA PRO B 221 6.85 -37.59 45.90
C PRO B 221 6.53 -37.42 47.39
N GLU B 222 7.47 -37.18 48.30
CA GLU B 222 7.08 -36.92 49.70
C GLU B 222 7.50 -35.50 49.95
N ILE B 223 8.56 -35.11 49.24
CA ILE B 223 9.12 -33.77 49.33
C ILE B 223 8.62 -32.92 48.19
N GLU B 224 7.98 -33.53 47.20
CA GLU B 224 7.43 -32.71 46.15
C GLU B 224 6.16 -32.26 46.87
N GLU B 225 5.51 -33.24 47.51
CA GLU B 225 4.29 -33.04 48.28
C GLU B 225 4.53 -32.10 49.47
N LEU B 226 5.73 -32.21 50.06
CA LEU B 226 6.14 -31.35 51.16
C LEU B 226 6.32 -29.92 50.69
N LEU B 227 6.98 -29.76 49.55
CA LEU B 227 7.18 -28.43 49.00
C LEU B 227 5.86 -27.78 48.64
N ALA B 228 4.88 -28.61 48.26
CA ALA B 228 3.54 -28.12 47.94
C ALA B 228 2.84 -27.42 49.11
N ASP B 229 2.85 -28.04 50.28
CA ASP B 229 2.21 -27.44 51.46
C ASP B 229 2.93 -26.20 51.94
N TYR B 230 4.26 -26.30 51.97
CA TYR B 230 5.12 -25.18 52.32
C TYR B 230 6.11 -24.99 51.19
N PRO B 231 5.95 -23.88 50.45
CA PRO B 231 6.70 -23.62 49.23
C PRO B 231 7.84 -22.65 49.45
N LEU B 232 8.82 -22.70 48.57
CA LEU B 232 9.92 -21.77 48.63
C LEU B 232 9.56 -20.64 47.70
N ARG B 233 9.23 -19.48 48.28
CA ARG B 233 8.72 -18.40 47.46
C ARG B 233 9.79 -17.33 47.36
N ASP B 234 10.06 -16.89 46.14
CA ASP B 234 11.04 -15.85 45.91
C ASP B 234 10.44 -14.63 45.22
N LEU B 235 10.94 -13.43 45.52
CA LEU B 235 10.53 -12.25 44.76
C LEU B 235 9.02 -12.06 44.78
N VAL B 236 8.37 -12.37 45.89
CA VAL B 236 6.93 -12.27 45.94
C VAL B 236 6.42 -10.88 45.58
N THR B 237 5.42 -10.81 44.70
CA THR B 237 4.90 -9.54 44.26
C THR B 237 3.39 -9.62 44.40
N ARG B 238 2.79 -8.57 44.93
CA ARG B 238 1.36 -8.60 45.20
C ARG B 238 0.57 -8.03 44.05
N GLY B 239 -0.48 -8.77 43.66
CA GLY B 239 -1.39 -8.38 42.61
C GLY B 239 -2.50 -7.47 43.07
N GLU B 240 -3.27 -6.95 42.12
CA GLU B 240 -4.37 -6.08 42.44
C GLU B 240 -5.51 -6.88 43.08
N GLN B 241 -6.36 -6.22 43.86
CA GLN B 241 -7.47 -6.87 44.54
C GLN B 241 -8.81 -6.59 43.89
N PHE B 242 -9.56 -7.65 43.60
CA PHE B 242 -10.87 -7.49 42.98
C PHE B 242 -11.91 -8.16 43.85
N GLY B 243 -13.17 -7.82 43.66
CA GLY B 243 -14.17 -8.32 44.59
C GLY B 243 -15.26 -9.09 43.87
N VAL B 244 -15.82 -10.07 44.57
CA VAL B 244 -16.91 -10.88 44.05
C VAL B 244 -18.09 -10.82 45.01
N TRP B 245 -19.28 -10.63 44.47
CA TRP B 245 -20.45 -10.65 45.33
C TRP B 245 -21.30 -11.90 45.20
N VAL B 246 -21.35 -12.68 46.28
CA VAL B 246 -22.10 -13.93 46.30
C VAL B 246 -23.53 -13.78 46.85
N ASP B 247 -24.49 -14.34 46.13
CA ASP B 247 -25.90 -14.26 46.50
C ASP B 247 -26.37 -15.66 46.86
N ARG B 248 -27.58 -15.78 47.38
CA ARG B 248 -28.13 -17.11 47.63
C ARG B 248 -28.34 -17.83 46.29
N PRO B 249 -28.37 -19.18 46.31
CA PRO B 249 -28.38 -19.95 45.06
C PRO B 249 -29.58 -19.69 44.13
N LEU B 250 -30.67 -19.16 44.68
CA LEU B 250 -31.85 -18.91 43.87
C LEU B 250 -31.57 -17.80 42.85
N ALA B 251 -30.48 -17.07 43.08
CA ALA B 251 -30.06 -16.00 42.17
C ALA B 251 -29.68 -16.57 40.81
N ARG B 252 -29.19 -17.82 40.80
CA ARG B 252 -28.77 -18.48 39.57
C ARG B 252 -29.79 -19.54 39.13
N PHE B 253 -30.20 -20.40 40.07
CA PHE B 253 -31.04 -21.52 39.70
C PHE B 253 -32.42 -21.49 40.37
N GLY B 254 -33.45 -21.25 39.56
CA GLY B 254 -34.83 -21.32 40.00
C GLY B 254 -35.78 -21.15 38.83
N ALA B 255 -37.02 -21.62 38.99
CA ALA B 255 -37.99 -21.49 37.90
C ALA B 255 -39.15 -20.59 38.31
N TRP B 256 -39.64 -19.79 37.35
CA TRP B 256 -40.66 -18.78 37.65
C TRP B 256 -42.06 -19.05 37.14
N TYR B 257 -43.06 -18.65 37.92
CA TYR B 257 -44.44 -18.72 37.47
C TYR B 257 -45.14 -17.38 37.67
N GLU B 258 -45.73 -16.85 36.61
CA GLU B 258 -46.39 -15.54 36.70
C GLU B 258 -47.88 -15.79 36.75
N MET B 259 -48.54 -15.38 37.83
CA MET B 259 -49.97 -15.60 37.96
C MET B 259 -50.68 -14.36 38.45
N PHE B 260 -51.96 -14.24 38.09
CA PHE B 260 -52.79 -13.12 38.51
C PHE B 260 -53.66 -13.54 39.68
N PRO B 261 -53.44 -12.93 40.86
CA PRO B 261 -54.20 -13.31 42.06
C PRO B 261 -55.71 -13.15 41.77
N ARG B 262 -56.09 -12.09 41.06
CA ARG B 262 -57.51 -11.88 40.78
C ARG B 262 -58.14 -13.02 39.98
N SER B 263 -57.35 -13.69 39.13
CA SER B 263 -57.91 -14.75 38.27
C SER B 263 -58.20 -16.04 39.03
N THR B 264 -57.88 -16.05 40.32
CA THR B 264 -58.11 -17.22 41.18
C THR B 264 -59.52 -17.11 41.73
N GLY B 265 -60.40 -16.48 40.96
CA GLY B 265 -61.75 -16.19 41.39
C GLY B 265 -62.70 -17.34 41.24
N GLY B 266 -62.65 -18.02 40.10
CA GLY B 266 -63.36 -19.28 40.06
C GLY B 266 -64.82 -19.23 39.69
N TRP B 267 -65.22 -18.18 38.96
CA TRP B 267 -66.57 -18.14 38.37
C TRP B 267 -67.63 -17.90 39.45
N ASP B 268 -68.86 -17.56 39.06
CA ASP B 268 -69.95 -17.37 40.03
C ASP B 268 -71.04 -18.34 39.68
N ASP B 269 -72.21 -18.18 40.29
CA ASP B 269 -73.31 -19.09 40.05
C ASP B 269 -73.74 -19.00 38.58
N ASP B 270 -73.69 -17.78 38.04
CA ASP B 270 -73.76 -17.54 36.59
C ASP B 270 -72.41 -17.78 35.92
N GLY B 271 -72.31 -17.37 34.65
CA GLY B 271 -71.12 -17.61 33.86
C GLY B 271 -69.98 -16.66 34.19
N ASN B 272 -70.34 -15.45 34.63
CA ASN B 272 -69.40 -14.35 34.88
C ASN B 272 -68.17 -14.55 35.79
N PRO B 273 -66.98 -14.17 35.30
CA PRO B 273 -65.75 -14.33 36.08
C PRO B 273 -65.87 -13.65 37.45
N VAL B 274 -65.21 -14.15 38.49
CA VAL B 274 -65.29 -13.50 39.79
C VAL B 274 -63.92 -13.05 40.28
N HIS B 275 -63.85 -11.84 40.86
CA HIS B 275 -62.58 -11.36 41.38
C HIS B 275 -62.12 -12.27 42.49
N GLY B 276 -60.84 -12.62 42.48
CA GLY B 276 -60.30 -13.50 43.49
C GLY B 276 -59.72 -12.76 44.67
N THR B 277 -59.19 -13.53 45.61
CA THR B 277 -58.58 -12.99 46.82
C THR B 277 -57.34 -13.79 47.13
N PHE B 278 -56.52 -13.29 48.05
CA PHE B 278 -55.32 -13.99 48.47
C PHE B 278 -55.68 -15.38 48.94
N ALA B 279 -56.83 -15.49 49.59
CA ALA B 279 -57.33 -16.75 50.10
C ALA B 279 -57.54 -17.73 48.94
N THR B 280 -58.23 -17.26 47.90
CA THR B 280 -58.50 -18.07 46.72
C THR B 280 -57.21 -18.34 45.97
N ALA B 281 -56.31 -17.36 45.97
CA ALA B 281 -55.02 -17.51 45.29
C ALA B 281 -54.21 -18.64 45.93
N ALA B 282 -54.22 -18.67 47.26
CA ALA B 282 -53.47 -19.65 48.01
C ALA B 282 -53.90 -21.10 47.71
N ALA B 283 -55.15 -21.30 47.28
CA ALA B 283 -55.62 -22.65 46.95
C ALA B 283 -54.92 -23.21 45.73
N GLU B 284 -54.40 -22.34 44.87
CA GLU B 284 -53.74 -22.80 43.65
C GLU B 284 -52.23 -22.98 43.82
N LEU B 285 -51.71 -22.58 44.98
CA LEU B 285 -50.27 -22.68 45.24
C LEU B 285 -49.70 -24.11 45.27
N PRO B 286 -50.48 -25.11 45.75
CA PRO B 286 -49.87 -26.45 45.73
C PRO B 286 -49.59 -26.86 44.29
N ARG B 287 -50.58 -26.71 43.42
CA ARG B 287 -50.46 -27.18 42.05
C ARG B 287 -49.22 -26.59 41.39
N ILE B 288 -48.92 -25.33 41.71
CA ILE B 288 -47.74 -24.65 41.17
C ILE B 288 -46.47 -25.32 41.65
N ALA B 289 -46.43 -25.56 42.96
CA ALA B 289 -45.29 -26.20 43.58
C ALA B 289 -45.13 -27.60 42.98
N GLY B 290 -46.27 -28.22 42.69
CA GLY B 290 -46.32 -29.55 42.13
C GLY B 290 -45.55 -29.65 40.83
N MET B 291 -45.53 -28.54 40.10
CA MET B 291 -44.80 -28.48 38.85
C MET B 291 -43.31 -28.18 39.03
N GLY B 292 -42.89 -27.92 40.27
CA GLY B 292 -41.46 -27.74 40.53
C GLY B 292 -40.92 -26.34 40.50
N PHE B 293 -41.80 -25.35 40.42
CA PHE B 293 -41.37 -23.95 40.41
C PHE B 293 -40.92 -23.53 41.79
N ASP B 294 -39.83 -22.77 41.86
CA ASP B 294 -39.30 -22.34 43.14
C ASP B 294 -39.74 -20.94 43.53
N VAL B 295 -40.21 -20.16 42.56
CA VAL B 295 -40.62 -18.80 42.85
C VAL B 295 -41.93 -18.48 42.13
N VAL B 296 -42.85 -17.85 42.87
CA VAL B 296 -44.13 -17.44 42.33
C VAL B 296 -44.11 -15.93 42.23
N TYR B 297 -44.32 -15.44 41.01
CA TYR B 297 -44.26 -14.01 40.77
C TYR B 297 -45.65 -13.41 40.60
N LEU B 298 -45.90 -12.36 41.38
CA LEU B 298 -47.20 -11.70 41.42
C LEU B 298 -47.04 -10.29 40.88
N PRO B 299 -47.87 -9.92 39.91
CA PRO B 299 -48.05 -8.57 39.36
C PRO B 299 -48.45 -7.63 40.47
N PRO B 300 -48.31 -6.31 40.28
CA PRO B 300 -48.49 -5.44 41.44
C PRO B 300 -49.79 -5.73 42.15
N ILE B 301 -49.74 -5.79 43.48
CA ILE B 301 -50.91 -6.11 44.29
C ILE B 301 -51.56 -4.83 44.83
N HIS B 302 -51.16 -3.69 44.27
CA HIS B 302 -51.63 -2.42 44.79
C HIS B 302 -52.95 -1.98 44.16
N PRO B 303 -53.61 -0.98 44.77
CA PRO B 303 -54.85 -0.41 44.24
C PRO B 303 -54.72 0.21 42.85
N ILE B 304 -55.72 0.00 41.99
CA ILE B 304 -55.66 0.53 40.63
C ILE B 304 -56.43 1.84 40.55
N GLY B 305 -55.86 2.83 39.88
CA GLY B 305 -56.45 4.15 39.73
C GLY B 305 -57.82 3.98 39.09
N LYS B 306 -58.77 4.86 39.42
CA LYS B 306 -60.12 4.80 38.85
C LYS B 306 -60.36 5.73 37.66
N VAL B 307 -59.45 6.68 37.43
CA VAL B 307 -59.60 7.60 36.30
C VAL B 307 -58.77 7.11 35.14
N HIS B 308 -59.40 7.08 33.96
CA HIS B 308 -58.76 6.62 32.73
C HIS B 308 -58.44 5.13 32.80
N ARG B 309 -59.15 4.44 33.70
CA ARG B 309 -58.97 3.00 33.89
C ARG B 309 -59.22 2.39 32.52
N LYS B 310 -58.41 1.41 32.15
CA LYS B 310 -58.49 0.86 30.82
C LYS B 310 -59.50 -0.30 30.70
N GLY B 311 -60.13 -0.37 29.54
CA GLY B 311 -61.15 -1.37 29.26
C GLY B 311 -60.61 -2.59 28.54
N ARG B 312 -61.53 -3.50 28.23
CA ARG B 312 -61.20 -4.75 27.55
C ARG B 312 -60.50 -4.43 26.24
N ASN B 313 -59.49 -5.20 25.85
CA ASN B 313 -58.84 -4.93 24.58
C ASN B 313 -58.19 -3.57 24.44
N ASN B 314 -57.65 -2.98 25.51
CA ASN B 314 -56.96 -1.70 25.32
C ASN B 314 -57.88 -0.55 24.94
N SER B 315 -59.18 -0.79 25.20
CA SER B 315 -60.22 0.19 24.98
C SER B 315 -59.98 1.39 25.87
N PRO B 316 -60.26 2.60 25.35
CA PRO B 316 -59.97 3.81 26.12
C PRO B 316 -60.89 3.97 27.33
N THR B 317 -62.13 3.52 27.19
CA THR B 317 -63.14 3.70 28.23
C THR B 317 -63.44 2.41 28.99
N ALA B 318 -63.42 2.51 30.32
CA ALA B 318 -63.60 1.35 31.19
C ALA B 318 -65.04 1.22 31.63
N ALA B 319 -65.61 0.02 31.52
CA ALA B 319 -66.94 -0.24 32.04
C ALA B 319 -66.88 -0.08 33.56
N PRO B 320 -68.04 0.02 34.24
CA PRO B 320 -67.95 0.27 35.69
C PRO B 320 -67.32 -0.88 36.46
N THR B 321 -67.50 -2.11 35.95
CA THR B 321 -67.01 -3.29 36.63
C THR B 321 -65.60 -3.71 36.23
N ASP B 322 -65.09 -3.19 35.12
CA ASP B 322 -63.77 -3.59 34.63
C ASP B 322 -62.70 -3.24 35.67
N VAL B 323 -61.60 -3.98 35.66
CA VAL B 323 -60.61 -3.88 36.73
C VAL B 323 -59.43 -2.95 36.40
N GLY B 324 -59.12 -2.80 35.11
CA GLY B 324 -58.01 -1.93 34.74
C GLY B 324 -56.70 -2.67 34.96
N SER B 325 -55.59 -2.15 34.45
CA SER B 325 -54.32 -2.86 34.53
C SER B 325 -53.65 -2.58 35.86
N PRO B 326 -53.16 -3.65 36.51
CA PRO B 326 -52.52 -3.56 37.82
C PRO B 326 -51.34 -2.60 37.89
N TRP B 327 -50.73 -2.28 36.74
CA TRP B 327 -49.56 -1.41 36.73
C TRP B 327 -49.95 0.08 36.85
N ALA B 328 -51.24 0.37 36.78
CA ALA B 328 -51.74 1.70 37.08
C ALA B 328 -51.86 1.89 38.60
N ILE B 329 -50.70 1.89 39.26
CA ILE B 329 -50.61 1.85 40.72
C ILE B 329 -51.20 3.07 41.41
N GLY B 330 -51.89 2.86 42.53
CA GLY B 330 -52.31 3.99 43.33
C GLY B 330 -53.73 4.50 43.20
N SER B 331 -54.32 4.85 44.33
CA SER B 331 -55.65 5.43 44.37
C SER B 331 -55.88 6.14 45.70
N ASP B 332 -56.99 6.88 45.80
CA ASP B 332 -57.40 7.58 47.02
C ASP B 332 -57.46 6.55 48.15
N GLU B 333 -57.66 5.33 47.69
CA GLU B 333 -57.70 4.10 48.44
C GLU B 333 -56.34 3.71 49.04
N GLY B 334 -55.26 3.87 48.30
CA GLY B 334 -53.93 3.57 48.81
C GLY B 334 -52.77 3.80 47.84
N GLY B 335 -51.55 3.68 48.36
CA GLY B 335 -50.37 3.82 47.53
C GLY B 335 -49.61 2.52 47.39
N HIS B 336 -48.30 2.65 47.18
CA HIS B 336 -47.43 1.49 47.02
C HIS B 336 -47.30 0.63 48.28
N ASP B 337 -47.71 1.18 49.42
CA ASP B 337 -47.58 0.46 50.70
C ASP B 337 -48.83 -0.27 51.14
N THR B 338 -49.90 -0.20 50.35
CA THR B 338 -51.14 -0.83 50.78
C THR B 338 -51.59 -1.91 49.81
N VAL B 339 -52.14 -2.99 50.36
CA VAL B 339 -52.71 -4.06 49.55
C VAL B 339 -54.04 -3.61 48.98
N HIS B 340 -54.29 -3.90 47.71
CA HIS B 340 -55.59 -3.62 47.11
C HIS B 340 -56.61 -4.42 47.94
N PRO B 341 -57.61 -3.75 48.50
CA PRO B 341 -58.53 -4.33 49.50
C PRO B 341 -59.30 -5.55 49.02
N SER B 342 -59.65 -5.57 47.74
CA SER B 342 -60.38 -6.71 47.16
C SER B 342 -59.57 -8.00 47.27
N LEU B 343 -58.25 -7.88 47.31
CA LEU B 343 -57.40 -9.06 47.47
C LEU B 343 -57.49 -9.49 48.94
N GLY B 344 -57.51 -8.50 49.81
CA GLY B 344 -57.65 -8.75 51.23
C GLY B 344 -56.85 -7.77 52.06
N THR B 345 -56.86 -7.97 53.37
CA THR B 345 -56.08 -7.16 54.28
C THR B 345 -54.63 -7.57 54.08
N ILE B 346 -53.69 -6.76 54.53
CA ILE B 346 -52.28 -7.10 54.37
C ILE B 346 -51.92 -8.34 55.18
N ASP B 347 -52.72 -8.65 56.20
CA ASP B 347 -52.49 -9.86 56.98
C ASP B 347 -52.71 -11.08 56.10
N ASP B 348 -53.71 -11.01 55.22
CA ASP B 348 -54.03 -12.09 54.29
C ASP B 348 -52.82 -12.38 53.40
N PHE B 349 -52.16 -11.31 52.97
CA PHE B 349 -50.95 -11.43 52.16
C PHE B 349 -49.88 -12.15 52.96
N ASP B 350 -49.64 -11.67 54.18
CA ASP B 350 -48.62 -12.23 55.04
C ASP B 350 -48.91 -13.74 55.18
N ASP B 351 -50.20 -14.06 55.23
CA ASP B 351 -50.70 -15.43 55.33
C ASP B 351 -50.41 -16.17 54.03
N PHE B 352 -50.61 -15.46 52.91
CA PHE B 352 -50.37 -16.01 51.57
C PHE B 352 -48.90 -16.36 51.36
N VAL B 353 -48.02 -15.45 51.76
CA VAL B 353 -46.58 -15.68 51.67
C VAL B 353 -46.18 -16.94 52.44
N SER B 354 -46.69 -17.05 53.66
CA SER B 354 -46.34 -18.18 54.52
C SER B 354 -46.81 -19.50 53.92
N ALA B 355 -47.94 -19.48 53.21
CA ALA B 355 -48.42 -20.70 52.55
C ALA B 355 -47.40 -21.16 51.50
N ALA B 356 -46.93 -20.21 50.70
CA ALA B 356 -45.97 -20.50 49.64
C ALA B 356 -44.68 -21.02 50.27
N ARG B 357 -44.24 -20.34 51.32
CA ARG B 357 -43.01 -20.68 52.05
C ARG B 357 -43.08 -22.11 52.56
N ASP B 358 -44.29 -22.55 52.92
CA ASP B 358 -44.54 -23.91 53.41
C ASP B 358 -44.28 -24.91 52.30
N LEU B 359 -44.53 -24.50 51.06
CA LEU B 359 -44.37 -25.41 49.93
C LEU B 359 -42.97 -25.37 49.35
N GLY B 360 -42.09 -24.57 49.94
CA GLY B 360 -40.74 -24.49 49.47
C GLY B 360 -40.55 -23.38 48.45
N MET B 361 -41.58 -22.59 48.25
CA MET B 361 -41.49 -21.56 47.22
C MET B 361 -41.27 -20.20 47.86
N GLU B 362 -41.00 -19.21 47.03
CA GLU B 362 -40.73 -17.87 47.52
C GLU B 362 -41.63 -16.93 46.71
N VAL B 363 -41.98 -15.76 47.24
CA VAL B 363 -42.85 -14.86 46.51
C VAL B 363 -42.11 -13.62 46.04
N ALA B 364 -42.32 -13.32 44.76
CA ALA B 364 -41.72 -12.14 44.13
C ALA B 364 -42.79 -11.20 43.60
N LEU B 365 -42.70 -9.94 44.01
CA LEU B 365 -43.70 -8.95 43.64
C LEU B 365 -43.16 -8.01 42.56
N ASP B 366 -44.06 -7.55 41.69
CA ASP B 366 -43.67 -6.63 40.65
C ASP B 366 -43.49 -5.26 41.31
N LEU B 367 -42.34 -4.65 41.06
CA LEU B 367 -42.05 -3.32 41.57
C LEU B 367 -42.02 -2.32 40.42
N ALA B 368 -43.08 -1.54 40.31
CA ALA B 368 -43.24 -0.57 39.25
C ALA B 368 -43.31 0.85 39.79
N LEU B 369 -42.26 1.61 39.53
CA LEU B 369 -42.13 2.99 40.01
C LEU B 369 -42.83 3.90 39.02
N GLN B 370 -44.14 3.95 39.20
CA GLN B 370 -45.04 4.68 38.34
C GLN B 370 -46.20 5.09 39.23
N CYS B 371 -47.06 5.96 38.74
CA CYS B 371 -48.23 6.33 39.53
C CYS B 371 -49.43 6.51 38.62
N ALA B 372 -50.60 6.15 39.13
CA ALA B 372 -51.87 6.48 38.48
C ALA B 372 -52.26 7.86 38.97
N PRO B 373 -53.18 8.54 38.28
CA PRO B 373 -53.49 9.90 38.76
C PRO B 373 -54.05 9.87 40.19
N ASP B 374 -54.86 8.86 40.49
CA ASP B 374 -55.45 8.77 41.82
C ASP B 374 -54.42 8.42 42.90
N HIS B 375 -53.16 8.21 42.53
CA HIS B 375 -52.12 7.87 43.52
C HIS B 375 -52.01 8.98 44.55
N PRO B 376 -51.91 8.60 45.83
CA PRO B 376 -51.77 9.58 46.90
C PRO B 376 -50.65 10.59 46.66
N TRP B 377 -49.57 10.18 46.02
CA TRP B 377 -48.44 11.10 45.80
C TRP B 377 -48.86 12.26 44.89
N ALA B 378 -49.82 11.97 44.01
CA ALA B 378 -50.36 12.95 43.06
C ALA B 378 -50.89 14.13 43.84
N ARG B 379 -51.35 13.85 45.05
CA ARG B 379 -51.80 14.89 45.94
C ARG B 379 -50.73 15.18 46.99
N GLU B 380 -50.32 14.17 47.74
CA GLU B 380 -49.46 14.37 48.91
C GLU B 380 -48.13 15.08 48.60
N HIS B 381 -47.43 14.54 47.60
CA HIS B 381 -46.18 15.08 47.07
C HIS B 381 -46.10 15.28 45.55
N ARG B 382 -46.17 16.52 45.06
CA ARG B 382 -46.22 16.71 43.61
C ARG B 382 -44.90 17.17 43.01
N GLN B 383 -43.91 17.47 43.86
CA GLN B 383 -42.57 17.83 43.37
C GLN B 383 -41.99 16.67 42.55
N TRP B 384 -42.42 15.46 42.90
CA TRP B 384 -41.96 14.19 42.34
C TRP B 384 -42.36 13.91 40.90
N PHE B 385 -43.03 14.85 40.25
CA PHE B 385 -43.42 14.64 38.87
C PHE B 385 -42.84 15.71 37.95
N THR B 386 -42.89 15.42 36.66
CA THR B 386 -42.43 16.34 35.64
C THR B 386 -43.60 17.16 35.12
N GLU B 387 -43.66 18.39 35.62
CA GLU B 387 -44.79 19.29 35.40
C GLU B 387 -44.66 20.17 34.16
N LEU B 388 -45.72 20.17 33.35
CA LEU B 388 -45.71 20.91 32.09
C LEU B 388 -45.85 22.42 32.34
N PRO B 389 -45.71 23.24 31.28
CA PRO B 389 -45.92 24.69 31.46
C PRO B 389 -47.33 25.18 31.84
N ASP B 390 -48.37 24.55 31.31
CA ASP B 390 -49.75 24.94 31.63
C ASP B 390 -50.41 24.39 32.89
N GLY B 391 -49.63 23.76 33.77
CA GLY B 391 -50.20 23.34 35.04
C GLY B 391 -50.85 21.97 35.03
N THR B 392 -51.09 21.40 33.84
CA THR B 392 -51.62 20.04 33.73
C THR B 392 -50.46 19.18 34.14
N ILE B 393 -50.65 17.90 34.41
CA ILE B 393 -49.45 17.13 34.71
C ILE B 393 -49.33 16.12 33.62
N ALA B 394 -48.13 16.04 33.09
CA ALA B 394 -47.89 15.20 31.95
C ALA B 394 -47.98 13.71 32.23
N TYR B 395 -48.67 13.06 31.31
CA TYR B 395 -48.90 11.64 31.33
C TYR B 395 -47.54 11.03 31.00
N ALA B 396 -47.29 9.82 31.47
CA ALA B 396 -45.98 9.17 31.30
C ALA B 396 -45.91 9.14 29.81
N GLU B 397 -44.76 9.35 29.19
CA GLU B 397 -44.79 9.35 27.73
C GLU B 397 -43.66 8.72 26.92
N ASN B 398 -44.07 8.00 25.88
CA ASN B 398 -43.15 7.43 24.89
C ASN B 398 -43.74 7.71 23.52
N PRO B 399 -43.14 8.66 22.80
CA PRO B 399 -43.69 9.24 21.56
C PRO B 399 -43.85 8.34 20.31
N PRO B 400 -45.00 8.41 19.62
CA PRO B 400 -46.20 9.19 20.00
C PRO B 400 -47.24 8.33 20.74
N LYS B 401 -46.95 7.06 21.00
CA LYS B 401 -47.89 6.16 21.68
C LYS B 401 -48.19 6.55 23.12
N LYS B 402 -49.46 6.43 23.55
CA LYS B 402 -49.80 6.74 24.94
C LYS B 402 -50.42 5.70 25.93
N TYR B 403 -49.84 5.71 27.13
CA TYR B 403 -50.08 4.84 28.27
C TYR B 403 -50.66 5.85 29.28
N GLN B 404 -51.88 6.27 28.97
CA GLN B 404 -52.64 7.34 29.62
C GLN B 404 -52.97 7.18 31.10
N ASP B 405 -52.93 5.96 31.62
CA ASP B 405 -53.31 5.68 33.00
C ASP B 405 -52.21 5.91 34.03
N ILE B 406 -51.04 6.39 33.61
CA ILE B 406 -49.96 6.59 34.58
C ILE B 406 -49.10 7.86 34.45
N TYR B 407 -48.40 8.18 35.54
CA TYR B 407 -47.51 9.34 35.65
C TYR B 407 -46.04 8.89 35.79
N PRO B 408 -45.13 9.48 35.00
CA PRO B 408 -43.71 9.18 35.18
C PRO B 408 -43.18 9.87 36.43
N LEU B 409 -42.23 9.29 37.15
CA LEU B 409 -41.71 10.04 38.27
C LEU B 409 -40.67 11.03 37.75
N ASN B 410 -40.30 12.01 38.57
CA ASN B 410 -39.23 12.92 38.20
C ASN B 410 -38.14 12.85 39.24
N PHE B 411 -36.99 12.31 38.88
CA PHE B 411 -35.96 12.05 39.87
C PHE B 411 -35.03 13.22 40.10
N ASP B 412 -35.23 14.32 39.36
CA ASP B 412 -34.31 15.45 39.50
C ASP B 412 -34.81 16.57 40.41
N ASN B 413 -36.12 16.83 40.44
CA ASN B 413 -36.63 17.89 41.32
C ASN B 413 -36.38 17.65 42.80
N ASP B 414 -36.76 16.48 43.28
CA ASP B 414 -36.59 16.14 44.69
C ASP B 414 -35.98 14.76 44.85
N PRO B 415 -34.67 14.64 44.59
CA PRO B 415 -34.03 13.32 44.60
C PRO B 415 -34.08 12.64 45.98
N GLU B 416 -33.42 13.21 46.99
CA GLU B 416 -33.34 12.56 48.29
C GLU B 416 -34.72 12.44 48.94
N GLY B 417 -35.65 13.24 48.44
CA GLY B 417 -37.04 13.16 48.85
C GLY B 417 -37.65 11.88 48.36
N LEU B 418 -37.56 11.64 47.06
CA LEU B 418 -38.12 10.42 46.47
C LEU B 418 -37.30 9.17 46.83
N TYR B 419 -35.97 9.30 46.81
CA TYR B 419 -35.09 8.17 47.15
C TYR B 419 -35.47 7.52 48.47
N ASP B 420 -35.59 8.33 49.52
CA ASP B 420 -35.89 7.83 50.86
C ASP B 420 -37.28 7.22 50.98
N GLU B 421 -38.24 7.76 50.24
CA GLU B 421 -39.59 7.20 50.28
C GLU B 421 -39.65 5.84 49.58
N VAL B 422 -39.05 5.75 48.40
CA VAL B 422 -39.07 4.48 47.66
C VAL B 422 -38.33 3.39 48.44
N LEU B 423 -37.23 3.76 49.09
CA LEU B 423 -36.49 2.85 49.95
C LEU B 423 -37.37 2.35 51.10
N ARG B 424 -38.17 3.27 51.64
CA ARG B 424 -39.08 2.98 52.75
C ARG B 424 -40.07 1.91 52.28
N VAL B 425 -40.61 2.12 51.07
CA VAL B 425 -41.63 1.24 50.49
C VAL B 425 -41.06 -0.16 50.24
N VAL B 426 -39.87 -0.21 49.63
CA VAL B 426 -39.25 -1.49 49.35
C VAL B 426 -39.02 -2.20 50.68
N GLN B 427 -38.59 -1.43 51.69
CA GLN B 427 -38.34 -1.99 53.02
C GLN B 427 -39.60 -2.53 53.65
N HIS B 428 -40.75 -1.95 53.29
CA HIS B 428 -42.02 -2.35 53.86
C HIS B 428 -42.28 -3.83 53.56
N TRP B 429 -42.20 -4.16 52.27
CA TRP B 429 -42.49 -5.53 51.83
C TRP B 429 -41.40 -6.50 52.24
N VAL B 430 -40.18 -6.01 52.32
CA VAL B 430 -39.07 -6.80 52.81
C VAL B 430 -39.40 -7.30 54.23
N ASN B 431 -40.00 -6.41 55.02
CA ASN B 431 -40.40 -6.76 56.38
C ASN B 431 -41.54 -7.77 56.39
N HIS B 432 -42.19 -7.96 55.24
CA HIS B 432 -43.26 -8.94 55.13
C HIS B 432 -42.91 -10.24 54.38
N GLY B 433 -41.61 -10.53 54.27
CA GLY B 433 -41.17 -11.82 53.76
C GLY B 433 -40.93 -11.85 52.27
N VAL B 434 -41.00 -10.68 51.63
CA VAL B 434 -40.76 -10.61 50.19
C VAL B 434 -39.32 -10.23 49.92
N LYS B 435 -38.56 -11.18 49.38
CA LYS B 435 -37.14 -10.96 49.16
C LYS B 435 -36.71 -11.16 47.72
N PHE B 436 -37.67 -11.00 46.80
CA PHE B 436 -37.36 -10.94 45.38
C PHE B 436 -38.25 -9.93 44.67
N PHE B 437 -37.63 -8.97 44.00
CA PHE B 437 -38.40 -7.93 43.33
C PHE B 437 -38.20 -7.86 41.81
N ARG B 438 -39.32 -7.73 41.10
CA ARG B 438 -39.29 -7.54 39.66
C ARG B 438 -39.36 -6.07 39.30
N VAL B 439 -38.20 -5.43 39.16
CA VAL B 439 -38.18 -4.01 38.83
C VAL B 439 -38.77 -3.80 37.45
N ASP B 440 -39.65 -2.82 37.28
CA ASP B 440 -40.44 -2.79 36.05
C ASP B 440 -39.95 -1.66 35.16
N ASN B 441 -39.60 -2.04 33.93
CA ASN B 441 -39.10 -1.11 32.93
C ASN B 441 -37.98 -0.23 33.53
N PRO B 442 -36.96 -0.87 34.15
CA PRO B 442 -35.94 -0.12 34.91
C PRO B 442 -35.12 0.85 34.08
N HIS B 443 -35.07 0.62 32.76
CA HIS B 443 -34.25 1.43 31.87
C HIS B 443 -34.83 2.83 31.65
N THR B 444 -36.06 3.06 32.13
CA THR B 444 -36.69 4.38 31.99
C THR B 444 -36.57 5.19 33.28
N LYS B 445 -35.69 4.73 34.17
CA LYS B 445 -35.41 5.45 35.40
C LYS B 445 -33.89 5.60 35.51
N PRO B 446 -33.41 6.60 36.27
CA PRO B 446 -31.95 6.83 36.33
C PRO B 446 -31.14 5.64 36.87
N PRO B 447 -30.03 5.30 36.20
CA PRO B 447 -29.11 4.23 36.60
C PRO B 447 -28.57 4.36 38.01
N ASN B 448 -28.10 5.56 38.37
CA ASN B 448 -27.44 5.74 39.66
C ASN B 448 -28.41 5.46 40.79
N PHE B 449 -29.69 5.72 40.51
CA PHE B 449 -30.75 5.46 41.45
C PHE B 449 -30.74 3.98 41.76
N TRP B 450 -30.80 3.18 40.69
CA TRP B 450 -30.82 1.74 40.85
C TRP B 450 -29.58 1.29 41.60
N ALA B 451 -28.43 1.84 41.23
CA ALA B 451 -27.19 1.48 41.89
C ALA B 451 -27.30 1.79 43.38
N TRP B 452 -27.91 2.92 43.70
CA TRP B 452 -28.09 3.29 45.10
C TRP B 452 -29.12 2.44 45.82
N LEU B 453 -30.30 2.32 45.21
CA LEU B 453 -31.43 1.61 45.82
C LEU B 453 -31.07 0.16 46.09
N ILE B 454 -30.46 -0.45 45.08
CA ILE B 454 -30.04 -1.85 45.12
C ILE B 454 -29.01 -2.05 46.24
N ALA B 455 -27.97 -1.21 46.28
CA ALA B 455 -26.90 -1.32 47.26
C ALA B 455 -27.40 -1.03 48.67
N GLN B 456 -28.33 -0.10 48.75
CA GLN B 456 -28.94 0.30 50.01
C GLN B 456 -29.75 -0.79 50.68
N VAL B 457 -30.60 -1.48 49.92
CA VAL B 457 -31.37 -2.54 50.53
C VAL B 457 -30.54 -3.74 51.02
N LYS B 458 -29.66 -4.30 50.19
CA LYS B 458 -28.93 -5.49 50.63
C LYS B 458 -27.96 -5.29 51.79
N THR B 459 -27.49 -4.07 52.00
CA THR B 459 -26.55 -3.94 53.09
C THR B 459 -27.22 -4.12 54.46
N VAL B 460 -28.45 -3.67 54.64
CA VAL B 460 -29.13 -4.00 55.90
C VAL B 460 -29.53 -5.48 55.87
N ASP B 461 -30.14 -5.95 54.76
CA ASP B 461 -30.49 -7.36 54.56
C ASP B 461 -30.06 -7.83 53.15
N PRO B 462 -29.04 -8.69 53.09
CA PRO B 462 -28.37 -9.11 51.84
C PRO B 462 -29.00 -10.22 51.03
N ASP B 463 -30.15 -10.74 51.44
CA ASP B 463 -30.74 -11.84 50.70
C ASP B 463 -31.82 -11.35 49.73
N VAL B 464 -31.95 -10.04 49.58
CA VAL B 464 -32.93 -9.46 48.67
C VAL B 464 -32.35 -9.35 47.26
N LEU B 465 -33.09 -9.84 46.28
CA LEU B 465 -32.60 -9.91 44.90
C LEU B 465 -33.50 -9.18 43.93
N PHE B 466 -32.89 -8.68 42.87
CA PHE B 466 -33.61 -7.87 41.90
C PHE B 466 -33.51 -8.45 40.50
N LEU B 467 -34.63 -8.40 39.80
CA LEU B 467 -34.76 -8.82 38.43
C LEU B 467 -35.13 -7.64 37.54
N SER B 468 -34.35 -7.42 36.47
CA SER B 468 -34.55 -6.25 35.61
C SER B 468 -35.25 -6.59 34.31
N GLU B 469 -36.45 -6.01 34.15
CA GLU B 469 -37.23 -6.19 32.95
C GLU B 469 -36.75 -5.16 31.94
N ALA B 470 -35.52 -5.31 31.44
CA ALA B 470 -35.01 -4.32 30.51
C ALA B 470 -34.96 -4.85 29.08
N PHE B 471 -36.02 -4.60 28.31
CA PHE B 471 -36.03 -4.94 26.89
C PHE B 471 -35.50 -3.71 26.19
N THR B 472 -34.19 -3.65 26.05
CA THR B 472 -33.53 -2.44 25.58
C THR B 472 -32.25 -2.84 24.87
N PRO B 473 -31.69 -1.94 24.04
CA PRO B 473 -30.46 -2.30 23.33
C PRO B 473 -29.34 -2.71 24.28
N PRO B 474 -28.32 -3.44 23.79
CA PRO B 474 -27.32 -4.11 24.62
C PRO B 474 -26.66 -3.23 25.68
N ALA B 475 -26.10 -2.09 25.27
CA ALA B 475 -25.30 -1.25 26.15
C ALA B 475 -26.06 -0.91 27.45
N ARG B 476 -27.37 -0.74 27.32
CA ARG B 476 -28.24 -0.50 28.48
C ARG B 476 -28.60 -1.80 29.19
N GLN B 477 -29.01 -2.80 28.40
CA GLN B 477 -29.47 -4.08 28.95
C GLN B 477 -28.40 -4.76 29.80
N TYR B 478 -27.22 -4.94 29.20
CA TYR B 478 -26.10 -5.59 29.89
C TYR B 478 -25.50 -4.60 30.89
N GLY B 479 -25.68 -3.31 30.60
CA GLY B 479 -25.16 -2.26 31.46
C GLY B 479 -25.81 -2.31 32.83
N LEU B 480 -27.13 -2.48 32.83
CA LEU B 480 -27.97 -2.54 34.03
C LEU B 480 -27.59 -3.67 34.96
N ALA B 481 -27.21 -4.79 34.36
CA ALA B 481 -26.79 -5.98 35.08
C ALA B 481 -25.56 -5.63 35.89
N LYS B 482 -24.68 -4.88 35.27
CA LYS B 482 -23.41 -4.52 35.88
C LYS B 482 -23.64 -3.80 37.22
N LEU B 483 -24.67 -2.94 37.32
CA LEU B 483 -24.85 -2.15 38.54
C LEU B 483 -25.47 -2.88 39.73
N GLY B 484 -25.85 -4.14 39.59
CA GLY B 484 -26.23 -4.89 40.76
C GLY B 484 -27.40 -5.83 40.59
N PHE B 485 -28.11 -5.72 39.48
CA PHE B 485 -29.25 -6.59 39.26
C PHE B 485 -28.87 -8.06 39.21
N THR B 486 -29.49 -8.83 40.11
CA THR B 486 -29.15 -10.24 40.25
C THR B 486 -29.55 -11.01 38.99
N GLN B 487 -30.67 -10.61 38.35
CA GLN B 487 -31.07 -11.19 37.07
C GLN B 487 -31.60 -10.15 36.08
N SER B 488 -31.61 -10.51 34.80
CA SER B 488 -32.14 -9.68 33.70
C SER B 488 -32.88 -10.46 32.66
N TYR B 489 -33.93 -9.86 32.13
CA TYR B 489 -34.64 -10.42 30.99
C TYR B 489 -33.71 -10.41 29.77
N SER B 490 -34.08 -11.14 28.73
CA SER B 490 -33.22 -11.24 27.56
C SER B 490 -34.02 -11.13 26.26
N TYR B 491 -33.31 -11.17 25.13
CA TYR B 491 -33.95 -11.08 23.83
C TYR B 491 -34.43 -12.46 23.41
N PHE B 492 -34.49 -13.38 24.37
CA PHE B 492 -34.66 -14.80 24.06
C PHE B 492 -35.87 -15.11 23.18
N THR B 493 -36.97 -14.43 23.46
CA THR B 493 -38.23 -14.74 22.80
C THR B 493 -38.17 -14.59 21.27
N TRP B 494 -37.32 -13.67 20.79
CA TRP B 494 -37.25 -13.33 19.37
C TRP B 494 -36.06 -14.01 18.72
N ARG B 495 -35.54 -15.04 19.38
CA ARG B 495 -34.53 -15.90 18.80
C ARG B 495 -35.15 -17.26 18.48
N THR B 496 -35.29 -17.57 17.19
CA THR B 496 -35.95 -18.80 16.79
C THR B 496 -35.26 -19.60 15.68
N THR B 497 -34.09 -19.17 15.23
CA THR B 497 -33.41 -19.96 14.21
C THR B 497 -32.19 -20.60 14.83
N LYS B 498 -31.72 -21.67 14.21
CA LYS B 498 -30.61 -22.45 14.74
C LYS B 498 -29.42 -21.52 15.01
N TRP B 499 -29.20 -20.60 14.07
CA TRP B 499 -28.07 -19.69 14.20
C TRP B 499 -28.27 -18.59 15.23
N GLU B 500 -29.49 -18.09 15.36
CA GLU B 500 -29.74 -17.12 16.42
C GLU B 500 -29.53 -17.79 17.75
N LEU B 501 -30.16 -18.95 17.90
CA LEU B 501 -30.07 -19.70 19.14
C LEU B 501 -28.67 -20.21 19.48
N THR B 502 -27.92 -20.67 18.47
CA THR B 502 -26.57 -21.16 18.74
C THR B 502 -25.66 -20.07 19.31
N GLU B 503 -25.65 -18.91 18.66
CA GLU B 503 -24.80 -17.80 19.09
C GLU B 503 -25.34 -17.32 20.44
N PHE B 504 -26.68 -17.25 20.52
CA PHE B 504 -27.35 -16.84 21.75
C PHE B 504 -27.01 -17.75 22.91
N GLY B 505 -26.97 -19.06 22.68
CA GLY B 505 -26.66 -20.02 23.71
C GLY B 505 -25.25 -19.77 24.20
N ASN B 506 -24.31 -19.63 23.27
CA ASN B 506 -22.93 -19.36 23.63
C ASN B 506 -22.89 -18.01 24.38
N GLN B 507 -23.77 -17.08 23.98
CA GLN B 507 -23.79 -15.74 24.56
C GLN B 507 -24.20 -15.82 26.03
N ILE B 508 -24.93 -16.87 26.35
CA ILE B 508 -25.52 -17.04 27.67
C ILE B 508 -24.88 -18.28 28.26
N ALA B 509 -23.76 -18.14 28.96
CA ALA B 509 -22.96 -16.95 29.09
C ALA B 509 -21.58 -17.61 29.21
N GLU B 510 -20.40 -17.00 29.03
CA GLU B 510 -19.99 -15.69 28.49
C GLU B 510 -20.20 -14.58 29.49
N LEU B 511 -21.40 -14.01 29.52
CA LEU B 511 -21.65 -12.83 30.35
C LEU B 511 -21.90 -13.22 31.81
N ALA B 512 -21.61 -14.48 32.11
CA ALA B 512 -21.89 -15.05 33.42
C ALA B 512 -21.16 -14.35 34.54
N ASP B 513 -19.99 -13.78 34.27
CA ASP B 513 -19.25 -13.17 35.37
C ASP B 513 -20.03 -11.99 35.97
N TYR B 514 -20.91 -11.36 35.19
CA TYR B 514 -21.72 -10.28 35.74
C TYR B 514 -23.21 -10.34 35.36
N ARG B 515 -23.59 -11.19 34.42
CA ARG B 515 -25.03 -11.29 34.15
C ARG B 515 -25.52 -12.76 34.24
N ARG B 516 -26.62 -12.94 34.98
CA ARG B 516 -27.38 -14.18 35.08
C ARG B 516 -28.73 -13.88 34.41
N PRO B 517 -29.03 -14.59 33.31
CA PRO B 517 -30.28 -14.34 32.58
C PRO B 517 -31.47 -15.17 33.04
N ASN B 518 -32.65 -14.56 33.03
CA ASN B 518 -33.91 -15.27 33.26
C ASN B 518 -34.71 -15.43 31.98
N LEU B 519 -34.84 -16.66 31.52
CA LEU B 519 -35.42 -16.91 30.20
C LEU B 519 -36.92 -17.14 30.33
N PHE B 520 -37.72 -16.19 29.85
CA PHE B 520 -39.16 -16.29 29.96
C PHE B 520 -39.73 -16.74 28.63
N VAL B 521 -40.52 -17.80 28.67
CA VAL B 521 -41.12 -18.34 27.46
C VAL B 521 -42.17 -17.37 26.90
N ASN B 522 -42.90 -16.74 27.82
CA ASN B 522 -43.86 -15.70 27.48
C ASN B 522 -44.02 -14.70 28.63
N THR B 523 -44.59 -13.54 28.33
CA THR B 523 -44.98 -12.57 29.34
C THR B 523 -46.34 -12.10 28.85
N PRO B 524 -47.10 -11.44 29.72
CA PRO B 524 -48.43 -10.93 29.31
C PRO B 524 -48.38 -10.06 28.06
N ASP B 525 -47.24 -9.39 27.83
CA ASP B 525 -47.10 -8.53 26.67
C ASP B 525 -46.54 -9.20 25.40
N ILE B 526 -45.95 -10.39 25.52
CA ILE B 526 -45.28 -11.05 24.38
C ILE B 526 -45.67 -12.53 24.05
N LEU B 527 -46.44 -12.74 22.99
CA LEU B 527 -46.72 -14.09 22.50
C LEU B 527 -46.13 -14.16 21.09
N HIS B 528 -44.91 -14.67 21.00
CA HIS B 528 -44.15 -14.63 19.76
C HIS B 528 -44.90 -15.38 18.69
N ALA B 529 -44.70 -14.92 17.46
CA ALA B 529 -45.38 -15.41 16.27
C ALA B 529 -45.20 -16.92 16.13
N VAL B 530 -44.04 -17.41 16.49
CA VAL B 530 -43.72 -18.81 16.28
C VAL B 530 -44.73 -19.66 17.10
N LEU B 531 -45.20 -19.16 18.25
CA LEU B 531 -46.23 -19.86 19.03
C LEU B 531 -47.59 -19.79 18.33
N GLN B 532 -47.79 -18.71 17.59
CA GLN B 532 -49.05 -18.45 16.88
C GLN B 532 -49.40 -19.48 15.79
N HIS B 533 -48.41 -19.97 15.03
CA HIS B 533 -48.81 -20.81 13.90
C HIS B 533 -48.26 -22.25 13.90
N ASN B 534 -47.38 -22.56 14.85
CA ASN B 534 -46.77 -23.88 14.85
C ASN B 534 -47.49 -24.89 15.76
N GLY B 535 -48.57 -24.46 16.42
CA GLY B 535 -49.41 -25.41 17.14
C GLY B 535 -48.78 -25.86 18.45
N PRO B 536 -49.49 -26.74 19.18
CA PRO B 536 -49.17 -27.10 20.57
C PRO B 536 -47.77 -27.70 20.72
N GLY B 537 -47.24 -28.21 19.61
CA GLY B 537 -45.92 -28.80 19.57
C GLY B 537 -44.83 -27.82 19.99
N MET B 538 -44.93 -26.61 19.45
CA MET B 538 -43.92 -25.57 19.62
C MET B 538 -43.77 -25.16 21.07
N PHE B 539 -44.90 -25.13 21.78
CA PHE B 539 -44.88 -24.71 23.18
C PHE B 539 -43.95 -25.58 24.00
N ALA B 540 -43.88 -26.86 23.66
CA ALA B 540 -42.95 -27.79 24.29
C ALA B 540 -41.51 -27.34 23.98
N ILE B 541 -41.28 -27.03 22.71
CA ILE B 541 -39.94 -26.73 22.21
C ILE B 541 -39.31 -25.53 22.92
N ARG B 542 -40.10 -24.47 23.08
CA ARG B 542 -39.60 -23.27 23.74
C ARG B 542 -39.31 -23.58 25.21
N ALA B 543 -40.18 -24.39 25.81
CA ALA B 543 -40.03 -24.80 27.21
C ALA B 543 -38.73 -25.58 27.39
N VAL B 544 -38.43 -26.47 26.45
CA VAL B 544 -37.21 -27.27 26.51
C VAL B 544 -36.00 -26.35 26.40
N LEU B 545 -36.10 -25.37 25.51
CA LEU B 545 -35.02 -24.44 25.26
C LEU B 545 -34.76 -23.53 26.46
N ALA B 546 -35.83 -22.96 27.01
CA ALA B 546 -35.67 -22.04 28.12
C ALA B 546 -35.11 -22.77 29.33
N ALA B 547 -35.72 -23.90 29.65
CA ALA B 547 -35.38 -24.67 30.84
C ALA B 547 -33.93 -25.17 30.80
N THR B 548 -33.51 -25.65 29.63
CA THR B 548 -32.17 -26.21 29.45
C THR B 548 -31.04 -25.18 29.27
N MET B 549 -31.26 -24.17 28.45
CA MET B 549 -30.22 -23.18 28.17
C MET B 549 -29.80 -22.43 29.43
N SER B 550 -30.76 -22.10 30.31
CA SER B 550 -30.44 -21.33 31.51
C SER B 550 -30.85 -22.02 32.81
N PRO B 551 -30.06 -21.82 33.89
CA PRO B 551 -30.41 -22.31 35.22
C PRO B 551 -31.71 -21.62 35.65
N ALA B 552 -31.88 -20.39 35.22
CA ALA B 552 -33.08 -19.64 35.57
C ALA B 552 -33.93 -19.41 34.33
N TRP B 553 -35.19 -19.82 34.43
CA TRP B 553 -36.17 -19.68 33.34
C TRP B 553 -37.53 -19.34 33.96
N GLY B 554 -38.50 -18.97 33.14
CA GLY B 554 -39.77 -18.56 33.69
C GLY B 554 -40.93 -18.73 32.74
N MET B 555 -42.13 -18.69 33.30
CA MET B 555 -43.34 -18.85 32.52
C MET B 555 -44.55 -18.05 33.00
N TYR B 556 -45.32 -17.51 32.05
CA TYR B 556 -46.52 -16.76 32.39
C TYR B 556 -47.78 -17.66 32.32
N CYS B 557 -48.69 -17.48 33.28
CA CYS B 557 -49.88 -18.33 33.45
C CYS B 557 -50.67 -18.52 32.14
N GLY B 558 -51.28 -19.70 31.97
CA GLY B 558 -52.07 -19.97 30.78
C GLY B 558 -51.27 -20.52 29.62
N TYR B 559 -49.96 -20.45 29.75
CA TYR B 559 -49.04 -20.99 28.77
C TYR B 559 -49.36 -22.49 28.75
N GLU B 560 -49.65 -23.03 29.95
CA GLU B 560 -49.93 -24.44 30.13
C GLU B 560 -51.21 -24.88 29.42
N LEU B 561 -52.00 -23.91 28.97
CA LEU B 561 -53.23 -24.21 28.25
C LEU B 561 -53.06 -24.07 26.75
N PHE B 562 -51.84 -23.76 26.33
CA PHE B 562 -51.52 -23.60 24.91
C PHE B 562 -52.22 -22.35 24.35
N GLU B 563 -52.43 -21.35 25.20
CA GLU B 563 -53.04 -20.11 24.76
C GLU B 563 -52.16 -19.49 23.69
N HIS B 564 -52.69 -19.40 22.48
CA HIS B 564 -51.89 -19.06 21.31
C HIS B 564 -52.53 -18.01 20.41
N ARG B 565 -53.55 -17.35 20.93
CA ARG B 565 -54.31 -16.40 20.14
C ARG B 565 -53.94 -14.95 20.49
N ALA B 566 -53.53 -14.19 19.48
CA ALA B 566 -53.12 -12.80 19.66
C ALA B 566 -54.32 -11.95 19.27
N VAL B 567 -54.35 -10.68 19.68
CA VAL B 567 -55.54 -9.87 19.45
C VAL B 567 -55.84 -9.75 17.95
N ARG B 568 -54.80 -9.53 17.16
CA ARG B 568 -54.92 -9.50 15.71
C ARG B 568 -53.58 -9.99 15.18
N GLU B 569 -53.57 -10.50 13.96
CA GLU B 569 -52.32 -10.98 13.38
C GLU B 569 -51.30 -9.85 13.29
N GLY B 570 -50.06 -10.19 13.60
CA GLY B 570 -48.95 -9.26 13.57
C GLY B 570 -48.74 -8.47 14.85
N SER B 571 -49.49 -8.79 15.89
CA SER B 571 -49.33 -8.10 17.16
C SER B 571 -48.73 -9.12 18.14
N GLU B 572 -48.16 -8.66 19.25
CA GLU B 572 -47.64 -9.61 20.23
C GLU B 572 -48.38 -9.58 21.56
N GLU B 573 -49.59 -9.03 21.56
CA GLU B 573 -50.43 -8.92 22.75
C GLU B 573 -51.55 -9.94 22.77
N TYR B 574 -51.74 -10.53 23.95
CA TYR B 574 -52.70 -11.59 24.16
C TYR B 574 -54.10 -11.05 23.92
N LEU B 575 -54.88 -11.78 23.11
CA LEU B 575 -56.27 -11.39 22.85
C LEU B 575 -57.08 -11.48 24.15
N ASP B 576 -57.93 -10.48 24.41
CA ASP B 576 -58.72 -10.45 25.63
C ASP B 576 -57.74 -10.49 26.78
N SER B 577 -56.72 -9.65 26.68
CA SER B 577 -55.58 -9.70 27.58
C SER B 577 -55.97 -9.67 29.06
N GLU B 578 -55.21 -10.44 29.83
CA GLU B 578 -55.39 -10.61 31.26
C GLU B 578 -55.16 -9.34 32.06
N LYS B 579 -54.47 -8.38 31.47
CA LYS B 579 -54.17 -7.12 32.16
C LYS B 579 -55.47 -6.38 32.45
N TYR B 580 -56.38 -6.45 31.48
CA TYR B 580 -57.64 -5.68 31.51
C TYR B 580 -58.88 -6.45 31.92
N GLU B 581 -58.78 -7.77 32.03
CA GLU B 581 -59.98 -8.55 32.24
C GLU B 581 -59.76 -9.69 33.23
N LEU B 582 -60.83 -10.13 33.89
CA LEU B 582 -60.68 -11.29 34.74
C LEU B 582 -60.77 -12.56 33.93
N ARG B 583 -59.82 -13.46 34.10
CA ARG B 583 -59.90 -14.71 33.36
C ARG B 583 -59.56 -15.88 34.28
N PRO B 584 -60.56 -16.39 35.00
CA PRO B 584 -60.28 -17.64 35.73
C PRO B 584 -60.14 -18.78 34.73
N ARG B 585 -59.28 -19.73 35.06
CA ARG B 585 -59.04 -20.87 34.19
C ARG B 585 -59.20 -22.15 34.97
N ASP B 586 -59.57 -23.21 34.26
CA ASP B 586 -59.80 -24.49 34.90
C ASP B 586 -58.74 -25.49 34.42
N PHE B 587 -57.61 -25.51 35.12
CA PHE B 587 -56.48 -26.33 34.70
C PHE B 587 -56.82 -27.81 34.82
N ALA B 588 -57.61 -28.16 35.84
CA ALA B 588 -57.91 -29.55 36.14
C ALA B 588 -58.60 -30.22 34.95
N SER B 589 -59.62 -29.55 34.40
CA SER B 589 -60.38 -30.10 33.28
C SER B 589 -59.49 -30.32 32.07
N ALA B 590 -58.54 -29.41 31.86
CA ALA B 590 -57.62 -29.50 30.72
C ALA B 590 -56.80 -30.77 30.84
N LEU B 591 -56.41 -31.05 32.07
CA LEU B 591 -55.67 -32.26 32.40
C LEU B 591 -56.49 -33.49 32.05
N ASP B 592 -57.77 -33.46 32.40
CA ASP B 592 -58.67 -34.59 32.20
C ASP B 592 -58.91 -34.84 30.71
N GLN B 593 -59.01 -33.77 29.92
CA GLN B 593 -59.24 -33.96 28.50
C GLN B 593 -57.90 -34.01 27.76
N GLY B 594 -56.81 -34.11 28.51
CA GLY B 594 -55.50 -34.25 27.93
C GLY B 594 -55.00 -33.18 26.98
N ARG B 595 -55.34 -31.92 27.25
CA ARG B 595 -54.86 -30.80 26.44
C ARG B 595 -54.05 -29.78 27.26
N SER B 596 -53.25 -30.30 28.20
CA SER B 596 -52.41 -29.46 29.05
C SER B 596 -50.96 -29.91 29.01
N LEU B 597 -50.05 -28.93 29.03
CA LEU B 597 -48.63 -29.22 28.97
C LEU B 597 -48.04 -29.22 30.38
N GLN B 598 -48.92 -29.22 31.36
CA GLN B 598 -48.51 -29.24 32.77
C GLN B 598 -47.65 -30.46 33.19
N PRO B 599 -48.02 -31.67 32.76
CA PRO B 599 -47.17 -32.81 33.13
C PRO B 599 -45.75 -32.68 32.59
N PHE B 600 -45.63 -32.31 31.31
CA PHE B 600 -44.34 -32.22 30.64
C PHE B 600 -43.42 -31.22 31.33
N ILE B 601 -43.97 -30.05 31.63
CA ILE B 601 -43.20 -28.97 32.28
C ILE B 601 -42.70 -29.48 33.63
N THR B 602 -43.55 -30.24 34.31
CA THR B 602 -43.20 -30.82 35.59
C THR B 602 -41.99 -31.73 35.34
N ARG B 603 -42.06 -32.54 34.29
CA ARG B 603 -40.98 -33.48 34.00
C ARG B 603 -39.72 -32.70 33.66
N LEU B 604 -39.90 -31.55 33.02
CA LEU B 604 -38.76 -30.69 32.70
C LEU B 604 -38.13 -30.12 33.96
N ASN B 605 -39.00 -29.61 34.84
CA ASN B 605 -38.52 -28.99 36.07
C ASN B 605 -37.88 -30.01 37.04
N ILE B 606 -38.40 -31.24 37.10
CA ILE B 606 -37.79 -32.28 37.95
C ILE B 606 -36.35 -32.62 37.52
N ILE B 607 -36.17 -32.71 36.21
CA ILE B 607 -34.88 -33.05 35.60
C ILE B 607 -33.74 -32.07 35.89
N ARG B 608 -34.04 -30.78 35.81
CA ARG B 608 -33.08 -29.74 36.12
C ARG B 608 -32.63 -29.87 37.57
N ARG B 609 -33.59 -30.11 38.47
CA ARG B 609 -33.28 -30.28 39.89
C ARG B 609 -32.46 -31.56 40.05
N LEU B 610 -32.79 -32.55 39.23
CA LEU B 610 -32.13 -33.85 39.31
C LEU B 610 -30.65 -33.74 38.91
N HIS B 611 -30.36 -32.97 37.86
CA HIS B 611 -28.99 -32.84 37.36
C HIS B 611 -28.41 -31.46 37.62
N PRO B 612 -27.40 -31.38 38.50
CA PRO B 612 -26.78 -30.11 38.93
C PRO B 612 -26.02 -29.46 37.79
N ALA B 613 -25.89 -30.19 36.68
CA ALA B 613 -25.23 -29.66 35.49
C ALA B 613 -26.05 -28.49 34.98
N PHE B 614 -27.36 -28.58 35.18
CA PHE B 614 -28.31 -27.59 34.69
C PHE B 614 -28.32 -26.31 35.53
N GLN B 615 -27.59 -26.31 36.63
CA GLN B 615 -27.50 -25.08 37.41
C GLN B 615 -26.30 -24.24 37.02
N GLN B 616 -25.59 -24.65 35.98
CA GLN B 616 -24.41 -23.90 35.57
C GLN B 616 -24.70 -22.94 34.41
N LEU B 617 -24.09 -21.76 34.47
CA LEU B 617 -24.15 -20.81 33.37
C LEU B 617 -23.03 -21.03 32.37
N ARG B 618 -21.83 -21.18 32.91
CA ARG B 618 -20.59 -21.14 32.14
C ARG B 618 -20.39 -22.29 31.15
N THR B 619 -20.88 -23.47 31.49
CA THR B 619 -20.38 -24.66 30.82
C THR B 619 -21.20 -25.13 29.61
N ILE B 620 -22.13 -24.32 29.13
CA ILE B 620 -22.90 -24.73 27.96
C ILE B 620 -21.93 -24.89 26.78
N HIS B 621 -22.08 -25.96 26.01
CA HIS B 621 -21.26 -26.17 24.83
C HIS B 621 -22.08 -26.82 23.71
N PHE B 622 -21.94 -26.33 22.48
CA PHE B 622 -22.77 -26.78 21.36
C PHE B 622 -22.03 -27.79 20.47
N HIS B 623 -22.72 -28.87 20.15
CA HIS B 623 -22.15 -29.94 19.34
C HIS B 623 -22.80 -29.93 17.97
N HIS B 624 -22.07 -30.39 16.95
CA HIS B 624 -22.53 -30.27 15.57
C HIS B 624 -23.56 -31.33 15.18
N VAL B 625 -24.67 -30.87 14.62
CA VAL B 625 -25.67 -31.75 13.99
C VAL B 625 -26.00 -31.29 12.59
N ASP B 626 -25.78 -32.16 11.60
CA ASP B 626 -25.94 -31.76 10.21
C ASP B 626 -27.42 -31.70 9.81
N ASN B 627 -28.19 -30.90 10.56
CA ASN B 627 -29.56 -30.59 10.16
C ASN B 627 -29.93 -29.20 10.64
N ASP B 628 -30.45 -28.38 9.73
CA ASP B 628 -30.76 -26.99 10.04
C ASP B 628 -31.89 -26.91 11.06
N ALA B 629 -32.65 -28.00 11.17
CA ALA B 629 -33.82 -28.04 12.04
C ALA B 629 -33.52 -28.67 13.40
N LEU B 630 -32.29 -29.11 13.61
CA LEU B 630 -31.93 -29.77 14.85
C LEU B 630 -30.86 -29.04 15.63
N LEU B 631 -31.06 -28.91 16.94
CA LEU B 631 -30.10 -28.20 17.78
C LEU B 631 -29.62 -29.08 18.95
N ALA B 632 -28.31 -29.23 19.08
CA ALA B 632 -27.75 -30.07 20.15
C ALA B 632 -26.64 -29.40 20.94
N TYR B 633 -26.80 -29.34 22.26
CA TYR B 633 -25.83 -28.69 23.13
C TYR B 633 -25.72 -29.46 24.44
N SER B 634 -24.63 -29.26 25.16
CA SER B 634 -24.42 -30.00 26.41
C SER B 634 -23.93 -29.11 27.53
N LYS B 635 -24.27 -29.49 28.75
CA LYS B 635 -23.84 -28.80 29.96
C LYS B 635 -23.27 -29.81 30.93
N PHE B 636 -22.34 -29.38 31.77
CA PHE B 636 -21.81 -30.25 32.82
C PHE B 636 -21.60 -29.49 34.12
N ASP B 637 -21.47 -30.23 35.22
CA ASP B 637 -21.24 -29.61 36.53
C ASP B 637 -19.81 -29.92 36.99
N PRO B 638 -19.00 -28.87 37.20
CA PRO B 638 -17.61 -28.94 37.67
C PRO B 638 -17.47 -29.71 38.98
N ALA B 639 -18.49 -29.62 39.83
CA ALA B 639 -18.46 -30.24 41.14
C ALA B 639 -18.61 -31.76 41.05
N THR B 640 -19.79 -32.21 40.65
CA THR B 640 -20.09 -33.63 40.71
C THR B 640 -19.61 -34.36 39.46
N GLY B 641 -19.27 -33.59 38.43
CA GLY B 641 -18.83 -34.18 37.18
C GLY B 641 -20.04 -34.58 36.34
N ASP B 642 -21.24 -34.33 36.85
CA ASP B 642 -22.47 -34.63 36.12
C ASP B 642 -22.43 -34.00 34.74
N CYS B 643 -22.96 -34.70 33.74
CA CYS B 643 -22.93 -34.19 32.38
C CYS B 643 -24.17 -34.57 31.60
N VAL B 644 -24.73 -33.58 30.91
CA VAL B 644 -25.98 -33.75 30.18
C VAL B 644 -25.96 -33.11 28.81
N LEU B 645 -26.60 -33.77 27.85
CA LEU B 645 -26.71 -33.29 26.48
C LEU B 645 -28.16 -33.16 26.11
N VAL B 646 -28.51 -32.04 25.47
CA VAL B 646 -29.88 -31.79 25.07
C VAL B 646 -29.92 -31.73 23.55
N VAL B 647 -30.88 -32.44 22.98
CA VAL B 647 -31.15 -32.32 21.56
C VAL B 647 -32.62 -32.00 21.35
N VAL B 648 -32.86 -30.88 20.68
CA VAL B 648 -34.20 -30.41 20.46
C VAL B 648 -34.40 -30.14 18.96
N THR B 649 -35.65 -30.13 18.52
CA THR B 649 -35.99 -29.80 17.14
C THR B 649 -36.59 -28.40 17.13
N LEU B 650 -36.34 -27.65 16.08
CA LEU B 650 -36.93 -26.33 15.98
C LEU B 650 -38.15 -26.49 15.09
N ASN B 651 -38.35 -27.69 14.58
CA ASN B 651 -39.53 -27.94 13.77
C ASN B 651 -40.53 -28.76 14.54
N ALA B 652 -41.67 -28.13 14.77
CA ALA B 652 -42.76 -28.67 15.58
C ALA B 652 -43.57 -29.67 14.79
N PHE B 653 -43.39 -29.58 13.48
CA PHE B 653 -44.25 -30.28 12.57
C PHE B 653 -43.81 -31.60 11.93
N GLY B 654 -42.54 -31.69 11.54
CA GLY B 654 -42.08 -32.87 10.83
C GLY B 654 -41.07 -33.70 11.60
N PRO B 655 -41.13 -35.04 11.44
CA PRO B 655 -40.09 -35.84 12.06
C PRO B 655 -38.76 -35.41 11.43
N GLU B 656 -37.67 -35.34 12.17
CA GLU B 656 -36.39 -34.92 11.58
C GLU B 656 -35.25 -35.83 12.01
N GLU B 657 -34.39 -36.20 11.08
CA GLU B 657 -33.34 -37.13 11.44
C GLU B 657 -32.04 -36.53 10.91
N ALA B 658 -30.94 -36.92 11.53
CA ALA B 658 -29.63 -36.38 11.20
C ALA B 658 -28.50 -37.22 11.79
N THR B 659 -27.27 -36.86 11.47
CA THR B 659 -26.11 -37.48 12.09
C THR B 659 -25.51 -36.51 13.10
N LEU B 660 -25.33 -36.98 14.32
CA LEU B 660 -24.86 -36.10 15.37
C LEU B 660 -23.38 -36.35 15.63
N TRP B 661 -22.59 -35.28 15.58
CA TRP B 661 -21.14 -35.37 15.74
C TRP B 661 -20.78 -34.73 17.08
N LEU B 662 -19.82 -35.31 17.80
CA LEU B 662 -19.48 -34.81 19.13
C LEU B 662 -18.05 -34.33 19.27
N ASP B 663 -17.86 -33.31 20.10
CA ASP B 663 -16.51 -32.91 20.46
C ASP B 663 -16.16 -33.62 21.74
N MET B 664 -15.56 -34.80 21.60
CA MET B 664 -15.39 -35.71 22.73
C MET B 664 -14.51 -35.11 23.82
N ALA B 665 -13.57 -34.27 23.40
CA ALA B 665 -12.63 -33.63 24.31
C ALA B 665 -13.40 -32.82 25.34
N ALA B 666 -14.44 -32.15 24.85
CA ALA B 666 -15.32 -31.32 25.68
C ALA B 666 -16.08 -32.11 26.74
N LEU B 667 -16.35 -33.38 26.46
CA LEU B 667 -17.07 -34.26 27.38
C LEU B 667 -16.09 -35.07 28.24
N GLY B 668 -14.81 -34.84 28.01
CA GLY B 668 -13.76 -35.47 28.78
C GLY B 668 -13.33 -36.86 28.36
N MET B 669 -13.54 -37.17 27.08
CA MET B 669 -13.15 -38.48 26.58
C MET B 669 -12.32 -38.30 25.32
N GLU B 670 -11.51 -39.30 24.99
CA GLU B 670 -10.76 -39.26 23.73
C GLU B 670 -11.75 -39.64 22.63
N ASP B 671 -11.40 -39.33 21.38
CA ASP B 671 -12.29 -39.51 20.23
C ASP B 671 -12.81 -40.91 19.93
N TYR B 672 -12.02 -41.95 20.16
CA TYR B 672 -12.45 -43.30 19.74
C TYR B 672 -13.41 -43.93 20.75
N ASP B 673 -13.57 -43.29 21.91
CA ASP B 673 -14.34 -43.89 22.99
C ASP B 673 -15.80 -44.20 22.67
N ARG B 674 -16.31 -45.20 23.37
CA ARG B 674 -17.73 -45.56 23.38
C ARG B 674 -18.27 -45.72 24.80
N PHE B 675 -19.51 -45.30 24.98
CA PHE B 675 -20.08 -45.14 26.30
C PHE B 675 -21.59 -45.30 26.24
N TRP B 676 -22.21 -45.38 27.41
CA TRP B 676 -23.64 -45.61 27.49
C TRP B 676 -24.40 -44.40 28.01
N VAL B 677 -25.58 -44.17 27.45
CA VAL B 677 -26.37 -43.01 27.83
C VAL B 677 -27.79 -43.41 28.18
N ARG B 678 -28.50 -42.53 28.90
CA ARG B 678 -29.88 -42.82 29.24
C ARG B 678 -30.74 -41.57 29.01
N ASP B 679 -31.92 -41.76 28.45
CA ASP B 679 -32.83 -40.66 28.14
C ASP B 679 -33.78 -40.43 29.32
N GLU B 680 -33.72 -39.26 29.96
CA GLU B 680 -34.49 -39.07 31.18
C GLU B 680 -35.99 -39.04 30.95
N ILE B 681 -36.42 -38.64 29.75
CA ILE B 681 -37.83 -38.72 29.36
C ILE B 681 -38.23 -40.15 28.92
N THR B 682 -37.44 -40.76 28.03
CA THR B 682 -37.76 -42.07 27.45
C THR B 682 -37.45 -43.25 28.38
N GLY B 683 -36.32 -43.17 29.07
CA GLY B 683 -35.88 -44.27 29.91
C GLY B 683 -35.02 -45.22 29.10
N GLU B 684 -34.93 -44.96 27.80
CA GLU B 684 -34.16 -45.81 26.89
C GLU B 684 -32.67 -45.64 27.17
N GLU B 685 -31.92 -46.71 26.91
CA GLU B 685 -30.47 -46.71 27.11
C GLU B 685 -29.89 -46.99 25.76
N TYR B 686 -28.75 -46.38 25.45
CA TYR B 686 -28.10 -46.71 24.18
C TYR B 686 -26.61 -46.60 24.31
N GLN B 687 -25.94 -47.12 23.28
CA GLN B 687 -24.49 -47.10 23.19
C GLN B 687 -24.11 -46.02 22.21
N TRP B 688 -23.15 -45.16 22.56
CA TRP B 688 -22.84 -44.07 21.66
C TRP B 688 -21.32 -43.94 21.43
N GLY B 689 -20.94 -43.11 20.47
CA GLY B 689 -19.54 -42.85 20.15
C GLY B 689 -19.43 -41.41 19.69
N GLN B 690 -18.38 -41.09 18.94
CA GLN B 690 -18.21 -39.72 18.45
C GLN B 690 -19.35 -39.30 17.53
N ALA B 691 -19.75 -40.22 16.66
CA ALA B 691 -20.83 -39.94 15.71
C ALA B 691 -21.97 -40.93 15.90
N ASN B 692 -23.16 -40.39 16.10
CA ASN B 692 -24.31 -41.21 16.45
C ASN B 692 -25.53 -40.81 15.64
N TYR B 693 -26.43 -41.75 15.44
CA TYR B 693 -27.63 -41.48 14.65
C TYR B 693 -28.69 -40.96 15.57
N ILE B 694 -29.37 -39.92 15.13
CA ILE B 694 -30.45 -39.36 15.92
C ILE B 694 -31.66 -38.97 15.07
N ARG B 695 -32.83 -39.33 15.55
CA ARG B 695 -34.07 -38.97 14.87
C ARG B 695 -35.13 -38.51 15.87
N ILE B 696 -35.76 -37.37 15.61
CA ILE B 696 -36.72 -36.81 16.55
C ILE B 696 -38.11 -36.73 15.92
N ASP B 697 -39.09 -37.30 16.61
CA ASP B 697 -40.44 -37.33 16.08
C ASP B 697 -41.37 -36.58 17.04
N PRO B 698 -41.86 -35.41 16.62
CA PRO B 698 -42.84 -34.70 17.44
C PRO B 698 -44.12 -35.56 17.52
N ALA B 699 -45.01 -35.22 18.44
CA ALA B 699 -46.24 -36.00 18.66
C ALA B 699 -45.85 -37.34 19.27
N ARG B 700 -44.58 -37.47 19.61
CA ARG B 700 -44.10 -38.51 20.51
C ARG B 700 -43.18 -37.83 21.54
N ALA B 701 -42.10 -37.20 21.06
CA ALA B 701 -41.28 -36.32 21.89
C ALA B 701 -40.47 -35.35 21.04
N VAL B 702 -40.53 -34.07 21.38
CA VAL B 702 -39.84 -33.05 20.58
C VAL B 702 -38.39 -32.87 21.00
N ALA B 703 -37.95 -33.59 22.02
CA ALA B 703 -36.58 -33.46 22.47
C ALA B 703 -36.09 -34.67 23.25
N HIS B 704 -34.78 -34.83 23.24
CA HIS B 704 -34.05 -35.84 23.99
C HIS B 704 -33.16 -35.21 25.05
N ILE B 705 -33.42 -35.51 26.33
CA ILE B 705 -32.53 -35.03 27.38
C ILE B 705 -31.72 -36.23 27.83
N ILE B 706 -30.43 -36.19 27.53
CA ILE B 706 -29.59 -37.39 27.62
C ILE B 706 -28.58 -37.30 28.73
N ASN B 707 -28.54 -38.33 29.57
CA ASN B 707 -27.55 -38.38 30.62
C ASN B 707 -26.25 -39.00 30.11
N MET B 708 -25.12 -38.33 30.34
CA MET B 708 -23.85 -38.80 29.80
C MET B 708 -22.93 -39.21 30.92
N PRO B 709 -21.90 -40.01 30.60
CA PRO B 709 -20.98 -40.46 31.65
C PRO B 709 -20.35 -39.25 32.33
N ALA B 710 -20.21 -39.30 33.65
CA ALA B 710 -19.73 -38.15 34.40
C ALA B 710 -18.31 -37.78 33.96
N VAL B 711 -18.09 -36.49 33.76
CA VAL B 711 -16.79 -35.95 33.41
C VAL B 711 -15.80 -36.29 34.51
N PRO B 712 -14.66 -36.90 34.14
CA PRO B 712 -13.69 -37.35 35.15
C PRO B 712 -13.23 -36.24 36.07
N TYR B 713 -12.38 -36.53 37.04
CA TYR B 713 -11.86 -35.43 37.85
C TYR B 713 -10.81 -34.70 36.99
N GLU B 714 -11.23 -34.24 35.81
CA GLU B 714 -10.48 -33.30 34.99
C GLU B 714 -11.50 -32.26 34.58
N SER B 715 -12.51 -32.15 35.42
CA SER B 715 -13.63 -31.21 35.34
C SER B 715 -13.14 -29.75 35.41
N ARG B 716 -12.21 -29.52 36.35
CA ARG B 716 -11.71 -28.19 36.70
C ARG B 716 -11.04 -27.43 35.55
N ASN B 717 -10.28 -28.11 34.71
CA ASN B 717 -9.56 -27.43 33.63
C ASN B 717 -10.45 -27.15 32.42
N THR B 718 -11.53 -27.92 32.28
CA THR B 718 -12.50 -27.72 31.20
C THR B 718 -13.49 -26.59 31.53
N LEU B 719 -13.30 -25.96 32.69
CA LEU B 719 -14.14 -24.83 33.13
C LEU B 719 -13.39 -23.53 32.89
N LEU B 720 -12.12 -23.71 32.57
CA LEU B 720 -11.14 -22.65 32.45
C LEU B 720 -11.58 -21.42 31.62
N ARG B 721 -11.00 -20.25 31.96
CA ARG B 721 -11.26 -18.94 31.34
C ARG B 721 -12.47 -18.25 31.95
N PRO C 37 23.72 68.36 -14.22
CA PRO C 37 24.89 67.64 -14.76
C PRO C 37 24.62 66.15 -14.66
N GLY C 38 23.35 65.85 -14.42
CA GLY C 38 22.93 64.58 -13.87
C GLY C 38 23.20 64.57 -12.38
N ARG C 39 22.21 64.16 -11.57
CA ARG C 39 22.31 64.18 -10.10
C ARG C 39 22.30 62.78 -9.52
N VAL C 40 21.52 61.88 -10.08
CA VAL C 40 21.55 60.54 -9.53
C VAL C 40 22.17 59.61 -10.56
N GLU C 41 23.15 58.87 -10.05
CA GLU C 41 24.08 58.05 -10.82
C GLU C 41 23.48 56.73 -11.29
N ILE C 42 23.68 56.43 -12.57
CA ILE C 42 23.25 55.17 -13.17
C ILE C 42 24.41 54.58 -13.92
N ASP C 43 24.82 53.39 -13.51
CA ASP C 43 26.07 52.80 -14.00
C ASP C 43 25.97 51.27 -14.00
N ASP C 44 26.91 50.63 -14.70
CA ASP C 44 27.04 49.17 -14.74
C ASP C 44 25.76 48.52 -15.24
N VAL C 45 25.14 49.14 -16.24
CA VAL C 45 23.92 48.58 -16.82
C VAL C 45 24.27 47.31 -17.59
N ALA C 46 23.37 46.33 -17.53
CA ALA C 46 23.50 45.08 -18.27
C ALA C 46 22.11 44.61 -18.69
N PRO C 47 21.99 43.94 -19.85
CA PRO C 47 23.06 43.49 -20.72
C PRO C 47 23.44 44.52 -21.76
N VAL C 48 24.72 44.87 -21.84
CA VAL C 48 25.22 45.73 -22.92
C VAL C 48 26.44 45.07 -23.60
N VAL C 49 26.52 45.21 -24.93
CA VAL C 49 27.56 44.54 -25.69
C VAL C 49 28.48 45.52 -26.38
N SER C 50 29.78 45.33 -26.19
CA SER C 50 30.77 46.22 -26.79
C SER C 50 30.38 47.66 -26.46
N CYS C 51 30.00 47.88 -25.21
CA CYS C 51 29.63 49.20 -24.68
C CYS C 51 28.53 49.84 -25.50
N GLY C 52 27.65 49.02 -26.05
CA GLY C 52 26.50 49.54 -26.76
C GLY C 52 26.63 49.63 -28.27
N VAL C 53 27.79 49.26 -28.81
CA VAL C 53 28.00 49.29 -30.26
C VAL C 53 27.10 48.29 -30.97
N TYR C 54 26.99 47.10 -30.38
CA TYR C 54 26.20 46.04 -31.01
C TYR C 54 25.03 45.75 -30.10
N PRO C 55 23.86 45.49 -30.69
CA PRO C 55 22.68 45.16 -29.90
C PRO C 55 22.79 43.78 -29.29
N ALA C 56 22.15 43.58 -28.15
CA ALA C 56 22.15 42.28 -27.52
C ALA C 56 21.20 41.39 -28.30
N LYS C 57 21.28 40.10 -28.06
CA LYS C 57 20.45 39.14 -28.77
C LYS C 57 19.42 38.57 -27.82
N ALA C 58 18.21 38.41 -28.35
CA ALA C 58 17.14 37.77 -27.60
C ALA C 58 16.12 37.28 -28.63
N VAL C 59 15.19 36.45 -28.20
CA VAL C 59 14.11 36.02 -29.09
C VAL C 59 12.75 36.26 -28.48
N VAL C 60 11.71 36.09 -29.29
CA VAL C 60 10.35 36.29 -28.84
C VAL C 60 9.95 35.29 -27.75
N GLY C 61 9.37 35.82 -26.68
CA GLY C 61 8.94 34.99 -25.57
C GLY C 61 10.07 34.55 -24.66
N GLU C 62 11.21 35.21 -24.77
CA GLU C 62 12.32 34.90 -23.89
C GLU C 62 12.29 35.94 -22.78
N VAL C 63 12.53 35.51 -21.55
CA VAL C 63 12.57 36.47 -20.47
C VAL C 63 13.94 37.12 -20.49
N VAL C 64 13.96 38.44 -20.68
CA VAL C 64 15.23 39.14 -20.70
C VAL C 64 15.45 39.87 -19.38
N PRO C 65 16.48 39.46 -18.63
CA PRO C 65 16.74 40.09 -17.34
C PRO C 65 17.63 41.30 -17.49
N VAL C 66 17.26 42.40 -16.86
CA VAL C 66 18.02 43.62 -16.99
C VAL C 66 18.44 44.02 -15.59
N SER C 67 19.65 44.52 -15.43
CA SER C 67 20.10 44.93 -14.11
C SER C 67 21.01 46.14 -14.22
N ALA C 68 21.04 46.93 -13.16
CA ALA C 68 21.85 48.14 -13.14
C ALA C 68 22.05 48.58 -11.70
N ALA C 69 23.01 49.46 -11.48
CA ALA C 69 23.25 49.96 -10.14
C ALA C 69 22.91 51.43 -10.08
N VAL C 70 21.99 51.81 -9.19
CA VAL C 70 21.62 53.20 -9.06
C VAL C 70 21.69 53.62 -7.58
N TRP C 71 22.38 54.72 -7.31
CA TRP C 71 22.56 55.18 -5.94
C TRP C 71 22.71 56.68 -5.85
N ARG C 72 22.58 57.23 -4.65
CA ARG C 72 22.67 58.67 -4.48
C ARG C 72 23.13 58.90 -3.04
N GLU C 73 23.14 60.17 -2.64
CA GLU C 73 23.61 60.64 -1.34
C GLU C 73 22.83 60.05 -0.17
N GLY C 74 23.56 59.77 0.90
CA GLY C 74 23.01 59.45 2.21
C GLY C 74 22.07 58.26 2.26
N HIS C 75 21.16 58.26 3.24
CA HIS C 75 20.22 57.16 3.37
C HIS C 75 18.87 57.42 2.71
N GLU C 76 18.77 58.48 1.93
CA GLU C 76 17.55 58.70 1.15
C GLU C 76 17.39 57.60 0.11
N ALA C 77 16.21 57.02 0.10
CA ALA C 77 15.88 55.85 -0.71
C ALA C 77 15.88 56.19 -2.19
N VAL C 78 16.14 55.18 -3.01
CA VAL C 78 16.21 55.39 -4.44
C VAL C 78 15.50 54.20 -5.08
N ALA C 79 14.92 54.43 -6.26
CA ALA C 79 14.20 53.40 -6.98
C ALA C 79 14.41 53.59 -8.47
N ALA C 80 14.22 52.52 -9.23
CA ALA C 80 14.45 52.58 -10.66
C ALA C 80 13.26 52.00 -11.41
N THR C 81 13.03 52.55 -12.60
CA THR C 81 11.95 52.10 -13.48
C THR C 81 12.61 51.76 -14.81
N LEU C 82 12.35 50.56 -15.30
CA LEU C 82 12.92 50.13 -16.58
C LEU C 82 11.97 50.53 -17.72
N VAL C 83 12.51 51.30 -18.66
CA VAL C 83 11.74 51.88 -19.75
C VAL C 83 11.99 51.17 -21.08
N VAL C 84 10.97 50.49 -21.59
CA VAL C 84 11.05 49.73 -22.82
C VAL C 84 10.24 50.39 -23.91
N ARG C 85 10.82 50.38 -25.10
CA ARG C 85 10.10 50.96 -26.26
C ARG C 85 10.33 50.02 -27.41
N TYR C 86 9.32 49.77 -28.24
CA TYR C 86 9.55 48.91 -29.42
C TYR C 86 9.68 49.69 -30.73
N LEU C 87 10.83 49.60 -31.35
CA LEU C 87 11.07 50.36 -32.57
C LEU C 87 10.65 49.56 -33.79
N GLY C 88 11.23 49.93 -34.91
CA GLY C 88 10.96 49.31 -36.20
C GLY C 88 11.57 47.92 -36.38
N VAL C 89 11.85 47.65 -37.64
CA VAL C 89 12.50 46.45 -38.12
C VAL C 89 13.97 46.76 -38.37
N ARG C 90 14.24 48.06 -38.60
CA ARG C 90 15.56 48.65 -38.91
C ARG C 90 16.74 47.68 -38.87
N TYR C 91 17.52 47.77 -37.79
CA TYR C 91 18.73 46.97 -37.45
C TYR C 91 19.96 47.87 -37.23
N PRO C 92 20.48 48.56 -38.28
CA PRO C 92 21.73 49.30 -38.04
C PRO C 92 21.52 50.65 -37.36
N LYS C 114 4.52 55.82 -27.53
CA LYS C 114 4.78 55.96 -26.10
C LYS C 114 5.60 54.76 -25.64
N PRO C 115 6.25 54.84 -24.45
CA PRO C 115 6.93 53.67 -23.91
C PRO C 115 6.14 52.87 -22.88
N LEU C 116 6.64 51.66 -22.63
CA LEU C 116 6.09 50.69 -21.69
C LEU C 116 7.04 50.60 -20.49
N LEU C 117 6.47 50.80 -19.30
CA LEU C 117 7.22 50.86 -18.05
C LEU C 117 7.07 49.70 -17.04
N ILE C 118 8.22 49.18 -16.61
CA ILE C 118 8.34 48.07 -15.65
C ILE C 118 9.15 48.53 -14.47
N PRO C 119 8.57 48.44 -13.27
CA PRO C 119 9.27 48.87 -12.06
C PRO C 119 10.33 47.84 -11.67
N MET C 120 11.42 48.33 -11.11
CA MET C 120 12.56 47.51 -10.76
C MET C 120 12.67 47.33 -9.27
N THR C 121 13.27 46.21 -8.87
CA THR C 121 13.35 45.82 -7.47
C THR C 121 14.79 45.66 -7.03
N SER C 122 15.06 46.10 -5.81
CA SER C 122 16.36 45.96 -5.20
C SER C 122 16.58 44.47 -4.93
N GLY C 123 17.81 44.06 -4.69
CA GLY C 123 18.05 42.65 -4.48
C GLY C 123 19.11 42.35 -3.46
N GLN C 124 19.92 41.32 -3.68
CA GLN C 124 20.89 40.97 -2.66
C GLN C 124 21.95 42.04 -2.54
N GLU C 125 22.55 42.36 -3.68
CA GLU C 125 23.62 43.33 -3.76
C GLU C 125 23.00 44.72 -3.54
N PRO C 126 23.46 45.47 -2.53
CA PRO C 126 22.88 46.80 -2.24
C PRO C 126 22.99 47.76 -3.44
N PHE C 127 21.95 48.55 -3.70
CA PHE C 127 21.96 49.60 -4.73
C PHE C 127 21.92 49.03 -6.16
N VAL C 128 21.87 47.72 -6.30
CA VAL C 128 21.77 47.12 -7.64
C VAL C 128 20.31 46.76 -7.90
N PHE C 129 19.77 47.22 -9.01
CA PHE C 129 18.34 47.02 -9.27
C PHE C 129 18.13 46.11 -10.47
N HIS C 130 17.10 45.30 -10.35
CA HIS C 130 16.77 44.28 -11.34
C HIS C 130 15.37 44.44 -11.93
N GLY C 131 15.24 44.06 -13.19
CA GLY C 131 13.98 44.16 -13.91
C GLY C 131 14.00 43.13 -15.02
N GLN C 132 12.86 42.95 -15.67
CA GLN C 132 12.74 42.01 -16.77
C GLN C 132 11.66 42.50 -17.72
N PHE C 133 11.76 42.08 -18.98
CA PHE C 133 10.69 42.33 -19.95
C PHE C 133 10.62 41.20 -20.98
N THR C 134 9.42 40.90 -21.46
CA THR C 134 9.27 39.84 -22.45
C THR C 134 8.61 40.39 -23.71
N PRO C 135 9.40 40.44 -24.80
CA PRO C 135 9.11 41.01 -26.13
C PRO C 135 7.99 40.27 -26.84
N ASP C 136 7.03 40.97 -27.45
CA ASP C 136 5.94 40.24 -28.09
C ASP C 136 5.94 40.35 -29.62
N ARG C 137 6.85 41.14 -30.18
CA ARG C 137 6.95 41.24 -31.65
C ARG C 137 8.42 41.21 -32.09
N VAL C 138 8.65 40.66 -33.28
CA VAL C 138 9.97 40.62 -33.91
C VAL C 138 10.42 42.05 -34.23
N GLY C 139 11.72 42.31 -34.14
CA GLY C 139 12.22 43.64 -34.45
C GLY C 139 13.29 44.16 -33.51
N LEU C 140 13.53 45.45 -33.57
CA LEU C 140 14.55 46.08 -32.75
C LEU C 140 13.95 46.78 -31.55
N TRP C 141 14.40 46.39 -30.36
CA TRP C 141 13.86 46.97 -29.15
C TRP C 141 14.88 47.87 -28.47
N THR C 142 14.37 48.78 -27.64
CA THR C 142 15.21 49.70 -26.90
C THR C 142 14.77 49.63 -25.45
N PHE C 143 15.70 49.78 -24.53
CA PHE C 143 15.39 49.85 -23.12
C PHE C 143 16.31 50.88 -22.51
N ARG C 144 15.89 51.44 -21.40
CA ARG C 144 16.71 52.38 -20.67
C ARG C 144 16.34 52.33 -19.20
N VAL C 145 17.24 52.75 -18.32
CA VAL C 145 16.92 52.76 -16.90
C VAL C 145 16.79 54.20 -16.42
N ASP C 146 15.68 54.50 -15.74
CA ASP C 146 15.46 55.84 -15.21
C ASP C 146 15.65 55.79 -13.70
N GLY C 147 16.37 56.74 -13.11
CA GLY C 147 16.61 56.68 -11.68
C GLY C 147 15.95 57.86 -10.97
N TRP C 148 15.42 57.59 -9.78
CA TRP C 148 14.76 58.63 -9.00
C TRP C 148 14.87 58.33 -7.51
N GLY C 149 14.60 59.33 -6.69
CA GLY C 149 14.62 59.14 -5.25
C GLY C 149 13.20 59.03 -4.73
N ASP C 150 12.92 57.97 -3.97
CA ASP C 150 11.57 57.74 -3.45
C ASP C 150 11.53 58.27 -2.02
N PRO C 151 11.02 59.50 -1.83
CA PRO C 151 11.04 60.18 -0.53
C PRO C 151 10.14 59.46 0.47
N ILE C 152 9.04 58.89 -0.04
CA ILE C 152 8.05 58.19 0.78
C ILE C 152 8.73 57.05 1.50
N HIS C 153 9.51 56.29 0.73
CA HIS C 153 10.20 55.11 1.23
C HIS C 153 11.15 55.55 2.36
N THR C 154 11.84 56.69 2.16
CA THR C 154 12.76 57.20 3.19
C THR C 154 11.98 57.44 4.46
N TRP C 155 10.87 58.16 4.34
CA TRP C 155 10.10 58.57 5.50
C TRP C 155 9.53 57.36 6.22
N ARG C 156 8.96 56.44 5.46
CA ARG C 156 8.33 55.27 6.05
C ARG C 156 9.34 54.41 6.80
N HIS C 157 10.40 53.97 6.12
CA HIS C 157 11.36 53.06 6.77
C HIS C 157 12.01 53.72 7.97
N GLY C 158 12.29 55.01 7.81
CA GLY C 158 12.86 55.83 8.86
C GLY C 158 11.98 56.06 10.07
N LEU C 159 10.69 56.27 9.84
CA LEU C 159 9.75 56.54 10.92
C LEU C 159 9.48 55.36 11.87
N ILE C 160 9.35 54.15 11.34
CA ILE C 160 9.12 52.99 12.19
C ILE C 160 10.26 52.76 13.21
N ALA C 161 11.51 52.97 12.80
CA ALA C 161 12.65 52.84 13.71
C ALA C 161 12.60 53.88 14.84
N LYS C 162 12.27 55.12 14.47
CA LYS C 162 12.14 56.24 15.40
C LYS C 162 10.92 55.99 16.29
N LEU C 163 9.95 55.28 15.73
CA LEU C 163 8.67 54.95 16.36
C LEU C 163 8.88 54.09 17.60
N ASP C 164 9.94 53.28 17.55
CA ASP C 164 10.31 52.40 18.65
C ASP C 164 10.68 53.24 19.86
N ALA C 165 11.27 54.42 19.64
CA ALA C 165 11.62 55.29 20.75
C ALA C 165 10.37 55.88 21.39
N GLY C 166 9.57 56.64 20.64
CA GLY C 166 8.33 57.19 21.17
C GLY C 166 8.23 58.70 21.13
N GLU C 171 5.70 65.01 20.75
CA GLU C 171 6.87 64.17 21.02
C GLU C 171 7.85 64.30 19.85
N LEU C 172 7.98 63.20 19.12
CA LEU C 172 8.68 63.11 17.86
C LEU C 172 7.79 63.74 16.78
N SER C 173 6.55 64.03 17.19
CA SER C 173 5.50 64.74 16.43
C SER C 173 5.88 65.52 15.16
N ASN C 174 7.14 65.91 15.01
CA ASN C 174 7.55 66.79 13.93
C ASN C 174 7.60 65.93 12.66
N ASP C 175 8.24 64.76 12.73
CA ASP C 175 8.45 63.90 11.56
C ASP C 175 7.14 63.43 10.91
N LEU C 176 6.11 63.17 11.71
CA LEU C 176 4.86 62.66 11.14
C LEU C 176 4.32 63.70 10.17
N LEU C 177 4.33 64.97 10.58
CA LEU C 177 3.89 66.03 9.69
C LEU C 177 4.72 66.10 8.40
N VAL C 178 6.04 65.84 8.48
CA VAL C 178 6.86 65.88 7.27
C VAL C 178 6.38 64.78 6.31
N GLY C 179 6.04 63.61 6.86
CA GLY C 179 5.52 62.50 6.08
C GLY C 179 4.25 63.00 5.45
N ALA C 180 3.49 63.65 6.33
CA ALA C 180 2.17 64.15 6.06
C ALA C 180 2.08 65.15 4.90
N VAL C 181 3.16 65.88 4.63
CA VAL C 181 3.19 66.91 3.57
C VAL C 181 3.53 66.25 2.22
N LEU C 182 4.00 65.01 2.31
CA LEU C 182 4.37 64.18 1.15
C LEU C 182 3.20 63.62 0.37
N LEU C 183 2.29 62.90 1.02
CA LEU C 183 1.21 62.24 0.32
C LEU C 183 0.35 63.20 -0.52
N GLU C 184 0.17 64.43 -0.06
CA GLU C 184 -0.53 65.44 -0.87
C GLU C 184 0.25 65.69 -2.15
N ARG C 185 1.57 65.89 -2.04
CA ARG C 185 2.39 66.08 -3.24
C ARG C 185 2.32 64.82 -4.09
N ALA C 186 2.22 63.66 -3.45
CA ALA C 186 2.05 62.40 -4.17
C ALA C 186 0.70 62.37 -4.89
N ALA C 187 -0.32 62.92 -4.22
CA ALA C 187 -1.69 62.91 -4.71
C ALA C 187 -1.88 63.64 -6.04
N THR C 188 -1.13 64.72 -6.25
CA THR C 188 -1.33 65.54 -7.45
C THR C 188 -1.21 64.80 -8.80
N GLY C 189 -0.34 63.80 -8.87
CA GLY C 189 -0.16 62.96 -10.06
C GLY C 189 -1.23 61.93 -10.36
N VAL C 190 -1.89 61.48 -9.30
CA VAL C 190 -2.95 60.46 -9.34
C VAL C 190 -4.30 61.18 -9.27
N PRO C 191 -5.25 60.86 -10.18
CA PRO C 191 -6.46 61.69 -10.25
C PRO C 191 -7.50 61.41 -9.16
N ARG C 192 -8.43 62.37 -8.97
CA ARG C 192 -9.55 62.28 -8.01
C ARG C 192 -10.50 61.11 -8.19
N GLY C 193 -10.31 60.36 -9.27
CA GLY C 193 -11.07 59.15 -9.49
C GLY C 193 -10.89 58.23 -8.29
N LEU C 194 -9.68 58.20 -7.74
CA LEU C 194 -9.36 57.31 -6.63
C LEU C 194 -8.29 57.83 -5.64
N ARG C 195 -7.85 59.08 -5.77
CA ARG C 195 -6.83 59.62 -4.85
C ARG C 195 -7.35 59.96 -3.46
N ASP C 196 -8.53 60.54 -3.34
CA ASP C 196 -9.31 60.54 -2.08
C ASP C 196 -8.71 59.78 -0.85
N PRO C 197 -8.55 58.43 -0.88
CA PRO C 197 -7.98 57.97 0.42
C PRO C 197 -6.55 58.42 0.76
N LEU C 198 -5.88 59.15 -0.12
CA LEU C 198 -4.57 59.70 0.20
C LEU C 198 -4.87 60.71 1.28
N LEU C 199 -5.84 61.56 0.96
CA LEU C 199 -6.35 62.60 1.83
C LEU C 199 -6.91 61.99 3.12
N ALA C 200 -7.42 60.75 3.02
CA ALA C 200 -7.84 60.02 4.22
C ALA C 200 -6.60 59.76 5.06
N ALA C 201 -5.53 59.30 4.41
CA ALA C 201 -4.27 59.09 5.10
C ALA C 201 -3.67 60.44 5.49
N ALA C 202 -3.88 61.42 4.60
CA ALA C 202 -3.40 62.80 4.74
C ALA C 202 -4.11 63.64 5.81
N ALA C 203 -5.32 63.29 6.17
CA ALA C 203 -5.98 64.05 7.24
C ALA C 203 -6.06 63.47 8.66
N ALA C 204 -5.37 62.38 9.02
CA ALA C 204 -5.42 62.09 10.46
C ALA C 204 -4.28 62.46 11.44
N LEU C 205 -3.22 63.18 11.05
CA LEU C 205 -2.29 63.67 12.09
C LEU C 205 -2.06 65.16 12.01
N ARG C 206 -2.97 65.88 11.37
CA ARG C 206 -2.83 67.32 11.35
C ARG C 206 -3.39 67.50 12.75
N THR C 207 -4.49 66.79 12.94
CA THR C 207 -5.20 66.75 14.20
C THR C 207 -4.27 66.08 15.24
N PRO C 208 -4.13 66.70 16.42
CA PRO C 208 -3.28 66.19 17.50
C PRO C 208 -3.66 64.78 17.87
N GLY C 209 -2.75 63.96 18.35
CA GLY C 209 -3.16 62.64 18.76
C GLY C 209 -2.10 61.60 18.90
N ASP C 210 -2.53 60.34 18.92
CA ASP C 210 -1.61 59.22 19.01
C ASP C 210 -0.72 59.00 17.78
N PRO C 211 0.41 58.33 18.00
CA PRO C 211 1.36 57.86 16.99
C PRO C 211 0.74 56.75 16.14
N VAL C 212 0.16 55.80 16.86
CA VAL C 212 -0.38 54.55 16.35
C VAL C 212 -1.58 54.60 15.39
N THR C 213 -2.46 55.61 15.44
CA THR C 213 -3.56 55.61 14.45
C THR C 213 -3.09 55.71 13.00
N ARG C 214 -2.04 56.48 12.72
CA ARG C 214 -1.79 56.69 11.30
C ARG C 214 -0.89 55.58 10.81
N THR C 215 -0.37 54.79 11.76
CA THR C 215 0.47 53.63 11.48
C THR C 215 -0.51 52.66 10.83
N ALA C 216 -1.63 52.42 11.50
CA ALA C 216 -2.72 51.61 10.98
C ALA C 216 -3.15 52.18 9.62
N LEU C 217 -2.87 53.46 9.41
CA LEU C 217 -3.25 54.22 8.22
C LEU C 217 -1.99 54.38 7.33
N ALA C 218 -0.86 53.95 7.88
CA ALA C 218 0.40 53.89 7.16
C ALA C 218 0.60 52.44 6.69
N LEU C 219 0.38 51.49 7.61
CA LEU C 219 0.54 50.09 7.28
C LEU C 219 -0.68 49.51 6.57
N THR C 220 -1.54 50.39 6.06
CA THR C 220 -2.69 49.99 5.27
C THR C 220 -2.26 49.30 3.98
N PRO C 221 -2.57 48.00 3.82
CA PRO C 221 -2.12 47.41 2.56
C PRO C 221 -2.81 47.99 1.32
N GLU C 222 -3.81 48.85 1.51
CA GLU C 222 -4.56 49.46 0.39
C GLU C 222 -3.88 50.71 -0.21
N ILE C 223 -3.07 51.45 0.54
CA ILE C 223 -2.44 52.66 -0.04
C ILE C 223 -1.05 52.41 -0.62
N GLU C 224 -0.53 51.21 -0.43
CA GLU C 224 0.74 50.83 -1.05
C GLU C 224 0.62 50.45 -2.53
N GLU C 225 -0.34 49.60 -2.89
CA GLU C 225 -0.50 49.16 -4.28
C GLU C 225 -0.79 50.34 -5.22
N LEU C 226 -1.58 51.31 -4.79
CA LEU C 226 -1.89 52.47 -5.63
C LEU C 226 -0.60 53.27 -5.79
N LEU C 227 0.15 53.47 -4.72
CA LEU C 227 1.35 54.25 -4.91
C LEU C 227 2.30 53.48 -5.81
N ALA C 228 2.29 52.14 -5.75
CA ALA C 228 3.13 51.39 -6.70
C ALA C 228 2.74 51.63 -8.18
N ASP C 229 1.43 51.59 -8.50
CA ASP C 229 0.98 51.83 -9.89
C ASP C 229 1.21 53.30 -10.32
N TYR C 230 0.88 54.26 -9.45
CA TYR C 230 1.18 55.68 -9.67
C TYR C 230 1.97 56.14 -8.45
N PRO C 231 3.26 56.41 -8.68
CA PRO C 231 4.32 56.73 -7.71
C PRO C 231 4.69 58.20 -7.60
N LEU C 232 5.25 58.55 -6.45
CA LEU C 232 5.74 59.91 -6.22
C LEU C 232 7.20 59.88 -6.57
N ARG C 233 7.53 60.48 -7.71
CA ARG C 233 8.88 60.39 -8.20
C ARG C 233 9.56 61.74 -8.09
N ASP C 234 10.78 61.77 -7.53
CA ASP C 234 11.54 63.02 -7.40
C ASP C 234 12.89 62.97 -8.13
N LEU C 235 13.37 64.10 -8.65
CA LEU C 235 14.74 64.20 -9.18
C LEU C 235 14.99 63.17 -10.27
N VAL C 236 13.99 62.89 -11.09
CA VAL C 236 14.10 61.85 -12.10
C VAL C 236 15.27 62.06 -13.08
N THR C 237 16.05 61.01 -13.30
CA THR C 237 17.22 61.10 -14.16
C THR C 237 17.18 59.96 -15.15
N ARG C 238 17.47 60.29 -16.40
CA ARG C 238 17.36 59.36 -17.52
C ARG C 238 18.69 58.67 -17.78
N GLY C 239 18.67 57.35 -17.95
CA GLY C 239 19.86 56.55 -18.23
C GLY C 239 20.18 56.52 -19.72
N GLU C 240 21.34 55.95 -20.07
CA GLU C 240 21.71 55.84 -21.49
C GLU C 240 20.77 54.82 -22.15
N GLN C 241 20.59 54.86 -23.46
CA GLN C 241 19.66 53.94 -24.05
C GLN C 241 20.36 52.79 -24.78
N PHE C 242 19.99 51.53 -24.55
CA PHE C 242 20.67 50.42 -25.25
C PHE C 242 19.65 49.60 -26.03
N GLY C 243 20.10 48.80 -26.99
CA GLY C 243 19.14 48.15 -27.86
C GLY C 243 19.23 46.63 -27.88
N VAL C 244 18.08 46.00 -28.10
CA VAL C 244 18.00 44.55 -28.18
C VAL C 244 17.37 44.13 -29.49
N TRP C 245 17.95 43.14 -30.14
CA TRP C 245 17.34 42.63 -31.36
C TRP C 245 16.69 41.27 -31.18
N VAL C 246 15.37 41.23 -31.30
CA VAL C 246 14.64 39.98 -31.09
C VAL C 246 14.39 39.24 -32.41
N ASP C 247 14.67 37.94 -32.41
CA ASP C 247 14.50 37.12 -33.61
C ASP C 247 13.36 36.12 -33.36
N ARG C 248 12.95 35.41 -34.39
CA ARG C 248 11.96 34.36 -34.19
C ARG C 248 12.57 33.23 -33.32
N PRO C 249 11.73 32.44 -32.63
CA PRO C 249 12.25 31.50 -31.63
C PRO C 249 13.22 30.44 -32.18
N LEU C 250 13.19 30.18 -33.48
CA LEU C 250 14.06 29.15 -34.04
C LEU C 250 15.52 29.59 -33.97
N ALA C 251 15.74 30.88 -33.72
CA ALA C 251 17.09 31.44 -33.57
C ALA C 251 17.77 30.83 -32.36
N ARG C 252 16.96 30.48 -31.37
CA ARG C 252 17.46 29.90 -30.12
C ARG C 252 17.18 28.41 -30.03
N PHE C 253 15.94 28.03 -30.32
CA PHE C 253 15.50 26.66 -30.12
C PHE C 253 15.09 25.97 -31.39
N GLY C 254 15.92 25.02 -31.84
CA GLY C 254 15.60 24.18 -32.97
C GLY C 254 16.67 23.11 -33.12
N ALA C 255 16.36 22.01 -33.80
CA ALA C 255 17.34 20.93 -33.97
C ALA C 255 17.71 20.78 -35.44
N TRP C 256 18.99 20.49 -35.72
CA TRP C 256 19.45 20.48 -37.11
C TRP C 256 19.76 19.12 -37.71
N TYR C 257 19.44 18.98 -38.99
CA TYR C 257 19.82 17.77 -39.71
C TYR C 257 20.56 18.14 -41.00
N GLU C 258 21.74 17.57 -41.17
CA GLU C 258 22.59 17.85 -42.33
C GLU C 258 22.45 16.64 -43.22
N MET C 259 21.95 16.85 -44.43
CA MET C 259 21.73 15.74 -45.36
C MET C 259 22.24 16.04 -46.76
N PHE C 260 22.61 15.01 -47.50
CA PHE C 260 23.08 15.19 -48.87
C PHE C 260 21.98 14.88 -49.87
N PRO C 261 21.50 15.90 -50.60
CA PRO C 261 20.38 15.63 -51.53
C PRO C 261 20.77 14.52 -52.50
N ARG C 262 22.01 14.59 -52.99
CA ARG C 262 22.52 13.64 -53.96
C ARG C 262 22.58 12.21 -53.42
N SER C 263 22.75 12.06 -52.11
CA SER C 263 22.87 10.73 -51.49
C SER C 263 21.54 9.98 -51.38
N THR C 264 20.44 10.61 -51.78
CA THR C 264 19.11 10.00 -51.72
C THR C 264 18.82 9.18 -52.96
N GLY C 265 19.85 8.62 -53.57
CA GLY C 265 19.66 7.89 -54.81
C GLY C 265 19.20 6.47 -54.67
N GLY C 266 19.80 5.72 -53.77
CA GLY C 266 19.20 4.44 -53.44
C GLY C 266 19.58 3.28 -54.34
N TRP C 267 20.76 3.34 -54.98
CA TRP C 267 21.28 2.18 -55.70
C TRP C 267 20.46 1.96 -56.98
N ASP C 268 20.97 1.11 -57.88
CA ASP C 268 20.27 0.80 -59.13
C ASP C 268 20.04 -0.70 -59.09
N ASP C 269 19.62 -1.28 -60.22
CA ASP C 269 19.32 -2.71 -60.24
C ASP C 269 20.60 -3.52 -59.93
N ASP C 270 21.74 -3.00 -60.40
CA ASP C 270 23.05 -3.48 -59.94
C ASP C 270 23.42 -2.83 -58.60
N GLY C 271 24.66 -3.03 -58.16
CA GLY C 271 25.08 -2.54 -56.86
C GLY C 271 25.36 -1.04 -56.81
N ASN C 272 25.78 -0.49 -57.95
CA ASN C 272 26.20 0.91 -58.05
C ASN C 272 25.27 2.01 -57.50
N PRO C 273 25.83 2.88 -56.67
CA PRO C 273 25.08 4.00 -56.07
C PRO C 273 24.45 4.86 -57.18
N VAL C 274 23.32 5.50 -56.91
CA VAL C 274 22.72 6.35 -57.93
C VAL C 274 22.57 7.80 -57.46
N HIS C 275 22.87 8.76 -58.33
CA HIS C 275 22.71 10.16 -57.96
C HIS C 275 21.25 10.45 -57.68
N GLY C 276 20.96 11.17 -56.60
CA GLY C 276 19.57 11.44 -56.28
C GLY C 276 19.10 12.75 -56.89
N THR C 277 17.84 13.07 -56.60
CA THR C 277 17.21 14.31 -57.05
C THR C 277 16.36 14.85 -55.91
N PHE C 278 15.89 16.08 -56.06
CA PHE C 278 15.00 16.68 -55.06
C PHE C 278 13.80 15.79 -54.82
N ALA C 279 13.33 15.14 -55.89
CA ALA C 279 12.19 14.24 -55.82
C ALA C 279 12.52 13.12 -54.85
N THR C 280 13.68 12.49 -55.07
CA THR C 280 14.12 11.38 -54.22
C THR C 280 14.48 11.93 -52.85
N ALA C 281 15.04 13.14 -52.83
CA ALA C 281 15.43 13.75 -51.57
C ALA C 281 14.17 13.96 -50.73
N ALA C 282 13.11 14.44 -51.39
CA ALA C 282 11.86 14.73 -50.71
C ALA C 282 11.23 13.50 -50.03
N ALA C 283 11.52 12.30 -50.57
CA ALA C 283 11.00 11.08 -49.96
C ALA C 283 11.58 10.78 -48.59
N GLU C 284 12.76 11.29 -48.30
CA GLU C 284 13.40 11.00 -47.03
C GLU C 284 13.05 12.06 -45.99
N LEU C 285 12.35 13.10 -46.45
CA LEU C 285 11.95 14.21 -45.59
C LEU C 285 10.95 13.89 -44.45
N PRO C 286 9.97 12.97 -44.68
CA PRO C 286 9.05 12.68 -43.59
C PRO C 286 9.78 12.09 -42.39
N ARG C 287 10.64 11.12 -42.67
CA ARG C 287 11.31 10.38 -41.63
C ARG C 287 12.08 11.32 -40.70
N ILE C 288 12.64 12.37 -41.30
CA ILE C 288 13.39 13.36 -40.55
C ILE C 288 12.47 14.08 -39.56
N ALA C 289 11.31 14.55 -40.05
CA ALA C 289 10.39 15.24 -39.15
C ALA C 289 9.92 14.33 -38.00
N GLY C 290 9.73 13.04 -38.30
CA GLY C 290 9.27 12.09 -37.32
C GLY C 290 10.13 11.93 -36.09
N MET C 291 11.42 12.10 -36.34
CA MET C 291 12.45 12.06 -35.33
C MET C 291 12.64 13.40 -34.60
N GLY C 292 11.87 14.41 -35.01
CA GLY C 292 11.85 15.69 -34.30
C GLY C 292 12.71 16.90 -34.65
N PHE C 293 13.40 16.86 -35.77
CA PHE C 293 14.23 17.98 -36.21
C PHE C 293 13.38 19.12 -36.77
N ASP C 294 13.73 20.37 -36.43
CA ASP C 294 12.94 21.49 -36.91
C ASP C 294 13.51 22.15 -38.17
N VAL C 295 14.78 21.90 -38.48
CA VAL C 295 15.43 22.52 -39.62
C VAL C 295 16.29 21.52 -40.41
N VAL C 296 16.19 21.59 -41.74
CA VAL C 296 17.01 20.74 -42.60
C VAL C 296 18.05 21.56 -43.32
N TYR C 297 19.31 21.20 -43.11
CA TYR C 297 20.43 21.92 -43.66
C TYR C 297 21.03 21.14 -44.83
N LEU C 298 21.17 21.83 -45.97
CA LEU C 298 21.65 21.23 -47.21
C LEU C 298 22.99 21.81 -47.59
N PRO C 299 23.98 20.94 -47.86
CA PRO C 299 25.25 21.38 -48.44
C PRO C 299 24.98 22.08 -49.75
N PRO C 300 25.94 22.87 -50.26
CA PRO C 300 25.58 23.72 -51.40
C PRO C 300 24.94 22.92 -52.53
N ILE C 301 23.86 23.45 -53.11
CA ILE C 301 23.12 22.76 -54.16
C ILE C 301 23.50 23.21 -55.57
N HIS C 302 24.60 23.94 -55.71
CA HIS C 302 24.92 24.50 -57.01
C HIS C 302 25.74 23.54 -57.88
N PRO C 303 25.83 23.82 -59.19
CA PRO C 303 26.65 22.98 -60.08
C PRO C 303 28.12 22.94 -59.66
N ILE C 304 28.71 21.77 -59.76
CA ILE C 304 30.09 21.52 -59.38
C ILE C 304 31.07 21.59 -60.56
N GLY C 305 32.20 22.28 -60.35
CA GLY C 305 33.23 22.49 -61.36
C GLY C 305 33.77 21.19 -61.91
N LYS C 306 34.21 21.17 -63.18
CA LYS C 306 34.76 19.96 -63.81
C LYS C 306 36.29 19.88 -63.81
N VAL C 307 36.96 20.98 -63.52
CA VAL C 307 38.43 20.98 -63.52
C VAL C 307 39.00 20.84 -62.11
N HIS C 308 39.95 19.90 -61.96
CA HIS C 308 40.61 19.63 -60.68
C HIS C 308 39.65 19.05 -59.65
N ARG C 309 38.52 18.52 -60.12
CA ARG C 309 37.53 17.92 -59.24
C ARG C 309 38.22 16.83 -58.46
N LYS C 310 37.92 16.75 -57.17
CA LYS C 310 38.64 15.80 -56.37
C LYS C 310 37.94 14.47 -56.46
N GLY C 311 38.71 13.39 -56.39
CA GLY C 311 38.14 12.08 -56.48
C GLY C 311 37.92 11.58 -55.08
N ARG C 312 37.44 10.35 -54.96
CA ARG C 312 37.16 9.81 -53.65
C ARG C 312 38.42 9.88 -52.79
N ASN C 313 38.14 10.19 -51.51
CA ASN C 313 39.10 10.34 -50.41
C ASN C 313 40.08 11.47 -50.69
N ASN C 314 39.64 12.52 -51.38
CA ASN C 314 40.44 13.70 -51.67
C ASN C 314 41.57 13.40 -52.64
N SER C 315 41.42 12.32 -53.39
CA SER C 315 42.39 11.95 -54.40
C SER C 315 42.48 13.05 -55.45
N PRO C 316 43.69 13.30 -55.97
CA PRO C 316 43.92 14.41 -56.90
C PRO C 316 43.24 14.17 -58.25
N THR C 317 43.15 12.91 -58.67
CA THR C 317 42.59 12.64 -59.98
C THR C 317 41.17 12.08 -59.83
N ALA C 318 40.24 12.68 -60.56
CA ALA C 318 38.83 12.31 -60.46
C ALA C 318 38.44 11.36 -61.58
N ALA C 319 37.77 10.28 -61.25
CA ALA C 319 37.27 9.38 -62.27
C ALA C 319 36.20 10.15 -63.08
N PRO C 320 35.81 9.63 -64.27
CA PRO C 320 34.86 10.43 -65.05
C PRO C 320 33.49 10.58 -64.38
N THR C 321 33.12 9.56 -63.61
CA THR C 321 31.82 9.51 -62.95
C THR C 321 31.81 10.10 -61.53
N ASP C 322 32.99 10.28 -60.94
CA ASP C 322 33.05 10.79 -59.56
C ASP C 322 32.43 12.17 -59.50
N VAL C 323 31.90 12.54 -58.35
CA VAL C 323 31.09 13.74 -58.27
C VAL C 323 31.86 14.98 -57.81
N GLY C 324 32.93 14.80 -57.05
CA GLY C 324 33.68 15.96 -56.62
C GLY C 324 32.94 16.59 -55.45
N SER C 325 33.59 17.50 -54.73
CA SER C 325 32.98 18.05 -53.53
C SER C 325 32.05 19.20 -53.86
N PRO C 326 30.85 19.18 -53.28
CA PRO C 326 29.80 20.18 -53.50
C PRO C 326 30.25 21.60 -53.21
N TRP C 327 31.29 21.78 -52.40
CA TRP C 327 31.75 23.12 -52.03
C TRP C 327 32.63 23.74 -53.12
N ALA C 328 32.99 22.95 -54.12
CA ALA C 328 33.66 23.47 -55.31
C ALA C 328 32.63 24.09 -56.27
N ILE C 329 32.03 25.20 -55.82
CA ILE C 329 30.87 25.82 -56.47
C ILE C 329 31.16 26.39 -57.85
N GLY C 330 30.21 26.21 -58.76
CA GLY C 330 30.24 26.87 -60.05
C GLY C 330 30.77 26.02 -61.19
N SER C 331 30.12 26.16 -62.34
CA SER C 331 30.53 25.48 -63.56
C SER C 331 29.88 26.15 -64.76
N ASP C 332 30.28 25.73 -65.95
CA ASP C 332 29.70 26.25 -67.19
C ASP C 332 28.17 26.11 -67.15
N GLU C 333 27.70 25.12 -66.37
CA GLU C 333 26.27 24.91 -66.15
C GLU C 333 25.64 26.07 -65.35
N GLY C 334 26.34 26.56 -64.34
CA GLY C 334 25.81 27.65 -63.55
C GLY C 334 26.67 28.15 -62.41
N GLY C 335 26.22 29.23 -61.77
CA GLY C 335 26.89 29.81 -60.62
C GLY C 335 26.04 29.66 -59.36
N HIS C 336 26.20 30.58 -58.43
CA HIS C 336 25.47 30.56 -57.16
C HIS C 336 23.97 30.73 -57.31
N ASP C 337 23.51 31.21 -58.46
CA ASP C 337 22.09 31.48 -58.67
C ASP C 337 21.37 30.34 -59.38
N THR C 338 22.11 29.28 -59.68
CA THR C 338 21.55 28.15 -60.43
C THR C 338 21.57 26.82 -59.64
N VAL C 339 20.51 26.04 -59.80
CA VAL C 339 20.45 24.71 -59.21
C VAL C 339 21.34 23.75 -60.00
N HIS C 340 22.09 22.90 -59.30
CA HIS C 340 22.90 21.85 -59.94
C HIS C 340 21.90 21.02 -60.74
N PRO C 341 22.11 20.87 -62.05
CA PRO C 341 21.11 20.29 -62.96
C PRO C 341 20.68 18.87 -62.62
N SER C 342 21.59 18.07 -62.09
CA SER C 342 21.29 16.70 -61.69
C SER C 342 20.19 16.62 -60.62
N LEU C 343 20.08 17.67 -59.82
CA LEU C 343 19.05 17.74 -58.79
C LEU C 343 17.68 18.06 -59.37
N GLY C 344 17.63 18.95 -60.36
CA GLY C 344 16.35 19.25 -60.96
C GLY C 344 16.19 20.69 -61.40
N THR C 345 14.99 21.01 -61.87
CA THR C 345 14.67 22.38 -62.25
C THR C 345 14.58 23.16 -60.94
N ILE C 346 14.64 24.48 -61.01
CA ILE C 346 14.56 25.28 -59.79
C ILE C 346 13.17 25.12 -59.17
N ASP C 347 12.20 24.76 -60.01
CA ASP C 347 10.84 24.51 -59.55
C ASP C 347 10.79 23.30 -58.62
N ASP C 348 11.61 22.30 -58.91
CA ASP C 348 11.72 21.09 -58.10
C ASP C 348 12.12 21.45 -56.67
N PHE C 349 13.05 22.39 -56.56
CA PHE C 349 13.50 22.90 -55.28
C PHE C 349 12.33 23.54 -54.54
N ASP C 350 11.62 24.42 -55.24
CA ASP C 350 10.50 25.14 -54.65
C ASP C 350 9.48 24.14 -54.09
N ASP C 351 9.35 23.02 -54.80
CA ASP C 351 8.49 21.92 -54.41
C ASP C 351 9.06 21.23 -53.18
N PHE C 352 10.38 21.07 -53.15
CA PHE C 352 11.06 20.44 -52.02
C PHE C 352 10.91 21.27 -50.76
N VAL C 353 11.14 22.57 -50.90
CA VAL C 353 10.97 23.50 -49.79
C VAL C 353 9.55 23.45 -49.26
N SER C 354 8.58 23.48 -50.17
CA SER C 354 7.16 23.51 -49.83
C SER C 354 6.75 22.25 -49.08
N ALA C 355 7.36 21.12 -49.45
CA ALA C 355 7.10 19.84 -48.79
C ALA C 355 7.52 19.89 -47.31
N ALA C 356 8.70 20.42 -47.06
CA ALA C 356 9.25 20.50 -45.71
C ALA C 356 8.38 21.37 -44.82
N ARG C 357 7.99 22.53 -45.33
CA ARG C 357 7.19 23.49 -44.58
C ARG C 357 5.85 22.86 -44.19
N ASP C 358 5.36 21.94 -45.03
CA ASP C 358 4.12 21.21 -44.74
C ASP C 358 4.32 20.34 -43.49
N LEU C 359 5.56 19.87 -43.31
CA LEU C 359 5.89 18.99 -42.18
C LEU C 359 6.34 19.79 -40.97
N GLY C 360 6.33 21.11 -41.07
CA GLY C 360 6.72 21.93 -39.95
C GLY C 360 8.19 22.30 -39.97
N MET C 361 8.87 21.97 -41.06
CA MET C 361 10.30 22.21 -41.12
C MET C 361 10.70 23.42 -41.98
N GLU C 362 11.98 23.74 -41.91
CA GLU C 362 12.52 24.87 -42.63
C GLU C 362 13.74 24.37 -43.38
N VAL C 363 14.13 25.03 -44.47
CA VAL C 363 15.28 24.56 -45.23
C VAL C 363 16.41 25.56 -45.08
N ALA C 364 17.60 25.04 -44.79
CA ALA C 364 18.76 25.89 -44.65
C ALA C 364 19.83 25.50 -45.65
N LEU C 365 20.32 26.47 -46.42
CA LEU C 365 21.31 26.15 -47.45
C LEU C 365 22.69 26.60 -47.00
N ASP C 366 23.72 25.85 -47.40
CA ASP C 366 25.08 26.24 -47.06
C ASP C 366 25.46 27.39 -47.97
N LEU C 367 25.95 28.47 -47.39
CA LEU C 367 26.39 29.61 -48.17
C LEU C 367 27.90 29.71 -48.06
N ALA C 368 28.57 29.30 -49.13
CA ALA C 368 30.01 29.27 -49.19
C ALA C 368 30.46 30.19 -50.31
N LEU C 369 31.04 31.30 -49.91
CA LEU C 369 31.47 32.32 -50.85
C LEU C 369 32.84 31.95 -51.39
N GLN C 370 32.84 31.07 -52.38
CA GLN C 370 34.05 30.55 -52.97
C GLN C 370 33.69 30.23 -54.40
N CYS C 371 34.69 29.95 -55.22
CA CYS C 371 34.40 29.57 -56.58
C CYS C 371 35.35 28.48 -57.04
N ALA C 372 34.83 27.58 -57.86
CA ALA C 372 35.63 26.61 -58.57
C ALA C 372 36.10 27.33 -59.84
N PRO C 373 37.12 26.80 -60.52
CA PRO C 373 37.60 27.54 -61.69
C PRO C 373 36.52 27.69 -62.77
N ASP C 374 35.69 26.67 -62.98
CA ASP C 374 34.66 26.74 -64.00
C ASP C 374 33.52 27.71 -63.66
N HIS C 375 33.59 28.31 -62.48
CA HIS C 375 32.56 29.27 -62.05
C HIS C 375 32.52 30.41 -63.05
N PRO C 376 31.32 30.85 -63.43
CA PRO C 376 31.15 31.96 -64.36
C PRO C 376 31.95 33.22 -64.01
N TRP C 377 32.13 33.48 -62.72
CA TRP C 377 32.84 34.69 -62.26
C TRP C 377 34.31 34.71 -62.67
N ALA C 378 34.88 33.51 -62.78
CA ALA C 378 36.28 33.32 -63.16
C ALA C 378 36.54 33.94 -64.52
N ARG C 379 35.49 33.96 -65.33
CA ARG C 379 35.54 34.55 -66.65
C ARG C 379 34.92 35.95 -66.60
N GLU C 380 33.67 36.01 -66.17
CA GLU C 380 32.88 37.24 -66.26
C GLU C 380 33.48 38.45 -65.51
N HIS C 381 33.83 38.27 -64.25
CA HIS C 381 34.45 39.28 -63.38
C HIS C 381 35.71 38.86 -62.66
N ARG C 382 36.85 39.38 -63.12
CA ARG C 382 38.09 38.91 -62.56
C ARG C 382 38.59 39.96 -61.60
N GLN C 383 37.91 41.11 -61.54
CA GLN C 383 38.33 42.09 -60.54
C GLN C 383 38.18 41.44 -59.16
N TRP C 384 37.20 40.55 -59.07
CA TRP C 384 36.81 39.87 -57.82
C TRP C 384 37.76 38.81 -57.30
N PHE C 385 38.87 38.62 -57.99
CA PHE C 385 39.85 37.65 -57.55
C PHE C 385 41.19 38.30 -57.31
N THR C 386 42.02 37.56 -56.61
CA THR C 386 43.37 37.99 -56.33
C THR C 386 44.36 37.39 -57.34
N GLU C 387 44.74 38.21 -58.30
CA GLU C 387 45.55 37.74 -59.42
C GLU C 387 47.03 37.89 -59.12
N LEU C 388 47.75 36.79 -59.34
CA LEU C 388 49.17 36.68 -59.07
C LEU C 388 50.02 37.44 -60.11
N PRO C 389 51.35 37.47 -59.92
CA PRO C 389 52.27 38.07 -60.89
C PRO C 389 52.23 37.35 -62.25
N ASP C 390 52.03 36.04 -62.22
CA ASP C 390 51.97 35.23 -63.44
C ASP C 390 50.66 35.23 -64.20
N GLY C 391 49.71 36.08 -63.82
CA GLY C 391 48.48 36.22 -64.59
C GLY C 391 47.52 35.14 -64.15
N THR C 392 48.08 34.17 -63.44
CA THR C 392 47.35 33.05 -62.86
C THR C 392 46.49 33.54 -61.71
N ILE C 393 45.58 32.70 -61.27
CA ILE C 393 44.76 33.06 -60.13
C ILE C 393 45.08 32.02 -59.08
N ALA C 394 45.33 32.49 -57.87
CA ALA C 394 45.74 31.59 -56.81
C ALA C 394 44.68 30.61 -56.34
N TYR C 395 45.13 29.37 -56.17
CA TYR C 395 44.32 28.27 -55.68
C TYR C 395 44.13 28.62 -54.22
N ALA C 396 43.03 28.23 -53.57
CA ALA C 396 42.83 28.66 -52.18
C ALA C 396 44.02 28.10 -51.40
N GLU C 397 44.51 28.86 -50.43
CA GLU C 397 45.66 28.36 -49.69
C GLU C 397 45.68 28.61 -48.19
N ASN C 398 46.12 27.59 -47.47
CA ASN C 398 46.35 27.66 -46.05
C ASN C 398 47.67 26.94 -45.87
N PRO C 399 48.76 27.69 -45.61
CA PRO C 399 50.07 27.03 -45.71
C PRO C 399 50.32 25.89 -44.71
N PRO C 400 50.87 24.75 -45.17
CA PRO C 400 51.18 24.54 -46.59
C PRO C 400 50.07 23.85 -47.40
N LYS C 401 48.91 23.56 -46.79
CA LYS C 401 47.82 22.89 -47.52
C LYS C 401 47.19 23.66 -48.65
N LYS C 402 46.88 22.95 -49.74
CA LYS C 402 46.23 23.52 -50.92
C LYS C 402 44.85 22.94 -51.26
N TYR C 403 43.92 23.85 -51.54
CA TYR C 403 42.51 23.57 -51.81
C TYR C 403 42.27 23.95 -53.26
N GLN C 404 42.87 23.12 -54.13
CA GLN C 404 42.96 23.35 -55.57
C GLN C 404 41.64 23.47 -56.32
N ASP C 405 40.55 22.94 -55.78
CA ASP C 405 39.32 22.97 -56.55
C ASP C 405 38.59 24.30 -56.38
N ILE C 406 39.14 25.24 -55.62
CA ILE C 406 38.45 26.52 -55.42
C ILE C 406 39.35 27.78 -55.44
N TYR C 407 38.74 28.94 -55.68
CA TYR C 407 39.42 30.24 -55.71
C TYR C 407 38.97 31.13 -54.55
N PRO C 408 39.91 31.72 -53.80
CA PRO C 408 39.43 32.66 -52.79
C PRO C 408 39.00 33.98 -53.42
N LEU C 409 37.98 34.64 -52.87
CA LEU C 409 37.63 35.94 -53.44
C LEU C 409 38.45 37.10 -52.94
N ASN C 410 38.42 38.20 -53.66
CA ASN C 410 39.06 39.43 -53.20
C ASN C 410 38.15 40.64 -53.09
N PHE C 411 37.94 41.06 -51.85
CA PHE C 411 36.97 42.11 -51.52
C PHE C 411 37.52 43.54 -51.58
N ASP C 412 38.82 43.66 -51.86
CA ASP C 412 39.41 44.98 -51.85
C ASP C 412 39.52 45.59 -53.26
N ASN C 413 39.76 44.75 -54.26
CA ASN C 413 39.85 45.24 -55.63
C ASN C 413 38.55 45.88 -56.10
N ASP C 414 37.45 45.15 -55.93
CA ASP C 414 36.14 45.64 -56.34
C ASP C 414 35.09 45.40 -55.26
N PRO C 415 35.11 46.22 -54.20
CA PRO C 415 34.19 45.97 -53.09
C PRO C 415 32.70 46.07 -53.47
N GLU C 416 32.20 47.23 -53.89
CA GLU C 416 30.76 47.41 -54.15
C GLU C 416 30.31 46.55 -55.33
N GLY C 417 31.28 46.10 -56.12
CA GLY C 417 31.02 45.16 -57.19
C GLY C 417 30.63 43.79 -56.67
N LEU C 418 31.48 43.22 -55.82
CA LEU C 418 31.19 41.90 -55.26
C LEU C 418 30.07 41.96 -54.22
N TYR C 419 30.10 43.01 -53.41
CA TYR C 419 29.10 43.22 -52.37
C TYR C 419 27.67 43.13 -52.92
N ASP C 420 27.39 43.89 -53.98
CA ASP C 420 26.03 43.96 -54.53
C ASP C 420 25.66 42.61 -55.15
N GLU C 421 26.63 41.92 -55.72
CA GLU C 421 26.38 40.61 -56.31
C GLU C 421 26.10 39.54 -55.25
N VAL C 422 26.90 39.50 -54.19
CA VAL C 422 26.69 38.50 -53.14
C VAL C 422 25.31 38.76 -52.52
N LEU C 423 24.96 40.04 -52.40
CA LEU C 423 23.65 40.45 -51.90
C LEU C 423 22.60 39.89 -52.84
N ARG C 424 22.89 39.94 -54.14
CA ARG C 424 22.03 39.41 -55.21
C ARG C 424 21.78 37.93 -55.05
N VAL C 425 22.80 37.14 -54.77
CA VAL C 425 22.56 35.72 -54.67
C VAL C 425 21.63 35.35 -53.50
N VAL C 426 21.90 35.89 -52.31
CA VAL C 426 21.09 35.57 -51.12
C VAL C 426 19.57 35.92 -51.09
N GLN C 427 19.17 37.12 -51.53
CA GLN C 427 17.73 37.48 -51.48
C GLN C 427 16.97 36.54 -52.40
N HIS C 428 17.69 36.03 -53.41
CA HIS C 428 17.12 35.14 -54.41
C HIS C 428 16.59 33.89 -53.73
N TRP C 429 17.43 33.22 -52.95
CA TRP C 429 16.99 31.99 -52.32
C TRP C 429 15.97 32.35 -51.25
N VAL C 430 16.15 33.54 -50.65
CA VAL C 430 15.19 34.08 -49.70
C VAL C 430 13.83 34.21 -50.40
N ASN C 431 13.86 34.62 -51.66
CA ASN C 431 12.65 34.75 -52.47
C ASN C 431 12.03 33.39 -52.76
N HIS C 432 12.81 32.33 -52.54
CA HIS C 432 12.33 30.98 -52.75
C HIS C 432 12.04 30.21 -51.44
N GLY C 433 11.86 30.95 -50.34
CA GLY C 433 11.39 30.37 -49.09
C GLY C 433 12.49 29.94 -48.15
N VAL C 434 13.73 30.26 -48.49
CA VAL C 434 14.87 29.91 -47.66
C VAL C 434 15.26 31.07 -46.77
N LYS C 435 15.03 30.94 -45.46
CA LYS C 435 15.29 32.06 -44.58
C LYS C 435 16.25 31.67 -43.47
N PHE C 436 17.07 30.66 -43.73
CA PHE C 436 18.15 30.36 -42.81
C PHE C 436 19.39 29.89 -43.56
N PHE C 437 20.51 30.58 -43.34
CA PHE C 437 21.74 30.28 -44.04
C PHE C 437 22.88 29.86 -43.12
N ARG C 438 23.60 28.81 -43.52
CA ARG C 438 24.79 28.40 -42.80
C ARG C 438 25.97 29.04 -43.51
N VAL C 439 26.41 30.23 -43.07
CA VAL C 439 27.52 30.90 -43.71
C VAL C 439 28.78 30.06 -43.53
N ASP C 440 29.57 29.89 -44.59
CA ASP C 440 30.62 28.87 -44.51
C ASP C 440 31.99 29.50 -44.40
N ASN C 441 32.70 29.07 -43.35
CA ASN C 441 34.05 29.53 -43.02
C ASN C 441 34.09 31.07 -43.03
N PRO C 442 33.15 31.72 -42.33
CA PRO C 442 33.03 33.19 -42.43
C PRO C 442 34.24 33.96 -41.96
N HIS C 443 35.04 33.32 -41.10
CA HIS C 443 36.20 33.96 -40.48
C HIS C 443 37.34 34.15 -41.45
N THR C 444 37.25 33.56 -42.65
CA THR C 444 38.33 33.74 -43.60
C THR C 444 37.96 34.82 -44.59
N LYS C 445 36.91 35.57 -44.25
CA LYS C 445 36.52 36.68 -45.07
C LYS C 445 36.27 37.92 -44.18
N PRO C 446 36.36 39.17 -44.72
CA PRO C 446 36.24 40.38 -43.85
C PRO C 446 34.92 40.46 -43.07
N PRO C 447 35.03 40.80 -41.75
CA PRO C 447 33.98 40.99 -40.76
C PRO C 447 32.91 41.99 -41.10
N ASN C 448 33.40 43.15 -41.55
CA ASN C 448 32.53 44.31 -41.83
C ASN C 448 31.59 43.97 -42.95
N PHE C 449 32.08 43.10 -43.83
CA PHE C 449 31.32 42.61 -44.95
C PHE C 449 30.08 41.90 -44.41
N TRP C 450 30.29 40.96 -43.50
CA TRP C 450 29.19 40.21 -42.92
C TRP C 450 28.21 41.17 -42.26
N ALA C 451 28.77 42.14 -41.54
CA ALA C 451 28.01 43.18 -40.87
C ALA C 451 27.18 43.95 -41.89
N TRP C 452 27.78 44.19 -43.05
CA TRP C 452 27.14 44.90 -44.13
C TRP C 452 26.04 44.04 -44.72
N LEU C 453 26.41 42.81 -45.04
CA LEU C 453 25.50 41.87 -45.71
C LEU C 453 24.26 41.58 -44.86
N ILE C 454 24.48 41.33 -43.58
CA ILE C 454 23.41 41.01 -42.66
C ILE C 454 22.37 42.11 -42.49
N ALA C 455 22.80 43.36 -42.27
CA ALA C 455 21.77 44.36 -42.03
C ALA C 455 20.89 44.64 -43.26
N GLN C 456 21.47 44.63 -44.44
CA GLN C 456 20.66 44.91 -45.61
C GLN C 456 19.63 43.79 -45.83
N VAL C 457 20.11 42.55 -45.75
CA VAL C 457 19.21 41.42 -45.92
C VAL C 457 18.18 41.46 -44.80
N LYS C 458 18.59 41.63 -43.55
CA LYS C 458 17.60 41.63 -42.47
C LYS C 458 16.63 42.82 -42.55
N THR C 459 17.03 43.89 -43.24
CA THR C 459 16.17 45.06 -43.41
C THR C 459 14.99 44.81 -44.36
N VAL C 460 15.25 44.10 -45.46
CA VAL C 460 14.18 43.72 -46.38
C VAL C 460 13.36 42.60 -45.77
N ASP C 461 14.03 41.59 -45.25
CA ASP C 461 13.35 40.50 -44.56
C ASP C 461 14.04 40.20 -43.24
N PRO C 462 13.37 40.51 -42.13
CA PRO C 462 14.01 40.42 -40.83
C PRO C 462 13.93 39.03 -40.21
N ASP C 463 13.37 38.08 -40.94
CA ASP C 463 13.23 36.74 -40.40
C ASP C 463 14.34 35.85 -40.94
N VAL C 464 15.30 36.43 -41.66
CA VAL C 464 16.41 35.64 -42.18
C VAL C 464 17.53 35.55 -41.15
N LEU C 465 18.01 34.33 -40.89
CA LEU C 465 19.02 34.14 -39.83
C LEU C 465 20.27 33.44 -40.32
N PHE C 466 21.40 33.75 -39.69
CA PHE C 466 22.68 33.23 -40.13
C PHE C 466 23.41 32.46 -39.03
N LEU C 467 24.02 31.36 -39.46
CA LEU C 467 24.83 30.48 -38.63
C LEU C 467 26.28 30.45 -39.10
N SER C 468 27.22 30.69 -38.19
CA SER C 468 28.63 30.79 -38.56
C SER C 468 29.44 29.56 -38.23
N GLU C 469 29.97 28.91 -39.27
CA GLU C 469 30.81 27.75 -39.09
C GLU C 469 32.23 28.28 -38.88
N ALA C 470 32.46 28.94 -37.75
CA ALA C 470 33.77 29.53 -37.47
C ALA C 470 34.58 28.79 -36.40
N PHE C 471 35.43 27.87 -36.83
CA PHE C 471 36.35 27.19 -35.92
C PHE C 471 37.62 28.00 -35.83
N THR C 472 37.62 28.93 -34.89
CA THR C 472 38.68 29.91 -34.83
C THR C 472 38.84 30.35 -33.38
N PRO C 473 40.00 30.94 -33.03
CA PRO C 473 40.23 31.36 -31.64
C PRO C 473 39.15 32.31 -31.12
N PRO C 474 39.00 32.43 -29.78
CA PRO C 474 37.84 33.08 -29.16
C PRO C 474 37.53 34.47 -29.73
N ALA C 475 38.53 35.34 -29.75
CA ALA C 475 38.33 36.74 -30.14
C ALA C 475 37.62 36.89 -31.48
N ARG C 476 37.91 35.97 -32.39
CA ARG C 476 37.23 35.93 -33.69
C ARG C 476 35.87 35.22 -33.58
N GLN C 477 35.87 34.05 -32.94
CA GLN C 477 34.68 33.21 -32.86
C GLN C 477 33.53 33.96 -32.19
N TYR C 478 33.79 34.49 -30.99
CA TYR C 478 32.77 35.22 -30.25
C TYR C 478 32.58 36.60 -30.86
N GLY C 479 33.61 37.10 -31.53
CA GLY C 479 33.57 38.41 -32.16
C GLY C 479 32.52 38.45 -33.26
N LEU C 480 32.53 37.39 -34.07
CA LEU C 480 31.61 37.24 -35.18
C LEU C 480 30.17 37.23 -34.69
N ALA C 481 29.95 36.60 -33.55
CA ALA C 481 28.62 36.55 -32.97
C ALA C 481 28.18 37.97 -32.66
N LYS C 482 29.06 38.78 -32.08
CA LYS C 482 28.70 40.13 -31.67
C LYS C 482 28.15 40.98 -32.83
N LEU C 483 28.72 40.84 -34.04
CA LEU C 483 28.28 41.71 -35.13
C LEU C 483 26.95 41.30 -35.80
N GLY C 484 26.36 40.19 -35.37
CA GLY C 484 25.02 39.88 -35.82
C GLY C 484 24.63 38.45 -36.15
N PHE C 485 25.60 37.54 -36.22
CA PHE C 485 25.24 36.15 -36.52
C PHE C 485 24.34 35.54 -35.46
N THR C 486 23.20 35.04 -35.91
CA THR C 486 22.16 34.52 -35.02
C THR C 486 22.59 33.26 -34.24
N GLN C 487 23.41 32.42 -34.86
CA GLN C 487 23.97 31.25 -34.15
C GLN C 487 25.43 31.10 -34.55
N SER C 488 26.19 30.34 -33.74
CA SER C 488 27.60 30.09 -34.03
C SER C 488 27.98 28.65 -33.73
N TYR C 489 28.85 28.06 -34.56
CA TYR C 489 29.41 26.75 -34.23
C TYR C 489 30.32 26.92 -33.01
N SER C 490 30.68 25.82 -32.35
CA SER C 490 31.47 25.94 -31.13
C SER C 490 32.62 24.94 -31.07
N TYR C 491 33.38 25.02 -29.98
CA TYR C 491 34.52 24.13 -29.76
C TYR C 491 34.04 22.81 -29.14
N PHE C 492 32.73 22.58 -29.20
CA PHE C 492 32.08 21.52 -28.43
C PHE C 492 32.68 20.12 -28.61
N THR C 493 32.97 19.75 -29.85
CA THR C 493 33.36 18.39 -30.16
C THR C 493 34.63 17.97 -29.41
N TRP C 494 35.48 18.93 -29.09
CA TRP C 494 36.77 18.68 -28.44
C TRP C 494 36.74 18.92 -26.94
N ARG C 495 35.54 18.92 -26.36
CA ARG C 495 35.41 18.92 -24.92
C ARG C 495 34.89 17.56 -24.50
N THR C 496 35.71 16.77 -23.80
CA THR C 496 35.28 15.43 -23.45
C THR C 496 35.57 15.04 -22.01
N THR C 497 36.10 15.95 -21.20
CA THR C 497 36.31 15.60 -19.80
C THR C 497 35.31 16.39 -18.98
N LYS C 498 35.05 15.91 -17.77
CA LYS C 498 34.06 16.54 -16.92
C LYS C 498 34.38 18.02 -16.73
N TRP C 499 35.66 18.34 -16.59
CA TRP C 499 36.06 19.73 -16.40
C TRP C 499 35.89 20.61 -17.64
N GLU C 500 36.22 20.07 -18.81
CA GLU C 500 36.03 20.81 -20.04
C GLU C 500 34.54 21.05 -20.25
N LEU C 501 33.78 19.98 -20.11
CA LEU C 501 32.35 20.05 -20.30
C LEU C 501 31.69 20.94 -19.27
N THR C 502 32.17 20.91 -18.02
CA THR C 502 31.60 21.77 -16.99
C THR C 502 31.78 23.22 -17.39
N GLU C 503 33.00 23.58 -17.78
CA GLU C 503 33.26 24.95 -18.15
C GLU C 503 32.49 25.31 -19.41
N PHE C 504 32.50 24.39 -20.37
CA PHE C 504 31.77 24.59 -21.63
C PHE C 504 30.26 24.79 -21.43
N GLY C 505 29.65 24.03 -20.53
CA GLY C 505 28.23 24.17 -20.28
C GLY C 505 28.07 25.57 -19.74
N ASN C 506 28.86 25.89 -18.75
CA ASN C 506 28.84 27.22 -18.19
C ASN C 506 29.26 28.26 -19.24
N GLN C 507 30.16 27.88 -20.16
CA GLN C 507 30.72 28.79 -21.16
C GLN C 507 29.48 29.21 -21.99
N ILE C 508 28.46 28.32 -22.11
CA ILE C 508 27.23 28.53 -22.95
C ILE C 508 26.81 29.85 -22.40
N ALA C 509 26.71 29.86 -21.07
CA ALA C 509 26.67 31.09 -20.33
C ALA C 509 25.36 31.94 -20.41
N GLU C 510 25.25 33.27 -20.13
CA GLU C 510 26.21 34.32 -19.65
C GLU C 510 26.59 34.98 -20.99
N LEU C 511 27.33 34.30 -21.86
CA LEU C 511 27.82 34.81 -23.14
C LEU C 511 26.63 34.74 -24.12
N ALA C 512 25.49 34.42 -23.52
CA ALA C 512 24.21 34.21 -24.13
C ALA C 512 23.68 35.48 -24.80
N ASP C 513 24.02 36.64 -24.24
CA ASP C 513 23.52 37.91 -24.77
C ASP C 513 23.93 38.26 -26.18
N TYR C 514 25.02 37.69 -26.68
CA TYR C 514 25.38 37.97 -28.06
C TYR C 514 25.78 36.71 -28.82
N ARG C 515 25.97 35.59 -28.13
CA ARG C 515 26.26 34.38 -28.87
C ARG C 515 25.26 33.26 -28.52
N ARG C 516 24.71 32.63 -29.55
CA ARG C 516 23.88 31.44 -29.39
C ARG C 516 24.64 30.28 -30.01
N PRO C 517 24.97 29.28 -29.20
CA PRO C 517 25.75 28.20 -29.82
C PRO C 517 24.87 27.09 -30.41
N ASN C 518 25.28 26.57 -31.56
CA ASN C 518 24.64 25.38 -32.13
C ASN C 518 25.56 24.18 -31.97
N LEU C 519 25.15 23.24 -31.14
CA LEU C 519 26.04 22.16 -30.78
C LEU C 519 25.85 20.97 -31.72
N PHE C 520 26.85 20.73 -32.55
CA PHE C 520 26.81 19.67 -33.55
C PHE C 520 27.60 18.48 -33.05
N VAL C 521 26.97 17.31 -33.06
CA VAL C 521 27.66 16.11 -32.61
C VAL C 521 28.77 15.73 -33.61
N ASN C 522 28.49 15.92 -34.90
CA ASN C 522 29.49 15.71 -35.95
C ASN C 522 29.24 16.59 -37.17
N THR C 523 30.24 16.73 -38.02
CA THR C 523 30.09 17.35 -39.33
C THR C 523 30.87 16.44 -40.27
N PRO C 524 30.69 16.62 -41.59
CA PRO C 524 31.44 15.81 -42.55
C PRO C 524 32.96 15.89 -42.37
N ASP C 525 33.43 17.01 -41.82
CA ASP C 525 34.86 17.22 -41.59
C ASP C 525 35.38 16.74 -40.22
N ILE C 526 34.48 16.49 -39.25
CA ILE C 526 34.92 16.16 -37.89
C ILE C 526 34.29 14.87 -37.34
N LEU C 527 35.09 13.81 -37.29
CA LEU C 527 34.73 12.56 -36.63
C LEU C 527 35.66 12.35 -35.45
N HIS C 528 35.24 12.80 -34.28
CA HIS C 528 36.13 12.81 -33.14
C HIS C 528 36.57 11.41 -32.76
N ALA C 529 37.79 11.35 -32.22
CA ALA C 529 38.46 10.13 -31.84
C ALA C 529 37.59 9.35 -30.86
N VAL C 530 36.94 10.09 -29.96
CA VAL C 530 36.19 9.47 -28.86
C VAL C 530 35.02 8.63 -29.40
N LEU C 531 34.43 9.06 -30.52
CA LEU C 531 33.37 8.29 -31.18
C LEU C 531 33.95 7.04 -31.84
N GLN C 532 35.20 7.17 -32.27
CA GLN C 532 35.89 6.13 -33.02
C GLN C 532 36.09 4.85 -32.22
N HIS C 533 36.36 4.96 -30.92
CA HIS C 533 36.72 3.76 -30.19
C HIS C 533 35.81 3.41 -29.02
N ASN C 534 34.90 4.29 -28.64
CA ASN C 534 34.08 3.99 -27.47
C ASN C 534 32.72 3.36 -27.80
N GLY C 535 32.46 3.13 -29.09
CA GLY C 535 31.31 2.37 -29.52
C GLY C 535 29.98 3.12 -29.45
N PRO C 536 28.88 2.43 -29.80
CA PRO C 536 27.57 3.04 -30.03
C PRO C 536 27.03 3.76 -28.80
N GLY C 537 27.52 3.38 -27.62
CA GLY C 537 27.09 3.98 -26.37
C GLY C 537 27.39 5.47 -26.36
N MET C 538 28.60 5.81 -26.80
CA MET C 538 29.09 7.19 -26.75
C MET C 538 28.26 8.07 -27.65
N PHE C 539 27.84 7.49 -28.78
CA PHE C 539 27.04 8.24 -29.73
C PHE C 539 25.77 8.75 -29.06
N ALA C 540 25.21 7.93 -28.18
CA ALA C 540 24.05 8.32 -27.38
C ALA C 540 24.44 9.45 -26.44
N ILE C 541 25.59 9.28 -25.80
CA ILE C 541 26.08 10.18 -24.76
C ILE C 541 26.27 11.58 -25.32
N ARG C 542 26.89 11.67 -26.49
CA ARG C 542 27.14 12.96 -27.11
C ARG C 542 25.81 13.62 -27.49
N ALA C 543 24.87 12.80 -27.94
CA ALA C 543 23.56 13.27 -28.34
C ALA C 543 22.85 13.89 -27.13
N VAL C 544 23.00 13.25 -25.98
CA VAL C 544 22.40 13.74 -24.74
C VAL C 544 23.01 15.07 -24.33
N LEU C 545 24.32 15.21 -24.49
CA LEU C 545 24.99 16.44 -24.11
C LEU C 545 24.58 17.61 -25.00
N ALA C 546 24.60 17.40 -26.30
CA ALA C 546 24.28 18.47 -27.23
C ALA C 546 22.84 18.93 -27.07
N ALA C 547 21.92 17.97 -27.06
CA ALA C 547 20.50 18.26 -27.03
C ALA C 547 20.10 19.00 -25.75
N THR C 548 20.67 18.58 -24.63
CA THR C 548 20.36 19.17 -23.32
C THR C 548 21.09 20.50 -23.00
N MET C 549 22.38 20.58 -23.33
CA MET C 549 23.17 21.77 -23.03
C MET C 549 22.66 23.00 -23.78
N SER C 550 22.24 22.82 -25.03
CA SER C 550 21.78 23.96 -25.81
C SER C 550 20.36 23.79 -26.36
N PRO C 551 19.61 24.90 -26.44
CA PRO C 551 18.28 24.89 -27.06
C PRO C 551 18.45 24.48 -28.51
N ALA C 552 19.57 24.87 -29.10
CA ALA C 552 19.85 24.53 -30.49
C ALA C 552 21.03 23.56 -30.59
N TRP C 553 20.78 22.43 -31.24
CA TRP C 553 21.76 21.37 -31.44
C TRP C 553 21.61 20.80 -32.85
N GLY C 554 22.54 19.97 -33.29
CA GLY C 554 22.47 19.49 -34.65
C GLY C 554 23.14 18.14 -34.87
N MET C 555 22.83 17.52 -36.00
CA MET C 555 23.35 16.20 -36.32
C MET C 555 23.58 16.07 -37.80
N TYR C 556 24.71 15.48 -38.17
CA TYR C 556 25.03 15.23 -39.56
C TYR C 556 24.68 13.79 -39.95
N CYS C 557 24.13 13.62 -41.15
CA CYS C 557 23.59 12.34 -41.64
C CYS C 557 24.55 11.17 -41.45
N GLY C 558 24.01 9.99 -41.19
CA GLY C 558 24.83 8.81 -40.99
C GLY C 558 25.26 8.63 -39.56
N TYR C 559 25.04 9.66 -38.76
CA TYR C 559 25.36 9.63 -37.35
C TYR C 559 24.56 8.50 -36.70
N GLU C 560 23.31 8.38 -37.13
CA GLU C 560 22.37 7.40 -36.60
C GLU C 560 22.75 5.96 -36.89
N LEU C 561 23.73 5.76 -37.77
CA LEU C 561 24.16 4.40 -38.07
C LEU C 561 25.43 4.01 -37.32
N PHE C 562 25.89 4.91 -36.45
CA PHE C 562 27.08 4.68 -35.64
C PHE C 562 28.32 4.63 -36.53
N GLU C 563 28.29 5.38 -37.63
CA GLU C 563 29.45 5.46 -38.50
C GLU C 563 30.61 6.03 -37.72
N HIS C 564 31.65 5.23 -37.54
CA HIS C 564 32.72 5.57 -36.61
C HIS C 564 34.13 5.33 -37.15
N ARG C 565 34.26 5.11 -38.45
CA ARG C 565 35.55 4.82 -39.05
C ARG C 565 36.18 6.03 -39.77
N ALA C 566 37.40 6.37 -39.34
CA ALA C 566 38.16 7.49 -39.89
C ALA C 566 39.18 7.00 -40.92
N VAL C 567 39.68 7.91 -41.74
CA VAL C 567 40.56 7.56 -42.86
C VAL C 567 41.83 6.86 -42.44
N ARG C 568 42.46 7.35 -41.38
CA ARG C 568 43.64 6.68 -40.81
C ARG C 568 43.54 6.97 -39.34
N GLU C 569 44.18 6.15 -38.52
CA GLU C 569 44.11 6.38 -37.08
C GLU C 569 44.68 7.78 -36.85
N GLY C 570 44.06 8.54 -35.96
CA GLY C 570 44.50 9.88 -35.65
C GLY C 570 43.97 10.99 -36.54
N SER C 571 43.03 10.69 -37.44
CA SER C 571 42.45 11.74 -38.30
C SER C 571 41.00 11.98 -37.91
N GLU C 572 40.42 13.11 -38.33
CA GLU C 572 39.01 13.34 -38.03
C GLU C 572 38.07 13.39 -39.25
N GLU C 573 38.53 12.85 -40.37
CA GLU C 573 37.74 12.80 -41.61
C GLU C 573 37.16 11.43 -41.90
N TYR C 574 35.88 11.43 -42.29
CA TYR C 574 35.11 10.22 -42.56
C TYR C 574 35.70 9.46 -43.75
N LEU C 575 35.93 8.16 -43.62
CA LEU C 575 36.42 7.37 -44.76
C LEU C 575 35.42 7.32 -45.87
N ASP C 576 35.89 7.50 -47.10
CA ASP C 576 35.02 7.50 -48.24
C ASP C 576 33.97 8.59 -48.07
N SER C 577 34.44 9.77 -47.69
CA SER C 577 33.57 10.86 -47.27
C SER C 577 32.51 11.17 -48.32
N GLU C 578 31.32 11.52 -47.85
CA GLU C 578 30.18 11.80 -48.73
C GLU C 578 30.46 13.03 -49.58
N LYS C 579 31.44 13.82 -49.16
CA LYS C 579 31.77 15.02 -49.91
C LYS C 579 32.30 14.62 -51.29
N TYR C 580 33.07 13.53 -51.36
CA TYR C 580 33.69 13.15 -52.62
C TYR C 580 33.01 11.99 -53.37
N GLU C 581 32.08 11.30 -52.70
CA GLU C 581 31.51 10.09 -53.29
C GLU C 581 30.02 10.02 -52.98
N LEU C 582 29.26 9.30 -53.79
CA LEU C 582 27.85 9.11 -53.48
C LEU C 582 27.70 8.03 -52.42
N ARG C 583 26.91 8.31 -51.39
CA ARG C 583 26.69 7.35 -50.32
C ARG C 583 25.19 7.24 -49.98
N PRO C 584 24.47 6.37 -50.69
CA PRO C 584 23.08 6.07 -50.31
C PRO C 584 23.11 5.28 -49.02
N ARG C 585 22.13 5.46 -48.15
CA ARG C 585 22.11 4.71 -46.92
C ARG C 585 20.77 4.01 -46.69
N ASP C 586 20.77 2.89 -45.98
CA ASP C 586 19.52 2.16 -45.77
C ASP C 586 19.12 2.21 -44.29
N PHE C 587 18.40 3.25 -43.90
CA PHE C 587 18.03 3.46 -42.51
C PHE C 587 17.05 2.40 -42.00
N ALA C 588 16.13 1.99 -42.88
CA ALA C 588 15.07 1.07 -42.50
C ALA C 588 15.61 -0.26 -41.99
N SER C 589 16.56 -0.85 -42.72
CA SER C 589 17.13 -2.15 -42.34
C SER C 589 17.77 -2.08 -40.96
N ALA C 590 18.39 -0.94 -40.67
CA ALA C 590 19.06 -0.74 -39.38
C ALA C 590 18.02 -0.81 -38.28
N LEU C 591 16.86 -0.22 -38.56
CA LEU C 591 15.74 -0.23 -37.62
C LEU C 591 15.34 -1.68 -37.36
N ASP C 592 15.28 -2.44 -38.45
CA ASP C 592 14.86 -3.82 -38.43
C ASP C 592 15.91 -4.65 -37.69
N GLN C 593 17.18 -4.31 -37.89
CA GLN C 593 18.25 -5.05 -37.24
C GLN C 593 18.60 -4.48 -35.88
N GLY C 594 17.79 -3.54 -35.39
CA GLY C 594 18.02 -3.00 -34.07
C GLY C 594 19.41 -2.41 -33.99
N ARG C 595 19.87 -1.81 -35.08
CA ARG C 595 21.18 -1.17 -35.10
C ARG C 595 21.07 0.33 -35.46
N SER C 596 20.02 0.97 -34.96
CA SER C 596 19.82 2.39 -35.23
C SER C 596 19.61 3.22 -33.98
N LEU C 597 20.18 4.42 -33.95
CA LEU C 597 20.02 5.27 -32.78
C LEU C 597 18.87 6.26 -33.03
N GLN C 598 18.14 6.02 -34.11
CA GLN C 598 17.01 6.87 -34.48
C GLN C 598 15.85 6.99 -33.46
N PRO C 599 15.44 5.87 -32.84
CA PRO C 599 14.37 6.01 -31.85
C PRO C 599 14.80 6.90 -30.69
N PHE C 600 16.02 6.69 -30.20
CA PHE C 600 16.51 7.41 -29.04
C PHE C 600 16.51 8.92 -29.32
N ILE C 601 17.05 9.30 -30.49
CA ILE C 601 17.16 10.70 -30.90
C ILE C 601 15.74 11.29 -30.93
N THR C 602 14.80 10.49 -31.43
CA THR C 602 13.40 10.87 -31.51
C THR C 602 12.94 11.19 -30.09
N ARG C 603 13.31 10.31 -29.15
CA ARG C 603 12.93 10.46 -27.75
C ARG C 603 13.59 11.72 -27.18
N LEU C 604 14.79 12.02 -27.66
CA LEU C 604 15.49 13.22 -27.21
C LEU C 604 14.78 14.48 -27.68
N ASN C 605 14.40 14.53 -28.95
CA ASN C 605 13.75 15.73 -29.44
C ASN C 605 12.37 15.98 -28.84
N ILE C 606 11.61 14.92 -28.58
CA ILE C 606 10.32 15.12 -27.93
C ILE C 606 10.36 15.73 -26.53
N ILE C 607 11.29 15.28 -25.70
CA ILE C 607 11.39 15.79 -24.34
C ILE C 607 11.71 17.30 -24.29
N ARG C 608 12.66 17.74 -25.14
CA ARG C 608 13.00 19.16 -25.23
C ARG C 608 11.78 19.97 -25.63
N ARG C 609 11.02 19.47 -26.60
CA ARG C 609 9.81 20.18 -27.01
C ARG C 609 8.85 20.11 -25.83
N LEU C 610 8.86 18.98 -25.14
CA LEU C 610 7.95 18.74 -24.04
C LEU C 610 8.24 19.70 -22.89
N HIS C 611 9.52 19.93 -22.60
CA HIS C 611 9.91 20.79 -21.48
C HIS C 611 10.54 22.09 -21.96
N PRO C 612 9.84 23.22 -21.76
CA PRO C 612 10.26 24.55 -22.23
C PRO C 612 11.52 25.02 -21.50
N ALA C 613 11.94 24.25 -20.50
CA ALA C 613 13.14 24.55 -19.76
C ALA C 613 14.36 24.45 -20.68
N PHE C 614 14.26 23.55 -21.67
CA PHE C 614 15.35 23.28 -22.59
C PHE C 614 15.54 24.32 -23.69
N GLN C 615 14.63 25.29 -23.80
CA GLN C 615 14.83 26.37 -24.77
C GLN C 615 15.56 27.55 -24.16
N GLN C 616 16.01 27.42 -22.92
CA GLN C 616 16.68 28.54 -22.26
C GLN C 616 18.18 28.38 -22.39
N LEU C 617 18.91 29.49 -22.61
CA LEU C 617 20.36 29.41 -22.60
C LEU C 617 20.99 29.62 -21.25
N ARG C 618 20.52 30.69 -20.62
CA ARG C 618 21.14 31.29 -19.44
C ARG C 618 21.10 30.50 -18.14
N THR C 619 20.06 29.72 -17.94
CA THR C 619 19.74 29.22 -16.61
C THR C 619 20.34 27.84 -16.30
N ILE C 620 21.25 27.38 -17.14
CA ILE C 620 21.92 26.10 -16.91
C ILE C 620 22.67 26.21 -15.58
N HIS C 621 22.60 25.16 -14.76
CA HIS C 621 23.33 25.14 -13.50
C HIS C 621 23.87 23.75 -13.20
N PHE C 622 25.13 23.67 -12.77
CA PHE C 622 25.78 22.36 -12.59
C PHE C 622 25.78 21.98 -11.12
N HIS C 623 25.39 20.74 -10.87
CA HIS C 623 25.31 20.23 -9.51
C HIS C 623 26.41 19.22 -9.21
N HIS C 624 26.81 19.13 -7.94
CA HIS C 624 27.98 18.32 -7.58
C HIS C 624 27.66 16.83 -7.52
N VAL C 625 28.44 16.04 -8.23
CA VAL C 625 28.41 14.57 -8.15
C VAL C 625 29.78 14.01 -7.87
N ASP C 626 29.95 13.28 -6.78
CA ASP C 626 31.29 12.83 -6.38
C ASP C 626 31.71 11.65 -7.25
N ASN C 627 31.71 11.86 -8.56
CA ASN C 627 32.30 10.90 -9.48
C ASN C 627 32.88 11.61 -10.69
N ASP C 628 34.14 11.31 -10.99
CA ASP C 628 34.83 11.99 -12.07
C ASP C 628 34.19 11.62 -13.41
N ALA C 629 33.46 10.50 -13.41
CA ALA C 629 32.88 10.00 -14.66
C ALA C 629 31.43 10.42 -14.84
N LEU C 630 30.87 11.13 -13.85
CA LEU C 630 29.48 11.51 -13.94
C LEU C 630 29.29 13.01 -13.96
N LEU C 631 28.43 13.47 -14.86
CA LEU C 631 28.17 14.90 -14.99
C LEU C 631 26.66 15.17 -14.87
N ALA C 632 26.28 16.06 -13.95
CA ALA C 632 24.87 16.39 -13.69
C ALA C 632 24.59 17.90 -13.63
N TYR C 633 23.65 18.36 -14.45
CA TYR C 633 23.35 19.79 -14.52
C TYR C 633 21.84 19.96 -14.70
N SER C 634 21.33 21.15 -14.43
CA SER C 634 19.89 21.38 -14.51
C SER C 634 19.55 22.68 -15.20
N LYS C 635 18.40 22.69 -15.84
CA LYS C 635 17.88 23.87 -16.51
C LYS C 635 16.44 24.11 -16.07
N PHE C 636 16.00 25.36 -16.10
CA PHE C 636 14.61 25.66 -15.80
C PHE C 636 14.11 26.77 -16.73
N ASP C 637 12.79 26.93 -16.84
CA ASP C 637 12.21 27.97 -17.67
C ASP C 637 11.59 29.01 -16.74
N PRO C 638 12.07 30.26 -16.81
CA PRO C 638 11.62 31.40 -16.01
C PRO C 638 10.12 31.67 -16.11
N ALA C 639 9.54 31.35 -17.26
CA ALA C 639 8.13 31.61 -17.51
C ALA C 639 7.25 30.61 -16.75
N THR C 640 7.29 29.35 -17.14
CA THR C 640 6.34 28.38 -16.61
C THR C 640 6.83 27.78 -15.29
N GLY C 641 8.09 28.01 -14.97
CA GLY C 641 8.64 27.46 -13.75
C GLY C 641 9.09 26.03 -13.95
N ASP C 642 8.92 25.48 -15.16
CA ASP C 642 9.36 24.12 -15.46
C ASP C 642 10.82 23.92 -15.09
N CYS C 643 11.16 22.73 -14.60
CA CYS C 643 12.54 22.49 -14.18
C CYS C 643 12.92 21.05 -14.43
N VAL C 644 14.10 20.88 -15.02
CA VAL C 644 14.60 19.57 -15.44
C VAL C 644 16.06 19.40 -15.11
N LEU C 645 16.42 18.17 -14.73
CA LEU C 645 17.80 17.81 -14.41
C LEU C 645 18.29 16.68 -15.29
N VAL C 646 19.51 16.82 -15.78
CA VAL C 646 20.12 15.82 -16.63
C VAL C 646 21.33 15.22 -15.93
N VAL C 647 21.38 13.90 -15.89
CA VAL C 647 22.57 13.20 -15.43
C VAL C 647 23.07 12.23 -16.46
N VAL C 648 24.31 12.42 -16.89
CA VAL C 648 24.85 11.58 -17.95
C VAL C 648 26.22 11.06 -17.52
N THR C 649 26.64 9.93 -18.10
CA THR C 649 27.93 9.31 -17.86
C THR C 649 28.86 9.57 -19.03
N LEU C 650 30.15 9.72 -18.75
CA LEU C 650 31.12 9.89 -19.81
C LEU C 650 31.78 8.56 -20.09
N ASN C 651 31.42 7.53 -19.33
CA ASN C 651 32.02 6.24 -19.60
C ASN C 651 30.99 5.37 -20.28
N ALA C 652 31.31 5.02 -21.51
CA ALA C 652 30.44 4.26 -22.39
C ALA C 652 30.47 2.78 -22.04
N PHE C 653 31.51 2.36 -21.33
CA PHE C 653 31.76 0.94 -21.16
C PHE C 653 31.32 0.36 -19.83
N GLY C 654 31.52 1.13 -18.76
CA GLY C 654 31.23 0.62 -17.44
C GLY C 654 30.11 1.29 -16.68
N PRO C 655 29.37 0.50 -15.91
CA PRO C 655 28.34 1.08 -15.05
C PRO C 655 29.04 2.00 -14.04
N GLU C 656 28.46 3.14 -13.70
CA GLU C 656 29.10 4.05 -12.74
C GLU C 656 28.09 4.54 -11.73
N GLU C 657 28.50 4.57 -10.46
CA GLU C 657 27.57 4.96 -9.42
C GLU C 657 28.26 5.99 -8.55
N ALA C 658 27.46 6.81 -7.87
CA ALA C 658 27.97 7.91 -7.06
C ALA C 658 26.88 8.45 -6.16
N THR C 659 27.23 9.42 -5.33
CA THR C 659 26.24 10.12 -4.52
C THR C 659 26.03 11.50 -5.09
N LEU C 660 24.79 11.87 -5.38
CA LEU C 660 24.55 13.15 -6.02
C LEU C 660 24.06 14.18 -5.00
N TRP C 661 24.73 15.33 -4.93
CA TRP C 661 24.38 16.36 -3.97
C TRP C 661 23.80 17.56 -4.71
N LEU C 662 22.77 18.19 -4.15
CA LEU C 662 22.10 19.28 -4.85
C LEU C 662 22.19 20.59 -4.08
N ASP C 663 22.26 21.69 -4.82
CA ASP C 663 22.11 23.02 -4.23
C ASP C 663 20.65 23.41 -4.37
N MET C 664 19.89 23.11 -3.33
CA MET C 664 18.44 23.19 -3.38
C MET C 664 17.97 24.60 -3.63
N ALA C 665 18.76 25.57 -3.16
CA ALA C 665 18.44 26.99 -3.30
C ALA C 665 18.27 27.33 -4.78
N ALA C 666 19.16 26.77 -5.60
CA ALA C 666 19.12 26.99 -7.04
C ALA C 666 17.85 26.44 -7.68
N LEU C 667 17.29 25.39 -7.06
CA LEU C 667 16.06 24.75 -7.55
C LEU C 667 14.79 25.31 -6.87
N GLY C 668 14.99 26.27 -5.98
CA GLY C 668 13.88 26.94 -5.33
C GLY C 668 13.31 26.22 -4.12
N MET C 669 14.14 25.41 -3.47
CA MET C 669 13.70 24.67 -2.29
C MET C 669 14.68 24.84 -1.12
N GLU C 670 14.20 24.61 0.09
CA GLU C 670 15.05 24.63 1.27
C GLU C 670 15.86 23.34 1.30
N ASP C 671 16.95 23.31 2.06
CA ASP C 671 17.83 22.15 2.07
C ASP C 671 17.23 20.83 2.54
N TYR C 672 16.32 20.88 3.52
CA TYR C 672 15.77 19.66 4.09
C TYR C 672 14.64 19.05 3.27
N ASP C 673 14.16 19.77 2.27
CA ASP C 673 12.97 19.32 1.55
C ASP C 673 13.12 17.97 0.88
N ARG C 674 12.00 17.28 0.75
CA ARG C 674 11.91 16.07 -0.07
C ARG C 674 10.73 16.15 -1.02
N PHE C 675 10.92 15.62 -2.22
CA PHE C 675 10.00 15.85 -3.33
C PHE C 675 10.05 14.67 -4.29
N TRP C 676 9.12 14.63 -5.24
CA TRP C 676 9.06 13.48 -6.13
C TRP C 676 9.45 13.80 -7.56
N VAL C 677 10.14 12.86 -8.19
CA VAL C 677 10.60 13.09 -9.54
C VAL C 677 10.22 11.90 -10.43
N ARG C 678 10.22 12.13 -11.74
CA ARG C 678 9.93 11.07 -12.71
C ARG C 678 10.96 11.15 -13.86
N ASP C 679 11.42 9.99 -14.30
CA ASP C 679 12.42 9.90 -15.37
C ASP C 679 11.68 9.83 -16.70
N GLU C 680 11.87 10.83 -17.55
CA GLU C 680 11.07 10.91 -18.77
C GLU C 680 11.35 9.79 -19.76
N ILE C 681 12.56 9.22 -19.72
CA ILE C 681 12.83 8.04 -20.53
C ILE C 681 12.27 6.76 -19.87
N THR C 682 12.56 6.54 -18.58
CA THR C 682 12.17 5.32 -17.87
C THR C 682 10.70 5.30 -17.44
N GLY C 683 10.22 6.43 -16.94
CA GLY C 683 8.87 6.51 -16.41
C GLY C 683 8.85 6.19 -14.94
N GLU C 684 10.01 5.78 -14.41
CA GLU C 684 10.12 5.40 -13.01
C GLU C 684 10.02 6.68 -12.16
N GLU C 685 9.49 6.55 -10.94
CA GLU C 685 9.32 7.69 -10.02
C GLU C 685 10.09 7.47 -8.73
N TYR C 686 10.64 8.54 -8.14
CA TYR C 686 11.30 8.38 -6.84
C TYR C 686 11.16 9.60 -5.95
N GLN C 687 11.56 9.42 -4.70
CA GLN C 687 11.53 10.47 -3.71
C GLN C 687 12.96 10.95 -3.57
N TRP C 688 13.18 12.25 -3.56
CA TRP C 688 14.56 12.73 -3.51
C TRP C 688 14.73 13.82 -2.45
N GLY C 689 15.98 14.17 -2.16
CA GLY C 689 16.31 15.21 -1.21
C GLY C 689 17.58 15.91 -1.66
N GLN C 690 18.27 16.57 -0.73
CA GLN C 690 19.50 17.27 -1.11
C GLN C 690 20.54 16.29 -1.64
N ALA C 691 20.66 15.14 -0.98
CA ALA C 691 21.62 14.13 -1.39
C ALA C 691 20.91 12.82 -1.72
N ASN C 692 21.16 12.34 -2.94
CA ASN C 692 20.43 11.19 -3.47
C ASN C 692 21.38 10.21 -4.11
N TYR C 693 20.98 8.94 -4.14
CA TYR C 693 21.84 7.92 -4.72
C TYR C 693 21.52 7.81 -6.18
N ILE C 694 22.57 7.74 -6.99
CA ILE C 694 22.38 7.59 -8.42
C ILE C 694 23.35 6.60 -9.04
N ARG C 695 22.84 5.74 -9.91
CA ARG C 695 23.68 4.79 -10.63
C ARG C 695 23.27 4.69 -12.10
N ILE C 696 24.24 4.78 -13.00
CA ILE C 696 23.95 4.79 -14.44
C ILE C 696 24.55 3.56 -15.12
N ASP C 697 23.73 2.82 -15.84
CA ASP C 697 24.19 1.60 -16.49
C ASP C 697 23.98 1.71 -18.01
N PRO C 698 25.09 1.80 -18.76
CA PRO C 698 24.96 1.77 -20.22
C PRO C 698 24.42 0.40 -20.64
N ALA C 699 23.97 0.26 -21.89
CA ALA C 699 23.37 -0.98 -22.38
C ALA C 699 22.02 -1.17 -21.69
N ARG C 700 21.62 -0.15 -20.93
CA ARG C 700 20.24 0.04 -20.50
C ARG C 700 19.81 1.48 -20.77
N ALA C 701 20.53 2.42 -20.17
CA ALA C 701 20.36 3.84 -20.49
C ALA C 701 21.60 4.61 -20.07
N VAL C 702 22.13 5.41 -20.98
CA VAL C 702 23.39 6.12 -20.71
C VAL C 702 23.16 7.44 -19.96
N ALA C 703 21.91 7.78 -19.71
CA ALA C 703 21.58 9.01 -19.00
C ALA C 703 20.17 9.02 -18.41
N HIS C 704 19.98 9.84 -17.37
CA HIS C 704 18.68 10.05 -16.74
C HIS C 704 18.19 11.48 -16.95
N ILE C 705 17.07 11.66 -17.64
CA ILE C 705 16.53 13.02 -17.77
C ILE C 705 15.31 13.11 -16.84
N ILE C 706 15.47 13.91 -15.80
CA ILE C 706 14.57 13.90 -14.66
C ILE C 706 13.72 15.15 -14.56
N ASN C 707 12.42 14.97 -14.41
CA ASN C 707 11.55 16.10 -14.19
C ASN C 707 11.46 16.44 -12.71
N MET C 708 11.66 17.71 -12.40
CA MET C 708 11.73 18.17 -11.02
C MET C 708 10.56 19.10 -10.74
N PRO C 709 10.22 19.29 -9.45
CA PRO C 709 9.06 20.15 -9.15
C PRO C 709 9.26 21.56 -9.72
N ALA C 710 8.20 22.12 -10.30
CA ALA C 710 8.34 23.39 -10.99
C ALA C 710 8.79 24.48 -10.01
N VAL C 711 9.79 25.25 -10.43
CA VAL C 711 10.26 26.38 -9.63
C VAL C 711 9.13 27.38 -9.37
N PRO C 712 8.89 27.71 -8.09
CA PRO C 712 7.80 28.58 -7.66
C PRO C 712 7.90 29.95 -8.32
N TYR C 713 6.97 30.87 -8.04
CA TYR C 713 7.15 32.20 -8.60
C TYR C 713 8.25 32.92 -7.82
N GLU C 714 9.42 32.30 -7.81
CA GLU C 714 10.63 32.98 -7.37
C GLU C 714 11.63 32.61 -8.45
N SER C 715 11.06 32.28 -9.61
CA SER C 715 11.76 31.94 -10.85
C SER C 715 12.54 33.16 -11.28
N ARG C 716 11.85 34.29 -11.18
CA ARG C 716 12.28 35.60 -11.64
C ARG C 716 13.57 35.96 -10.92
N ASN C 717 13.64 35.61 -9.63
CA ASN C 717 14.81 35.97 -8.87
C ASN C 717 15.96 34.99 -9.06
N THR C 718 15.65 33.76 -9.48
CA THR C 718 16.73 32.81 -9.74
C THR C 718 17.39 33.10 -11.10
N LEU C 719 16.88 34.11 -11.80
CA LEU C 719 17.43 34.52 -13.11
C LEU C 719 18.30 35.78 -13.05
N LEU C 720 18.30 36.43 -11.89
CA LEU C 720 18.93 37.74 -11.73
C LEU C 720 20.36 37.83 -12.30
N ARG C 721 20.74 39.03 -12.72
CA ARG C 721 22.04 39.36 -13.35
C ARG C 721 21.99 39.07 -14.84
N PRO D 37 32.25 51.97 -41.83
CA PRO D 37 32.21 50.53 -41.50
C PRO D 37 33.29 50.11 -40.50
N GLY D 38 34.34 50.91 -40.38
CA GLY D 38 35.67 50.45 -40.02
C GLY D 38 36.01 49.06 -40.56
N ARG D 39 37.02 49.00 -41.43
CA ARG D 39 37.48 47.76 -42.07
C ARG D 39 38.03 46.70 -41.09
N VAL D 40 38.77 47.13 -40.09
CA VAL D 40 39.34 46.22 -39.11
C VAL D 40 38.77 46.36 -37.70
N GLU D 41 38.38 45.23 -37.11
CA GLU D 41 37.65 45.21 -35.85
C GLU D 41 38.61 45.41 -34.66
N ILE D 42 38.24 46.34 -33.76
CA ILE D 42 38.98 46.63 -32.53
C ILE D 42 38.04 46.64 -31.32
N ASP D 43 38.29 45.77 -30.34
CA ASP D 43 37.32 45.56 -29.27
C ASP D 43 38.04 45.17 -27.96
N ASP D 44 37.28 45.25 -26.87
CA ASP D 44 37.71 44.83 -25.54
C ASP D 44 38.97 45.56 -25.11
N VAL D 45 39.03 46.85 -25.42
CA VAL D 45 40.16 47.66 -25.04
C VAL D 45 40.19 47.87 -23.52
N ALA D 46 41.39 47.91 -22.94
CA ALA D 46 41.58 48.20 -21.53
C ALA D 46 42.89 48.98 -21.35
N PRO D 47 42.94 49.89 -20.37
CA PRO D 47 41.93 50.14 -19.35
C PRO D 47 40.91 51.18 -19.79
N VAL D 48 39.62 50.82 -19.73
CA VAL D 48 38.54 51.79 -19.96
C VAL D 48 37.57 51.71 -18.79
N VAL D 49 37.04 52.85 -18.38
CA VAL D 49 36.19 52.91 -17.21
C VAL D 49 34.76 53.36 -17.57
N SER D 50 33.76 52.58 -17.15
CA SER D 50 32.37 52.91 -17.48
C SER D 50 32.22 53.17 -18.97
N CYS D 51 32.85 52.30 -19.74
CA CYS D 51 32.82 52.32 -21.18
C CYS D 51 33.22 53.68 -21.70
N GLY D 52 34.15 54.31 -20.98
CA GLY D 52 34.76 55.54 -21.45
C GLY D 52 34.18 56.84 -20.91
N VAL D 53 33.14 56.77 -20.08
CA VAL D 53 32.57 58.01 -19.55
C VAL D 53 33.58 58.71 -18.65
N TYR D 54 34.29 57.95 -17.81
CA TYR D 54 35.23 58.58 -16.88
C TYR D 54 36.62 58.13 -17.25
N PRO D 55 37.59 59.07 -17.15
CA PRO D 55 38.98 58.68 -17.45
C PRO D 55 39.53 57.81 -16.35
N ALA D 56 40.47 56.92 -16.68
CA ALA D 56 41.10 56.08 -15.68
C ALA D 56 42.10 56.94 -14.94
N LYS D 57 42.56 56.46 -13.79
CA LYS D 57 43.47 57.21 -12.95
C LYS D 57 44.81 56.53 -13.05
N ALA D 58 45.84 57.35 -13.08
CA ALA D 58 47.18 56.85 -13.11
C ALA D 58 48.15 57.93 -12.56
N VAL D 59 49.39 57.55 -12.28
CA VAL D 59 50.43 58.48 -11.81
C VAL D 59 51.77 58.53 -12.60
N VAL D 60 52.61 59.52 -12.30
CA VAL D 60 53.89 59.66 -12.98
C VAL D 60 54.89 58.52 -12.74
N GLY D 61 55.49 58.00 -13.80
CA GLY D 61 56.47 56.92 -13.70
C GLY D 61 56.00 55.51 -13.40
N GLU D 62 54.72 55.27 -13.62
CA GLU D 62 54.13 53.95 -13.44
C GLU D 62 54.01 53.29 -14.80
N VAL D 63 54.27 52.01 -14.87
CA VAL D 63 54.10 51.33 -16.12
C VAL D 63 52.59 51.10 -16.23
N VAL D 64 52.00 51.65 -17.28
CA VAL D 64 50.57 51.52 -17.52
C VAL D 64 50.31 50.49 -18.62
N PRO D 65 49.64 49.38 -18.25
CA PRO D 65 49.41 48.34 -19.25
C PRO D 65 48.14 48.55 -20.04
N VAL D 66 48.26 48.41 -21.35
CA VAL D 66 47.15 48.63 -22.25
C VAL D 66 46.97 47.33 -23.03
N SER D 67 45.73 46.93 -23.27
CA SER D 67 45.50 45.71 -24.00
C SER D 67 44.28 45.86 -24.88
N ALA D 68 44.24 45.11 -25.97
CA ALA D 68 43.13 45.19 -26.91
C ALA D 68 43.08 43.94 -27.77
N ALA D 69 41.95 43.75 -28.43
CA ALA D 69 41.76 42.60 -29.30
C ALA D 69 41.71 43.08 -30.74
N VAL D 70 42.61 42.59 -31.58
CA VAL D 70 42.66 42.99 -32.96
C VAL D 70 42.68 41.74 -33.85
N TRP D 71 41.76 41.69 -34.81
CA TRP D 71 41.65 40.52 -35.67
C TRP D 71 41.12 40.92 -37.03
N ARG D 72 41.26 39.99 -37.97
CA ARG D 72 40.87 40.19 -39.35
C ARG D 72 40.49 38.91 -40.08
N GLU D 73 40.23 39.09 -41.37
CA GLU D 73 39.79 38.01 -42.25
C GLU D 73 40.89 36.97 -42.32
N GLY D 74 40.50 35.71 -42.33
CA GLY D 74 41.44 34.66 -42.67
C GLY D 74 42.69 34.58 -41.84
N HIS D 75 43.69 34.04 -42.51
CA HIS D 75 45.01 33.83 -42.01
C HIS D 75 45.96 34.99 -42.34
N GLU D 76 45.43 36.10 -42.83
CA GLU D 76 46.26 37.29 -43.03
C GLU D 76 46.74 37.84 -41.70
N ALA D 77 48.05 38.06 -41.58
CA ALA D 77 48.62 38.46 -40.31
C ALA D 77 48.16 39.88 -39.95
N VAL D 78 48.11 40.20 -38.66
CA VAL D 78 47.62 41.52 -38.26
C VAL D 78 48.53 42.06 -37.14
N ALA D 79 48.62 43.39 -37.06
CA ALA D 79 49.42 44.06 -36.05
C ALA D 79 48.77 45.36 -35.61
N ALA D 80 49.13 45.83 -34.41
CA ALA D 80 48.56 47.06 -33.88
C ALA D 80 49.61 48.02 -33.31
N THR D 81 49.31 49.30 -33.39
CA THR D 81 50.20 50.35 -32.89
C THR D 81 49.42 51.18 -31.85
N LEU D 82 49.99 51.35 -30.66
CA LEU D 82 49.35 52.13 -29.60
C LEU D 82 49.73 53.62 -29.68
N VAL D 83 48.72 54.48 -29.79
CA VAL D 83 48.94 55.92 -29.98
C VAL D 83 48.63 56.77 -28.74
N VAL D 84 49.67 57.36 -28.16
CA VAL D 84 49.51 58.18 -26.96
C VAL D 84 49.72 59.68 -27.19
N ARG D 85 48.87 60.52 -26.61
CA ARG D 85 49.04 61.97 -26.75
C ARG D 85 48.80 62.64 -25.40
N TYR D 86 49.62 63.64 -25.08
CA TYR D 86 49.45 64.39 -23.83
C TYR D 86 48.82 65.75 -24.04
N LEU D 87 47.65 65.94 -23.45
CA LEU D 87 46.94 67.20 -23.55
C LEU D 87 47.35 68.14 -22.42
N GLY D 88 46.51 69.13 -22.15
CA GLY D 88 46.80 70.16 -21.16
C GLY D 88 46.58 69.60 -19.77
N VAL D 89 46.06 70.43 -18.88
CA VAL D 89 45.58 69.92 -17.60
C VAL D 89 44.08 69.58 -17.72
N ARG D 90 43.22 70.55 -18.04
CA ARG D 90 41.80 70.27 -18.27
C ARG D 90 41.22 69.43 -17.15
N TYR D 91 40.51 68.37 -17.56
CA TYR D 91 39.85 67.33 -16.74
C TYR D 91 38.44 66.99 -17.28
N PRO D 92 37.59 68.00 -17.57
CA PRO D 92 36.22 67.61 -17.99
C PRO D 92 36.15 67.15 -19.44
N LYS D 114 53.83 64.88 -33.93
CA LYS D 114 53.55 65.48 -32.62
C LYS D 114 53.02 64.51 -31.56
N PRO D 115 52.48 63.33 -31.96
CA PRO D 115 52.12 62.53 -30.79
C PRO D 115 53.18 61.51 -30.36
N LEU D 116 52.77 60.26 -30.16
CA LEU D 116 53.71 59.22 -29.76
C LEU D 116 53.25 57.83 -30.15
N LEU D 117 54.08 57.09 -30.88
CA LEU D 117 53.67 55.77 -31.36
C LEU D 117 54.45 54.68 -30.64
N ILE D 118 53.70 53.75 -30.06
CA ILE D 118 54.25 52.62 -29.32
C ILE D 118 53.74 51.33 -29.92
N PRO D 119 54.66 50.46 -30.36
CA PRO D 119 54.26 49.21 -30.99
C PRO D 119 53.75 48.21 -29.96
N MET D 120 52.78 47.41 -30.40
CA MET D 120 52.11 46.47 -29.53
C MET D 120 52.50 45.05 -29.92
N THR D 121 52.48 44.15 -28.95
CA THR D 121 52.94 42.80 -29.19
C THR D 121 51.89 41.73 -28.89
N SER D 122 51.81 40.73 -29.75
CA SER D 122 50.88 39.61 -29.57
C SER D 122 51.38 38.78 -28.39
N GLY D 123 50.54 37.93 -27.80
CA GLY D 123 50.98 37.17 -26.63
C GLY D 123 50.36 35.78 -26.53
N GLN D 124 49.99 35.36 -25.32
CA GLN D 124 49.45 34.01 -25.09
C GLN D 124 48.14 33.89 -25.86
N GLU D 125 47.21 34.82 -25.60
CA GLU D 125 45.92 34.85 -26.29
C GLU D 125 46.02 35.35 -27.69
N PRO D 126 45.56 34.52 -28.62
CA PRO D 126 45.61 34.84 -30.03
C PRO D 126 44.82 36.12 -30.27
N PHE D 127 45.34 37.00 -31.12
CA PHE D 127 44.63 38.20 -31.55
C PHE D 127 44.52 39.26 -30.45
N VAL D 128 45.04 38.98 -29.26
CA VAL D 128 44.98 39.97 -28.19
C VAL D 128 46.33 40.68 -28.11
N PHE D 129 46.30 42.01 -28.15
CA PHE D 129 47.56 42.76 -28.20
C PHE D 129 47.77 43.61 -26.97
N HIS D 130 49.03 43.68 -26.58
CA HIS D 130 49.43 44.36 -25.38
C HIS D 130 50.40 45.50 -25.65
N GLY D 131 50.31 46.52 -24.82
CA GLY D 131 51.12 47.70 -24.99
C GLY D 131 51.33 48.40 -23.67
N GLN D 132 52.17 49.42 -23.71
CA GLN D 132 52.55 50.15 -22.53
C GLN D 132 52.92 51.58 -22.89
N PHE D 133 52.74 52.49 -21.96
CA PHE D 133 53.29 53.85 -22.09
C PHE D 133 53.52 54.37 -20.66
N THR D 134 54.55 55.19 -20.46
CA THR D 134 54.82 55.72 -19.13
C THR D 134 54.78 57.24 -19.13
N PRO D 135 53.73 57.79 -18.50
CA PRO D 135 53.50 59.24 -18.46
C PRO D 135 54.59 59.91 -17.66
N ASP D 136 55.17 61.01 -18.17
CA ASP D 136 56.26 61.62 -17.43
C ASP D 136 55.90 62.99 -16.89
N ARG D 137 54.69 63.45 -17.21
CA ARG D 137 54.22 64.74 -16.72
C ARG D 137 52.78 64.64 -16.21
N VAL D 138 52.47 65.45 -15.21
CA VAL D 138 51.12 65.57 -14.66
C VAL D 138 50.17 66.15 -15.68
N GLY D 139 48.93 65.68 -15.66
CA GLY D 139 47.90 66.18 -16.56
C GLY D 139 47.00 65.12 -17.14
N LEU D 140 46.27 65.48 -18.19
CA LEU D 140 45.32 64.56 -18.79
C LEU D 140 45.92 63.95 -20.04
N TRP D 141 45.96 62.62 -20.07
CA TRP D 141 46.53 61.92 -21.21
C TRP D 141 45.44 61.20 -21.98
N THR D 142 45.74 60.92 -23.24
CA THR D 142 44.82 60.21 -24.11
C THR D 142 45.60 59.08 -24.74
N PHE D 143 44.95 57.95 -24.98
CA PHE D 143 45.58 56.87 -25.70
C PHE D 143 44.52 56.27 -26.58
N ARG D 144 44.98 55.65 -27.66
CA ARG D 144 44.09 54.94 -28.56
C ARG D 144 44.83 53.84 -29.31
N VAL D 145 44.08 52.85 -29.81
CA VAL D 145 44.72 51.76 -30.54
C VAL D 145 44.46 51.76 -32.05
N ASP D 146 45.53 51.66 -32.82
CA ASP D 146 45.38 51.62 -34.27
C ASP D 146 45.64 50.21 -34.79
N GLY D 147 44.78 49.70 -35.66
CA GLY D 147 44.98 48.34 -36.12
C GLY D 147 45.27 48.32 -37.61
N TRP D 148 46.17 47.44 -38.04
CA TRP D 148 46.53 47.36 -39.46
C TRP D 148 46.95 45.93 -39.83
N GLY D 149 46.96 45.62 -41.11
CA GLY D 149 47.40 44.32 -41.55
C GLY D 149 48.82 44.36 -42.08
N ASP D 150 49.70 43.51 -41.56
CA ASP D 150 51.10 43.50 -41.98
C ASP D 150 51.35 42.39 -43.00
N PRO D 151 51.36 42.75 -44.30
CA PRO D 151 51.46 41.77 -45.38
C PRO D 151 52.81 41.07 -45.34
N ILE D 152 53.85 41.79 -44.93
CA ILE D 152 55.21 41.26 -44.90
C ILE D 152 55.24 40.04 -43.99
N HIS D 153 54.65 40.18 -42.80
CA HIS D 153 54.64 39.09 -41.82
C HIS D 153 53.95 37.88 -42.44
N THR D 154 52.83 38.13 -43.13
CA THR D 154 52.05 37.07 -43.76
C THR D 154 52.96 36.33 -44.73
N TRP D 155 53.63 37.09 -45.59
CA TRP D 155 54.45 36.54 -46.65
C TRP D 155 55.62 35.70 -46.13
N ARG D 156 56.36 36.22 -45.14
CA ARG D 156 57.50 35.49 -44.60
C ARG D 156 57.02 34.19 -43.96
N HIS D 157 56.08 34.32 -43.03
CA HIS D 157 55.59 33.17 -42.28
C HIS D 157 54.96 32.15 -43.23
N GLY D 158 54.28 32.66 -44.23
CA GLY D 158 53.69 31.82 -45.26
C GLY D 158 54.76 31.11 -46.07
N LEU D 159 55.82 31.83 -46.41
CA LEU D 159 56.92 31.27 -47.19
C LEU D 159 57.74 30.21 -46.44
N ILE D 160 57.98 30.43 -45.15
CA ILE D 160 58.71 29.47 -44.32
C ILE D 160 58.02 28.10 -44.28
N ALA D 161 56.69 28.11 -44.24
CA ALA D 161 55.92 26.87 -44.27
C ALA D 161 56.12 26.09 -45.57
N LYS D 162 56.10 26.81 -46.69
CA LYS D 162 56.28 26.22 -48.01
C LYS D 162 57.72 25.74 -48.25
N LEU D 163 58.70 26.30 -47.53
CA LEU D 163 60.14 26.01 -47.67
C LEU D 163 60.36 24.53 -47.39
N ASP D 164 59.51 23.98 -46.51
CA ASP D 164 59.56 22.60 -46.07
C ASP D 164 59.28 21.67 -47.26
N ALA D 165 58.48 22.13 -48.21
CA ALA D 165 58.19 21.32 -49.39
C ALA D 165 59.12 21.80 -50.51
N GLY D 166 59.27 23.12 -50.64
CA GLY D 166 60.18 23.73 -51.59
C GLY D 166 60.18 23.20 -53.01
N GLU D 171 61.52 26.47 -57.84
CA GLU D 171 60.49 25.85 -58.65
C GLU D 171 59.11 26.40 -58.33
N LEU D 172 58.70 26.23 -57.08
CA LEU D 172 57.51 26.92 -56.58
C LEU D 172 57.81 28.39 -56.31
N SER D 173 58.26 29.09 -57.35
CA SER D 173 58.50 30.53 -57.29
C SER D 173 57.24 31.30 -56.88
N ASN D 174 56.66 31.96 -57.87
CA ASN D 174 55.55 32.92 -57.78
C ASN D 174 55.44 33.72 -56.46
N ASP D 175 55.47 33.05 -55.31
CA ASP D 175 55.27 33.71 -54.03
C ASP D 175 56.36 34.76 -53.72
N LEU D 176 57.58 34.45 -54.13
CA LEU D 176 58.73 35.31 -53.87
C LEU D 176 58.62 36.71 -54.48
N LEU D 177 58.17 36.76 -55.72
CA LEU D 177 57.96 38.03 -56.40
C LEU D 177 56.94 38.92 -55.68
N VAL D 178 55.88 38.33 -55.13
CA VAL D 178 54.86 39.13 -54.44
C VAL D 178 55.56 39.79 -53.23
N GLY D 179 56.47 39.06 -52.57
CA GLY D 179 57.23 39.62 -51.49
C GLY D 179 58.04 40.77 -52.05
N ALA D 180 58.68 40.49 -53.18
CA ALA D 180 59.58 41.43 -53.83
C ALA D 180 58.93 42.76 -54.23
N VAL D 181 57.62 42.74 -54.51
CA VAL D 181 56.88 43.94 -54.93
C VAL D 181 56.40 44.66 -53.67
N LEU D 182 56.48 43.94 -52.56
CA LEU D 182 56.10 44.43 -51.24
C LEU D 182 57.22 45.35 -50.75
N LEU D 183 58.42 44.79 -50.70
CA LEU D 183 59.58 45.50 -50.18
C LEU D 183 59.81 46.79 -50.96
N GLU D 184 59.52 46.75 -52.26
CA GLU D 184 59.57 47.94 -53.10
C GLU D 184 58.59 49.01 -52.59
N ARG D 185 57.35 48.60 -52.37
CA ARG D 185 56.28 49.46 -51.85
C ARG D 185 56.67 49.93 -50.43
N ALA D 186 57.39 49.06 -49.73
CA ALA D 186 57.95 49.30 -48.40
C ALA D 186 58.98 50.43 -48.47
N ALA D 187 59.74 50.48 -49.56
CA ALA D 187 60.81 51.45 -49.74
C ALA D 187 60.30 52.88 -49.76
N THR D 188 59.12 53.08 -50.33
CA THR D 188 58.57 54.43 -50.48
C THR D 188 58.40 55.04 -49.08
N GLY D 189 58.01 54.20 -48.14
CA GLY D 189 57.80 54.59 -46.75
C GLY D 189 59.06 54.95 -45.98
N VAL D 190 60.22 54.50 -46.46
CA VAL D 190 61.48 54.79 -45.80
C VAL D 190 62.32 55.81 -46.61
N PRO D 191 62.94 56.79 -45.91
CA PRO D 191 63.60 57.99 -46.47
C PRO D 191 65.00 57.65 -47.01
N ARG D 192 65.20 57.86 -48.31
CA ARG D 192 66.50 57.80 -49.02
C ARG D 192 67.82 57.80 -48.23
N GLY D 193 67.76 57.83 -46.90
CA GLY D 193 68.96 57.91 -46.10
C GLY D 193 69.51 56.50 -45.86
N LEU D 194 68.71 55.49 -46.19
CA LEU D 194 69.12 54.09 -46.03
C LEU D 194 68.10 53.10 -46.59
N ARG D 195 67.56 53.41 -47.76
CA ARG D 195 66.55 52.58 -48.40
C ARG D 195 67.21 51.42 -49.10
N ASP D 196 68.53 51.34 -49.10
CA ASP D 196 69.14 50.38 -50.00
C ASP D 196 69.19 48.94 -49.48
N PRO D 197 69.38 48.69 -48.15
CA PRO D 197 69.52 47.24 -47.98
C PRO D 197 68.23 46.47 -48.35
N LEU D 198 67.09 47.18 -48.41
CA LEU D 198 65.83 46.65 -48.94
C LEU D 198 65.91 46.43 -50.47
N LEU D 199 66.42 47.39 -51.24
CA LEU D 199 66.58 47.15 -52.69
C LEU D 199 67.50 45.95 -52.89
N ALA D 200 68.37 45.70 -51.92
CA ALA D 200 69.14 44.47 -51.91
C ALA D 200 68.13 43.33 -51.76
N ALA D 201 67.14 43.49 -50.89
CA ALA D 201 66.06 42.51 -50.82
C ALA D 201 65.16 42.57 -52.07
N ALA D 202 65.08 43.75 -52.69
CA ALA D 202 64.31 43.93 -53.94
C ALA D 202 65.01 43.16 -55.04
N ALA D 203 66.28 42.91 -54.79
CA ALA D 203 67.19 42.07 -55.56
C ALA D 203 67.34 40.73 -54.87
N ALA D 204 66.22 40.08 -54.59
CA ALA D 204 66.30 38.73 -54.07
C ALA D 204 66.02 37.60 -55.06
N LEU D 205 64.85 37.48 -55.64
CA LEU D 205 64.64 36.52 -56.74
C LEU D 205 64.11 36.98 -58.10
N ARG D 206 64.53 38.14 -58.62
CA ARG D 206 64.10 38.44 -59.98
C ARG D 206 64.89 37.36 -60.70
N THR D 207 66.15 37.21 -60.32
CA THR D 207 67.04 36.15 -60.77
C THR D 207 66.66 34.72 -60.26
N PRO D 208 66.55 33.74 -61.18
CA PRO D 208 66.24 32.32 -60.96
C PRO D 208 67.29 31.69 -60.04
N GLY D 209 66.99 30.63 -59.31
CA GLY D 209 68.02 29.99 -58.52
C GLY D 209 67.58 29.05 -57.44
N ASP D 210 68.48 28.72 -56.51
CA ASP D 210 68.13 27.84 -55.40
C ASP D 210 67.12 28.55 -54.51
N PRO D 211 66.41 27.82 -53.63
CA PRO D 211 65.57 28.67 -52.77
C PRO D 211 66.35 29.60 -51.83
N VAL D 212 67.29 29.01 -51.10
CA VAL D 212 68.04 29.74 -50.08
C VAL D 212 68.94 30.84 -50.65
N THR D 213 69.24 30.72 -51.95
CA THR D 213 70.10 31.65 -52.69
C THR D 213 70.10 33.10 -52.18
N ARG D 214 68.91 33.65 -51.93
CA ARG D 214 68.76 35.08 -51.65
C ARG D 214 67.62 35.28 -50.65
N THR D 215 66.94 34.17 -50.30
CA THR D 215 65.98 34.14 -49.19
C THR D 215 66.81 34.37 -47.92
N ALA D 216 68.12 34.20 -48.08
CA ALA D 216 69.16 34.50 -47.09
C ALA D 216 68.81 35.77 -46.34
N LEU D 217 68.42 36.78 -47.11
CA LEU D 217 68.13 38.12 -46.62
C LEU D 217 66.61 38.38 -46.37
N ALA D 218 65.98 37.30 -45.93
CA ALA D 218 64.59 37.27 -45.49
C ALA D 218 64.79 37.28 -43.98
N LEU D 219 65.71 36.42 -43.55
CA LEU D 219 66.06 36.24 -42.15
C LEU D 219 67.10 37.27 -41.69
N THR D 220 67.57 38.13 -42.60
CA THR D 220 68.58 39.10 -42.20
C THR D 220 68.11 40.00 -41.06
N PRO D 221 68.86 40.01 -39.94
CA PRO D 221 68.44 40.88 -38.83
C PRO D 221 68.42 42.40 -39.01
N GLU D 222 68.90 42.98 -40.11
CA GLU D 222 68.78 44.44 -40.22
C GLU D 222 67.43 44.87 -40.79
N ILE D 223 66.82 44.06 -41.64
CA ILE D 223 65.57 44.53 -42.22
C ILE D 223 64.36 44.13 -41.40
N GLU D 224 64.58 43.38 -40.34
CA GLU D 224 63.50 43.11 -39.39
C GLU D 224 63.36 44.41 -38.58
N GLU D 225 64.51 44.89 -38.11
CA GLU D 225 64.64 46.06 -37.25
C GLU D 225 64.17 47.33 -37.98
N LEU D 226 64.52 47.45 -39.26
CA LEU D 226 64.14 48.60 -40.06
C LEU D 226 62.64 48.58 -40.28
N LEU D 227 62.09 47.41 -40.60
CA LEU D 227 60.66 47.32 -40.83
C LEU D 227 59.91 47.62 -39.53
N ALA D 228 60.47 47.22 -38.39
CA ALA D 228 59.87 47.57 -37.11
C ALA D 228 59.85 49.11 -36.93
N ASP D 229 60.99 49.74 -37.22
CA ASP D 229 61.13 51.20 -37.09
C ASP D 229 60.25 51.95 -38.07
N TYR D 230 60.26 51.50 -39.33
CA TYR D 230 59.39 52.02 -40.37
C TYR D 230 58.69 50.83 -40.97
N PRO D 231 57.38 50.74 -40.73
CA PRO D 231 56.62 49.56 -41.11
C PRO D 231 55.83 49.73 -42.40
N LEU D 232 55.51 48.59 -43.01
CA LEU D 232 54.68 48.61 -44.19
C LEU D 232 53.29 48.42 -43.63
N ARG D 233 52.51 49.50 -43.65
CA ARG D 233 51.23 49.44 -42.99
C ARG D 233 50.17 49.38 -44.05
N ASP D 234 49.26 48.44 -43.92
CA ASP D 234 48.17 48.33 -44.87
C ASP D 234 46.82 48.45 -44.17
N LEU D 235 45.81 49.00 -44.83
CA LEU D 235 44.47 48.95 -44.27
C LEU D 235 44.32 49.57 -42.87
N VAL D 236 45.04 50.65 -42.61
CA VAL D 236 45.02 51.24 -41.28
C VAL D 236 43.62 51.64 -40.82
N THR D 237 43.28 51.25 -39.60
CA THR D 237 41.94 51.53 -39.08
C THR D 237 42.19 52.16 -37.71
N ARG D 238 41.48 53.24 -37.45
CA ARG D 238 41.70 54.01 -36.23
C ARG D 238 40.76 53.58 -35.13
N GLY D 239 41.32 53.38 -33.93
CA GLY D 239 40.51 53.00 -32.79
C GLY D 239 39.88 54.16 -32.03
N GLU D 240 39.03 53.81 -31.07
CA GLU D 240 38.38 54.80 -30.23
C GLU D 240 39.43 55.41 -29.27
N GLN D 241 39.20 56.61 -28.76
CA GLN D 241 40.14 57.30 -27.85
C GLN D 241 39.70 57.31 -26.38
N PHE D 242 40.58 56.90 -25.48
CA PHE D 242 40.20 56.88 -24.07
C PHE D 242 41.19 57.73 -23.29
N GLY D 243 40.82 58.11 -22.08
CA GLY D 243 41.66 59.07 -21.38
C GLY D 243 42.18 58.58 -20.06
N VAL D 244 43.36 59.06 -19.71
CA VAL D 244 44.00 58.75 -18.45
C VAL D 244 44.34 60.03 -17.72
N TRP D 245 44.07 60.08 -16.43
CA TRP D 245 44.46 61.26 -15.68
C TRP D 245 45.65 60.98 -14.78
N VAL D 246 46.78 61.62 -15.07
CA VAL D 246 48.00 61.38 -14.30
C VAL D 246 48.18 62.41 -13.16
N ASP D 247 48.47 61.90 -11.96
CA ASP D 247 48.64 62.75 -10.78
C ASP D 247 50.08 62.72 -10.29
N ARG D 248 50.40 63.57 -9.32
CA ARG D 248 51.71 63.53 -8.69
C ARG D 248 51.85 62.19 -7.92
N PRO D 249 53.10 61.74 -7.68
CA PRO D 249 53.28 60.39 -7.12
C PRO D 249 52.65 60.15 -5.75
N LEU D 250 52.39 61.22 -4.99
CA LEU D 250 51.83 61.08 -3.65
C LEU D 250 50.40 60.56 -3.73
N ALA D 251 49.80 60.63 -4.91
CA ALA D 251 48.45 60.14 -5.13
C ALA D 251 48.38 58.63 -4.92
N ARG D 252 49.50 57.96 -5.22
CA ARG D 252 49.59 56.51 -5.09
C ARG D 252 50.42 56.07 -3.88
N PHE D 253 51.59 56.69 -3.75
CA PHE D 253 52.55 56.25 -2.75
C PHE D 253 52.84 57.33 -1.71
N GLY D 254 52.33 57.10 -0.50
CA GLY D 254 52.62 57.94 0.65
C GLY D 254 52.05 57.29 1.90
N ALA D 255 52.56 57.66 3.07
CA ALA D 255 52.07 57.08 4.31
C ALA D 255 51.44 58.18 5.15
N TRP D 256 50.33 57.86 5.84
CA TRP D 256 49.59 58.90 6.53
C TRP D 256 49.72 58.85 8.05
N TYR D 257 49.77 60.03 8.66
CA TYR D 257 49.75 60.11 10.12
C TYR D 257 48.65 61.09 10.55
N GLU D 258 47.77 60.62 11.41
CA GLU D 258 46.63 61.42 11.87
C GLU D 258 46.89 61.92 13.27
N MET D 259 46.89 63.24 13.44
CA MET D 259 47.17 63.84 14.73
C MET D 259 46.19 64.94 15.11
N PHE D 260 46.00 65.11 16.40
CA PHE D 260 45.14 66.14 16.96
C PHE D 260 46.03 67.29 17.40
N PRO D 261 45.89 68.45 16.75
CA PRO D 261 46.73 69.62 17.02
C PRO D 261 46.62 69.95 18.50
N ARG D 262 45.41 69.85 19.06
CA ARG D 262 45.20 70.19 20.46
C ARG D 262 46.00 69.31 21.42
N SER D 263 46.29 68.07 21.02
CA SER D 263 47.00 67.15 21.89
C SER D 263 48.50 67.45 22.04
N THR D 264 48.98 68.45 21.32
CA THR D 264 50.39 68.84 21.37
C THR D 264 50.56 69.84 22.51
N GLY D 265 49.73 69.72 23.54
CA GLY D 265 49.71 70.67 24.64
C GLY D 265 50.78 70.39 25.66
N GLY D 266 50.95 69.12 26.02
CA GLY D 266 52.11 68.76 26.79
C GLY D 266 52.00 68.93 28.29
N TRP D 267 50.76 68.90 28.82
CA TRP D 267 50.54 68.85 30.26
C TRP D 267 50.89 70.21 30.89
N ASP D 268 50.47 70.45 32.14
CA ASP D 268 50.82 71.72 32.81
C ASP D 268 51.60 71.33 34.04
N ASP D 269 51.85 72.29 34.94
CA ASP D 269 52.66 71.99 36.12
C ASP D 269 51.94 70.94 36.98
N ASP D 270 50.60 71.05 37.04
CA ASP D 270 49.71 70.00 37.55
C ASP D 270 49.46 68.89 36.55
N GLY D 271 48.52 68.01 36.88
CA GLY D 271 48.24 66.84 36.07
C GLY D 271 47.40 67.19 34.84
N ASN D 272 46.58 68.22 34.97
CA ASN D 272 45.61 68.62 33.94
C ASN D 272 46.12 68.87 32.51
N PRO D 273 45.50 68.21 31.52
CA PRO D 273 45.90 68.35 30.12
C PRO D 273 45.87 69.82 29.67
N VAL D 274 46.71 70.23 28.73
CA VAL D 274 46.66 71.61 28.28
C VAL D 274 46.38 71.69 26.79
N HIS D 275 45.53 72.63 26.38
CA HIS D 275 45.23 72.80 24.96
C HIS D 275 46.49 73.18 24.21
N GLY D 276 46.73 72.55 23.06
CA GLY D 276 47.94 72.87 22.32
C GLY D 276 47.72 73.97 21.30
N THR D 277 48.77 74.29 20.56
CA THR D 277 48.73 75.31 19.51
C THR D 277 49.54 74.82 18.31
N PHE D 278 49.41 75.51 17.18
CA PHE D 278 50.19 75.18 16.00
C PHE D 278 51.69 75.18 16.30
N ALA D 279 52.08 76.13 17.15
CA ALA D 279 53.46 76.29 17.55
C ALA D 279 53.96 75.03 18.23
N THR D 280 53.16 74.57 19.21
CA THR D 280 53.49 73.37 19.97
C THR D 280 53.35 72.15 19.05
N ALA D 281 52.38 72.20 18.14
CA ALA D 281 52.16 71.09 17.23
C ALA D 281 53.39 70.87 16.37
N ALA D 282 53.95 71.97 15.88
CA ALA D 282 55.11 71.91 15.01
C ALA D 282 56.32 71.26 15.70
N ALA D 283 56.39 71.34 17.02
CA ALA D 283 57.50 70.72 17.77
C ALA D 283 57.47 69.20 17.69
N GLU D 284 56.29 68.65 17.44
CA GLU D 284 56.15 67.20 17.40
C GLU D 284 56.32 66.70 15.97
N LEU D 285 56.43 67.64 15.04
CA LEU D 285 56.57 67.32 13.61
C LEU D 285 57.86 66.58 13.16
N PRO D 286 59.03 66.87 13.76
CA PRO D 286 60.24 66.14 13.34
C PRO D 286 60.05 64.67 13.61
N ARG D 287 59.57 64.44 14.82
CA ARG D 287 59.36 63.15 15.40
C ARG D 287 58.49 62.28 14.47
N ILE D 288 57.47 62.89 13.85
CA ILE D 288 56.57 62.17 12.93
C ILE D 288 57.35 61.74 11.69
N ALA D 289 58.10 62.71 11.16
CA ALA D 289 58.93 62.52 9.98
C ALA D 289 59.95 61.43 10.25
N GLY D 290 60.39 61.36 11.49
CA GLY D 290 61.39 60.38 11.88
C GLY D 290 60.92 58.97 11.57
N MET D 291 59.60 58.74 11.63
CA MET D 291 59.07 57.43 11.32
C MET D 291 58.86 57.20 9.80
N GLY D 292 59.10 58.20 8.96
CA GLY D 292 59.00 57.99 7.52
C GLY D 292 57.68 58.29 6.82
N PHE D 293 56.77 58.95 7.55
CA PHE D 293 55.48 59.34 6.98
C PHE D 293 55.63 60.52 6.05
N ASP D 294 54.91 60.49 4.93
CA ASP D 294 55.03 61.58 3.99
C ASP D 294 53.93 62.64 4.09
N VAL D 295 52.84 62.31 4.77
CA VAL D 295 51.72 63.24 4.89
C VAL D 295 51.15 63.25 6.32
N VAL D 296 50.87 64.43 6.85
CA VAL D 296 50.25 64.54 8.16
C VAL D 296 48.84 65.04 8.07
N TYR D 297 47.90 64.23 8.55
CA TYR D 297 46.51 64.59 8.44
C TYR D 297 45.97 65.05 9.81
N LEU D 298 45.36 66.24 9.84
CA LEU D 298 44.88 66.84 11.07
C LEU D 298 43.34 66.94 10.95
N PRO D 299 42.59 66.48 11.96
CA PRO D 299 41.14 66.73 11.99
C PRO D 299 40.86 68.23 11.95
N PRO D 300 39.63 68.64 11.61
CA PRO D 300 39.41 70.07 11.34
C PRO D 300 39.90 70.99 12.44
N ILE D 301 40.56 72.06 12.01
CA ILE D 301 41.16 73.07 12.86
C ILE D 301 40.26 74.27 13.05
N HIS D 302 39.00 74.12 12.69
CA HIS D 302 38.11 75.27 12.73
C HIS D 302 37.49 75.40 14.13
N PRO D 303 36.88 76.56 14.43
CA PRO D 303 36.21 76.73 15.72
C PRO D 303 35.07 75.75 15.98
N ILE D 304 34.95 75.26 17.21
CA ILE D 304 33.90 74.29 17.53
C ILE D 304 32.71 75.02 18.15
N GLY D 305 31.51 74.68 17.70
CA GLY D 305 30.31 75.32 18.20
C GLY D 305 30.22 75.14 19.71
N LYS D 306 29.62 76.12 20.38
CA LYS D 306 29.43 76.07 21.83
C LYS D 306 28.04 75.59 22.26
N VAL D 307 27.11 75.47 21.31
CA VAL D 307 25.76 75.04 21.65
C VAL D 307 25.66 73.54 21.47
N HIS D 308 25.20 72.89 22.55
CA HIS D 308 25.00 71.45 22.61
C HIS D 308 26.33 70.70 22.48
N ARG D 309 27.41 71.41 22.77
CA ARG D 309 28.78 70.87 22.71
C ARG D 309 28.91 69.61 23.58
N LYS D 310 29.64 68.62 23.08
CA LYS D 310 29.75 67.33 23.79
C LYS D 310 30.85 67.25 24.80
N GLY D 311 30.55 66.51 25.86
CA GLY D 311 31.47 66.31 26.96
C GLY D 311 32.17 65.01 26.71
N ARG D 312 33.02 64.65 27.66
CA ARG D 312 33.78 63.43 27.57
C ARG D 312 32.87 62.20 27.35
N ASN D 313 33.36 61.28 26.52
CA ASN D 313 32.73 60.03 26.16
C ASN D 313 31.40 60.11 25.45
N ASN D 314 31.28 61.11 24.63
CA ASN D 314 30.12 61.42 23.81
C ASN D 314 29.02 61.88 24.75
N SER D 315 29.32 62.33 25.96
CA SER D 315 28.29 62.81 26.88
C SER D 315 27.48 63.96 26.28
N PRO D 316 26.16 63.97 26.56
CA PRO D 316 25.31 65.00 25.96
C PRO D 316 25.60 66.40 26.52
N THR D 317 25.98 66.49 27.78
CA THR D 317 26.21 67.78 28.41
C THR D 317 27.70 68.04 28.57
N ALA D 318 28.14 69.23 28.14
CA ALA D 318 29.55 69.60 28.14
C ALA D 318 29.93 70.44 29.36
N ALA D 319 31.00 70.05 30.02
CA ALA D 319 31.52 70.84 31.13
C ALA D 319 32.00 72.18 30.51
N PRO D 320 32.25 73.21 31.33
CA PRO D 320 32.62 74.48 30.73
C PRO D 320 33.96 74.46 29.99
N THR D 321 34.86 73.59 30.46
CA THR D 321 36.20 73.51 29.90
C THR D 321 36.33 72.51 28.76
N ASP D 322 35.33 71.63 28.59
CA ASP D 322 35.45 70.60 27.56
C ASP D 322 35.55 71.25 26.18
N VAL D 323 36.18 70.56 25.23
CA VAL D 323 36.52 71.15 23.95
C VAL D 323 35.53 70.87 22.83
N GLY D 324 34.81 69.75 22.94
CA GLY D 324 33.83 69.41 21.93
C GLY D 324 34.55 68.82 20.72
N SER D 325 33.81 68.19 19.82
CA SER D 325 34.42 67.48 18.70
C SER D 325 34.72 68.42 17.55
N PRO D 326 35.93 68.33 16.99
CA PRO D 326 36.38 69.20 15.91
C PRO D 326 35.46 69.21 14.69
N TRP D 327 34.68 68.14 14.52
CA TRP D 327 33.79 68.05 13.36
C TRP D 327 32.51 68.83 13.56
N ALA D 328 32.29 69.33 14.76
CA ALA D 328 31.20 70.26 14.99
C ALA D 328 31.68 71.65 14.54
N ILE D 329 31.93 71.78 13.24
CA ILE D 329 32.60 72.95 12.68
C ILE D 329 31.80 74.25 12.82
N GLY D 330 32.49 75.35 13.15
CA GLY D 330 31.86 76.65 13.10
C GLY D 330 31.34 77.21 14.41
N SER D 331 31.53 78.52 14.58
CA SER D 331 31.01 79.25 15.74
C SER D 331 30.99 80.74 15.42
N ASP D 332 30.41 81.53 16.32
CA ASP D 332 30.37 82.98 16.17
C ASP D 332 31.77 83.55 15.99
N GLU D 333 32.76 82.81 16.48
CA GLU D 333 34.16 83.15 16.31
C GLU D 333 34.53 83.05 14.82
N GLY D 334 34.04 82.01 14.16
CA GLY D 334 34.33 81.84 12.74
C GLY D 334 33.74 80.62 12.07
N GLY D 335 33.88 80.55 10.75
CA GLY D 335 33.40 79.44 9.96
C GLY D 335 34.54 78.64 9.35
N HIS D 336 34.25 78.00 8.21
CA HIS D 336 35.21 77.17 7.50
C HIS D 336 36.43 77.93 6.98
N ASP D 337 36.35 79.26 6.93
CA ASP D 337 37.45 80.04 6.40
C ASP D 337 38.35 80.56 7.51
N THR D 338 38.01 80.24 8.76
CA THR D 338 38.78 80.76 9.88
C THR D 338 39.41 79.64 10.72
N VAL D 339 40.64 79.89 11.18
CA VAL D 339 41.34 78.99 12.07
C VAL D 339 40.76 79.10 13.48
N HIS D 340 40.56 77.98 14.16
CA HIS D 340 40.10 78.04 15.55
C HIS D 340 41.16 78.86 16.29
N PRO D 341 40.74 79.94 16.95
CA PRO D 341 41.67 80.94 17.50
C PRO D 341 42.65 80.38 18.51
N SER D 342 42.23 79.39 19.29
CA SER D 342 43.11 78.77 20.28
C SER D 342 44.35 78.15 19.66
N LEU D 343 44.25 77.73 18.41
CA LEU D 343 45.42 77.18 17.74
C LEU D 343 46.32 78.33 17.34
N GLY D 344 45.72 79.44 16.91
CA GLY D 344 46.50 80.60 16.55
C GLY D 344 45.93 81.35 15.38
N THR D 345 46.65 82.39 14.97
CA THR D 345 46.31 83.16 13.79
C THR D 345 46.59 82.32 12.55
N ILE D 346 46.06 82.71 11.39
CA ILE D 346 46.29 81.91 10.18
C ILE D 346 47.75 81.91 9.71
N ASP D 347 48.54 82.93 10.08
CA ASP D 347 49.97 82.93 9.75
C ASP D 347 50.67 81.80 10.50
N ASP D 348 50.22 81.53 11.74
CA ASP D 348 50.78 80.45 12.53
C ASP D 348 50.63 79.15 11.77
N PHE D 349 49.47 78.99 11.13
CA PHE D 349 49.20 77.83 10.31
C PHE D 349 50.20 77.79 9.17
N ASP D 350 50.31 78.92 8.47
CA ASP D 350 51.20 79.05 7.32
C ASP D 350 52.63 78.67 7.73
N ASP D 351 52.97 79.04 8.96
CA ASP D 351 54.27 78.74 9.54
C ASP D 351 54.37 77.23 9.77
N PHE D 352 53.26 76.65 10.24
CA PHE D 352 53.20 75.21 10.48
C PHE D 352 53.32 74.39 9.19
N VAL D 353 52.59 74.79 8.17
CA VAL D 353 52.65 74.14 6.86
C VAL D 353 54.07 74.18 6.30
N SER D 354 54.68 75.36 6.38
CA SER D 354 56.02 75.56 5.84
C SER D 354 57.04 74.69 6.57
N ALA D 355 56.80 74.47 7.87
CA ALA D 355 57.66 73.62 8.68
C ALA D 355 57.65 72.18 8.15
N ALA D 356 56.46 71.66 7.88
CA ALA D 356 56.29 70.29 7.40
C ALA D 356 56.99 70.08 6.06
N ARG D 357 56.79 71.03 5.15
CA ARG D 357 57.37 70.97 3.81
C ARG D 357 58.90 70.92 3.88
N ASP D 358 59.46 71.60 4.90
CA ASP D 358 60.90 71.60 5.14
C ASP D 358 61.36 70.18 5.46
N LEU D 359 60.48 69.41 6.10
CA LEU D 359 60.82 68.05 6.50
C LEU D 359 60.47 67.03 5.42
N GLY D 360 59.93 67.50 4.30
CA GLY D 360 59.57 66.58 3.23
C GLY D 360 58.15 66.10 3.31
N MET D 361 57.37 66.68 4.21
CA MET D 361 56.00 66.25 4.42
C MET D 361 54.95 67.18 3.80
N GLU D 362 53.70 66.72 3.86
CA GLU D 362 52.59 67.46 3.30
C GLU D 362 51.50 67.56 4.38
N VAL D 363 50.65 68.56 4.27
CA VAL D 363 49.59 68.72 5.26
C VAL D 363 48.27 68.39 4.60
N ALA D 364 47.49 67.58 5.29
CA ALA D 364 46.18 67.20 4.79
C ALA D 364 45.14 67.68 5.79
N LEU D 365 44.18 68.44 5.30
CA LEU D 365 43.19 69.02 6.19
C LEU D 365 41.89 68.24 6.02
N ASP D 366 41.13 68.10 7.10
CA ASP D 366 39.86 67.40 7.01
C ASP D 366 38.86 68.33 6.34
N LEU D 367 38.19 67.86 5.30
CA LEU D 367 37.17 68.68 4.66
C LEU D 367 35.82 68.05 4.93
N ALA D 368 35.10 68.64 5.86
CA ALA D 368 33.80 68.13 6.28
C ALA D 368 32.70 69.15 6.04
N LEU D 369 31.83 68.86 5.07
CA LEU D 369 30.77 69.79 4.71
C LEU D 369 29.58 69.57 5.61
N GLN D 370 29.67 70.19 6.80
CA GLN D 370 28.69 70.09 7.86
C GLN D 370 28.77 71.39 8.64
N CYS D 371 27.81 71.64 9.51
CA CYS D 371 27.86 72.84 10.32
C CYS D 371 27.36 72.58 11.74
N ALA D 372 27.98 73.25 12.69
CA ALA D 372 27.51 73.29 14.07
C ALA D 372 26.47 74.39 14.18
N PRO D 373 25.67 74.41 15.26
CA PRO D 373 24.63 75.44 15.35
C PRO D 373 25.21 76.85 15.32
N ASP D 374 26.31 77.09 16.02
CA ASP D 374 26.91 78.41 16.07
C ASP D 374 27.58 78.83 14.76
N HIS D 375 27.58 77.94 13.77
CA HIS D 375 28.20 78.25 12.47
C HIS D 375 27.54 79.49 11.87
N PRO D 376 28.35 80.42 11.33
CA PRO D 376 27.83 81.63 10.70
C PRO D 376 26.75 81.39 9.65
N TRP D 377 26.81 80.28 8.92
CA TRP D 377 25.85 79.97 7.85
C TRP D 377 24.44 79.80 8.43
N ALA D 378 24.39 79.35 9.69
CA ALA D 378 23.15 79.12 10.41
C ALA D 378 22.40 80.44 10.43
N ARG D 379 23.15 81.53 10.42
CA ARG D 379 22.57 82.85 10.37
C ARG D 379 22.65 83.42 8.95
N GLU D 380 23.86 83.47 8.39
CA GLU D 380 24.07 84.18 7.13
C GLU D 380 23.24 83.64 5.96
N HIS D 381 23.31 82.34 5.75
CA HIS D 381 22.53 81.66 4.73
C HIS D 381 21.72 80.45 5.19
N ARG D 382 20.41 80.57 5.33
CA ARG D 382 19.66 79.46 5.88
C ARG D 382 18.95 78.77 4.73
N GLN D 383 19.02 79.38 3.54
CA GLN D 383 18.43 78.73 2.37
C GLN D 383 19.13 77.37 2.17
N TRP D 384 20.40 77.33 2.54
CA TRP D 384 21.28 76.17 2.35
C TRP D 384 21.00 74.98 3.23
N PHE D 385 20.00 75.12 4.07
CA PHE D 385 19.66 74.03 4.98
C PHE D 385 18.22 73.59 4.71
N THR D 386 17.95 72.41 5.23
CA THR D 386 16.66 71.80 5.15
C THR D 386 15.85 72.03 6.45
N GLU D 387 14.95 73.01 6.35
CA GLU D 387 14.18 73.47 7.50
C GLU D 387 12.88 72.71 7.61
N LEU D 388 12.62 72.27 8.83
CA LEU D 388 11.47 71.45 9.14
C LEU D 388 10.19 72.29 9.08
N PRO D 389 9.01 71.67 9.26
CA PRO D 389 7.73 72.39 9.30
C PRO D 389 7.61 73.43 10.41
N ASP D 390 8.19 73.13 11.58
CA ASP D 390 8.13 74.04 12.72
C ASP D 390 9.12 75.19 12.77
N GLY D 391 9.84 75.48 11.68
CA GLY D 391 10.68 76.67 11.70
C GLY D 391 12.01 76.31 12.31
N THR D 392 12.03 75.14 12.93
CA THR D 392 13.24 74.55 13.50
C THR D 392 14.08 74.17 12.30
N ILE D 393 15.34 73.85 12.52
CA ILE D 393 16.18 73.43 11.42
C ILE D 393 16.54 72.02 11.79
N ALA D 394 16.44 71.12 10.82
CA ALA D 394 16.67 69.74 11.16
C ALA D 394 18.10 69.39 11.51
N TYR D 395 18.18 68.65 12.61
CA TYR D 395 19.39 68.13 13.20
C TYR D 395 19.92 67.01 12.30
N ALA D 396 21.23 66.73 12.28
CA ALA D 396 21.81 65.72 11.37
C ALA D 396 21.18 64.36 11.66
N GLU D 397 20.94 63.55 10.65
CA GLU D 397 20.31 62.27 10.97
C GLU D 397 20.71 60.99 10.29
N ASN D 398 20.78 59.96 11.13
CA ASN D 398 21.01 58.59 10.72
C ASN D 398 19.99 57.86 11.58
N PRO D 399 18.89 57.38 10.97
CA PRO D 399 17.81 56.90 11.84
C PRO D 399 18.17 55.68 12.71
N PRO D 400 17.83 55.70 14.01
CA PRO D 400 17.20 56.73 14.83
C PRO D 400 18.26 57.59 15.54
N LYS D 401 19.51 57.32 15.24
CA LYS D 401 20.66 57.99 15.86
C LYS D 401 20.76 59.48 15.60
N LYS D 402 21.11 60.21 16.65
CA LYS D 402 21.33 61.65 16.57
C LYS D 402 22.77 62.01 16.99
N TYR D 403 23.44 62.88 16.21
CA TYR D 403 24.84 63.28 16.36
C TYR D 403 24.67 64.75 16.72
N GLN D 404 24.17 64.99 17.94
CA GLN D 404 23.76 66.31 18.44
C GLN D 404 24.49 67.58 17.95
N ASP D 405 25.74 67.47 17.49
CA ASP D 405 26.48 68.68 17.08
C ASP D 405 26.33 69.24 15.67
N ILE D 406 25.54 68.65 14.79
CA ILE D 406 25.50 69.25 13.45
C ILE D 406 24.19 69.33 12.68
N TYR D 407 24.20 70.22 11.69
CA TYR D 407 23.08 70.43 10.79
C TYR D 407 23.56 69.93 9.43
N PRO D 408 22.78 69.07 8.76
CA PRO D 408 23.12 68.65 7.40
C PRO D 408 22.85 69.75 6.39
N LEU D 409 23.64 69.86 5.33
CA LEU D 409 23.32 70.88 4.35
C LEU D 409 22.21 70.39 3.44
N ASN D 410 21.60 71.30 2.70
CA ASN D 410 20.60 70.96 1.69
C ASN D 410 21.12 71.49 0.37
N PHE D 411 21.46 70.61 -0.56
CA PHE D 411 22.11 71.06 -1.79
C PHE D 411 21.09 71.41 -2.86
N ASP D 412 19.81 71.23 -2.56
CA ASP D 412 18.76 71.45 -3.55
C ASP D 412 18.09 72.82 -3.48
N ASN D 413 17.92 73.37 -2.27
CA ASN D 413 17.29 74.67 -2.12
C ASN D 413 18.04 75.80 -2.82
N ASP D 414 19.33 75.91 -2.54
CA ASP D 414 20.16 76.95 -3.12
C ASP D 414 21.46 76.38 -3.66
N PRO D 415 21.39 75.69 -4.81
CA PRO D 415 22.51 74.97 -5.40
C PRO D 415 23.65 75.92 -5.77
N GLU D 416 23.41 76.85 -6.69
CA GLU D 416 24.49 77.72 -7.17
C GLU D 416 25.01 78.61 -6.04
N GLY D 417 24.20 78.73 -4.99
CA GLY D 417 24.61 79.45 -3.79
C GLY D 417 25.68 78.74 -3.01
N LEU D 418 25.43 77.49 -2.65
CA LEU D 418 26.36 76.68 -1.88
C LEU D 418 27.59 76.21 -2.65
N TYR D 419 27.40 75.82 -3.91
CA TYR D 419 28.51 75.35 -4.74
C TYR D 419 29.68 76.35 -4.75
N ASP D 420 29.39 77.60 -5.06
CA ASP D 420 30.41 78.63 -5.20
C ASP D 420 31.11 78.94 -3.87
N GLU D 421 30.36 78.86 -2.78
CA GLU D 421 30.96 79.12 -1.47
C GLU D 421 31.92 78.01 -1.04
N VAL D 422 31.52 76.75 -1.20
CA VAL D 422 32.38 75.64 -0.79
C VAL D 422 33.68 75.62 -1.59
N LEU D 423 33.58 75.95 -2.88
CA LEU D 423 34.77 76.06 -3.73
C LEU D 423 35.70 77.15 -3.20
N ARG D 424 35.11 78.24 -2.74
CA ARG D 424 35.88 79.36 -2.19
C ARG D 424 36.67 78.87 -1.01
N VAL D 425 36.00 78.12 -0.12
CA VAL D 425 36.61 77.65 1.11
C VAL D 425 37.76 76.71 0.79
N VAL D 426 37.51 75.76 -0.11
CA VAL D 426 38.55 74.81 -0.49
C VAL D 426 39.71 75.61 -1.09
N GLN D 427 39.34 76.60 -1.92
CA GLN D 427 40.35 77.42 -2.57
C GLN D 427 41.17 78.24 -1.58
N HIS D 428 40.56 78.55 -0.44
CA HIS D 428 41.22 79.35 0.58
C HIS D 428 42.45 78.61 1.05
N TRP D 429 42.25 77.37 1.46
CA TRP D 429 43.32 76.55 2.01
C TRP D 429 44.35 76.14 0.97
N VAL D 430 43.89 75.94 -0.27
CA VAL D 430 44.79 75.66 -1.38
C VAL D 430 45.80 76.79 -1.51
N ASN D 431 45.31 78.02 -1.34
CA ASN D 431 46.14 79.20 -1.40
C ASN D 431 47.12 79.25 -0.23
N HIS D 432 46.89 78.44 0.79
CA HIS D 432 47.80 78.40 1.93
C HIS D 432 48.70 77.17 1.97
N GLY D 433 48.85 76.51 0.82
CA GLY D 433 49.82 75.43 0.68
C GLY D 433 49.27 74.05 0.97
N VAL D 434 47.96 73.97 1.17
CA VAL D 434 47.32 72.69 1.45
C VAL D 434 46.74 72.10 0.18
N LYS D 435 47.34 71.02 -0.30
CA LYS D 435 46.92 70.43 -1.56
C LYS D 435 46.55 68.97 -1.41
N PHE D 436 46.13 68.60 -0.20
CA PHE D 436 45.53 67.28 -0.01
C PHE D 436 44.38 67.36 1.01
N PHE D 437 43.19 66.93 0.62
CA PHE D 437 42.06 67.02 1.54
C PHE D 437 41.41 65.67 1.88
N ARG D 438 41.14 65.44 3.17
CA ARG D 438 40.42 64.24 3.55
C ARG D 438 38.94 64.54 3.64
N VAL D 439 38.21 64.34 2.55
CA VAL D 439 36.78 64.63 2.53
C VAL D 439 36.02 63.73 3.48
N ASP D 440 35.09 64.28 4.26
CA ASP D 440 34.56 63.51 5.37
C ASP D 440 33.13 63.07 5.05
N ASN D 441 32.92 61.76 5.13
CA ASN D 441 31.65 61.11 4.87
C ASN D 441 31.02 61.59 3.55
N PRO D 442 31.80 61.55 2.44
CA PRO D 442 31.37 62.14 1.17
C PRO D 442 30.12 61.51 0.57
N HIS D 443 29.82 60.29 0.98
CA HIS D 443 28.69 59.53 0.42
C HIS D 443 27.35 60.06 0.92
N THR D 444 27.37 60.97 1.90
CA THR D 444 26.13 61.54 2.40
C THR D 444 25.88 62.92 1.79
N LYS D 445 26.60 63.21 0.72
CA LYS D 445 26.43 64.44 -0.03
C LYS D 445 26.29 64.01 -1.48
N PRO D 446 25.66 64.86 -2.32
CA PRO D 446 25.43 64.46 -3.72
C PRO D 446 26.71 64.16 -4.50
N PRO D 447 26.73 63.05 -5.26
CA PRO D 447 27.82 62.63 -6.13
C PRO D 447 28.20 63.69 -7.15
N ASN D 448 27.20 64.26 -7.82
CA ASN D 448 27.46 65.19 -8.92
C ASN D 448 28.19 66.42 -8.41
N PHE D 449 27.92 66.75 -7.15
CA PHE D 449 28.57 67.87 -6.49
C PHE D 449 30.08 67.65 -6.48
N TRP D 450 30.49 66.47 -5.98
CA TRP D 450 31.91 66.12 -5.89
C TRP D 450 32.56 66.16 -7.26
N ALA D 451 31.86 65.62 -8.25
CA ALA D 451 32.35 65.59 -9.62
C ALA D 451 32.61 67.01 -10.07
N TRP D 452 31.71 67.91 -9.69
CA TRP D 452 31.84 69.31 -10.02
C TRP D 452 32.96 69.99 -9.26
N LEU D 453 32.98 69.79 -7.94
CA LEU D 453 33.95 70.47 -7.09
C LEU D 453 35.38 70.08 -7.48
N ILE D 454 35.60 68.78 -7.70
CA ILE D 454 36.92 68.27 -8.07
C ILE D 454 37.43 68.83 -9.40
N ALA D 455 36.60 68.74 -10.43
CA ALA D 455 37.03 69.17 -11.73
C ALA D 455 37.25 70.68 -11.69
N GLN D 456 36.41 71.39 -10.95
CA GLN D 456 36.55 72.84 -10.89
C GLN D 456 37.87 73.23 -10.23
N VAL D 457 38.14 72.62 -9.07
CA VAL D 457 39.40 72.86 -8.34
C VAL D 457 40.65 72.38 -9.03
N LYS D 458 40.61 71.14 -9.49
CA LYS D 458 41.80 70.55 -10.09
C LYS D 458 42.20 71.25 -11.40
N THR D 459 41.26 71.94 -12.02
CA THR D 459 41.56 72.65 -13.27
C THR D 459 42.44 73.89 -13.05
N VAL D 460 42.19 74.64 -11.98
CA VAL D 460 43.02 75.78 -11.65
C VAL D 460 44.36 75.31 -11.09
N ASP D 461 44.33 74.35 -10.16
CA ASP D 461 45.54 73.74 -9.62
C ASP D 461 45.36 72.22 -9.63
N PRO D 462 46.11 71.53 -10.48
CA PRO D 462 45.95 70.09 -10.74
C PRO D 462 46.66 69.16 -9.76
N ASP D 463 47.30 69.73 -8.74
CA ASP D 463 48.04 68.91 -7.81
C ASP D 463 47.24 68.64 -6.52
N VAL D 464 45.97 69.02 -6.49
CA VAL D 464 45.14 68.78 -5.32
C VAL D 464 44.48 67.40 -5.34
N LEU D 465 44.60 66.67 -4.22
CA LEU D 465 44.13 65.28 -4.18
C LEU D 465 43.11 65.03 -3.04
N PHE D 466 42.21 64.07 -3.29
CA PHE D 466 41.11 63.75 -2.38
C PHE D 466 40.99 62.29 -1.88
N LEU D 467 40.62 62.12 -0.61
CA LEU D 467 40.37 60.80 0.00
C LEU D 467 38.93 60.69 0.41
N SER D 468 38.26 59.63 0.00
CA SER D 468 36.84 59.53 0.27
C SER D 468 36.66 58.58 1.43
N GLU D 469 36.16 59.12 2.53
CA GLU D 469 35.89 58.33 3.72
C GLU D 469 34.51 57.70 3.56
N ALA D 470 34.37 56.77 2.63
CA ALA D 470 33.06 56.19 2.38
C ALA D 470 32.98 54.76 2.92
N PHE D 471 32.50 54.60 4.15
CA PHE D 471 32.28 53.26 4.69
C PHE D 471 30.87 52.96 4.27
N THR D 472 30.74 52.41 3.07
CA THR D 472 29.45 52.25 2.46
C THR D 472 29.51 51.05 1.52
N PRO D 473 28.35 50.50 1.14
CA PRO D 473 28.35 49.31 0.27
C PRO D 473 29.10 49.56 -1.04
N PRO D 474 29.53 48.48 -1.73
CA PRO D 474 30.48 48.58 -2.84
C PRO D 474 30.09 49.61 -3.90
N ALA D 475 28.87 49.52 -4.42
CA ALA D 475 28.43 50.34 -5.54
C ALA D 475 28.68 51.83 -5.30
N ARG D 476 28.51 52.26 -4.05
CA ARG D 476 28.79 53.63 -3.64
C ARG D 476 30.28 53.83 -3.39
N GLN D 477 30.89 52.91 -2.65
CA GLN D 477 32.28 53.02 -2.23
C GLN D 477 33.20 53.15 -3.44
N TYR D 478 33.08 52.19 -4.37
CA TYR D 478 33.88 52.19 -5.57
C TYR D 478 33.37 53.26 -6.54
N GLY D 479 32.09 53.61 -6.40
CA GLY D 479 31.51 54.62 -7.25
C GLY D 479 32.17 55.96 -6.99
N LEU D 480 32.33 56.27 -5.71
CA LEU D 480 32.92 57.54 -5.28
C LEU D 480 34.36 57.72 -5.77
N ALA D 481 35.10 56.61 -5.74
CA ALA D 481 36.49 56.58 -6.21
C ALA D 481 36.45 56.91 -7.68
N LYS D 482 35.49 56.31 -8.34
CA LYS D 482 35.34 56.41 -9.76
C LYS D 482 35.20 57.83 -10.33
N LEU D 483 34.46 58.74 -9.69
CA LEU D 483 34.25 60.08 -10.30
C LEU D 483 35.44 61.02 -10.14
N GLY D 484 36.49 60.59 -9.45
CA GLY D 484 37.70 61.39 -9.42
C GLY D 484 38.50 61.43 -8.14
N PHE D 485 37.95 60.91 -7.03
CA PHE D 485 38.70 60.90 -5.77
C PHE D 485 39.98 60.09 -5.94
N THR D 486 41.11 60.71 -5.64
CA THR D 486 42.42 60.10 -5.88
C THR D 486 42.67 58.85 -5.02
N GLN D 487 42.14 58.83 -3.80
CA GLN D 487 42.22 57.64 -2.94
C GLN D 487 40.88 57.40 -2.24
N SER D 488 40.70 56.20 -1.72
CA SER D 488 39.49 55.85 -1.00
C SER D 488 39.79 55.00 0.21
N TYR D 489 39.04 55.23 1.29
CA TYR D 489 39.11 54.37 2.45
C TYR D 489 38.58 53.00 2.06
N SER D 490 38.82 51.98 2.88
CA SER D 490 38.40 50.65 2.49
C SER D 490 37.75 49.90 3.66
N TYR D 491 37.28 48.68 3.38
CA TYR D 491 36.66 47.84 4.39
C TYR D 491 37.74 47.09 5.13
N PHE D 492 38.99 47.54 4.95
CA PHE D 492 40.17 46.78 5.37
C PHE D 492 40.17 46.34 6.83
N THR D 493 39.73 47.24 7.71
CA THR D 493 39.82 46.99 9.14
C THR D 493 39.06 45.73 9.55
N TRP D 494 37.98 45.41 8.82
CA TRP D 494 37.08 44.31 9.18
C TRP D 494 37.34 43.07 8.34
N ARG D 495 38.52 42.99 7.73
CA ARG D 495 38.96 41.78 7.07
C ARG D 495 40.09 41.16 7.91
N THR D 496 39.83 40.01 8.53
CA THR D 496 40.83 39.41 9.41
C THR D 496 41.08 37.90 9.26
N THR D 497 40.47 37.24 8.28
CA THR D 497 40.79 35.82 8.12
C THR D 497 41.57 35.72 6.83
N LYS D 498 42.32 34.63 6.71
CA LYS D 498 43.22 34.41 5.59
C LYS D 498 42.48 34.55 4.29
N TRP D 499 41.27 34.02 4.28
CA TRP D 499 40.46 34.02 3.09
C TRP D 499 39.95 35.41 2.77
N GLU D 500 39.59 36.15 3.81
CA GLU D 500 39.14 37.52 3.64
C GLU D 500 40.32 38.32 3.10
N LEU D 501 41.46 38.19 3.76
CA LEU D 501 42.64 38.92 3.34
C LEU D 501 43.13 38.52 1.96
N THR D 502 43.07 37.22 1.64
CA THR D 502 43.47 36.75 0.32
C THR D 502 42.62 37.35 -0.79
N GLU D 503 41.29 37.28 -0.63
CA GLU D 503 40.41 37.80 -1.67
C GLU D 503 40.61 39.31 -1.74
N PHE D 504 40.64 39.93 -0.57
CA PHE D 504 40.88 41.37 -0.43
C PHE D 504 42.25 41.75 -1.00
N GLY D 505 43.27 40.92 -0.77
CA GLY D 505 44.62 41.21 -1.27
C GLY D 505 44.64 41.24 -2.79
N ASN D 506 44.08 40.22 -3.42
CA ASN D 506 44.03 40.13 -4.89
C ASN D 506 43.19 41.33 -5.30
N GLN D 507 42.20 41.63 -4.44
CA GLN D 507 41.30 42.73 -4.70
C GLN D 507 42.03 44.08 -4.66
N ILE D 508 43.09 44.14 -3.83
CA ILE D 508 43.79 45.39 -3.51
C ILE D 508 44.06 46.07 -4.80
N ALA D 509 44.68 45.34 -5.71
CA ALA D 509 44.52 45.80 -7.05
C ALA D 509 44.17 44.69 -8.00
N GLU D 510 43.02 44.77 -8.68
CA GLU D 510 41.87 45.71 -8.50
C GLU D 510 41.25 46.00 -9.82
N LEU D 511 40.14 46.70 -9.68
CA LEU D 511 39.66 47.66 -10.63
C LEU D 511 40.50 48.93 -10.30
N ALA D 512 41.83 48.71 -10.32
CA ALA D 512 42.93 49.63 -9.97
C ALA D 512 42.95 50.85 -10.84
N ASP D 513 42.42 50.65 -12.04
CA ASP D 513 42.37 51.65 -13.08
C ASP D 513 41.58 52.85 -12.57
N TYR D 514 40.71 52.63 -11.58
CA TYR D 514 39.98 53.76 -11.01
C TYR D 514 39.90 53.84 -9.47
N ARG D 515 40.32 52.83 -8.72
CA ARG D 515 40.28 53.07 -7.27
C ARG D 515 41.67 52.80 -6.69
N ARG D 516 42.17 53.75 -5.89
CA ARG D 516 43.41 53.57 -5.13
C ARG D 516 43.04 53.52 -3.66
N PRO D 517 43.32 52.40 -3.00
CA PRO D 517 42.88 52.35 -1.60
C PRO D 517 43.90 52.89 -0.62
N ASN D 518 43.43 53.59 0.41
CA ASN D 518 44.26 53.99 1.54
C ASN D 518 43.91 53.16 2.75
N LEU D 519 44.84 52.32 3.17
CA LEU D 519 44.55 51.34 4.20
C LEU D 519 44.88 51.89 5.58
N PHE D 520 43.85 52.13 6.40
CA PHE D 520 44.07 52.69 7.72
C PHE D 520 43.96 51.59 8.75
N VAL D 521 44.98 51.44 9.58
CA VAL D 521 45.00 50.44 10.63
C VAL D 521 43.97 50.80 11.70
N ASN D 522 43.82 52.09 11.94
CA ASN D 522 42.82 52.63 12.84
C ASN D 522 42.38 54.05 12.45
N THR D 523 41.23 54.49 12.98
CA THR D 523 40.80 55.87 12.89
C THR D 523 40.26 56.21 14.27
N PRO D 524 40.04 57.50 14.56
CA PRO D 524 39.49 57.87 15.87
C PRO D 524 38.18 57.14 16.18
N ASP D 525 37.46 56.79 15.11
CA ASP D 525 36.18 56.11 15.23
C ASP D 525 36.31 54.58 15.22
N ILE D 526 37.46 54.04 14.80
CA ILE D 526 37.59 52.59 14.64
C ILE D 526 38.79 51.98 15.37
N LEU D 527 38.50 51.31 16.49
CA LEU D 527 39.47 50.50 17.22
C LEU D 527 38.94 49.08 17.16
N HIS D 528 39.39 48.29 16.18
CA HIS D 528 38.78 46.98 15.95
C HIS D 528 38.92 46.04 17.14
N ALA D 529 37.93 45.16 17.26
CA ALA D 529 37.80 44.20 18.35
C ALA D 529 39.05 43.33 18.38
N VAL D 530 39.53 42.99 17.18
CA VAL D 530 40.65 42.07 17.00
C VAL D 530 41.90 42.64 17.62
N LEU D 531 42.02 43.97 17.57
CA LEU D 531 43.13 44.68 18.19
C LEU D 531 43.06 44.65 19.72
N GLN D 532 41.83 44.59 20.22
CA GLN D 532 41.55 44.64 21.65
C GLN D 532 42.09 43.51 22.53
N HIS D 533 42.08 42.26 22.06
CA HIS D 533 42.44 41.22 23.01
C HIS D 533 43.64 40.33 22.73
N ASN D 534 44.21 40.43 21.54
CA ASN D 534 45.31 39.53 21.21
C ASN D 534 46.65 40.25 21.46
N GLY D 535 46.57 41.48 21.96
CA GLY D 535 47.76 42.20 22.41
C GLY D 535 48.65 42.79 21.33
N PRO D 536 49.76 43.44 21.73
CA PRO D 536 50.62 44.32 20.92
C PRO D 536 51.21 43.63 19.70
N GLY D 537 51.25 42.29 19.73
CA GLY D 537 51.78 41.52 18.62
C GLY D 537 50.99 41.86 17.37
N MET D 538 49.66 41.94 17.52
CA MET D 538 48.74 42.16 16.40
C MET D 538 48.93 43.50 15.76
N PHE D 539 49.23 44.49 16.59
CA PHE D 539 49.42 45.84 16.10
C PHE D 539 50.51 45.91 15.04
N ALA D 540 51.56 45.11 15.23
CA ALA D 540 52.62 44.96 14.25
C ALA D 540 52.04 44.36 12.98
N ILE D 541 51.24 43.32 13.18
CA ILE D 541 50.69 42.51 12.09
C ILE D 541 49.84 43.35 11.15
N ARG D 542 48.98 44.18 11.73
CA ARG D 542 48.11 45.02 10.90
C ARG D 542 48.96 46.02 10.14
N ALA D 543 49.99 46.54 10.80
CA ALA D 543 50.90 47.51 10.19
C ALA D 543 51.59 46.87 9.00
N VAL D 544 52.00 45.61 9.17
CA VAL D 544 52.67 44.87 8.09
C VAL D 544 51.72 44.67 6.92
N LEU D 545 50.48 44.36 7.24
CA LEU D 545 49.48 44.10 6.23
C LEU D 545 49.16 45.36 5.46
N ALA D 546 48.93 46.45 6.18
CA ALA D 546 48.56 47.70 5.54
C ALA D 546 49.69 48.20 4.66
N ALA D 547 50.89 48.25 5.25
CA ALA D 547 52.06 48.82 4.59
C ALA D 547 52.42 48.05 3.34
N THR D 548 52.34 46.73 3.41
CA THR D 548 52.70 45.85 2.28
C THR D 548 51.62 45.73 1.19
N MET D 549 50.36 45.55 1.60
CA MET D 549 49.28 45.36 0.64
C MET D 549 49.08 46.57 -0.26
N SER D 550 49.22 47.78 0.29
CA SER D 550 49.02 48.99 -0.50
C SER D 550 50.20 49.96 -0.49
N PRO D 551 50.42 50.66 -1.63
CA PRO D 551 51.46 51.69 -1.69
C PRO D 551 51.13 52.79 -0.70
N ALA D 552 49.84 53.02 -0.50
CA ALA D 552 49.42 54.04 0.45
C ALA D 552 48.71 53.44 1.67
N TRP D 553 49.21 53.78 2.86
CA TRP D 553 48.66 53.30 4.12
C TRP D 553 48.70 54.42 5.16
N GLY D 554 48.05 54.19 6.30
CA GLY D 554 47.96 55.22 7.32
C GLY D 554 47.74 54.71 8.72
N MET D 555 47.99 55.59 9.69
CA MET D 555 47.90 55.24 11.09
C MET D 555 47.39 56.43 11.88
N TYR D 556 46.49 56.19 12.81
CA TYR D 556 45.97 57.25 13.67
C TYR D 556 46.75 57.24 14.98
N CYS D 557 47.07 58.44 15.46
CA CYS D 557 47.96 58.66 16.60
C CYS D 557 47.60 57.81 17.82
N GLY D 558 48.64 57.43 18.55
CA GLY D 558 48.51 56.62 19.76
C GLY D 558 48.52 55.14 19.46
N TYR D 559 48.37 54.79 18.19
CA TYR D 559 48.42 53.39 17.79
C TYR D 559 49.77 52.78 18.17
N GLU D 560 50.84 53.54 17.94
CA GLU D 560 52.21 53.09 18.21
C GLU D 560 52.52 52.89 19.70
N LEU D 561 51.61 53.36 20.55
CA LEU D 561 51.74 53.20 21.98
C LEU D 561 50.89 52.05 22.46
N PHE D 562 50.31 51.34 21.51
CA PHE D 562 49.48 50.16 21.76
C PHE D 562 48.15 50.44 22.48
N GLU D 563 47.55 51.61 22.22
CA GLU D 563 46.23 51.92 22.79
C GLU D 563 45.22 50.89 22.31
N HIS D 564 44.66 50.12 23.24
CA HIS D 564 43.86 48.97 22.83
C HIS D 564 42.55 48.86 23.59
N ARG D 565 42.18 49.93 24.29
CA ARG D 565 40.95 49.90 25.08
C ARG D 565 39.81 50.68 24.41
N ALA D 566 38.69 49.98 24.21
CA ALA D 566 37.48 50.53 23.61
C ALA D 566 36.68 50.85 24.86
N VAL D 567 35.66 51.70 24.80
CA VAL D 567 35.02 52.07 26.07
C VAL D 567 34.49 50.80 26.73
N ARG D 568 33.85 49.93 25.96
CA ARG D 568 33.41 48.61 26.44
C ARG D 568 33.40 47.61 25.31
N GLU D 569 33.50 46.34 25.68
CA GLU D 569 33.55 45.24 24.72
C GLU D 569 32.34 45.18 23.79
N GLY D 570 32.66 44.88 22.54
CA GLY D 570 31.71 44.74 21.44
C GLY D 570 31.41 46.06 20.78
N SER D 571 32.11 47.11 21.19
CA SER D 571 31.94 48.41 20.58
C SER D 571 33.21 48.76 19.80
N GLU D 572 33.16 49.72 18.87
CA GLU D 572 34.39 50.09 18.17
C GLU D 572 34.98 51.50 18.39
N GLU D 573 34.58 52.18 19.46
CA GLU D 573 35.05 53.55 19.79
C GLU D 573 36.09 53.57 20.91
N TYR D 574 37.12 54.39 20.70
CA TYR D 574 38.25 54.52 21.61
C TYR D 574 37.76 55.07 22.95
N LEU D 575 38.14 54.39 24.02
CA LEU D 575 37.78 54.83 25.38
C LEU D 575 38.42 56.18 25.71
N ASP D 576 37.65 57.08 26.32
CA ASP D 576 38.12 58.42 26.64
C ASP D 576 38.57 59.06 25.34
N SER D 577 37.73 58.97 24.31
CA SER D 577 38.13 59.35 22.96
C SER D 577 38.70 60.77 22.86
N GLU D 578 39.71 60.89 22.00
CA GLU D 578 40.45 62.12 21.75
C GLU D 578 39.52 63.14 21.12
N LYS D 579 38.45 62.62 20.53
CA LYS D 579 37.46 63.44 19.85
C LYS D 579 36.74 64.37 20.81
N TYR D 580 36.48 63.84 22.01
CA TYR D 580 35.72 64.50 23.07
C TYR D 580 36.63 65.06 24.17
N GLU D 581 37.91 64.68 24.12
CA GLU D 581 38.82 65.00 25.21
C GLU D 581 40.20 65.41 24.75
N LEU D 582 40.87 66.17 25.62
CA LEU D 582 42.24 66.54 25.36
C LEU D 582 43.11 65.35 25.74
N ARG D 583 44.03 64.96 24.86
CA ARG D 583 44.88 63.85 25.24
C ARG D 583 46.29 64.23 24.83
N PRO D 584 47.01 64.99 25.69
CA PRO D 584 48.42 65.12 25.30
C PRO D 584 49.06 63.80 25.59
N ARG D 585 49.99 63.36 24.77
CA ARG D 585 50.58 62.11 25.13
C ARG D 585 52.11 62.09 25.09
N ASP D 586 52.73 61.17 25.83
CA ASP D 586 54.19 61.15 25.95
C ASP D 586 54.84 59.95 25.27
N PHE D 587 55.14 60.11 23.98
CA PHE D 587 55.67 59.02 23.18
C PHE D 587 57.06 58.62 23.65
N ALA D 588 57.85 59.63 24.04
CA ALA D 588 59.26 59.44 24.40
C ALA D 588 59.48 58.47 25.55
N SER D 589 58.70 58.61 26.62
CA SER D 589 58.85 57.76 27.80
C SER D 589 58.62 56.29 27.44
N ALA D 590 57.69 56.05 26.52
CA ALA D 590 57.36 54.71 26.09
C ALA D 590 58.56 54.03 25.43
N LEU D 591 59.31 54.81 24.65
CA LEU D 591 60.51 54.29 23.99
C LEU D 591 61.45 53.84 25.09
N ASP D 592 61.58 54.68 26.10
CA ASP D 592 62.50 54.48 27.21
C ASP D 592 62.02 53.26 28.00
N GLN D 593 60.71 53.10 28.14
CA GLN D 593 60.19 51.98 28.89
C GLN D 593 59.98 50.77 28.00
N GLY D 594 60.48 50.88 26.77
CA GLY D 594 60.46 49.80 25.82
C GLY D 594 59.09 49.24 25.51
N ARG D 595 58.05 50.07 25.49
CA ARG D 595 56.73 49.59 25.14
C ARG D 595 56.21 50.37 23.94
N SER D 596 57.10 50.69 23.03
CA SER D 596 56.71 51.45 21.87
C SER D 596 57.12 50.81 20.54
N LEU D 597 56.23 50.97 19.56
CA LEU D 597 56.38 50.44 18.22
C LEU D 597 56.97 51.44 17.21
N GLN D 598 57.52 52.56 17.66
CA GLN D 598 58.09 53.53 16.71
C GLN D 598 59.19 52.93 15.86
N PRO D 599 60.09 52.14 16.47
CA PRO D 599 61.10 51.61 15.55
C PRO D 599 60.52 50.74 14.46
N PHE D 600 59.62 49.82 14.80
CA PHE D 600 59.09 48.91 13.80
C PHE D 600 58.40 49.68 12.67
N ILE D 601 57.52 50.63 13.02
CA ILE D 601 56.78 51.41 12.02
C ILE D 601 57.79 52.18 11.16
N THR D 602 58.80 52.72 11.82
CA THR D 602 59.88 53.49 11.21
C THR D 602 60.56 52.58 10.20
N ARG D 603 60.84 51.37 10.68
CA ARG D 603 61.50 50.34 9.91
C ARG D 603 60.64 49.91 8.74
N LEU D 604 59.32 49.95 8.91
CA LEU D 604 58.41 49.60 7.81
C LEU D 604 58.44 50.59 6.65
N ASN D 605 58.37 51.88 6.97
CA ASN D 605 58.35 52.90 5.91
C ASN D 605 59.67 52.97 5.15
N ILE D 606 60.78 52.75 5.85
CA ILE D 606 62.09 52.72 5.20
C ILE D 606 62.12 51.59 4.18
N ILE D 607 61.54 50.45 4.57
CA ILE D 607 61.48 49.29 3.70
C ILE D 607 60.70 49.66 2.43
N ARG D 608 59.58 50.33 2.64
CA ARG D 608 58.72 50.77 1.53
C ARG D 608 59.44 51.73 0.58
N ARG D 609 60.18 52.69 1.14
CA ARG D 609 60.92 53.62 0.31
C ARG D 609 62.02 52.89 -0.44
N LEU D 610 62.61 51.91 0.25
CA LEU D 610 63.73 51.16 -0.30
C LEU D 610 63.39 50.31 -1.53
N HIS D 611 62.24 49.64 -1.53
CA HIS D 611 61.86 48.77 -2.64
C HIS D 611 60.69 49.36 -3.43
N PRO D 612 60.94 49.77 -4.68
CA PRO D 612 59.92 50.43 -5.51
C PRO D 612 58.81 49.48 -5.88
N ALA D 613 58.99 48.21 -5.53
CA ALA D 613 57.96 47.20 -5.79
C ALA D 613 56.71 47.53 -4.97
N PHE D 614 56.93 48.15 -3.81
CA PHE D 614 55.85 48.49 -2.90
C PHE D 614 55.08 49.72 -3.34
N GLN D 615 55.53 50.39 -4.39
CA GLN D 615 54.77 51.50 -4.92
C GLN D 615 53.83 51.03 -6.00
N GLN D 616 53.79 49.72 -6.23
CA GLN D 616 52.95 49.22 -7.29
C GLN D 616 51.63 48.73 -6.71
N LEU D 617 50.54 48.99 -7.41
CA LEU D 617 49.25 48.45 -7.02
C LEU D 617 48.95 47.12 -7.65
N ARG D 618 49.22 47.07 -8.95
CA ARG D 618 48.78 46.01 -9.85
C ARG D 618 49.39 44.64 -9.61
N THR D 619 50.65 44.60 -9.18
CA THR D 619 51.44 43.40 -9.32
C THR D 619 51.40 42.46 -8.11
N ILE D 620 50.51 42.72 -7.14
CA ILE D 620 50.45 41.83 -5.98
C ILE D 620 50.08 40.41 -6.46
N HIS D 621 50.73 39.39 -5.91
CA HIS D 621 50.43 38.00 -6.24
C HIS D 621 50.56 37.11 -5.01
N PHE D 622 49.59 36.23 -4.79
CA PHE D 622 49.56 35.43 -3.57
C PHE D 622 50.07 34.01 -3.83
N HIS D 623 50.95 33.55 -2.95
CA HIS D 623 51.55 32.23 -3.10
C HIS D 623 51.01 31.28 -2.04
N HIS D 624 50.99 29.99 -2.37
CA HIS D 624 50.34 29.01 -1.50
C HIS D 624 51.20 28.63 -0.30
N VAL D 625 50.61 28.75 0.89
CA VAL D 625 51.21 28.24 2.12
C VAL D 625 50.27 27.33 2.90
N ASP D 626 50.69 26.08 3.11
CA ASP D 626 49.80 25.08 3.70
C ASP D 626 49.71 25.30 5.21
N ASN D 627 49.30 26.48 5.61
CA ASN D 627 48.96 26.74 7.00
C ASN D 627 47.87 27.76 7.11
N ASP D 628 46.84 27.41 7.88
CA ASP D 628 45.68 28.26 7.99
C ASP D 628 46.06 29.54 8.70
N ALA D 629 47.16 29.55 9.43
CA ALA D 629 47.51 30.76 10.19
C ALA D 629 48.51 31.68 9.48
N LEU D 630 48.97 31.27 8.30
CA LEU D 630 50.00 32.03 7.59
C LEU D 630 49.59 32.61 6.24
N LEU D 631 49.96 33.86 5.99
CA LEU D 631 49.59 34.50 4.73
C LEU D 631 50.86 35.03 4.03
N ALA D 632 51.03 34.63 2.77
CA ALA D 632 52.20 35.02 1.99
C ALA D 632 51.89 35.53 0.58
N TYR D 633 52.37 36.73 0.26
CA TYR D 633 52.11 37.36 -1.03
C TYR D 633 53.33 38.12 -1.51
N SER D 634 53.39 38.41 -2.81
CA SER D 634 54.56 39.08 -3.37
C SER D 634 54.18 40.19 -4.34
N LYS D 635 55.03 41.20 -4.38
CA LYS D 635 54.87 42.34 -5.26
C LYS D 635 56.18 42.54 -6.01
N PHE D 636 56.11 43.10 -7.20
CA PHE D 636 57.32 43.42 -7.94
C PHE D 636 57.15 44.77 -8.64
N ASP D 637 58.25 45.38 -9.06
CA ASP D 637 58.19 46.66 -9.76
C ASP D 637 58.58 46.43 -11.22
N PRO D 638 57.65 46.75 -12.14
CA PRO D 638 57.79 46.60 -13.60
C PRO D 638 59.02 47.35 -14.13
N ALA D 639 59.35 48.46 -13.49
CA ALA D 639 60.44 49.33 -13.92
C ALA D 639 61.79 48.69 -13.64
N THR D 640 62.13 48.54 -12.37
CA THR D 640 63.47 48.11 -12.00
C THR D 640 63.61 46.60 -11.97
N GLY D 641 62.47 45.91 -12.01
CA GLY D 641 62.51 44.47 -11.93
C GLY D 641 62.59 44.01 -10.48
N ASP D 642 62.64 44.98 -9.56
CA ASP D 642 62.67 44.69 -8.11
C ASP D 642 61.54 43.74 -7.75
N CYS D 643 61.80 42.82 -6.83
CA CYS D 643 60.79 41.84 -6.46
C CYS D 643 60.90 41.50 -4.99
N VAL D 644 59.75 41.50 -4.32
CA VAL D 644 59.69 41.30 -2.89
C VAL D 644 58.56 40.36 -2.50
N LEU D 645 58.82 39.55 -1.49
CA LEU D 645 57.85 38.60 -0.95
C LEU D 645 57.65 38.87 0.52
N VAL D 646 56.39 38.88 0.94
CA VAL D 646 56.06 39.14 2.34
C VAL D 646 55.39 37.92 2.95
N VAL D 647 55.87 37.51 4.12
CA VAL D 647 55.18 36.49 4.87
C VAL D 647 54.85 36.97 6.26
N VAL D 648 53.57 36.93 6.60
CA VAL D 648 53.14 37.42 7.89
C VAL D 648 52.29 36.31 8.57
N THR D 649 52.21 36.36 9.90
CA THR D 649 51.36 35.45 10.66
C THR D 649 50.16 36.25 11.16
N LEU D 650 49.01 35.61 11.21
CA LEU D 650 47.84 36.29 11.73
C LEU D 650 47.64 35.88 13.18
N ASN D 651 48.47 34.96 13.67
CA ASN D 651 48.34 34.63 15.08
C ASN D 651 49.50 35.23 15.86
N ALA D 652 49.12 36.09 16.79
CA ALA D 652 50.01 36.89 17.62
C ALA D 652 50.61 36.07 18.74
N PHE D 653 49.98 34.94 19.04
CA PHE D 653 50.30 34.21 20.25
C PHE D 653 51.22 33.02 20.04
N GLY D 654 51.01 32.33 18.92
CA GLY D 654 51.74 31.10 18.65
C GLY D 654 52.75 31.02 17.53
N PRO D 655 53.82 30.25 17.75
CA PRO D 655 54.77 29.96 16.69
C PRO D 655 54.00 29.20 15.61
N GLU D 656 54.28 29.43 14.33
CA GLU D 656 53.56 28.74 13.26
C GLU D 656 54.49 28.22 12.18
N GLU D 657 54.24 27.01 11.68
CA GLU D 657 55.15 26.43 10.71
C GLU D 657 54.36 25.91 9.53
N ALA D 658 55.01 25.81 8.38
CA ALA D 658 54.34 25.37 7.16
C ALA D 658 55.35 25.04 6.06
N THR D 659 54.85 24.52 4.95
CA THR D 659 55.68 24.32 3.77
C THR D 659 55.28 25.37 2.75
N LEU D 660 56.21 26.15 2.25
CA LEU D 660 55.77 27.19 1.36
C LEU D 660 56.04 26.89 -0.13
N TRP D 661 55.02 26.95 -0.98
CA TRP D 661 55.16 26.63 -2.42
C TRP D 661 55.01 27.93 -3.20
N LEU D 662 55.80 28.07 -4.26
CA LEU D 662 55.82 29.31 -5.04
C LEU D 662 55.38 29.13 -6.48
N ASP D 663 54.75 30.16 -7.04
CA ASP D 663 54.50 30.16 -8.47
C ASP D 663 55.66 30.90 -9.10
N MET D 664 56.67 30.13 -9.48
CA MET D 664 57.96 30.67 -9.87
C MET D 664 57.80 31.54 -11.11
N ALA D 665 56.84 31.15 -11.95
CA ALA D 665 56.57 31.83 -13.20
C ALA D 665 56.26 33.29 -12.91
N ALA D 666 55.48 33.51 -11.85
CA ALA D 666 55.09 34.85 -11.43
C ALA D 666 56.29 35.68 -10.98
N LEU D 667 57.32 35.01 -10.49
CA LEU D 667 58.56 35.66 -10.04
C LEU D 667 59.62 35.67 -11.15
N GLY D 668 59.26 35.12 -12.30
CA GLY D 668 60.12 35.14 -13.47
C GLY D 668 61.16 34.04 -13.54
N MET D 669 60.92 32.92 -12.88
CA MET D 669 61.86 31.82 -12.92
C MET D 669 61.18 30.51 -13.28
N GLU D 670 61.97 29.55 -13.76
CA GLU D 670 61.46 28.20 -14.04
C GLU D 670 61.35 27.49 -12.70
N ASP D 671 60.57 26.41 -12.67
CA ASP D 671 60.28 25.68 -11.45
C ASP D 671 61.49 25.09 -10.73
N TYR D 672 62.50 24.62 -11.47
CA TYR D 672 63.62 23.94 -10.81
C TYR D 672 64.65 24.89 -10.22
N ASP D 673 64.56 26.17 -10.51
CA ASP D 673 65.61 27.10 -10.08
C ASP D 673 65.80 27.17 -8.57
N ARG D 674 67.02 27.48 -8.15
CA ARG D 674 67.31 27.83 -6.73
C ARG D 674 68.12 29.12 -6.71
N PHE D 675 67.82 29.91 -5.70
CA PHE D 675 68.25 31.29 -5.67
C PHE D 675 68.39 31.80 -4.25
N TRP D 676 68.98 32.99 -4.10
CA TRP D 676 69.24 33.53 -2.78
C TRP D 676 68.40 34.76 -2.44
N VAL D 677 68.00 34.83 -1.17
CA VAL D 677 67.16 35.92 -0.71
C VAL D 677 67.74 36.49 0.57
N ARG D 678 67.33 37.71 0.94
CA ARG D 678 67.79 38.33 2.18
C ARG D 678 66.57 38.92 2.90
N ASP D 679 66.53 38.79 4.22
CA ASP D 679 65.44 39.31 5.05
C ASP D 679 65.77 40.74 5.49
N GLU D 680 64.96 41.72 5.06
CA GLU D 680 65.29 43.13 5.29
C GLU D 680 65.25 43.56 6.77
N ILE D 681 64.45 42.87 7.58
CA ILE D 681 64.46 43.10 9.03
C ILE D 681 65.67 42.38 9.69
N THR D 682 65.88 41.09 9.37
CA THR D 682 66.92 40.28 10.00
C THR D 682 68.31 40.59 9.43
N GLY D 683 68.37 40.77 8.11
CA GLY D 683 69.63 40.98 7.42
C GLY D 683 70.17 39.63 6.98
N GLU D 684 69.48 38.59 7.41
CA GLU D 684 69.86 37.21 7.13
C GLU D 684 69.65 36.84 5.66
N GLU D 685 70.47 35.93 5.15
CA GLU D 685 70.44 35.45 3.78
C GLU D 685 70.16 33.95 3.80
N TYR D 686 69.42 33.45 2.80
CA TYR D 686 69.19 32.01 2.74
C TYR D 686 69.08 31.58 1.30
N GLN D 687 69.11 30.27 1.09
CA GLN D 687 68.99 29.73 -0.26
C GLN D 687 67.57 29.20 -0.38
N TRP D 688 66.88 29.52 -1.47
CA TRP D 688 65.50 29.09 -1.55
C TRP D 688 65.23 28.42 -2.91
N GLY D 689 64.08 27.78 -3.04
CA GLY D 689 63.66 27.14 -4.27
C GLY D 689 62.16 27.25 -4.39
N GLN D 690 61.55 26.38 -5.19
CA GLN D 690 60.10 26.43 -5.34
C GLN D 690 59.41 26.15 -4.00
N ALA D 691 59.93 25.19 -3.25
CA ALA D 691 59.36 24.85 -1.96
C ALA D 691 60.35 25.05 -0.84
N ASN D 692 59.96 25.84 0.15
CA ASN D 692 60.86 26.25 1.22
C ASN D 692 60.21 26.16 2.59
N TYR D 693 61.03 25.95 3.61
CA TYR D 693 60.52 25.82 4.97
C TYR D 693 60.46 27.18 5.61
N ILE D 694 59.36 27.46 6.27
CA ILE D 694 59.21 28.73 6.96
C ILE D 694 58.57 28.61 8.35
N ARG D 695 59.14 29.31 9.31
CA ARG D 695 58.59 29.34 10.67
C ARG D 695 58.63 30.76 11.24
N ILE D 696 57.50 31.22 11.76
CA ILE D 696 57.42 32.60 12.25
C ILE D 696 57.13 32.61 13.75
N ASP D 697 57.96 33.31 14.51
CA ASP D 697 57.80 33.34 15.95
C ASP D 697 57.57 34.78 16.41
N PRO D 698 56.34 35.08 16.87
CA PRO D 698 56.08 36.40 17.43
C PRO D 698 56.93 36.59 18.68
N ALA D 699 57.04 37.81 19.19
CA ALA D 699 57.88 38.12 20.35
C ALA D 699 59.35 37.98 19.93
N ARG D 700 59.55 37.74 18.63
CA ARG D 700 60.84 37.92 17.98
C ARG D 700 60.61 38.72 16.70
N ALA D 701 59.80 38.16 15.80
CA ALA D 701 59.30 38.90 14.64
C ALA D 701 58.03 38.27 14.07
N VAL D 702 57.01 39.10 13.85
CA VAL D 702 55.72 38.59 13.40
C VAL D 702 55.64 38.46 11.88
N ALA D 703 56.71 38.85 11.19
CA ALA D 703 56.71 38.75 9.74
C ALA D 703 58.11 38.75 9.14
N HIS D 704 58.23 38.16 7.97
CA HIS D 704 59.45 38.15 7.18
C HIS D 704 59.24 38.93 5.90
N ILE D 705 60.00 40.01 5.73
CA ILE D 705 59.92 40.75 4.47
C ILE D 705 61.20 40.43 3.68
N ILE D 706 61.00 39.72 2.57
CA ILE D 706 62.07 39.06 1.86
C ILE D 706 62.42 39.71 0.54
N ASN D 707 63.70 39.98 0.33
CA ASN D 707 64.13 40.52 -0.94
C ASN D 707 64.38 39.35 -1.87
N MET D 708 63.80 39.39 -3.06
CA MET D 708 63.89 38.25 -3.98
C MET D 708 64.67 38.67 -5.20
N PRO D 709 65.20 37.71 -5.96
CA PRO D 709 65.98 38.10 -7.13
C PRO D 709 65.17 38.95 -8.12
N ALA D 710 65.78 40.00 -8.65
CA ALA D 710 65.03 40.94 -9.49
C ALA D 710 64.49 40.25 -10.74
N VAL D 711 63.22 40.50 -11.04
CA VAL D 711 62.59 39.97 -12.25
C VAL D 711 63.30 40.43 -13.51
N PRO D 712 63.70 39.48 -14.37
CA PRO D 712 64.47 39.78 -15.59
C PRO D 712 63.71 40.74 -16.50
N TYR D 713 64.26 41.17 -17.63
CA TYR D 713 63.44 42.00 -18.51
C TYR D 713 62.38 41.19 -19.26
N GLU D 714 61.55 40.48 -18.51
CA GLU D 714 60.29 39.91 -18.96
C GLU D 714 59.29 40.24 -17.88
N SER D 715 59.62 41.30 -17.17
CA SER D 715 58.83 41.89 -16.11
C SER D 715 57.57 42.30 -16.86
N ARG D 716 57.83 42.82 -18.06
CA ARG D 716 56.91 43.47 -18.97
C ARG D 716 55.76 42.55 -19.40
N ASN D 717 56.03 41.28 -19.68
CA ASN D 717 54.93 40.44 -20.12
C ASN D 717 54.13 39.91 -18.92
N THR D 718 54.74 39.96 -17.74
CA THR D 718 54.08 39.58 -16.49
C THR D 718 53.14 40.71 -15.99
N LEU D 719 53.04 41.82 -16.71
CA LEU D 719 52.13 42.88 -16.24
C LEU D 719 50.77 42.92 -16.99
N LEU D 720 50.66 42.16 -18.07
CA LEU D 720 49.48 42.17 -18.96
C LEU D 720 48.15 42.07 -18.19
N ARG D 721 47.06 42.57 -18.81
CA ARG D 721 45.69 42.66 -18.25
C ARG D 721 45.52 44.01 -17.55
N PRO E 37 -52.23 26.11 -46.06
CA PRO E 37 -52.26 25.03 -45.08
C PRO E 37 -51.71 23.69 -45.70
N GLY E 38 -50.64 23.11 -45.19
CA GLY E 38 -49.62 23.81 -44.37
C GLY E 38 -49.02 25.08 -44.88
N ARG E 39 -49.25 26.17 -44.14
CA ARG E 39 -48.74 27.52 -44.51
C ARG E 39 -47.22 27.59 -44.55
N VAL E 40 -46.57 26.94 -43.60
CA VAL E 40 -45.11 26.94 -43.59
C VAL E 40 -44.51 25.56 -43.84
N GLU E 41 -43.58 25.50 -44.80
CA GLU E 41 -43.04 24.24 -45.26
C GLU E 41 -42.00 23.59 -44.34
N ILE E 42 -42.20 22.31 -44.05
CA ILE E 42 -41.30 21.48 -43.25
C ILE E 42 -40.97 20.17 -43.97
N ASP E 43 -39.71 19.94 -44.28
CA ASP E 43 -39.35 18.83 -45.18
C ASP E 43 -37.97 18.21 -44.91
N ASP E 44 -37.74 17.03 -45.48
CA ASP E 44 -36.45 16.33 -45.42
C ASP E 44 -35.99 16.12 -44.00
N VAL E 45 -36.93 15.75 -43.14
CA VAL E 45 -36.61 15.47 -41.76
C VAL E 45 -35.76 14.19 -41.67
N ALA E 46 -34.81 14.18 -40.73
CA ALA E 46 -33.97 13.02 -40.45
C ALA E 46 -33.70 13.00 -38.94
N PRO E 47 -33.56 11.80 -38.35
CA PRO E 47 -33.53 10.50 -39.03
C PRO E 47 -34.92 9.90 -39.19
N VAL E 48 -35.26 9.53 -40.43
CA VAL E 48 -36.51 8.82 -40.71
C VAL E 48 -36.23 7.56 -41.55
N VAL E 49 -36.95 6.48 -41.24
CA VAL E 49 -36.69 5.21 -41.90
C VAL E 49 -37.89 4.76 -42.71
N SER E 50 -37.65 4.44 -43.98
CA SER E 50 -38.70 3.99 -44.85
C SER E 50 -39.88 4.93 -44.76
N CYS E 51 -39.56 6.20 -44.82
CA CYS E 51 -40.54 7.27 -44.81
C CYS E 51 -41.48 7.11 -43.62
N GLY E 52 -40.95 6.60 -42.51
CA GLY E 52 -41.69 6.54 -41.26
C GLY E 52 -42.39 5.26 -40.84
N VAL E 53 -42.34 4.21 -41.64
CA VAL E 53 -43.01 2.96 -41.22
C VAL E 53 -42.35 2.35 -39.98
N TYR E 54 -41.03 2.38 -39.94
CA TYR E 54 -40.29 1.78 -38.84
C TYR E 54 -39.54 2.86 -38.10
N PRO E 55 -39.51 2.74 -36.77
CA PRO E 55 -38.78 3.70 -35.92
C PRO E 55 -37.29 3.54 -36.03
N ALA E 56 -36.57 4.64 -35.83
CA ALA E 56 -35.12 4.61 -35.87
C ALA E 56 -34.60 4.01 -34.58
N LYS E 57 -33.33 3.64 -34.58
CA LYS E 57 -32.69 2.99 -33.45
C LYS E 57 -31.71 3.93 -32.77
N ALA E 58 -31.72 3.92 -31.45
CA ALA E 58 -30.77 4.66 -30.64
C ALA E 58 -30.73 3.98 -29.29
N VAL E 59 -29.76 4.31 -28.45
CA VAL E 59 -29.73 3.77 -27.09
C VAL E 59 -29.63 4.88 -26.05
N VAL E 60 -29.80 4.50 -24.79
CA VAL E 60 -29.76 5.46 -23.70
C VAL E 60 -28.38 6.13 -23.56
N GLY E 61 -28.40 7.45 -23.47
CA GLY E 61 -27.21 8.26 -23.34
C GLY E 61 -26.44 8.42 -24.63
N GLU E 62 -27.09 8.14 -25.76
CA GLU E 62 -26.46 8.33 -27.05
C GLU E 62 -26.95 9.68 -27.55
N VAL E 63 -26.08 10.47 -28.17
CA VAL E 63 -26.53 11.74 -28.71
C VAL E 63 -27.17 11.46 -30.06
N VAL E 64 -28.45 11.82 -30.18
CA VAL E 64 -29.17 11.60 -31.43
C VAL E 64 -29.27 12.91 -32.21
N PRO E 65 -28.65 12.97 -33.39
CA PRO E 65 -28.70 14.22 -34.14
C PRO E 65 -29.92 14.27 -35.04
N VAL E 66 -30.60 15.41 -35.00
CA VAL E 66 -31.83 15.60 -35.77
C VAL E 66 -31.61 16.79 -36.67
N SER E 67 -32.11 16.71 -37.90
CA SER E 67 -31.97 17.81 -38.82
C SER E 67 -33.20 17.89 -39.69
N ALA E 68 -33.48 19.09 -40.19
CA ALA E 68 -34.64 19.31 -41.03
C ALA E 68 -34.47 20.59 -41.83
N ALA E 69 -35.31 20.75 -42.85
CA ALA E 69 -35.28 21.94 -43.68
C ALA E 69 -36.55 22.74 -43.46
N VAL E 70 -36.38 23.98 -43.04
CA VAL E 70 -37.49 24.88 -42.83
C VAL E 70 -37.22 26.19 -43.57
N TRP E 71 -38.20 26.66 -44.33
CA TRP E 71 -38.02 27.86 -45.13
C TRP E 71 -39.38 28.53 -45.23
N ARG E 72 -39.35 29.80 -45.63
CA ARG E 72 -40.56 30.60 -45.70
C ARG E 72 -40.55 31.73 -46.70
N GLU E 73 -41.62 32.53 -46.67
CA GLU E 73 -41.81 33.61 -47.62
C GLU E 73 -40.67 34.63 -47.49
N GLY E 74 -40.23 35.11 -48.64
CA GLY E 74 -39.36 36.28 -48.74
C GLY E 74 -38.07 36.15 -47.97
N HIS E 75 -37.52 37.30 -47.59
CA HIS E 75 -36.30 37.38 -46.83
C HIS E 75 -36.62 37.47 -45.35
N GLU E 76 -37.88 37.24 -45.02
CA GLU E 76 -38.31 37.14 -43.63
C GLU E 76 -37.67 35.94 -42.97
N ALA E 77 -37.04 36.19 -41.83
CA ALA E 77 -36.24 35.20 -41.12
C ALA E 77 -37.10 34.07 -40.57
N VAL E 78 -36.51 32.91 -40.41
CA VAL E 78 -37.25 31.75 -39.94
C VAL E 78 -36.47 30.94 -38.90
N ALA E 79 -37.20 30.25 -38.02
CA ALA E 79 -36.60 29.45 -36.97
C ALA E 79 -37.43 28.19 -36.72
N ALA E 80 -36.81 27.18 -36.15
CA ALA E 80 -37.50 25.92 -35.89
C ALA E 80 -37.25 25.44 -34.46
N THR E 81 -38.23 24.75 -33.90
CA THR E 81 -38.10 24.19 -32.55
C THR E 81 -38.39 22.68 -32.61
N LEU E 82 -37.47 21.88 -32.10
CA LEU E 82 -37.64 20.42 -32.08
C LEU E 82 -38.36 19.90 -30.83
N VAL E 83 -39.48 19.20 -31.01
CA VAL E 83 -40.29 18.77 -29.87
C VAL E 83 -40.26 17.25 -29.56
N VAL E 84 -39.68 16.88 -28.42
CA VAL E 84 -39.58 15.47 -28.04
C VAL E 84 -40.48 15.19 -26.81
N ARG E 85 -41.21 14.07 -26.70
CA ARG E 85 -41.21 13.44 -25.38
C ARG E 85 -41.08 11.89 -25.49
N TYR E 86 -41.01 11.23 -24.33
CA TYR E 86 -40.97 9.79 -24.07
C TYR E 86 -42.28 9.20 -23.58
N LEU E 87 -42.84 8.29 -24.39
CA LEU E 87 -44.13 7.67 -24.12
C LEU E 87 -43.93 6.38 -23.32
N GLY E 88 -44.90 5.48 -23.40
CA GLY E 88 -44.88 4.20 -22.69
C GLY E 88 -43.84 3.32 -23.37
N VAL E 89 -44.03 2.01 -23.34
CA VAL E 89 -43.03 1.14 -23.91
C VAL E 89 -43.58 0.82 -25.29
N ARG E 90 -44.81 0.28 -25.36
CA ARG E 90 -45.40 -0.08 -26.65
C ARG E 90 -44.39 -0.79 -27.55
N TYR E 91 -44.42 -0.36 -28.82
CA TYR E 91 -43.55 -0.80 -29.93
C TYR E 91 -44.32 -0.68 -31.27
N PRO E 92 -45.44 -1.42 -31.44
CA PRO E 92 -46.08 -1.32 -32.77
C PRO E 92 -46.94 -0.07 -32.93
N LYS E 114 -46.65 15.77 -21.07
CA LYS E 114 -46.44 16.99 -21.84
C LYS E 114 -45.05 16.90 -22.52
N PRO E 115 -44.69 17.86 -23.39
CA PRO E 115 -43.36 17.83 -24.02
C PRO E 115 -42.18 18.61 -23.43
N LEU E 116 -41.01 18.19 -23.92
CA LEU E 116 -39.67 18.70 -23.62
C LEU E 116 -39.26 19.41 -24.90
N LEU E 117 -38.91 20.67 -24.75
CA LEU E 117 -38.61 21.51 -25.89
C LEU E 117 -37.15 21.88 -26.06
N ILE E 118 -36.63 21.58 -27.25
CA ILE E 118 -35.24 21.83 -27.63
C ILE E 118 -35.16 22.71 -28.87
N PRO E 119 -34.48 23.85 -28.75
CA PRO E 119 -34.33 24.80 -29.85
C PRO E 119 -33.33 24.31 -30.90
N MET E 120 -33.59 24.64 -32.16
CA MET E 120 -32.75 24.17 -33.26
C MET E 120 -31.97 25.33 -33.83
N THR E 121 -30.79 25.04 -34.39
CA THR E 121 -29.93 26.11 -34.85
C THR E 121 -29.59 25.97 -36.33
N SER E 122 -29.60 27.09 -37.04
CA SER E 122 -29.23 27.11 -38.45
C SER E 122 -27.73 26.88 -38.56
N GLY E 123 -27.24 26.54 -39.74
CA GLY E 123 -25.81 26.27 -39.86
C GLY E 123 -25.28 26.67 -41.22
N GLN E 124 -24.38 25.87 -41.75
CA GLN E 124 -23.73 26.17 -43.02
C GLN E 124 -24.74 26.14 -44.17
N GLU E 125 -25.48 25.05 -44.29
CA GLU E 125 -26.50 24.92 -45.32
C GLU E 125 -27.69 25.80 -44.96
N PRO E 126 -28.06 26.70 -45.86
CA PRO E 126 -29.19 27.61 -45.62
C PRO E 126 -30.49 26.85 -45.41
N PHE E 127 -31.32 27.30 -44.46
CA PHE E 127 -32.65 26.75 -44.26
C PHE E 127 -32.67 25.34 -43.66
N VAL E 128 -31.48 24.79 -43.39
CA VAL E 128 -31.41 23.46 -42.79
C VAL E 128 -31.14 23.66 -41.30
N PHE E 129 -31.96 23.06 -40.44
CA PHE E 129 -31.85 23.31 -39.00
C PHE E 129 -31.43 22.06 -38.27
N HIS E 130 -30.60 22.26 -37.24
CA HIS E 130 -30.06 21.13 -36.53
C HIS E 130 -30.37 21.09 -35.04
N GLY E 131 -30.49 19.88 -34.51
CA GLY E 131 -30.81 19.68 -33.12
C GLY E 131 -30.28 18.35 -32.66
N GLN E 132 -30.36 18.13 -31.35
CA GLN E 132 -29.88 16.91 -30.74
C GLN E 132 -30.73 16.72 -29.50
N PHE E 133 -30.87 15.47 -29.08
CA PHE E 133 -31.49 15.17 -27.81
C PHE E 133 -30.91 13.88 -27.26
N THR E 134 -30.80 13.77 -25.94
CA THR E 134 -30.27 12.55 -25.36
C THR E 134 -31.27 11.94 -24.38
N PRO E 135 -31.85 10.80 -24.79
CA PRO E 135 -32.90 10.07 -24.08
C PRO E 135 -32.36 9.50 -22.78
N ASP E 136 -33.11 9.60 -21.68
CA ASP E 136 -32.55 9.12 -20.42
C ASP E 136 -33.24 7.87 -19.86
N ARG E 137 -34.29 7.40 -20.52
CA ARG E 137 -34.98 6.18 -20.10
C ARG E 137 -35.25 5.27 -21.30
N VAL E 138 -35.24 3.96 -21.06
CA VAL E 138 -35.57 2.96 -22.07
C VAL E 138 -37.03 3.05 -22.48
N GLY E 139 -37.31 2.78 -23.76
CA GLY E 139 -38.67 2.82 -24.24
C GLY E 139 -38.81 3.47 -25.59
N LEU E 140 -40.05 3.82 -25.94
CA LEU E 140 -40.33 4.40 -27.25
C LEU E 140 -40.47 5.92 -27.15
N TRP E 141 -39.65 6.61 -27.93
CA TRP E 141 -39.65 8.06 -27.92
C TRP E 141 -40.24 8.58 -29.21
N THR E 142 -40.70 9.82 -29.16
CA THR E 142 -41.32 10.47 -30.30
C THR E 142 -40.72 11.84 -30.44
N PHE E 143 -40.55 12.30 -31.67
CA PHE E 143 -40.09 13.67 -31.90
C PHE E 143 -40.78 14.21 -33.12
N ARG E 144 -40.85 15.54 -33.18
CA ARG E 144 -41.41 16.20 -34.35
C ARG E 144 -40.81 17.59 -34.45
N VAL E 145 -40.85 18.18 -35.65
CA VAL E 145 -40.29 19.51 -35.83
C VAL E 145 -41.36 20.58 -36.04
N ASP E 146 -41.26 21.65 -35.26
CA ASP E 146 -42.19 22.75 -35.34
C ASP E 146 -41.50 23.94 -36.00
N GLY E 147 -42.19 24.58 -36.93
CA GLY E 147 -41.60 25.68 -37.66
C GLY E 147 -42.33 26.97 -37.33
N TRP E 148 -41.58 28.07 -37.22
CA TRP E 148 -42.18 29.36 -36.91
C TRP E 148 -41.29 30.46 -37.52
N GLY E 149 -41.84 31.65 -37.68
CA GLY E 149 -41.07 32.77 -38.16
C GLY E 149 -40.78 33.71 -37.03
N ASP E 150 -39.51 34.06 -36.83
CA ASP E 150 -39.20 34.99 -35.75
C ASP E 150 -39.05 36.38 -36.38
N PRO E 151 -40.06 37.24 -36.17
CA PRO E 151 -40.12 38.57 -36.78
C PRO E 151 -38.97 39.44 -36.29
N ILE E 152 -38.58 39.21 -35.04
CA ILE E 152 -37.54 39.97 -34.36
C ILE E 152 -36.24 39.89 -35.13
N HIS E 153 -35.88 38.65 -35.50
CA HIS E 153 -34.64 38.41 -36.22
C HIS E 153 -34.72 39.15 -37.55
N THR E 154 -35.90 39.12 -38.19
CA THR E 154 -36.08 39.81 -39.46
C THR E 154 -35.79 41.28 -39.20
N TRP E 155 -36.43 41.80 -38.16
CA TRP E 155 -36.37 43.20 -37.80
C TRP E 155 -34.95 43.58 -37.38
N ARG E 156 -34.36 42.73 -36.53
CA ARG E 156 -33.00 42.96 -36.04
C ARG E 156 -32.03 42.97 -37.19
N HIS E 157 -32.01 41.89 -37.98
CA HIS E 157 -31.04 41.77 -39.07
C HIS E 157 -31.25 42.89 -40.07
N GLY E 158 -32.52 43.23 -40.30
CA GLY E 158 -32.88 44.29 -41.20
C GLY E 158 -32.44 45.67 -40.76
N LEU E 159 -32.58 45.95 -39.46
CA LEU E 159 -32.20 47.27 -38.95
C LEU E 159 -30.69 47.46 -39.00
N ILE E 160 -29.94 46.42 -38.65
CA ILE E 160 -28.48 46.46 -38.67
C ILE E 160 -27.91 46.79 -40.06
N ALA E 161 -28.52 46.24 -41.11
CA ALA E 161 -28.13 46.49 -42.50
C ALA E 161 -28.31 47.96 -42.88
N LYS E 162 -29.46 48.49 -42.45
CA LYS E 162 -29.96 49.86 -42.63
C LYS E 162 -29.14 50.83 -41.74
N LEU E 163 -28.51 50.32 -40.68
CA LEU E 163 -27.75 51.17 -39.75
C LEU E 163 -26.65 51.92 -40.51
N ASP E 164 -26.17 51.39 -41.64
CA ASP E 164 -25.14 52.05 -42.43
C ASP E 164 -25.71 53.39 -42.96
N ALA E 165 -27.01 53.39 -43.26
CA ALA E 165 -27.70 54.59 -43.73
C ALA E 165 -27.78 55.63 -42.60
N GLY E 166 -28.09 55.17 -41.39
CA GLY E 166 -28.14 56.01 -40.20
C GLY E 166 -28.89 57.32 -40.35
N GLU E 171 -35.79 60.18 -39.98
CA GLU E 171 -35.13 59.60 -41.15
C GLU E 171 -35.66 58.18 -41.37
N LEU E 172 -34.87 57.19 -40.98
CA LEU E 172 -35.31 55.80 -40.93
C LEU E 172 -36.27 55.56 -39.75
N SER E 173 -36.37 56.57 -38.89
CA SER E 173 -37.31 56.66 -37.74
C SER E 173 -38.51 55.69 -37.65
N ASN E 174 -38.91 55.15 -38.79
CA ASN E 174 -40.11 54.32 -38.92
C ASN E 174 -39.99 52.88 -38.45
N ASP E 175 -38.94 52.20 -38.87
CA ASP E 175 -38.74 50.77 -38.61
C ASP E 175 -38.64 50.48 -37.10
N LEU E 176 -38.05 51.40 -36.36
CA LEU E 176 -37.82 51.25 -34.93
C LEU E 176 -39.12 51.06 -34.14
N LEU E 177 -40.13 51.85 -34.47
CA LEU E 177 -41.44 51.72 -33.84
C LEU E 177 -42.04 50.33 -34.10
N VAL E 178 -41.77 49.79 -35.28
CA VAL E 178 -42.26 48.45 -35.64
C VAL E 178 -41.61 47.44 -34.70
N GLY E 179 -40.32 47.65 -34.41
CA GLY E 179 -39.67 46.82 -33.42
C GLY E 179 -40.35 47.08 -32.07
N ALA E 180 -40.53 48.35 -31.77
CA ALA E 180 -41.09 48.79 -30.50
C ALA E 180 -42.50 48.25 -30.21
N VAL E 181 -43.25 47.91 -31.25
CA VAL E 181 -44.58 47.33 -31.11
C VAL E 181 -44.46 45.81 -31.05
N LEU E 182 -43.28 45.32 -31.40
CA LEU E 182 -43.00 43.88 -31.38
C LEU E 182 -42.67 43.36 -30.00
N LEU E 183 -41.62 43.89 -29.38
CA LEU E 183 -41.12 43.34 -28.13
C LEU E 183 -42.21 43.31 -27.08
N GLU E 184 -43.06 44.34 -27.10
CA GLU E 184 -44.24 44.37 -26.24
C GLU E 184 -45.21 43.23 -26.51
N ARG E 185 -45.53 42.98 -27.76
CA ARG E 185 -46.40 41.86 -28.08
C ARG E 185 -45.68 40.58 -27.67
N ALA E 186 -44.35 40.59 -27.85
CA ALA E 186 -43.52 39.48 -27.38
C ALA E 186 -43.53 39.41 -25.85
N ALA E 187 -43.54 40.59 -25.22
CA ALA E 187 -43.49 40.68 -23.77
C ALA E 187 -44.71 40.01 -23.14
N THR E 188 -45.86 40.08 -23.82
CA THR E 188 -47.08 39.51 -23.27
C THR E 188 -46.95 38.01 -22.97
N GLY E 189 -46.15 37.30 -23.77
CA GLY E 189 -45.93 35.88 -23.53
C GLY E 189 -45.09 35.54 -22.31
N VAL E 190 -44.26 36.48 -21.89
CA VAL E 190 -43.40 36.30 -20.72
C VAL E 190 -44.12 36.96 -19.53
N PRO E 191 -44.27 36.24 -18.40
CA PRO E 191 -45.15 36.68 -17.29
C PRO E 191 -44.70 37.82 -16.34
N ARG E 192 -45.49 38.90 -16.30
CA ARG E 192 -45.30 40.07 -15.39
C ARG E 192 -43.89 40.59 -15.06
N GLY E 193 -43.61 40.81 -13.78
CA GLY E 193 -42.39 41.45 -13.31
C GLY E 193 -41.17 41.34 -14.21
N LEU E 194 -40.55 40.17 -14.32
CA LEU E 194 -39.35 40.06 -15.15
C LEU E 194 -39.44 40.49 -16.64
N ARG E 195 -40.61 40.96 -17.11
CA ARG E 195 -40.76 41.36 -18.54
C ARG E 195 -40.23 42.75 -18.80
N ASP E 196 -39.52 43.34 -17.86
CA ASP E 196 -39.45 44.79 -17.78
C ASP E 196 -38.37 45.34 -18.71
N PRO E 197 -37.23 44.65 -18.90
CA PRO E 197 -36.28 45.31 -19.82
C PRO E 197 -36.87 45.42 -21.23
N LEU E 198 -37.90 44.63 -21.53
CA LEU E 198 -38.62 44.73 -22.79
C LEU E 198 -39.46 46.02 -22.87
N LEU E 199 -40.27 46.30 -21.84
CA LEU E 199 -41.07 47.54 -21.82
C LEU E 199 -40.10 48.72 -21.80
N ALA E 200 -38.95 48.48 -21.19
CA ALA E 200 -37.83 49.40 -21.20
C ALA E 200 -37.31 49.60 -22.64
N ALA E 201 -37.22 48.52 -23.41
CA ALA E 201 -36.77 48.66 -24.80
C ALA E 201 -37.83 49.47 -25.55
N ALA E 202 -39.10 49.23 -25.22
CA ALA E 202 -40.22 49.90 -25.87
C ALA E 202 -40.27 51.34 -25.44
N ALA E 203 -39.73 51.62 -24.25
CA ALA E 203 -39.69 53.01 -23.84
C ALA E 203 -38.29 53.56 -24.03
N ALA E 204 -37.44 52.78 -24.70
CA ALA E 204 -36.15 53.25 -25.15
C ALA E 204 -36.26 53.53 -26.65
N LEU E 205 -37.47 53.38 -27.19
CA LEU E 205 -37.86 53.80 -28.55
C LEU E 205 -39.07 54.61 -28.97
N ARG E 206 -40.06 54.87 -28.13
CA ARG E 206 -41.21 55.59 -28.68
C ARG E 206 -40.64 56.99 -28.82
N THR E 207 -39.96 57.44 -27.76
CA THR E 207 -39.30 58.75 -27.78
C THR E 207 -38.09 58.96 -28.75
N PRO E 208 -38.05 60.11 -29.46
CA PRO E 208 -37.10 60.66 -30.46
C PRO E 208 -35.63 60.77 -30.04
N GLY E 209 -34.68 60.73 -30.98
CA GLY E 209 -33.27 60.89 -30.61
C GLY E 209 -32.16 60.45 -31.55
N ASP E 210 -30.95 60.31 -30.99
CA ASP E 210 -29.77 59.83 -31.72
C ASP E 210 -29.99 58.35 -32.06
N PRO E 211 -29.34 57.82 -33.12
CA PRO E 211 -29.63 56.38 -33.21
C PRO E 211 -29.11 55.43 -32.11
N VAL E 212 -27.82 55.39 -31.75
CA VAL E 212 -27.42 54.35 -30.79
C VAL E 212 -28.02 54.56 -29.36
N THR E 213 -28.45 55.79 -29.06
CA THR E 213 -29.12 56.17 -27.78
C THR E 213 -30.36 55.27 -27.70
N ARG E 214 -30.93 55.08 -28.89
CA ARG E 214 -32.21 54.48 -29.17
C ARG E 214 -32.04 53.07 -29.74
N THR E 215 -30.89 52.78 -30.34
CA THR E 215 -30.49 51.41 -30.68
C THR E 215 -30.17 50.60 -29.42
N ALA E 216 -29.67 51.33 -28.42
CA ALA E 216 -29.31 50.85 -27.08
C ALA E 216 -29.85 49.51 -26.59
N LEU E 217 -31.04 49.11 -27.02
CA LEU E 217 -31.67 47.94 -26.43
C LEU E 217 -31.34 46.64 -27.16
N ALA E 218 -30.70 46.76 -28.31
CA ALA E 218 -30.36 45.57 -29.10
C ALA E 218 -29.08 45.07 -28.49
N LEU E 219 -28.04 45.90 -28.59
CA LEU E 219 -26.69 45.64 -28.10
C LEU E 219 -26.67 44.73 -26.86
N THR E 220 -27.58 45.00 -25.92
CA THR E 220 -27.66 44.28 -24.66
C THR E 220 -27.97 42.77 -24.82
N PRO E 221 -27.02 41.92 -24.39
CA PRO E 221 -27.10 40.46 -24.39
C PRO E 221 -28.12 39.82 -23.43
N GLU E 222 -28.78 40.60 -22.58
CA GLU E 222 -29.73 40.02 -21.62
C GLU E 222 -31.09 39.78 -22.25
N ILE E 223 -31.49 40.62 -23.20
CA ILE E 223 -32.82 40.42 -23.76
C ILE E 223 -32.67 39.53 -24.97
N GLU E 224 -31.44 39.18 -25.29
CA GLU E 224 -31.21 38.17 -26.32
C GLU E 224 -31.49 36.84 -25.60
N GLU E 225 -30.87 36.69 -24.42
CA GLU E 225 -30.95 35.45 -23.64
C GLU E 225 -32.40 35.10 -23.22
N LEU E 226 -33.18 36.10 -22.82
CA LEU E 226 -34.58 35.85 -22.44
C LEU E 226 -35.40 35.48 -23.66
N LEU E 227 -35.15 36.15 -24.78
CA LEU E 227 -35.92 35.83 -25.98
C LEU E 227 -35.65 34.40 -26.42
N ALA E 228 -34.43 33.91 -26.22
CA ALA E 228 -34.16 32.50 -26.49
C ALA E 228 -35.02 31.64 -25.58
N ASP E 229 -35.06 32.00 -24.29
CA ASP E 229 -35.86 31.28 -23.28
C ASP E 229 -37.36 31.47 -23.51
N TYR E 230 -37.77 32.70 -23.76
CA TYR E 230 -39.15 33.00 -24.10
C TYR E 230 -39.16 33.75 -25.41
N PRO E 231 -39.65 33.09 -26.46
CA PRO E 231 -39.58 33.58 -27.83
C PRO E 231 -40.89 34.16 -28.34
N LEU E 232 -40.79 35.03 -29.35
CA LEU E 232 -41.98 35.56 -29.98
C LEU E 232 -42.20 34.68 -31.18
N ARG E 233 -43.21 33.82 -31.11
CA ARG E 233 -43.38 32.86 -32.18
C ARG E 233 -44.61 33.23 -33.00
N ASP E 234 -44.44 33.30 -34.31
CA ASP E 234 -45.52 33.60 -35.25
C ASP E 234 -45.74 32.48 -36.28
N LEU E 235 -46.97 32.27 -36.75
CA LEU E 235 -47.21 31.34 -37.84
C LEU E 235 -46.77 29.94 -37.50
N VAL E 236 -46.95 29.53 -36.26
CA VAL E 236 -46.47 28.22 -35.85
C VAL E 236 -47.07 27.10 -36.71
N THR E 237 -46.21 26.19 -37.18
CA THR E 237 -46.66 25.11 -38.05
C THR E 237 -46.12 23.80 -37.51
N ARG E 238 -46.98 22.80 -37.47
CA ARG E 238 -46.62 21.53 -36.90
C ARG E 238 -46.11 20.55 -37.94
N GLY E 239 -44.98 19.91 -37.63
CA GLY E 239 -44.39 18.92 -38.53
C GLY E 239 -45.02 17.56 -38.29
N GLU E 240 -44.70 16.60 -39.14
CA GLU E 240 -45.20 15.25 -39.02
C GLU E 240 -44.57 14.61 -37.78
N GLN E 241 -45.20 13.60 -37.22
CA GLN E 241 -44.61 13.08 -36.01
C GLN E 241 -43.90 11.70 -36.17
N PHE E 242 -42.64 11.58 -35.75
CA PHE E 242 -41.89 10.32 -35.93
C PHE E 242 -41.36 9.73 -34.64
N GLY E 243 -40.99 8.46 -34.70
CA GLY E 243 -40.63 7.76 -33.48
C GLY E 243 -39.23 7.19 -33.46
N VAL E 244 -38.66 7.13 -32.27
CA VAL E 244 -37.34 6.57 -32.04
C VAL E 244 -37.42 5.51 -30.96
N TRP E 245 -36.78 4.37 -31.19
CA TRP E 245 -36.77 3.36 -30.16
C TRP E 245 -35.43 3.21 -29.46
N VAL E 246 -35.40 3.56 -28.17
CA VAL E 246 -34.16 3.52 -27.41
C VAL E 246 -34.02 2.19 -26.66
N ASP E 247 -32.85 1.57 -26.77
CA ASP E 247 -32.61 0.29 -26.12
C ASP E 247 -31.58 0.51 -25.01
N ARG E 248 -31.35 -0.50 -24.18
CA ARG E 248 -30.29 -0.42 -23.19
C ARG E 248 -28.93 -0.35 -23.92
N PRO E 249 -27.90 0.22 -23.27
CA PRO E 249 -26.65 0.50 -23.99
C PRO E 249 -25.94 -0.73 -24.57
N LEU E 250 -26.24 -1.92 -24.06
CA LEU E 250 -25.57 -3.12 -24.55
C LEU E 250 -25.99 -3.41 -25.99
N ALA E 251 -27.09 -2.80 -26.40
CA ALA E 251 -27.60 -2.94 -27.76
C ALA E 251 -26.58 -2.37 -28.75
N ARG E 252 -25.84 -1.37 -28.30
CA ARG E 252 -24.84 -0.72 -29.14
C ARG E 252 -23.41 -1.09 -28.77
N PHE E 253 -23.11 -1.05 -27.47
CA PHE E 253 -21.74 -1.25 -27.03
C PHE E 253 -21.58 -2.47 -26.15
N GLY E 254 -20.93 -3.50 -26.68
CA GLY E 254 -20.59 -4.68 -25.91
C GLY E 254 -19.71 -5.60 -26.73
N ALA E 255 -18.95 -6.46 -26.07
CA ALA E 255 -18.06 -7.38 -26.78
C ALA E 255 -18.47 -8.83 -26.56
N TRP E 256 -18.35 -9.65 -27.62
CA TRP E 256 -18.86 -11.02 -27.58
C TRP E 256 -17.86 -12.16 -27.52
N TYR E 257 -18.21 -13.21 -26.79
CA TYR E 257 -17.40 -14.42 -26.79
C TYR E 257 -18.26 -15.66 -27.06
N GLU E 258 -17.88 -16.44 -28.06
CA GLU E 258 -18.64 -17.63 -28.43
C GLU E 258 -17.91 -18.87 -27.94
N MET E 259 -18.55 -19.63 -27.06
CA MET E 259 -17.91 -20.83 -26.54
C MET E 259 -18.86 -22.02 -26.51
N PHE E 260 -18.26 -23.19 -26.61
CA PHE E 260 -18.97 -24.46 -26.54
C PHE E 260 -18.87 -25.10 -25.16
N PRO E 261 -20.01 -25.19 -24.47
CA PRO E 261 -20.13 -25.71 -23.11
C PRO E 261 -19.53 -27.12 -23.04
N ARG E 262 -19.76 -27.95 -24.05
CA ARG E 262 -19.23 -29.31 -24.02
C ARG E 262 -17.70 -29.30 -23.97
N SER E 263 -17.08 -28.27 -24.56
CA SER E 263 -15.63 -28.19 -24.58
C SER E 263 -14.99 -27.82 -23.24
N THR E 264 -15.83 -27.54 -22.25
CA THR E 264 -15.35 -27.19 -20.91
C THR E 264 -15.18 -28.50 -20.14
N GLY E 265 -14.86 -29.56 -20.87
CA GLY E 265 -14.76 -30.89 -20.29
C GLY E 265 -13.46 -31.18 -19.62
N GLY E 266 -12.35 -30.82 -20.27
CA GLY E 266 -11.10 -30.84 -19.56
C GLY E 266 -10.36 -32.16 -19.52
N TRP E 267 -10.59 -33.03 -20.52
CA TRP E 267 -9.76 -34.23 -20.70
C TRP E 267 -10.08 -35.26 -19.59
N ASP E 268 -9.64 -36.51 -19.75
CA ASP E 268 -9.88 -37.52 -18.70
C ASP E 268 -8.54 -38.02 -18.23
N ASP E 269 -8.55 -39.11 -17.45
CA ASP E 269 -7.30 -39.62 -16.91
C ASP E 269 -6.39 -40.07 -18.06
N ASP E 270 -7.01 -40.63 -19.10
CA ASP E 270 -6.38 -40.84 -20.41
C ASP E 270 -6.38 -39.57 -21.26
N GLY E 271 -6.04 -39.75 -22.54
CA GLY E 271 -5.93 -38.64 -23.46
C GLY E 271 -7.28 -38.12 -23.94
N ASN E 272 -8.26 -39.03 -23.95
CA ASN E 272 -9.60 -38.75 -24.48
C ASN E 272 -10.35 -37.50 -24.00
N PRO E 273 -10.83 -36.68 -24.95
CA PRO E 273 -11.57 -35.46 -24.61
C PRO E 273 -12.77 -35.81 -23.71
N VAL E 274 -13.20 -34.92 -22.82
CA VAL E 274 -14.39 -35.23 -22.01
C VAL E 274 -15.53 -34.23 -22.16
N HIS E 275 -16.77 -34.71 -22.24
CA HIS E 275 -17.93 -33.82 -22.35
C HIS E 275 -18.07 -32.95 -21.10
N GLY E 276 -18.33 -31.66 -21.29
CA GLY E 276 -18.45 -30.77 -20.15
C GLY E 276 -19.88 -30.62 -19.64
N THR E 277 -20.02 -29.77 -18.62
CA THR E 277 -21.31 -29.47 -18.02
C THR E 277 -21.35 -27.98 -17.69
N PHE E 278 -22.54 -27.48 -17.35
CA PHE E 278 -22.68 -26.08 -16.96
C PHE E 278 -21.75 -25.74 -15.82
N ALA E 279 -21.57 -26.71 -14.91
CA ALA E 279 -20.69 -26.55 -13.77
C ALA E 279 -19.27 -26.28 -14.25
N THR E 280 -18.80 -27.14 -15.15
CA THR E 280 -17.47 -27.05 -15.71
C THR E 280 -17.40 -25.80 -16.59
N ALA E 281 -18.51 -25.50 -17.26
CA ALA E 281 -18.58 -24.33 -18.11
C ALA E 281 -18.38 -23.07 -17.29
N ALA E 282 -19.03 -23.01 -16.12
CA ALA E 282 -18.94 -21.85 -15.26
C ALA E 282 -17.50 -21.59 -14.80
N ALA E 283 -16.68 -22.64 -14.76
CA ALA E 283 -15.29 -22.53 -14.36
C ALA E 283 -14.46 -21.70 -15.34
N GLU E 284 -14.92 -21.60 -16.58
CA GLU E 284 -14.16 -20.87 -17.60
C GLU E 284 -14.59 -19.40 -17.66
N LEU E 285 -15.64 -19.06 -16.91
CA LEU E 285 -16.20 -17.72 -16.93
C LEU E 285 -15.29 -16.59 -16.41
N PRO E 286 -14.43 -16.85 -15.40
CA PRO E 286 -13.60 -15.72 -14.99
C PRO E 286 -12.67 -15.24 -16.10
N ARG E 287 -11.92 -16.18 -16.69
CA ARG E 287 -10.91 -15.79 -17.67
C ARG E 287 -11.55 -15.02 -18.82
N ILE E 288 -12.79 -15.38 -19.19
CA ILE E 288 -13.50 -14.70 -20.26
C ILE E 288 -13.77 -13.28 -19.83
N ALA E 289 -14.29 -13.15 -18.61
CA ALA E 289 -14.57 -11.85 -18.01
C ALA E 289 -13.26 -11.07 -17.88
N GLY E 290 -12.19 -11.81 -17.58
CA GLY E 290 -10.87 -11.25 -17.39
C GLY E 290 -10.41 -10.48 -18.61
N MET E 291 -10.85 -10.95 -19.78
CA MET E 291 -10.53 -10.33 -21.06
C MET E 291 -11.42 -9.15 -21.43
N GLY E 292 -12.42 -8.85 -20.61
CA GLY E 292 -13.22 -7.66 -20.87
C GLY E 292 -14.47 -7.83 -21.69
N PHE E 293 -14.85 -9.08 -21.95
CA PHE E 293 -16.07 -9.34 -22.72
C PHE E 293 -17.32 -9.08 -21.91
N ASP E 294 -18.31 -8.47 -22.55
CA ASP E 294 -19.56 -8.16 -21.87
C ASP E 294 -20.65 -9.19 -22.14
N VAL E 295 -20.49 -10.00 -23.17
CA VAL E 295 -21.51 -10.98 -23.53
C VAL E 295 -20.95 -12.36 -23.86
N VAL E 296 -21.59 -13.38 -23.32
CA VAL E 296 -21.21 -14.75 -23.60
C VAL E 296 -22.30 -15.37 -24.44
N TYR E 297 -21.93 -15.81 -25.63
CA TYR E 297 -22.88 -16.35 -26.56
C TYR E 297 -22.75 -17.88 -26.58
N LEU E 298 -23.87 -18.58 -26.39
CA LEU E 298 -23.84 -20.03 -26.30
C LEU E 298 -24.60 -20.64 -27.48
N PRO E 299 -23.95 -21.58 -28.18
CA PRO E 299 -24.58 -22.41 -29.20
C PRO E 299 -25.73 -23.16 -28.56
N PRO E 300 -26.66 -23.72 -29.34
CA PRO E 300 -27.86 -24.26 -28.70
C PRO E 300 -27.53 -25.23 -27.57
N ILE E 301 -28.24 -25.09 -26.44
CA ILE E 301 -28.02 -25.91 -25.26
C ILE E 301 -29.03 -27.05 -25.24
N HIS E 302 -29.67 -27.25 -26.38
CA HIS E 302 -30.75 -28.21 -26.47
C HIS E 302 -30.28 -29.64 -26.81
N PRO E 303 -31.17 -30.64 -26.62
CA PRO E 303 -30.95 -32.06 -26.96
C PRO E 303 -30.64 -32.29 -28.45
N ILE E 304 -29.72 -33.21 -28.72
CA ILE E 304 -29.26 -33.49 -30.08
C ILE E 304 -29.95 -34.70 -30.75
N GLY E 305 -30.30 -34.49 -32.02
CA GLY E 305 -31.00 -35.46 -32.86
C GLY E 305 -30.36 -36.82 -33.04
N LYS E 306 -31.17 -37.86 -33.23
CA LYS E 306 -30.56 -39.16 -33.45
C LYS E 306 -30.43 -39.61 -34.89
N VAL E 307 -31.11 -38.95 -35.83
CA VAL E 307 -30.96 -39.44 -37.20
C VAL E 307 -29.94 -38.63 -37.99
N HIS E 308 -28.96 -39.33 -38.55
CA HIS E 308 -27.90 -38.77 -39.40
C HIS E 308 -27.02 -37.79 -38.63
N ARG E 309 -26.98 -37.87 -37.30
CA ARG E 309 -26.14 -36.91 -36.57
C ARG E 309 -24.75 -37.06 -37.17
N LYS E 310 -24.05 -35.96 -37.33
CA LYS E 310 -22.78 -36.02 -38.02
C LYS E 310 -21.60 -36.38 -37.14
N GLY E 311 -20.68 -37.09 -37.76
CA GLY E 311 -19.48 -37.56 -37.10
C GLY E 311 -18.45 -36.49 -37.39
N ARG E 312 -17.22 -36.69 -36.95
CA ARG E 312 -16.19 -35.68 -37.18
C ARG E 312 -16.03 -35.33 -38.67
N ASN E 313 -15.77 -34.04 -38.89
CA ASN E 313 -15.59 -33.46 -40.22
C ASN E 313 -16.78 -33.56 -41.15
N ASN E 314 -17.97 -33.46 -40.57
CA ASN E 314 -19.22 -33.47 -41.33
C ASN E 314 -19.48 -34.83 -41.96
N SER E 315 -18.83 -35.87 -41.44
CA SER E 315 -19.04 -37.23 -41.93
C SER E 315 -20.51 -37.58 -41.79
N PRO E 316 -21.05 -38.30 -42.78
CA PRO E 316 -22.48 -38.64 -42.83
C PRO E 316 -22.87 -39.63 -41.73
N THR E 317 -21.94 -40.53 -41.38
CA THR E 317 -22.24 -41.56 -40.41
C THR E 317 -21.60 -41.24 -39.06
N ALA E 318 -22.39 -41.35 -38.00
CA ALA E 318 -21.95 -40.99 -36.66
C ALA E 318 -21.45 -42.18 -35.86
N ALA E 319 -20.28 -42.03 -35.24
CA ALA E 319 -19.77 -43.06 -34.37
C ALA E 319 -20.70 -43.14 -33.15
N PRO E 320 -20.61 -44.21 -32.34
CA PRO E 320 -21.60 -44.30 -31.26
C PRO E 320 -21.46 -43.19 -30.22
N THR E 321 -20.22 -42.74 -30.01
CA THR E 321 -19.92 -41.75 -28.99
C THR E 321 -19.95 -40.29 -29.47
N ASP E 322 -19.97 -40.08 -30.79
CA ASP E 322 -19.90 -38.72 -31.32
C ASP E 322 -21.10 -37.90 -30.85
N VAL E 323 -20.92 -36.58 -30.81
CA VAL E 323 -21.90 -35.71 -30.18
C VAL E 323 -22.89 -35.08 -31.17
N GLY E 324 -22.49 -34.92 -32.43
CA GLY E 324 -23.41 -34.34 -33.40
C GLY E 324 -23.45 -32.83 -33.23
N SER E 325 -24.02 -32.13 -34.21
CA SER E 325 -23.99 -30.68 -34.20
C SER E 325 -25.14 -30.13 -33.38
N PRO E 326 -24.84 -29.16 -32.51
CA PRO E 326 -25.83 -28.57 -31.61
C PRO E 326 -27.05 -28.00 -32.31
N TRP E 327 -26.93 -27.67 -33.59
CA TRP E 327 -28.02 -27.05 -34.35
C TRP E 327 -29.04 -28.09 -34.84
N ALA E 328 -28.71 -29.37 -34.65
CA ALA E 328 -29.67 -30.45 -34.89
C ALA E 328 -30.56 -30.57 -33.66
N ILE E 329 -31.38 -29.54 -33.44
CA ILE E 329 -32.15 -29.35 -32.20
C ILE E 329 -33.24 -30.39 -31.97
N GLY E 330 -33.41 -30.81 -30.72
CA GLY E 330 -34.55 -31.65 -30.38
C GLY E 330 -34.21 -33.12 -30.28
N SER E 331 -34.80 -33.81 -29.31
CA SER E 331 -34.64 -35.24 -29.15
C SER E 331 -35.73 -35.84 -28.27
N ASP E 332 -35.77 -37.17 -28.21
CA ASP E 332 -36.74 -37.86 -27.36
C ASP E 332 -36.61 -37.36 -25.92
N GLU E 333 -35.41 -36.88 -25.60
CA GLU E 333 -35.09 -36.27 -24.31
C GLU E 333 -35.84 -34.96 -24.09
N GLY E 334 -35.93 -34.14 -25.13
CA GLY E 334 -36.61 -32.86 -25.02
C GLY E 334 -36.65 -32.00 -26.27
N GLY E 335 -37.37 -30.88 -26.19
CA GLY E 335 -37.47 -29.94 -27.30
C GLY E 335 -36.78 -28.63 -26.96
N HIS E 336 -37.26 -27.55 -27.55
CA HIS E 336 -36.68 -26.22 -27.31
C HIS E 336 -36.82 -25.70 -25.89
N ASP E 337 -37.70 -26.31 -25.10
CA ASP E 337 -37.97 -25.84 -23.74
C ASP E 337 -37.15 -26.60 -22.71
N THR E 338 -36.35 -27.56 -23.17
CA THR E 338 -35.58 -28.38 -22.25
C THR E 338 -34.07 -28.27 -22.47
N VAL E 339 -33.32 -28.29 -21.38
CA VAL E 339 -31.86 -28.29 -21.42
C VAL E 339 -31.34 -29.66 -21.84
N HIS E 340 -30.35 -29.70 -22.71
CA HIS E 340 -29.70 -30.96 -23.08
C HIS E 340 -29.16 -31.57 -21.78
N PRO E 341 -29.57 -32.81 -21.47
CA PRO E 341 -29.33 -33.43 -20.16
C PRO E 341 -27.86 -33.57 -19.76
N SER E 342 -26.98 -33.83 -20.73
CA SER E 342 -25.55 -33.98 -20.44
C SER E 342 -24.95 -32.72 -19.83
N LEU E 343 -25.57 -31.59 -20.15
CA LEU E 343 -25.14 -30.32 -19.58
C LEU E 343 -25.61 -30.18 -18.14
N GLY E 344 -26.83 -30.62 -17.86
CA GLY E 344 -27.34 -30.55 -16.50
C GLY E 344 -28.82 -30.26 -16.39
N THR E 345 -29.29 -30.11 -15.16
CA THR E 345 -30.67 -29.73 -14.90
C THR E 345 -30.82 -28.26 -15.29
N ILE E 346 -32.06 -27.80 -15.42
CA ILE E 346 -32.30 -26.41 -15.81
C ILE E 346 -31.82 -25.49 -14.68
N ASP E 347 -31.76 -26.03 -13.46
CA ASP E 347 -31.26 -25.26 -12.32
C ASP E 347 -29.77 -24.93 -12.51
N ASP E 348 -29.03 -25.88 -13.08
CA ASP E 348 -27.61 -25.69 -13.36
C ASP E 348 -27.41 -24.48 -14.27
N PHE E 349 -28.31 -24.37 -15.25
CA PHE E 349 -28.32 -23.22 -16.16
C PHE E 349 -28.56 -21.96 -15.36
N ASP E 350 -29.61 -21.98 -14.53
CA ASP E 350 -29.97 -20.82 -13.71
C ASP E 350 -28.79 -20.40 -12.85
N ASP E 351 -28.04 -21.42 -12.40
CA ASP E 351 -26.84 -21.23 -11.60
C ASP E 351 -25.75 -20.64 -12.49
N PHE E 352 -25.67 -21.15 -13.72
CA PHE E 352 -24.67 -20.68 -14.68
C PHE E 352 -24.91 -19.23 -15.10
N VAL E 353 -26.15 -18.90 -15.40
CA VAL E 353 -26.52 -17.53 -15.75
C VAL E 353 -26.17 -16.57 -14.62
N SER E 354 -26.58 -16.94 -13.41
CA SER E 354 -26.36 -16.07 -12.26
C SER E 354 -24.87 -15.91 -11.98
N ALA E 355 -24.09 -16.96 -12.25
CA ALA E 355 -22.65 -16.88 -12.05
C ALA E 355 -22.02 -15.82 -12.96
N ALA E 356 -22.40 -15.86 -14.24
CA ALA E 356 -21.86 -14.93 -15.22
C ALA E 356 -22.23 -13.50 -14.87
N ARG E 357 -23.52 -13.31 -14.57
CA ARG E 357 -24.04 -11.97 -14.28
C ARG E 357 -23.32 -11.37 -13.06
N ASP E 358 -22.85 -12.23 -12.16
CA ASP E 358 -22.09 -11.80 -10.98
C ASP E 358 -20.79 -11.18 -11.46
N LEU E 359 -20.29 -11.66 -12.60
CA LEU E 359 -19.03 -11.20 -13.17
C LEU E 359 -19.25 -10.01 -14.10
N GLY E 360 -20.49 -9.56 -14.22
CA GLY E 360 -20.79 -8.42 -15.08
C GLY E 360 -21.17 -8.77 -16.49
N MET E 361 -21.34 -10.06 -16.74
CA MET E 361 -21.64 -10.53 -18.07
C MET E 361 -23.10 -10.87 -18.30
N GLU E 362 -23.44 -11.17 -19.54
CA GLU E 362 -24.81 -11.47 -19.91
C GLU E 362 -24.74 -12.74 -20.73
N VAL E 363 -25.82 -13.51 -20.78
CA VAL E 363 -25.78 -14.75 -21.53
C VAL E 363 -26.66 -14.65 -22.76
N ALA E 364 -26.11 -15.08 -23.89
CA ALA E 364 -26.84 -15.07 -25.15
C ALA E 364 -26.94 -16.48 -25.69
N LEU E 365 -28.16 -16.92 -25.96
CA LEU E 365 -28.36 -18.28 -26.43
C LEU E 365 -28.65 -18.27 -27.92
N ASP E 366 -28.22 -19.32 -28.62
CA ASP E 366 -28.50 -19.41 -30.04
C ASP E 366 -29.95 -19.77 -30.21
N LEU E 367 -30.67 -19.01 -31.02
CA LEU E 367 -32.06 -19.30 -31.30
C LEU E 367 -32.16 -19.74 -32.76
N ALA E 368 -32.32 -21.04 -32.94
CA ALA E 368 -32.37 -21.65 -34.26
C ALA E 368 -33.72 -22.33 -34.48
N LEU E 369 -34.55 -21.75 -35.34
CA LEU E 369 -35.88 -22.30 -35.58
C LEU E 369 -35.86 -23.38 -36.65
N GLN E 370 -35.46 -24.58 -36.22
CA GLN E 370 -35.33 -25.75 -37.07
C GLN E 370 -35.57 -26.93 -36.14
N CYS E 371 -35.72 -28.13 -36.70
CA CYS E 371 -35.89 -29.30 -35.86
C CYS E 371 -35.16 -30.50 -36.42
N ALA E 372 -34.63 -31.32 -35.52
CA ALA E 372 -34.09 -32.63 -35.88
C ALA E 372 -35.28 -33.60 -35.91
N PRO E 373 -35.12 -34.78 -36.52
CA PRO E 373 -36.27 -35.69 -36.59
C PRO E 373 -36.83 -36.12 -35.23
N ASP E 374 -35.96 -36.44 -34.28
CA ASP E 374 -36.44 -36.86 -32.97
C ASP E 374 -37.04 -35.72 -32.17
N HIS E 375 -37.05 -34.51 -32.75
CA HIS E 375 -37.64 -33.37 -32.07
C HIS E 375 -39.07 -33.78 -31.83
N PRO E 376 -39.56 -33.52 -30.61
CA PRO E 376 -40.93 -33.86 -30.24
C PRO E 376 -41.95 -33.37 -31.25
N TRP E 377 -41.68 -32.25 -31.90
CA TRP E 377 -42.62 -31.67 -32.87
C TRP E 377 -42.85 -32.57 -34.08
N ALA E 378 -41.85 -33.36 -34.43
CA ALA E 378 -42.00 -34.25 -35.57
C ALA E 378 -43.19 -35.17 -35.39
N ARG E 379 -43.50 -35.52 -34.14
CA ARG E 379 -44.66 -36.35 -33.89
C ARG E 379 -45.86 -35.55 -33.40
N GLU E 380 -45.74 -34.80 -32.29
CA GLU E 380 -46.93 -34.19 -31.69
C GLU E 380 -47.66 -33.23 -32.64
N HIS E 381 -46.91 -32.30 -33.22
CA HIS E 381 -47.50 -31.38 -34.18
C HIS E 381 -46.73 -31.38 -35.50
N ARG E 382 -47.30 -32.01 -36.53
CA ARG E 382 -46.58 -32.18 -37.80
C ARG E 382 -47.11 -31.20 -38.85
N GLN E 383 -48.18 -30.46 -38.50
CA GLN E 383 -48.71 -29.43 -39.39
C GLN E 383 -47.64 -28.39 -39.67
N TRP E 384 -46.75 -28.22 -38.69
CA TRP E 384 -45.69 -27.23 -38.67
C TRP E 384 -44.57 -27.54 -39.67
N PHE E 385 -44.75 -28.59 -40.45
CA PHE E 385 -43.77 -28.96 -41.47
C PHE E 385 -44.37 -28.97 -42.85
N THR E 386 -43.49 -28.94 -43.84
CA THR E 386 -43.85 -28.98 -45.26
C THR E 386 -43.81 -30.42 -45.76
N GLU E 387 -44.98 -31.03 -45.89
CA GLU E 387 -45.01 -32.45 -46.18
C GLU E 387 -44.99 -32.67 -47.68
N LEU E 388 -44.05 -33.52 -48.10
CA LEU E 388 -43.80 -33.80 -49.49
C LEU E 388 -44.94 -34.72 -50.06
N PRO E 389 -44.96 -35.01 -51.38
CA PRO E 389 -45.98 -35.93 -51.93
C PRO E 389 -46.02 -37.42 -51.50
N ASP E 390 -44.90 -38.10 -51.27
CA ASP E 390 -44.98 -39.50 -50.83
C ASP E 390 -45.20 -39.61 -49.32
N GLY E 391 -45.50 -38.48 -48.69
CA GLY E 391 -45.85 -38.42 -47.28
C GLY E 391 -44.65 -38.26 -46.38
N THR E 392 -43.45 -38.50 -46.93
CA THR E 392 -42.22 -38.26 -46.16
C THR E 392 -42.08 -36.75 -46.11
N ILE E 393 -41.18 -36.25 -45.28
CA ILE E 393 -40.98 -34.82 -45.26
C ILE E 393 -39.55 -34.46 -45.65
N ALA E 394 -39.42 -33.46 -46.53
CA ALA E 394 -38.12 -33.06 -47.08
C ALA E 394 -37.26 -32.45 -45.99
N TYR E 395 -35.99 -32.83 -45.94
CA TYR E 395 -35.13 -32.30 -44.91
C TYR E 395 -34.86 -30.84 -45.29
N ALA E 396 -34.67 -29.95 -44.31
CA ALA E 396 -34.48 -28.54 -44.63
C ALA E 396 -33.22 -28.44 -45.44
N GLU E 397 -33.16 -27.58 -46.46
CA GLU E 397 -31.92 -27.49 -47.25
C GLU E 397 -32.07 -26.75 -48.63
N ASN E 398 -31.05 -25.93 -48.94
CA ASN E 398 -30.85 -25.24 -50.23
C ASN E 398 -30.05 -26.02 -51.31
N PRO E 399 -30.74 -26.49 -52.38
CA PRO E 399 -30.28 -27.45 -53.42
C PRO E 399 -29.08 -26.89 -54.21
N PRO E 400 -28.03 -27.71 -54.49
CA PRO E 400 -27.71 -29.12 -54.18
C PRO E 400 -26.91 -29.51 -52.92
N LYS E 401 -26.60 -28.56 -52.06
CA LYS E 401 -25.84 -28.78 -50.82
C LYS E 401 -26.72 -29.67 -49.95
N LYS E 402 -26.25 -30.63 -49.16
CA LYS E 402 -27.26 -31.32 -48.34
C LYS E 402 -27.11 -31.23 -46.80
N TYR E 403 -28.22 -30.92 -46.12
CA TYR E 403 -28.32 -30.69 -44.65
C TYR E 403 -29.19 -31.74 -43.95
N GLN E 404 -28.67 -32.97 -43.85
CA GLN E 404 -29.43 -34.14 -43.39
C GLN E 404 -30.03 -34.11 -41.97
N ASP E 405 -29.49 -33.30 -41.06
CA ASP E 405 -29.98 -33.31 -39.66
C ASP E 405 -31.18 -32.43 -39.33
N ILE E 406 -31.77 -31.71 -40.28
CA ILE E 406 -32.89 -30.85 -39.89
C ILE E 406 -34.11 -30.76 -40.80
N TYR E 407 -35.21 -30.27 -40.20
CA TYR E 407 -36.51 -30.05 -40.84
C TYR E 407 -36.83 -28.57 -40.95
N PRO E 408 -37.24 -28.09 -42.13
CA PRO E 408 -37.66 -26.69 -42.21
C PRO E 408 -39.02 -26.49 -41.56
N LEU E 409 -39.31 -25.36 -40.94
CA LEU E 409 -40.67 -25.23 -40.44
C LEU E 409 -41.55 -24.79 -41.61
N ASN E 410 -42.87 -24.93 -41.47
CA ASN E 410 -43.78 -24.44 -42.48
C ASN E 410 -44.70 -23.42 -41.85
N PHE E 411 -44.57 -22.15 -42.24
CA PHE E 411 -45.29 -21.10 -41.56
C PHE E 411 -46.67 -20.84 -42.15
N ASP E 412 -47.02 -21.52 -43.22
CA ASP E 412 -48.30 -21.23 -43.86
C ASP E 412 -49.45 -22.18 -43.46
N ASN E 413 -49.15 -23.46 -43.21
CA ASN E 413 -50.22 -24.39 -42.81
C ASN E 413 -50.89 -24.03 -41.50
N ASP E 414 -50.09 -23.81 -40.47
CA ASP E 414 -50.62 -23.47 -39.15
C ASP E 414 -49.89 -22.28 -38.56
N PRO E 415 -50.19 -21.08 -39.06
CA PRO E 415 -49.44 -19.89 -38.65
C PRO E 415 -49.59 -19.58 -37.15
N GLU E 416 -50.81 -19.26 -36.71
CA GLU E 416 -51.01 -18.85 -35.31
C GLU E 416 -50.73 -19.99 -34.35
N GLY E 417 -50.70 -21.21 -34.88
CA GLY E 417 -50.30 -22.38 -34.11
C GLY E 417 -48.83 -22.33 -33.77
N LEU E 418 -47.99 -22.19 -34.80
CA LEU E 418 -46.55 -22.12 -34.58
C LEU E 418 -46.10 -20.79 -33.98
N TYR E 419 -46.68 -19.69 -34.44
CA TYR E 419 -46.36 -18.36 -33.92
C TYR E 419 -46.43 -18.27 -32.40
N ASP E 420 -47.58 -18.68 -31.86
CA ASP E 420 -47.82 -18.57 -30.43
C ASP E 420 -46.89 -19.52 -29.67
N GLU E 421 -46.57 -20.67 -30.26
CA GLU E 421 -45.67 -21.64 -29.62
C GLU E 421 -44.22 -21.20 -29.52
N VAL E 422 -43.68 -20.65 -30.60
CA VAL E 422 -42.28 -20.21 -30.59
C VAL E 422 -42.13 -19.08 -29.56
N LEU E 423 -43.16 -18.24 -29.46
CA LEU E 423 -43.19 -17.17 -28.46
C LEU E 423 -43.13 -17.71 -27.02
N ARG E 424 -43.85 -18.81 -26.77
CA ARG E 424 -43.86 -19.46 -25.45
C ARG E 424 -42.43 -19.86 -25.14
N VAL E 425 -41.77 -20.46 -26.13
CA VAL E 425 -40.41 -20.99 -25.96
C VAL E 425 -39.45 -19.85 -25.66
N VAL E 426 -39.54 -18.78 -26.44
CA VAL E 426 -38.67 -17.64 -26.24
C VAL E 426 -38.96 -17.12 -24.83
N GLN E 427 -40.24 -17.09 -24.45
CA GLN E 427 -40.63 -16.59 -23.14
C GLN E 427 -40.04 -17.45 -22.01
N HIS E 428 -39.81 -18.74 -22.30
CA HIS E 428 -39.30 -19.65 -21.30
C HIS E 428 -37.93 -19.18 -20.83
N TRP E 429 -37.04 -18.94 -21.79
CA TRP E 429 -35.68 -18.54 -21.48
C TRP E 429 -35.63 -17.10 -20.96
N VAL E 430 -36.55 -16.27 -21.44
CA VAL E 430 -36.67 -14.90 -20.93
C VAL E 430 -36.92 -14.95 -19.42
N ASN E 431 -37.76 -15.89 -18.98
CA ASN E 431 -38.05 -16.08 -17.56
C ASN E 431 -36.88 -16.60 -16.76
N HIS E 432 -35.85 -17.10 -17.42
CA HIS E 432 -34.65 -17.58 -16.72
C HIS E 432 -33.43 -16.67 -16.81
N GLY E 433 -33.66 -15.39 -17.11
CA GLY E 433 -32.60 -14.39 -17.04
C GLY E 433 -31.85 -14.16 -18.33
N VAL E 434 -32.34 -14.78 -19.41
CA VAL E 434 -31.73 -14.62 -20.72
C VAL E 434 -32.47 -13.56 -21.51
N LYS E 435 -31.81 -12.42 -21.73
CA LYS E 435 -32.47 -11.31 -22.38
C LYS E 435 -31.71 -10.86 -23.63
N PHE E 436 -30.94 -11.80 -24.19
CA PHE E 436 -30.32 -11.59 -25.48
C PHE E 436 -30.26 -12.86 -26.35
N PHE E 437 -30.83 -12.77 -27.54
CA PHE E 437 -30.88 -13.94 -28.40
C PHE E 437 -30.18 -13.76 -29.75
N ARG E 438 -29.40 -14.75 -30.14
CA ARG E 438 -28.78 -14.77 -31.45
C ARG E 438 -29.65 -15.59 -32.41
N VAL E 439 -30.56 -14.92 -33.11
CA VAL E 439 -31.44 -15.57 -34.07
C VAL E 439 -30.60 -16.10 -35.22
N ASP E 440 -30.79 -17.37 -35.58
CA ASP E 440 -29.87 -17.97 -36.55
C ASP E 440 -30.57 -18.24 -37.87
N ASN E 441 -29.88 -17.83 -38.93
CA ASN E 441 -30.34 -17.90 -40.31
C ASN E 441 -31.73 -17.24 -40.46
N PRO E 442 -31.92 -16.02 -39.93
CA PRO E 442 -33.27 -15.43 -39.97
C PRO E 442 -33.82 -15.12 -41.36
N HIS E 443 -32.93 -14.97 -42.34
CA HIS E 443 -33.38 -14.60 -43.68
C HIS E 443 -34.07 -15.78 -44.37
N THR E 444 -34.01 -16.97 -43.76
CA THR E 444 -34.66 -18.15 -44.32
C THR E 444 -36.01 -18.43 -43.67
N LYS E 445 -36.51 -17.44 -42.95
CA LYS E 445 -37.81 -17.51 -42.33
C LYS E 445 -38.59 -16.22 -42.68
N PRO E 446 -39.94 -16.25 -42.64
CA PRO E 446 -40.77 -15.10 -43.04
C PRO E 446 -40.44 -13.85 -42.20
N PRO E 447 -40.29 -12.69 -42.87
CA PRO E 447 -40.02 -11.38 -42.26
C PRO E 447 -41.00 -10.97 -41.22
N ASN E 448 -42.26 -11.12 -41.58
CA ASN E 448 -43.36 -10.64 -40.74
C ASN E 448 -43.39 -11.39 -39.44
N PHE E 449 -42.95 -12.63 -39.51
CA PHE E 449 -42.87 -13.47 -38.33
C PHE E 449 -41.95 -12.81 -37.33
N TRP E 450 -40.75 -12.48 -37.78
CA TRP E 450 -39.76 -11.85 -36.91
C TRP E 450 -40.34 -10.56 -36.36
N ALA E 451 -40.99 -9.81 -37.26
CA ALA E 451 -41.63 -8.54 -36.90
C ALA E 451 -42.66 -8.76 -35.81
N TRP E 452 -43.40 -9.86 -35.93
CA TRP E 452 -44.41 -10.23 -34.94
C TRP E 452 -43.76 -10.68 -33.65
N LEU E 453 -42.81 -11.60 -33.78
CA LEU E 453 -42.15 -12.21 -32.63
C LEU E 453 -41.42 -11.15 -31.80
N ILE E 454 -40.69 -10.26 -32.48
CA ILE E 454 -39.93 -9.20 -31.81
C ILE E 454 -40.81 -8.24 -31.03
N ALA E 455 -41.86 -7.73 -31.66
CA ALA E 455 -42.71 -6.76 -31.02
C ALA E 455 -43.45 -7.40 -29.85
N GLN E 456 -43.83 -8.66 -30.03
CA GLN E 456 -44.55 -9.40 -28.98
C GLN E 456 -43.68 -9.62 -27.75
N VAL E 457 -42.45 -10.05 -27.95
CA VAL E 457 -41.53 -10.25 -26.84
C VAL E 457 -41.17 -8.92 -26.19
N LYS E 458 -40.79 -7.95 -27.01
CA LYS E 458 -40.33 -6.67 -26.50
C LYS E 458 -41.38 -5.83 -25.76
N THR E 459 -42.66 -6.04 -26.06
CA THR E 459 -43.67 -5.26 -25.37
C THR E 459 -43.88 -5.67 -23.91
N VAL E 460 -43.78 -6.98 -23.63
CA VAL E 460 -43.84 -7.47 -22.26
C VAL E 460 -42.54 -7.17 -21.51
N ASP E 461 -41.41 -7.43 -22.14
CA ASP E 461 -40.11 -7.09 -21.58
C ASP E 461 -39.26 -6.42 -22.64
N PRO E 462 -39.01 -5.12 -22.47
CA PRO E 462 -38.37 -4.28 -23.50
C PRO E 462 -36.84 -4.37 -23.46
N ASP E 463 -36.32 -5.20 -22.56
CA ASP E 463 -34.88 -5.29 -22.46
C ASP E 463 -34.35 -6.50 -23.23
N VAL E 464 -35.21 -7.20 -23.95
CA VAL E 464 -34.75 -8.35 -24.72
C VAL E 464 -34.26 -7.88 -26.08
N LEU E 465 -33.06 -8.29 -26.47
CA LEU E 465 -32.47 -7.78 -27.71
C LEU E 465 -32.10 -8.93 -28.65
N PHE E 466 -32.15 -8.65 -29.95
CA PHE E 466 -31.92 -9.70 -30.95
C PHE E 466 -30.78 -9.40 -31.90
N LEU E 467 -30.02 -10.45 -32.20
CA LEU E 467 -28.94 -10.39 -33.16
C LEU E 467 -29.24 -11.31 -34.34
N SER E 468 -29.16 -10.75 -35.54
CA SER E 468 -29.52 -11.47 -36.76
C SER E 468 -28.32 -11.94 -37.57
N GLU E 469 -28.18 -13.26 -37.68
CA GLU E 469 -27.10 -13.86 -38.45
C GLU E 469 -27.53 -13.92 -39.91
N ALA E 470 -27.63 -12.77 -40.57
CA ALA E 470 -28.10 -12.79 -41.94
C ALA E 470 -26.96 -12.51 -42.92
N PHE E 471 -26.31 -13.57 -43.40
CA PHE E 471 -25.28 -13.45 -44.43
C PHE E 471 -26.07 -13.55 -45.70
N THR E 472 -26.53 -12.40 -46.17
CA THR E 472 -27.47 -12.36 -47.26
C THR E 472 -27.29 -11.05 -48.01
N PRO E 473 -27.79 -10.97 -49.25
CA PRO E 473 -27.62 -9.74 -50.01
C PRO E 473 -28.20 -8.50 -49.29
N PRO E 474 -27.75 -7.28 -49.65
CA PRO E 474 -28.04 -6.07 -48.86
C PRO E 474 -29.51 -5.86 -48.55
N ALA E 475 -30.35 -5.91 -49.59
CA ALA E 475 -31.77 -5.59 -49.52
C ALA E 475 -32.44 -6.38 -48.41
N ARG E 476 -31.97 -7.61 -48.22
CA ARG E 476 -32.41 -8.46 -47.14
C ARG E 476 -31.73 -8.18 -45.79
N GLN E 477 -30.41 -8.10 -45.82
CA GLN E 477 -29.54 -7.98 -44.65
C GLN E 477 -29.93 -6.72 -43.89
N TYR E 478 -29.92 -5.58 -44.60
CA TYR E 478 -30.24 -4.29 -43.98
C TYR E 478 -31.75 -4.21 -43.75
N GLY E 479 -32.48 -4.98 -44.56
CA GLY E 479 -33.92 -4.98 -44.44
C GLY E 479 -34.32 -5.50 -43.07
N LEU E 480 -33.73 -6.63 -42.67
CA LEU E 480 -34.08 -7.29 -41.40
C LEU E 480 -33.82 -6.44 -40.16
N ALA E 481 -32.73 -5.67 -40.17
CA ALA E 481 -32.38 -4.78 -39.07
C ALA E 481 -33.50 -3.75 -38.92
N LYS E 482 -33.96 -3.25 -40.05
CA LYS E 482 -34.99 -2.25 -40.08
C LYS E 482 -36.28 -2.72 -39.35
N LEU E 483 -36.60 -4.01 -39.40
CA LEU E 483 -37.84 -4.53 -38.79
C LEU E 483 -37.79 -4.60 -37.26
N GLY E 484 -36.60 -4.44 -36.69
CA GLY E 484 -36.45 -4.39 -35.25
C GLY E 484 -35.25 -5.11 -34.67
N PHE E 485 -34.51 -5.86 -35.47
CA PHE E 485 -33.32 -6.53 -34.95
C PHE E 485 -32.31 -5.53 -34.42
N THR E 486 -31.96 -5.69 -33.15
CA THR E 486 -31.11 -4.74 -32.44
C THR E 486 -29.68 -4.69 -33.00
N GLN E 487 -29.18 -5.85 -33.45
CA GLN E 487 -27.87 -5.93 -34.11
C GLN E 487 -27.92 -6.88 -35.30
N SER E 488 -26.92 -6.77 -36.17
CA SER E 488 -26.83 -7.64 -37.34
C SER E 488 -25.41 -8.09 -37.59
N TYR E 489 -25.23 -9.33 -38.02
CA TYR E 489 -23.93 -9.80 -38.45
C TYR E 489 -23.58 -9.02 -39.72
N SER E 490 -22.32 -9.04 -40.15
CA SER E 490 -21.97 -8.24 -41.30
C SER E 490 -21.10 -8.97 -42.29
N TYR E 491 -20.78 -8.28 -43.38
CA TYR E 491 -19.95 -8.84 -44.45
C TYR E 491 -18.48 -8.67 -44.12
N PHE E 492 -18.19 -8.37 -42.85
CA PHE E 492 -16.87 -7.92 -42.42
C PHE E 492 -15.73 -8.86 -42.84
N THR E 493 -15.98 -10.16 -42.69
CA THR E 493 -14.92 -11.15 -42.89
C THR E 493 -14.31 -11.08 -44.30
N TRP E 494 -15.11 -10.70 -45.29
CA TRP E 494 -14.66 -10.72 -46.68
C TRP E 494 -14.26 -9.34 -47.16
N ARG E 495 -14.02 -8.43 -46.23
CA ARG E 495 -13.46 -7.14 -46.57
C ARG E 495 -12.02 -7.09 -46.07
N THR E 496 -11.07 -7.11 -46.99
CA THR E 496 -9.66 -7.16 -46.63
C THR E 496 -8.81 -6.19 -47.43
N THR E 497 -9.41 -5.35 -48.27
CA THR E 497 -8.58 -4.39 -48.99
C THR E 497 -8.82 -2.99 -48.46
N LYS E 498 -7.85 -2.15 -48.70
CA LYS E 498 -7.81 -0.79 -48.18
C LYS E 498 -9.08 -0.06 -48.57
N TRP E 499 -9.50 -0.28 -49.81
CA TRP E 499 -10.68 0.37 -50.34
C TRP E 499 -11.94 -0.23 -49.77
N GLU E 500 -11.93 -1.54 -49.58
CA GLU E 500 -13.05 -2.23 -48.96
C GLU E 500 -13.24 -1.76 -47.53
N LEU E 501 -12.15 -1.76 -46.78
CA LEU E 501 -12.23 -1.35 -45.39
C LEU E 501 -12.64 0.12 -45.26
N THR E 502 -12.14 0.96 -46.16
CA THR E 502 -12.53 2.37 -46.15
C THR E 502 -14.02 2.50 -46.38
N GLU E 503 -14.51 1.82 -47.42
CA GLU E 503 -15.92 1.88 -47.76
C GLU E 503 -16.77 1.25 -46.67
N PHE E 504 -16.31 0.10 -46.17
CA PHE E 504 -17.02 -0.60 -45.10
C PHE E 504 -17.13 0.29 -43.87
N GLY E 505 -16.06 1.00 -43.57
CA GLY E 505 -16.08 1.88 -42.43
C GLY E 505 -17.06 3.03 -42.61
N ASN E 506 -16.97 3.73 -43.72
CA ASN E 506 -17.91 4.83 -43.96
C ASN E 506 -19.35 4.32 -44.01
N GLN E 507 -19.52 3.09 -44.51
CA GLN E 507 -20.86 2.51 -44.67
C GLN E 507 -21.54 2.33 -43.34
N ILE E 508 -20.76 2.05 -42.32
CA ILE E 508 -21.38 1.74 -41.05
C ILE E 508 -20.71 2.73 -40.13
N ALA E 509 -21.46 3.71 -39.69
CA ALA E 509 -22.90 3.77 -39.86
C ALA E 509 -23.14 5.20 -39.44
N GLU E 510 -23.73 6.10 -40.22
CA GLU E 510 -24.26 6.06 -41.58
C GLU E 510 -25.56 5.24 -41.52
N LEU E 511 -25.47 3.92 -41.43
CA LEU E 511 -26.65 3.05 -41.37
C LEU E 511 -27.12 3.00 -39.91
N ALA E 512 -26.53 3.87 -39.11
CA ALA E 512 -26.73 3.93 -37.67
C ALA E 512 -28.15 4.18 -37.26
N ASP E 513 -28.90 4.93 -38.06
CA ASP E 513 -30.26 5.22 -37.65
C ASP E 513 -31.12 3.95 -37.58
N TYR E 514 -30.78 2.89 -38.30
CA TYR E 514 -31.57 1.65 -38.17
C TYR E 514 -30.72 0.37 -38.05
N ARG E 515 -29.42 0.44 -38.29
CA ARG E 515 -28.58 -0.74 -38.06
C ARG E 515 -27.40 -0.57 -37.10
N ARG E 516 -27.27 -1.53 -36.19
CA ARG E 516 -26.11 -1.62 -35.31
C ARG E 516 -25.38 -2.89 -35.77
N PRO E 517 -24.15 -2.74 -36.26
CA PRO E 517 -23.44 -3.94 -36.74
C PRO E 517 -22.63 -4.65 -35.66
N ASN E 518 -22.62 -5.97 -35.67
CA ASN E 518 -21.73 -6.76 -34.82
C ASN E 518 -20.59 -7.40 -35.61
N LEU E 519 -19.38 -6.94 -35.36
CA LEU E 519 -18.25 -7.37 -36.17
C LEU E 519 -17.58 -8.60 -35.58
N PHE E 520 -17.70 -9.73 -36.27
CA PHE E 520 -17.12 -10.97 -35.78
C PHE E 520 -15.84 -11.26 -36.52
N VAL E 521 -14.78 -11.50 -35.76
CA VAL E 521 -13.49 -11.81 -36.35
C VAL E 521 -13.53 -13.20 -36.99
N ASN E 522 -14.24 -14.10 -36.34
CA ASN E 522 -14.48 -15.45 -36.87
C ASN E 522 -15.81 -16.00 -36.36
N THR E 523 -16.31 -17.05 -37.01
CA THR E 523 -17.43 -17.82 -36.46
C THR E 523 -17.08 -19.27 -36.70
N PRO E 524 -17.79 -20.20 -36.03
CA PRO E 524 -17.50 -21.62 -36.27
C PRO E 524 -17.58 -22.03 -37.73
N ASP E 525 -18.38 -21.29 -38.50
CA ASP E 525 -18.55 -21.54 -39.93
C ASP E 525 -17.55 -20.77 -40.82
N ILE E 526 -16.89 -19.76 -40.27
CA ILE E 526 -16.03 -18.89 -41.09
C ILE E 526 -14.61 -18.70 -40.56
N LEU E 527 -13.64 -19.37 -41.18
CA LEU E 527 -12.22 -19.15 -40.90
C LEU E 527 -11.59 -18.62 -42.19
N HIS E 528 -11.50 -17.30 -42.33
CA HIS E 528 -11.10 -16.71 -43.60
C HIS E 528 -9.69 -17.11 -44.04
N ALA E 529 -9.51 -17.17 -45.35
CA ALA E 529 -8.28 -17.58 -46.01
C ALA E 529 -7.13 -16.67 -45.54
N VAL E 530 -7.45 -15.39 -45.36
CA VAL E 530 -6.47 -14.36 -45.03
C VAL E 530 -5.83 -14.68 -43.66
N LEU E 531 -6.63 -15.26 -42.77
CA LEU E 531 -6.14 -15.69 -41.47
C LEU E 531 -5.21 -16.92 -41.61
N GLN E 532 -5.50 -17.71 -42.62
CA GLN E 532 -4.83 -18.98 -42.89
C GLN E 532 -3.35 -18.86 -43.22
N HIS E 533 -2.98 -17.79 -43.94
CA HIS E 533 -1.61 -17.72 -44.45
C HIS E 533 -0.79 -16.52 -43.97
N ASN E 534 -1.39 -15.58 -43.27
CA ASN E 534 -0.64 -14.39 -42.87
C ASN E 534 -0.08 -14.50 -41.46
N GLY E 535 -0.33 -15.64 -40.81
CA GLY E 535 0.32 -15.93 -39.54
C GLY E 535 -0.29 -15.16 -38.37
N PRO E 536 0.25 -15.38 -37.16
CA PRO E 536 -0.38 -14.93 -35.91
C PRO E 536 -0.54 -13.41 -35.86
N GLY E 537 0.25 -12.72 -36.68
CA GLY E 537 0.22 -11.28 -36.80
C GLY E 537 -1.14 -10.75 -37.22
N MET E 538 -1.71 -11.43 -38.22
CA MET E 538 -2.98 -11.02 -38.84
C MET E 538 -4.12 -11.06 -37.86
N PHE E 539 -4.08 -12.05 -36.96
CA PHE E 539 -5.13 -12.19 -35.98
C PHE E 539 -5.30 -10.95 -35.11
N ALA E 540 -4.18 -10.31 -34.80
CA ALA E 540 -4.15 -9.05 -34.09
C ALA E 540 -4.83 -7.98 -34.92
N ILE E 541 -4.46 -7.95 -36.19
CA ILE E 541 -4.90 -6.92 -37.13
C ILE E 541 -6.43 -6.92 -37.26
N ARG E 542 -7.00 -8.12 -37.39
CA ARG E 542 -8.44 -8.23 -37.52
C ARG E 542 -9.12 -7.78 -36.24
N ALA E 543 -8.51 -8.15 -35.11
CA ALA E 543 -9.02 -7.80 -33.80
C ALA E 543 -9.07 -6.29 -33.61
N VAL E 544 -8.02 -5.61 -34.08
CA VAL E 544 -7.94 -4.16 -33.99
C VAL E 544 -9.03 -3.54 -34.85
N LEU E 545 -9.24 -4.13 -36.02
CA LEU E 545 -10.23 -3.62 -36.95
C LEU E 545 -11.63 -3.82 -36.39
N ALA E 546 -11.92 -5.01 -35.90
CA ALA E 546 -13.26 -5.27 -35.39
C ALA E 546 -13.56 -4.40 -34.18
N ALA E 547 -12.63 -4.38 -33.23
CA ALA E 547 -12.85 -3.69 -31.98
C ALA E 547 -13.01 -2.17 -32.15
N THR E 548 -12.21 -1.57 -33.02
CA THR E 548 -12.25 -0.13 -33.24
C THR E 548 -13.37 0.38 -34.17
N MET E 549 -13.58 -0.31 -35.27
CA MET E 549 -14.55 0.10 -36.26
C MET E 549 -15.98 0.09 -35.69
N SER E 550 -16.30 -0.89 -34.86
CA SER E 550 -17.65 -1.00 -34.30
C SER E 550 -17.69 -1.05 -32.76
N PRO E 551 -18.73 -0.44 -32.16
CA PRO E 551 -18.98 -0.52 -30.71
C PRO E 551 -19.22 -1.99 -30.33
N ALA E 552 -19.76 -2.75 -31.27
CA ALA E 552 -20.01 -4.17 -31.04
C ALA E 552 -19.12 -5.06 -31.92
N TRP E 553 -18.39 -5.96 -31.29
CA TRP E 553 -17.50 -6.89 -31.99
C TRP E 553 -17.57 -8.25 -31.29
N GLY E 554 -16.99 -9.28 -31.89
CA GLY E 554 -17.09 -10.62 -31.32
C GLY E 554 -15.99 -11.56 -31.77
N MET E 555 -15.84 -12.67 -31.05
CA MET E 555 -14.85 -13.66 -31.39
C MET E 555 -15.32 -15.09 -31.06
N TYR E 556 -14.97 -16.05 -31.91
CA TYR E 556 -15.34 -17.44 -31.67
C TYR E 556 -14.16 -18.10 -30.94
N CYS E 557 -14.47 -18.94 -29.96
CA CYS E 557 -13.47 -19.55 -29.06
C CYS E 557 -12.29 -20.17 -29.82
N GLY E 558 -11.11 -20.10 -29.22
CA GLY E 558 -9.93 -20.69 -29.84
C GLY E 558 -9.21 -19.74 -30.76
N TYR E 559 -9.87 -18.64 -31.08
CA TYR E 559 -9.28 -17.62 -31.92
C TYR E 559 -8.02 -17.15 -31.22
N GLU E 560 -8.11 -17.05 -29.89
CA GLU E 560 -7.02 -16.59 -29.04
C GLU E 560 -5.84 -17.55 -29.00
N LEU E 561 -6.04 -18.75 -29.51
CA LEU E 561 -4.99 -19.74 -29.55
C LEU E 561 -4.31 -19.80 -30.91
N PHE E 562 -4.76 -18.90 -31.77
CA PHE E 562 -4.26 -18.75 -33.14
C PHE E 562 -4.60 -19.97 -34.00
N GLU E 563 -5.74 -20.60 -33.72
CA GLU E 563 -6.19 -21.73 -34.52
C GLU E 563 -6.42 -21.29 -35.97
N HIS E 564 -5.65 -21.86 -36.91
CA HIS E 564 -5.66 -21.33 -38.27
C HIS E 564 -5.70 -22.37 -39.40
N ARG E 565 -6.03 -23.63 -39.07
CA ARG E 565 -6.04 -24.69 -40.08
C ARG E 565 -7.47 -25.04 -40.50
N ALA E 566 -7.72 -24.95 -41.80
CA ALA E 566 -9.04 -25.25 -42.37
C ALA E 566 -9.02 -26.68 -42.91
N VAL E 567 -10.19 -27.25 -43.13
CA VAL E 567 -10.30 -28.66 -43.51
C VAL E 567 -9.58 -29.01 -44.81
N ARG E 568 -9.71 -28.14 -45.82
CA ARG E 568 -9.01 -28.32 -47.09
C ARG E 568 -8.73 -26.94 -47.64
N GLU E 569 -7.71 -26.81 -48.48
CA GLU E 569 -7.37 -25.51 -49.03
C GLU E 569 -8.57 -24.99 -49.80
N GLY E 570 -8.85 -23.70 -49.66
CA GLY E 570 -9.95 -23.08 -50.37
C GLY E 570 -11.31 -23.16 -49.69
N SER E 571 -11.36 -23.66 -48.45
CA SER E 571 -12.64 -23.73 -47.74
C SER E 571 -12.59 -22.74 -46.60
N GLU E 572 -13.75 -22.39 -46.04
CA GLU E 572 -13.75 -21.48 -44.89
C GLU E 572 -14.24 -22.15 -43.60
N GLU E 573 -14.21 -23.48 -43.58
CA GLU E 573 -14.65 -24.25 -42.41
C GLU E 573 -13.44 -24.78 -41.62
N TYR E 574 -13.54 -24.68 -40.30
CA TYR E 574 -12.49 -25.08 -39.37
C TYR E 574 -12.22 -26.59 -39.46
N LEU E 575 -10.95 -26.96 -39.63
CA LEU E 575 -10.57 -28.37 -39.67
C LEU E 575 -10.87 -29.06 -38.34
N ASP E 576 -11.42 -30.27 -38.42
CA ASP E 576 -11.78 -31.03 -37.22
C ASP E 576 -12.75 -30.18 -36.42
N SER E 577 -13.74 -29.61 -37.11
CA SER E 577 -14.61 -28.60 -36.53
C SER E 577 -15.32 -28.98 -35.23
N GLU E 578 -15.43 -27.98 -34.36
CA GLU E 578 -16.05 -28.12 -33.05
C GLU E 578 -17.54 -28.42 -33.14
N LYS E 579 -18.13 -28.14 -34.29
CA LYS E 579 -19.55 -28.39 -34.47
C LYS E 579 -19.82 -29.89 -34.40
N TYR E 580 -18.92 -30.72 -34.94
CA TYR E 580 -19.21 -32.15 -35.01
C TYR E 580 -18.47 -32.96 -33.93
N GLU E 581 -17.51 -32.35 -33.24
CA GLU E 581 -16.68 -33.11 -32.32
C GLU E 581 -16.45 -32.24 -31.09
N LEU E 582 -16.21 -32.87 -29.94
CA LEU E 582 -15.87 -32.10 -28.76
C LEU E 582 -14.39 -31.76 -28.78
N ARG E 583 -14.06 -30.49 -28.54
CA ARG E 583 -12.66 -30.05 -28.50
C ARG E 583 -12.36 -29.15 -27.29
N PRO E 584 -11.98 -29.77 -26.16
CA PRO E 584 -11.48 -28.95 -25.06
C PRO E 584 -10.11 -28.37 -25.40
N ARG E 585 -9.83 -27.16 -24.91
CA ARG E 585 -8.55 -26.51 -25.17
C ARG E 585 -7.89 -26.04 -23.88
N ASP E 586 -6.56 -25.94 -23.90
CA ASP E 586 -5.80 -25.57 -22.70
C ASP E 586 -5.18 -24.18 -22.88
N PHE E 587 -5.95 -23.15 -22.55
CA PHE E 587 -5.54 -21.76 -22.77
C PHE E 587 -4.36 -21.37 -21.89
N ALA E 588 -4.36 -21.89 -20.66
CA ALA E 588 -3.37 -21.51 -19.67
C ALA E 588 -1.94 -21.80 -20.14
N SER E 589 -1.71 -23.01 -20.65
CA SER E 589 -0.38 -23.42 -21.09
C SER E 589 0.12 -22.49 -22.19
N ALA E 590 -0.80 -22.06 -23.06
CA ALA E 590 -0.48 -21.19 -24.18
C ALA E 590 0.04 -19.86 -23.65
N LEU E 591 -0.60 -19.38 -22.58
CA LEU E 591 -0.19 -18.15 -21.92
C LEU E 591 1.23 -18.31 -21.42
N ASP E 592 1.51 -19.47 -20.82
CA ASP E 592 2.80 -19.76 -20.23
C ASP E 592 3.87 -19.84 -21.30
N GLN E 593 3.53 -20.39 -22.46
CA GLN E 593 4.50 -20.50 -23.53
C GLN E 593 4.46 -19.30 -24.47
N GLY E 594 3.74 -18.25 -24.08
CA GLY E 594 3.71 -17.05 -24.88
C GLY E 594 3.19 -17.28 -26.28
N ARG E 595 2.19 -18.14 -26.41
CA ARG E 595 1.59 -18.41 -27.71
C ARG E 595 0.10 -18.03 -27.66
N SER E 596 -0.24 -17.01 -26.89
CA SER E 596 -1.64 -16.63 -26.77
C SER E 596 -1.87 -15.15 -27.02
N LEU E 597 -2.97 -14.84 -27.71
CA LEU E 597 -3.30 -13.46 -28.02
C LEU E 597 -4.29 -12.93 -26.99
N GLN E 598 -4.47 -13.71 -25.94
CA GLN E 598 -5.37 -13.32 -24.85
C GLN E 598 -5.03 -12.01 -24.12
N PRO E 599 -3.74 -11.76 -23.80
CA PRO E 599 -3.44 -10.49 -23.11
C PRO E 599 -3.80 -9.29 -23.99
N PHE E 600 -3.45 -9.38 -25.28
CA PHE E 600 -3.69 -8.30 -26.23
C PHE E 600 -5.16 -7.96 -26.37
N ILE E 601 -5.98 -8.99 -26.53
CA ILE E 601 -7.42 -8.84 -26.69
C ILE E 601 -7.95 -8.13 -25.45
N THR E 602 -7.41 -8.51 -24.30
CA THR E 602 -7.82 -7.86 -23.05
C THR E 602 -7.50 -6.38 -23.15
N ARG E 603 -6.29 -6.04 -23.61
CA ARG E 603 -5.91 -4.62 -23.71
C ARG E 603 -6.77 -3.90 -24.74
N LEU E 604 -7.19 -4.61 -25.78
CA LEU E 604 -8.04 -4.00 -26.79
C LEU E 604 -9.40 -3.68 -26.19
N ASN E 605 -9.96 -4.63 -25.46
CA ASN E 605 -11.28 -4.42 -24.88
C ASN E 605 -11.30 -3.38 -23.74
N ILE E 606 -10.23 -3.29 -22.95
CA ILE E 606 -10.10 -2.27 -21.88
C ILE E 606 -10.11 -0.85 -22.45
N ILE E 607 -9.39 -0.70 -23.56
CA ILE E 607 -9.24 0.57 -24.25
C ILE E 607 -10.61 1.06 -24.71
N ARG E 608 -11.42 0.13 -25.23
CA ARG E 608 -12.77 0.44 -25.65
C ARG E 608 -13.58 1.00 -24.49
N ARG E 609 -13.46 0.37 -23.32
CA ARG E 609 -14.17 0.84 -22.14
C ARG E 609 -13.61 2.19 -21.72
N LEU E 610 -12.30 2.33 -21.84
CA LEU E 610 -11.64 3.54 -21.41
C LEU E 610 -12.07 4.78 -22.20
N HIS E 611 -12.22 4.63 -23.51
CA HIS E 611 -12.57 5.76 -24.37
C HIS E 611 -14.00 5.62 -24.91
N PRO E 612 -14.92 6.50 -24.49
CA PRO E 612 -16.34 6.46 -24.86
C PRO E 612 -16.56 6.76 -26.34
N ALA E 613 -15.48 7.17 -27.00
CA ALA E 613 -15.53 7.47 -28.43
C ALA E 613 -15.83 6.17 -29.20
N PHE E 614 -15.36 5.06 -28.65
CA PHE E 614 -15.48 3.74 -29.27
C PHE E 614 -16.88 3.16 -29.12
N GLN E 615 -17.74 3.85 -28.36
CA GLN E 615 -19.13 3.45 -28.23
C GLN E 615 -19.98 4.15 -29.28
N GLN E 616 -19.36 4.92 -30.15
CA GLN E 616 -20.14 5.68 -31.13
C GLN E 616 -20.18 4.97 -32.47
N LEU E 617 -21.33 4.99 -33.14
CA LEU E 617 -21.40 4.45 -34.48
C LEU E 617 -21.08 5.50 -35.53
N ARG E 618 -21.72 6.64 -35.35
CA ARG E 618 -21.81 7.71 -36.34
C ARG E 618 -20.52 8.45 -36.71
N THR E 619 -19.62 8.64 -35.74
CA THR E 619 -18.59 9.65 -35.88
C THR E 619 -17.25 9.19 -36.48
N ILE E 620 -17.20 7.97 -37.00
CA ILE E 620 -15.98 7.47 -37.61
C ILE E 620 -15.56 8.36 -38.80
N HIS E 621 -14.28 8.69 -38.92
CA HIS E 621 -13.80 9.49 -40.05
C HIS E 621 -12.43 8.99 -40.48
N PHE E 622 -12.24 8.84 -41.78
CA PHE E 622 -11.02 8.25 -42.33
C PHE E 622 -10.06 9.32 -42.83
N HIS E 623 -8.80 9.17 -42.45
CA HIS E 623 -7.77 10.13 -42.83
C HIS E 623 -6.79 9.60 -43.85
N HIS E 624 -6.22 10.50 -44.65
CA HIS E 624 -5.38 10.12 -45.79
C HIS E 624 -3.98 9.72 -45.33
N VAL E 625 -3.56 8.54 -45.76
CA VAL E 625 -2.20 8.06 -45.57
C VAL E 625 -1.54 7.60 -46.87
N ASP E 626 -0.42 8.22 -47.26
CA ASP E 626 0.18 7.96 -48.57
C ASP E 626 0.91 6.61 -48.55
N ASN E 627 0.16 5.56 -48.19
CA ASN E 627 0.64 4.19 -48.30
C ASN E 627 -0.52 3.28 -48.60
N ASP E 628 -0.35 2.50 -49.65
CA ASP E 628 -1.42 1.65 -50.10
C ASP E 628 -1.70 0.59 -49.07
N ALA E 629 -0.74 0.33 -48.19
CA ALA E 629 -0.86 -0.73 -47.18
C ALA E 629 -1.34 -0.29 -45.79
N LEU E 630 -1.56 1.01 -45.61
CA LEU E 630 -1.93 1.55 -44.30
C LEU E 630 -3.30 2.19 -44.22
N LEU E 631 -4.02 1.90 -43.14
CA LEU E 631 -5.36 2.45 -42.96
C LEU E 631 -5.46 3.18 -41.62
N ALA E 632 -5.92 4.44 -41.67
CA ALA E 632 -6.04 5.30 -40.49
C ALA E 632 -7.39 5.99 -40.37
N TYR E 633 -8.05 5.82 -39.22
CA TYR E 633 -9.37 6.42 -39.01
C TYR E 633 -9.51 6.89 -37.57
N SER E 634 -10.48 7.77 -37.34
CA SER E 634 -10.67 8.35 -36.01
C SER E 634 -12.13 8.41 -35.61
N LYS E 635 -12.36 8.29 -34.31
CA LYS E 635 -13.67 8.37 -33.71
C LYS E 635 -13.63 9.38 -32.57
N PHE E 636 -14.76 10.00 -32.29
CA PHE E 636 -14.87 10.89 -31.15
C PHE E 636 -16.22 10.73 -30.45
N ASP E 637 -16.32 11.22 -29.22
CA ASP E 637 -17.55 11.12 -28.45
C ASP E 637 -18.19 12.50 -28.27
N PRO E 638 -19.44 12.65 -28.74
CA PRO E 638 -20.23 13.89 -28.68
C PRO E 638 -20.39 14.46 -27.27
N ALA E 639 -20.46 13.56 -26.28
CA ALA E 639 -20.67 13.96 -24.90
C ALA E 639 -19.42 14.55 -24.28
N THR E 640 -18.40 13.72 -24.10
CA THR E 640 -17.24 14.12 -23.33
C THR E 640 -16.21 14.82 -24.20
N GLY E 641 -16.40 14.76 -25.52
CA GLY E 641 -15.48 15.41 -26.42
C GLY E 641 -14.27 14.53 -26.66
N ASP E 642 -14.25 13.36 -26.03
CA ASP E 642 -13.14 12.41 -26.20
C ASP E 642 -12.87 12.14 -27.66
N CYS E 643 -11.61 11.98 -28.03
CA CYS E 643 -11.26 11.78 -29.44
C CYS E 643 -10.07 10.85 -29.55
N VAL E 644 -10.21 9.89 -30.46
CA VAL E 644 -9.21 8.84 -30.64
C VAL E 644 -8.95 8.55 -32.11
N LEU E 645 -7.69 8.28 -32.44
CA LEU E 645 -7.27 7.95 -33.80
C LEU E 645 -6.59 6.58 -33.83
N VAL E 646 -6.95 5.77 -34.82
CA VAL E 646 -6.38 4.44 -34.96
C VAL E 646 -5.59 4.30 -36.26
N VAL E 647 -4.37 3.78 -36.16
CA VAL E 647 -3.61 3.43 -37.35
C VAL E 647 -3.17 1.98 -37.30
N VAL E 648 -3.58 1.22 -38.31
CA VAL E 648 -3.25 -0.19 -38.34
C VAL E 648 -2.62 -0.55 -39.70
N THR E 649 -1.87 -1.64 -39.73
CA THR E 649 -1.27 -2.14 -40.96
C THR E 649 -2.01 -3.38 -41.42
N LEU E 650 -2.14 -3.54 -42.73
CA LEU E 650 -2.79 -4.72 -43.25
C LEU E 650 -1.74 -5.72 -43.70
N ASN E 651 -0.46 -5.35 -43.60
CA ASN E 651 0.55 -6.35 -43.91
C ASN E 651 1.18 -6.79 -42.60
N ALA E 652 0.99 -8.09 -42.36
CA ALA E 652 1.41 -8.74 -41.14
C ALA E 652 2.89 -9.05 -41.15
N PHE E 653 3.48 -9.02 -42.34
CA PHE E 653 4.83 -9.54 -42.50
C PHE E 653 5.91 -8.48 -42.52
N GLY E 654 5.60 -7.36 -43.17
CA GLY E 654 6.58 -6.32 -43.36
C GLY E 654 6.36 -5.01 -42.64
N PRO E 655 7.46 -4.38 -42.22
CA PRO E 655 7.29 -3.04 -41.66
C PRO E 655 6.73 -2.17 -42.79
N GLU E 656 5.82 -1.25 -42.50
CA GLU E 656 5.25 -0.42 -43.56
C GLU E 656 5.25 1.01 -43.09
N GLU E 657 5.63 1.90 -44.00
CA GLU E 657 5.76 3.28 -43.64
C GLU E 657 5.11 4.31 -44.54
N ALA E 658 4.81 5.47 -43.96
CA ALA E 658 4.11 6.53 -44.68
C ALA E 658 4.11 7.89 -43.99
N THR E 659 3.53 8.86 -44.69
CA THR E 659 3.30 10.20 -44.18
C THR E 659 1.81 10.31 -43.90
N LEU E 660 1.43 10.69 -42.70
CA LEU E 660 0.01 10.71 -42.39
C LEU E 660 -0.54 12.13 -42.42
N TRP E 661 -1.61 12.33 -43.18
CA TRP E 661 -2.21 13.65 -43.35
C TRP E 661 -3.55 13.64 -42.62
N LEU E 662 -3.89 14.75 -41.97
CA LEU E 662 -5.11 14.81 -41.15
C LEU E 662 -6.12 15.85 -41.62
N ASP E 663 -7.40 15.54 -41.44
CA ASP E 663 -8.43 16.56 -41.65
C ASP E 663 -8.72 17.19 -40.31
N MET E 664 -8.01 18.27 -40.02
CA MET E 664 -7.98 18.87 -38.70
C MET E 664 -9.36 19.37 -38.32
N ALA E 665 -10.11 19.75 -39.34
CA ALA E 665 -11.45 20.29 -39.21
C ALA E 665 -12.34 19.27 -38.49
N ALA E 666 -12.16 18.00 -38.85
CA ALA E 666 -12.93 16.92 -38.25
C ALA E 666 -12.67 16.73 -36.75
N LEU E 667 -11.46 17.07 -36.32
CA LEU E 667 -11.04 16.97 -34.92
C LEU E 667 -11.26 18.32 -34.22
N GLY E 668 -11.80 19.28 -34.96
CA GLY E 668 -12.16 20.55 -34.38
C GLY E 668 -11.04 21.55 -34.26
N MET E 669 -10.04 21.45 -35.14
CA MET E 669 -8.94 22.38 -35.08
C MET E 669 -8.67 22.99 -36.45
N GLU E 670 -8.01 24.14 -36.45
CA GLU E 670 -7.58 24.77 -37.70
C GLU E 670 -6.34 24.03 -38.16
N ASP E 671 -6.00 24.19 -39.43
CA ASP E 671 -4.90 23.47 -40.05
C ASP E 671 -3.49 23.67 -39.47
N TYR E 672 -3.16 24.88 -39.01
CA TYR E 672 -1.78 25.11 -38.58
C TYR E 672 -1.46 24.55 -37.19
N ASP E 673 -2.49 24.13 -36.46
CA ASP E 673 -2.29 23.73 -35.06
C ASP E 673 -1.33 22.57 -34.82
N ARG E 674 -0.71 22.58 -33.66
CA ARG E 674 0.08 21.45 -33.14
C ARG E 674 -0.29 21.12 -31.72
N PHE E 675 -0.25 19.82 -31.41
CA PHE E 675 -0.83 19.28 -30.20
C PHE E 675 -0.11 18.00 -29.79
N TRP E 676 -0.41 17.51 -28.58
CA TRP E 676 0.26 16.32 -28.08
C TRP E 676 -0.66 15.13 -27.98
N VAL E 677 -0.10 13.96 -28.29
CA VAL E 677 -0.86 12.74 -28.27
C VAL E 677 -0.13 11.68 -27.47
N ARG E 678 -0.86 10.65 -27.05
CA ARG E 678 -0.27 9.55 -26.29
C ARG E 678 -0.78 8.21 -26.84
N ASP E 679 0.12 7.24 -26.93
CA ASP E 679 -0.20 5.93 -27.48
C ASP E 679 -0.66 5.01 -26.34
N GLU E 680 -1.91 4.57 -26.38
CA GLU E 680 -2.47 3.83 -25.25
C GLU E 680 -1.86 2.46 -25.00
N ILE E 681 -1.34 1.83 -26.05
CA ILE E 681 -0.58 0.58 -25.90
C ILE E 681 0.87 0.84 -25.44
N THR E 682 1.56 1.79 -26.08
CA THR E 682 2.96 2.10 -25.80
C THR E 682 3.15 2.99 -24.57
N GLY E 683 2.30 3.99 -24.42
CA GLY E 683 2.44 4.94 -23.32
C GLY E 683 3.33 6.12 -23.70
N GLU E 684 3.96 6.02 -24.86
CA GLU E 684 4.84 7.10 -25.32
C GLU E 684 3.97 8.26 -25.82
N GLU E 685 4.51 9.48 -25.73
CA GLU E 685 3.82 10.71 -26.12
C GLU E 685 4.57 11.35 -27.26
N TYR E 686 3.88 12.05 -28.16
CA TYR E 686 4.58 12.74 -29.22
C TYR E 686 3.88 14.04 -29.56
N GLN E 687 4.54 14.87 -30.35
CA GLN E 687 3.97 16.15 -30.76
C GLN E 687 3.49 16.01 -32.19
N TRP E 688 2.28 16.46 -32.51
CA TRP E 688 1.80 16.22 -33.86
C TRP E 688 1.25 17.50 -34.51
N GLY E 689 0.97 17.44 -35.81
CA GLY E 689 0.42 18.56 -36.56
C GLY E 689 -0.49 18.03 -37.65
N GLN E 690 -0.75 18.83 -38.68
CA GLN E 690 -1.62 18.37 -39.76
C GLN E 690 -1.02 17.17 -40.47
N ALA E 691 0.30 17.22 -40.69
CA ALA E 691 0.98 16.12 -41.36
C ALA E 691 2.04 15.55 -40.44
N ASN E 692 1.95 14.26 -40.20
CA ASN E 692 2.79 13.59 -39.22
C ASN E 692 3.36 12.31 -39.75
N TYR E 693 4.50 11.93 -39.21
CA TYR E 693 5.18 10.73 -39.64
C TYR E 693 4.80 9.47 -38.87
N ILE E 694 4.54 8.40 -39.61
CA ILE E 694 4.24 7.13 -38.96
C ILE E 694 4.86 5.92 -39.67
N ARG E 695 5.44 4.99 -38.91
CA ARG E 695 5.96 3.74 -39.47
C ARG E 695 5.55 2.63 -38.53
N ILE E 696 4.99 1.55 -39.06
CA ILE E 696 4.47 0.47 -38.22
C ILE E 696 5.22 -0.85 -38.45
N ASP E 697 5.71 -1.42 -37.36
CA ASP E 697 6.51 -2.64 -37.42
C ASP E 697 5.81 -3.75 -36.63
N PRO E 698 5.32 -4.77 -37.34
CA PRO E 698 4.73 -5.94 -36.67
C PRO E 698 5.83 -6.65 -35.88
N ALA E 699 5.46 -7.56 -34.98
CA ALA E 699 6.43 -8.26 -34.12
C ALA E 699 7.01 -7.23 -33.15
N ARG E 700 6.44 -6.03 -33.20
CA ARG E 700 6.61 -5.05 -32.14
C ARG E 700 5.22 -4.52 -31.79
N ALA E 701 4.53 -3.93 -32.76
CA ALA E 701 3.10 -3.59 -32.64
C ALA E 701 2.47 -3.43 -34.02
N VAL E 702 1.33 -4.10 -34.24
CA VAL E 702 0.70 -4.04 -35.56
C VAL E 702 -0.23 -2.83 -35.68
N ALA E 703 -0.36 -2.06 -34.61
CA ALA E 703 -1.22 -0.89 -34.65
C ALA E 703 -0.89 0.13 -33.57
N HIS E 704 -1.25 1.38 -33.83
CA HIS E 704 -1.13 2.49 -32.88
C HIS E 704 -2.53 3.01 -32.52
N ILE E 705 -2.88 2.91 -31.25
CA ILE E 705 -4.14 3.47 -30.79
C ILE E 705 -3.81 4.73 -30.03
N ILE E 706 -4.21 5.86 -30.61
CA ILE E 706 -3.71 7.16 -30.18
C ILE E 706 -4.77 7.97 -29.47
N ASN E 707 -4.44 8.48 -28.29
CA ASN E 707 -5.36 9.34 -27.60
C ASN E 707 -5.13 10.74 -28.13
N MET E 708 -6.21 11.41 -28.52
CA MET E 708 -6.06 12.72 -29.14
C MET E 708 -6.67 13.75 -28.23
N PRO E 709 -6.30 15.01 -28.42
CA PRO E 709 -6.82 16.08 -27.57
C PRO E 709 -8.34 16.10 -27.65
N ALA E 710 -9.04 16.26 -26.54
CA ALA E 710 -10.49 16.17 -26.58
C ALA E 710 -11.08 17.25 -27.47
N VAL E 711 -12.03 16.84 -28.31
CA VAL E 711 -12.75 17.75 -29.18
C VAL E 711 -13.49 18.79 -28.36
N PRO E 712 -13.26 20.07 -28.67
CA PRO E 712 -13.82 21.20 -27.93
C PRO E 712 -15.34 21.15 -27.88
N TYR E 713 -15.96 22.12 -27.23
CA TYR E 713 -17.42 22.19 -27.27
C TYR E 713 -17.83 22.72 -28.65
N GLU E 714 -17.41 22.00 -29.69
CA GLU E 714 -17.93 22.18 -31.03
C GLU E 714 -18.22 20.78 -31.52
N SER E 715 -18.43 19.93 -30.55
CA SER E 715 -18.78 18.54 -30.76
C SER E 715 -20.10 18.47 -31.52
N ARG E 716 -21.08 19.28 -31.11
CA ARG E 716 -22.44 19.22 -31.64
C ARG E 716 -22.60 19.53 -33.13
N ASN E 717 -21.76 20.38 -33.69
CA ASN E 717 -21.92 20.75 -35.10
C ASN E 717 -21.28 19.70 -36.03
N THR E 718 -20.23 19.04 -35.54
CA THR E 718 -19.52 17.99 -36.29
C THR E 718 -20.21 16.62 -36.25
N LEU E 719 -21.38 16.56 -35.61
CA LEU E 719 -22.14 15.32 -35.52
C LEU E 719 -23.29 15.34 -36.53
N LEU E 720 -23.47 16.50 -37.13
CA LEU E 720 -24.60 16.81 -38.02
C LEU E 720 -24.93 15.79 -39.13
N ARG E 721 -26.23 15.78 -39.49
CA ARG E 721 -26.93 14.90 -40.47
C ARG E 721 -27.37 13.60 -39.78
N PRO F 37 8.56 -93.67 26.10
CA PRO F 37 7.51 -94.11 27.02
C PRO F 37 6.50 -93.01 27.37
N GLY F 38 7.00 -91.90 27.91
CA GLY F 38 6.16 -90.85 28.46
C GLY F 38 5.95 -91.05 29.96
N ARG F 39 5.99 -92.31 30.36
CA ARG F 39 5.76 -92.82 31.73
C ARG F 39 4.34 -92.51 32.20
N VAL F 40 3.84 -91.30 31.88
CA VAL F 40 2.48 -90.89 32.20
C VAL F 40 1.60 -90.65 30.96
N GLU F 41 0.44 -91.29 30.94
CA GLU F 41 -0.42 -91.32 29.76
C GLU F 41 -1.23 -90.02 29.60
N ILE F 42 -1.22 -89.44 28.39
CA ILE F 42 -2.02 -88.25 28.06
C ILE F 42 -2.84 -88.45 26.79
N ASP F 43 -4.16 -88.35 26.91
CA ASP F 43 -5.06 -88.70 25.84
C ASP F 43 -6.34 -87.89 25.90
N ASP F 44 -7.10 -87.95 24.80
CA ASP F 44 -8.43 -87.32 24.70
C ASP F 44 -8.27 -85.83 24.99
N VAL F 45 -7.22 -85.22 24.46
CA VAL F 45 -7.03 -83.80 24.65
C VAL F 45 -8.11 -83.05 23.83
N ALA F 46 -8.60 -81.94 24.38
CA ALA F 46 -9.57 -81.08 23.70
C ALA F 46 -9.30 -79.64 24.11
N PRO F 47 -9.54 -78.66 23.20
CA PRO F 47 -10.15 -78.80 21.87
C PRO F 47 -9.14 -79.09 20.79
N VAL F 48 -9.37 -80.16 20.04
CA VAL F 48 -8.55 -80.48 18.85
C VAL F 48 -9.46 -80.74 17.65
N VAL F 49 -9.03 -80.25 16.48
CA VAL F 49 -9.84 -80.32 15.27
C VAL F 49 -9.16 -81.18 14.22
N SER F 50 -9.91 -82.15 13.69
CA SER F 50 -9.37 -83.06 12.68
C SER F 50 -8.05 -83.65 13.18
N CYS F 51 -8.03 -84.05 14.45
CA CYS F 51 -6.84 -84.66 15.07
C CYS F 51 -5.61 -83.80 14.89
N GLY F 52 -5.80 -82.49 14.89
CA GLY F 52 -4.68 -81.56 14.88
C GLY F 52 -4.27 -80.98 13.55
N VAL F 53 -4.94 -81.38 12.46
CA VAL F 53 -4.61 -80.83 11.14
C VAL F 53 -4.96 -79.35 11.06
N TYR F 54 -6.10 -78.99 11.64
CA TYR F 54 -6.58 -77.61 11.57
C TYR F 54 -6.60 -77.02 12.96
N PRO F 55 -6.22 -75.74 13.08
CA PRO F 55 -6.26 -75.05 14.37
C PRO F 55 -7.69 -74.77 14.78
N ALA F 56 -7.93 -74.70 16.08
CA ALA F 56 -9.25 -74.38 16.58
C ALA F 56 -9.49 -72.88 16.41
N LYS F 57 -10.73 -72.47 16.55
CA LYS F 57 -11.09 -71.08 16.35
C LYS F 57 -11.44 -70.46 17.69
N ALA F 58 -10.98 -69.22 17.89
CA ALA F 58 -11.33 -68.47 19.08
C ALA F 58 -11.12 -67.00 18.76
N VAL F 59 -11.62 -66.12 19.60
CA VAL F 59 -11.37 -64.69 19.42
C VAL F 59 -10.80 -64.07 20.70
N VAL F 60 -10.35 -62.83 20.58
CA VAL F 60 -9.76 -62.12 21.71
C VAL F 60 -10.75 -61.89 22.86
N GLY F 61 -10.30 -62.20 24.07
CA GLY F 61 -11.12 -62.04 25.26
C GLY F 61 -12.19 -63.10 25.44
N GLU F 62 -12.05 -64.21 24.74
CA GLU F 62 -12.99 -65.31 24.88
C GLU F 62 -12.31 -66.29 25.83
N VAL F 63 -13.07 -66.86 26.76
CA VAL F 63 -12.48 -67.84 27.67
C VAL F 63 -12.44 -69.16 26.90
N VAL F 64 -11.24 -69.69 26.72
CA VAL F 64 -11.07 -70.94 26.01
C VAL F 64 -10.83 -72.08 26.99
N PRO F 65 -11.76 -73.04 27.03
CA PRO F 65 -11.66 -74.16 27.96
C PRO F 65 -10.86 -75.31 27.39
N VAL F 66 -9.95 -75.86 28.18
CA VAL F 66 -9.08 -76.92 27.71
C VAL F 66 -9.29 -78.12 28.63
N SER F 67 -9.29 -79.32 28.08
CA SER F 67 -9.46 -80.49 28.90
C SER F 67 -8.62 -81.64 28.38
N ALA F 68 -8.25 -82.53 29.29
CA ALA F 68 -7.41 -83.66 28.96
C ALA F 68 -7.53 -84.70 30.04
N ALA F 69 -7.09 -85.92 29.73
CA ALA F 69 -7.13 -86.99 30.69
C ALA F 69 -5.70 -87.35 31.06
N VAL F 70 -5.36 -87.26 32.33
CA VAL F 70 -4.02 -87.61 32.76
C VAL F 70 -4.12 -88.60 33.93
N TRP F 71 -3.38 -89.69 33.82
CA TRP F 71 -3.40 -90.75 34.82
C TRP F 71 -2.05 -91.44 34.84
N ARG F 72 -1.79 -92.20 35.90
CA ARG F 72 -0.50 -92.87 36.06
C ARG F 72 -0.76 -94.10 36.91
N GLU F 73 0.30 -94.81 37.29
CA GLU F 73 0.20 -96.06 38.01
C GLU F 73 -0.51 -95.87 39.33
N GLY F 74 -1.34 -96.86 39.64
CA GLY F 74 -1.92 -97.04 40.96
C GLY F 74 -2.72 -95.88 41.49
N HIS F 75 -2.77 -95.80 42.80
CA HIS F 75 -3.47 -94.79 43.54
C HIS F 75 -2.56 -93.62 43.90
N GLU F 76 -1.37 -93.61 43.31
CA GLU F 76 -0.45 -92.48 43.44
C GLU F 76 -1.06 -91.25 42.79
N ALA F 77 -1.13 -90.13 43.51
CA ALA F 77 -1.83 -88.95 43.01
C ALA F 77 -1.14 -88.30 41.79
N VAL F 78 -1.94 -87.64 40.96
CA VAL F 78 -1.43 -87.02 39.73
C VAL F 78 -2.05 -85.64 39.53
N ALA F 79 -1.32 -84.76 38.86
CA ALA F 79 -1.77 -83.40 38.59
C ALA F 79 -1.27 -82.99 37.22
N ALA F 80 -1.91 -81.99 36.62
CA ALA F 80 -1.52 -81.55 35.28
C ALA F 80 -1.37 -80.04 35.20
N THR F 81 -0.45 -79.59 34.34
CA THR F 81 -0.20 -78.17 34.13
C THR F 81 -0.36 -77.84 32.64
N LEU F 82 -1.20 -76.85 32.34
CA LEU F 82 -1.43 -76.41 30.97
C LEU F 82 -0.48 -75.31 30.53
N VAL F 83 0.26 -75.57 29.46
CA VAL F 83 1.31 -74.65 29.00
C VAL F 83 0.91 -73.91 27.71
N VAL F 84 0.73 -72.59 27.82
CA VAL F 84 0.33 -71.80 26.65
C VAL F 84 1.48 -70.89 26.18
N ARG F 85 1.66 -70.81 24.87
CA ARG F 85 2.69 -69.96 24.27
C ARG F 85 2.08 -69.21 23.10
N TYR F 86 2.43 -67.94 22.92
CA TYR F 86 1.98 -67.17 21.77
C TYR F 86 3.06 -67.00 20.71
N LEU F 87 2.82 -67.55 19.53
CA LEU F 87 3.79 -67.46 18.43
C LEU F 87 3.57 -66.19 17.62
N GLY F 88 4.02 -66.17 16.37
CA GLY F 88 3.97 -64.98 15.54
C GLY F 88 2.57 -64.74 15.01
N VAL F 89 2.47 -64.19 13.81
CA VAL F 89 1.19 -64.17 13.12
C VAL F 89 1.24 -65.47 12.31
N ARG F 90 1.63 -65.44 11.04
CA ARG F 90 1.77 -66.69 10.27
C ARG F 90 0.46 -67.53 10.29
N TYR F 91 0.39 -68.65 9.59
CA TYR F 91 -0.83 -69.45 9.66
C TYR F 91 -0.66 -70.96 9.45
N PRO F 92 -0.02 -71.39 8.34
CA PRO F 92 0.04 -72.86 8.18
C PRO F 92 1.15 -73.50 9.01
N LYS F 114 9.53 -67.48 28.37
CA LYS F 114 8.70 -67.28 27.18
C LYS F 114 7.34 -67.98 27.22
N PRO F 115 7.18 -69.07 28.02
CA PRO F 115 5.80 -69.56 28.07
C PRO F 115 5.00 -69.09 29.29
N LEU F 116 3.68 -69.27 29.18
CA LEU F 116 2.72 -68.96 30.22
C LEU F 116 2.15 -70.25 30.81
N LEU F 117 2.24 -70.41 32.13
CA LEU F 117 1.80 -71.66 32.77
C LEU F 117 0.53 -71.50 33.61
N ILE F 118 -0.46 -72.34 33.32
CA ILE F 118 -1.75 -72.36 34.02
C ILE F 118 -2.04 -73.73 34.62
N PRO F 119 -2.28 -73.76 35.93
CA PRO F 119 -2.57 -75.06 36.57
C PRO F 119 -3.97 -75.54 36.24
N MET F 120 -4.13 -76.86 36.12
CA MET F 120 -5.40 -77.46 35.72
C MET F 120 -5.98 -78.19 36.91
N THR F 121 -7.30 -78.30 36.97
CA THR F 121 -7.90 -78.88 38.16
C THR F 121 -8.74 -80.12 37.85
N SER F 122 -8.62 -81.14 38.69
CA SER F 122 -9.43 -82.35 38.56
C SER F 122 -10.86 -81.98 38.93
N GLY F 123 -11.83 -82.80 38.54
CA GLY F 123 -13.19 -82.41 38.83
C GLY F 123 -14.05 -83.62 39.09
N GLN F 124 -15.26 -83.59 38.56
CA GLN F 124 -16.25 -84.63 38.80
C GLN F 124 -15.78 -85.97 38.26
N GLU F 125 -15.52 -86.00 36.96
CA GLU F 125 -15.06 -87.20 36.29
C GLU F 125 -13.57 -87.37 36.64
N PRO F 126 -13.20 -88.54 37.20
CA PRO F 126 -11.81 -88.83 37.61
C PRO F 126 -10.78 -88.77 36.48
N PHE F 127 -9.61 -88.21 36.77
CA PHE F 127 -8.49 -88.20 35.82
C PHE F 127 -8.68 -87.25 34.65
N VAL F 128 -9.81 -86.54 34.61
CA VAL F 128 -10.04 -85.58 33.54
C VAL F 128 -9.76 -84.19 34.10
N PHE F 129 -8.88 -83.44 33.43
CA PHE F 129 -8.47 -82.16 33.97
C PHE F 129 -8.91 -80.99 33.10
N HIS F 130 -9.28 -79.91 33.77
CA HIS F 130 -9.82 -78.75 33.09
C HIS F 130 -8.97 -77.52 33.37
N GLY F 131 -8.90 -76.66 32.36
CA GLY F 131 -8.10 -75.46 32.41
C GLY F 131 -8.74 -74.47 31.45
N GLN F 132 -8.24 -73.23 31.48
CA GLN F 132 -8.78 -72.18 30.63
C GLN F 132 -7.68 -71.16 30.45
N PHE F 133 -7.74 -70.42 29.34
CA PHE F 133 -6.84 -69.28 29.14
C PHE F 133 -7.54 -68.24 28.27
N THR F 134 -7.22 -66.97 28.48
CA THR F 134 -7.85 -65.91 27.70
C THR F 134 -6.79 -65.13 26.91
N PRO F 135 -6.77 -65.33 25.59
CA PRO F 135 -5.80 -64.75 24.64
C PRO F 135 -5.94 -63.24 24.57
N ASP F 136 -4.85 -62.48 24.64
CA ASP F 136 -4.99 -61.03 24.63
C ASP F 136 -4.44 -60.35 23.38
N ARG F 137 -3.85 -61.12 22.47
CA ARG F 137 -3.35 -60.55 21.22
C ARG F 137 -3.73 -61.44 20.03
N VAL F 138 -3.95 -60.81 18.87
CA VAL F 138 -4.25 -61.51 17.62
C VAL F 138 -3.05 -62.35 17.11
N GLY F 139 -3.35 -63.48 16.50
CA GLY F 139 -2.30 -64.34 15.95
C GLY F 139 -2.52 -65.82 16.19
N LEU F 140 -1.48 -66.61 16.00
CA LEU F 140 -1.59 -68.06 16.15
C LEU F 140 -1.03 -68.48 17.50
N TRP F 141 -1.85 -69.15 18.30
CA TRP F 141 -1.41 -69.57 19.61
C TRP F 141 -1.22 -71.07 19.66
N THR F 142 -0.42 -71.52 20.63
CA THR F 142 -0.16 -72.93 20.80
C THR F 142 -0.37 -73.26 22.27
N PHE F 143 -0.87 -74.45 22.54
CA PHE F 143 -0.99 -74.93 23.90
C PHE F 143 -0.69 -76.41 23.92
N ARG F 144 -0.27 -76.92 25.08
CA ARG F 144 -0.05 -78.34 25.26
C ARG F 144 -0.25 -78.66 26.71
N VAL F 145 -0.52 -79.92 27.03
CA VAL F 145 -0.68 -80.27 28.44
C VAL F 145 0.50 -81.09 28.91
N ASP F 146 1.10 -80.68 30.02
CA ASP F 146 2.22 -81.42 30.58
C ASP F 146 1.69 -82.15 31.80
N GLY F 147 2.05 -83.42 31.94
CA GLY F 147 1.54 -84.20 33.05
C GLY F 147 2.63 -84.63 34.00
N TRP F 148 2.32 -84.62 35.29
CA TRP F 148 3.29 -85.00 36.32
C TRP F 148 2.58 -85.58 37.53
N GLY F 149 3.31 -86.29 38.38
CA GLY F 149 2.76 -86.79 39.62
C GLY F 149 3.31 -86.01 40.79
N ASP F 150 2.43 -85.48 41.63
CA ASP F 150 2.89 -84.75 42.81
C ASP F 150 2.84 -85.63 44.06
N PRO F 151 4.02 -86.07 44.52
CA PRO F 151 4.14 -87.02 45.63
C PRO F 151 3.55 -86.42 46.88
N ILE F 152 3.64 -85.10 46.97
CA ILE F 152 3.16 -84.37 48.15
C ILE F 152 1.69 -84.69 48.36
N HIS F 153 0.91 -84.58 47.28
CA HIS F 153 -0.54 -84.80 47.29
C HIS F 153 -0.84 -86.24 47.74
N THR F 154 -0.05 -87.19 47.22
CA THR F 154 -0.21 -88.61 47.55
C THR F 154 -0.08 -88.69 49.05
N TRP F 155 1.00 -88.09 49.55
CA TRP F 155 1.41 -88.12 50.94
C TRP F 155 0.35 -87.45 51.82
N ARG F 156 -0.19 -86.31 51.37
CA ARG F 156 -1.16 -85.57 52.17
C ARG F 156 -2.33 -86.48 52.38
N HIS F 157 -2.89 -86.95 51.27
CA HIS F 157 -4.11 -87.74 51.30
C HIS F 157 -3.97 -89.02 52.10
N GLY F 158 -2.80 -89.63 52.00
CA GLY F 158 -2.52 -90.83 52.76
C GLY F 158 -2.45 -90.66 54.26
N LEU F 159 -1.83 -89.56 54.72
CA LEU F 159 -1.73 -89.33 56.15
C LEU F 159 -3.07 -89.05 56.86
N ILE F 160 -3.95 -88.23 56.27
CA ILE F 160 -5.24 -87.93 56.92
C ILE F 160 -6.11 -89.19 57.11
N ALA F 161 -6.12 -90.07 56.11
CA ALA F 161 -6.85 -91.33 56.18
C ALA F 161 -6.28 -92.24 57.26
N LYS F 162 -4.95 -92.31 57.28
CA LYS F 162 -4.16 -93.09 58.24
C LYS F 162 -4.25 -92.45 59.64
N LEU F 163 -4.51 -91.14 59.68
CA LEU F 163 -4.52 -90.34 60.90
C LEU F 163 -5.57 -90.89 61.89
N ASP F 164 -6.65 -91.49 61.39
CA ASP F 164 -7.68 -92.04 62.26
C ASP F 164 -7.04 -93.20 63.07
N ALA F 165 -6.05 -93.89 62.49
CA ALA F 165 -5.37 -95.00 63.17
C ALA F 165 -4.50 -94.45 64.30
N GLY F 166 -3.81 -93.35 64.05
CA GLY F 166 -2.99 -92.67 65.06
C GLY F 166 -2.09 -93.55 65.90
N GLU F 171 4.39 -94.22 66.17
CA GLU F 171 4.31 -95.66 66.00
C GLU F 171 4.22 -95.88 64.49
N LEU F 172 3.38 -95.06 63.90
CA LEU F 172 3.19 -94.94 62.46
C LEU F 172 4.21 -93.97 61.89
N SER F 173 5.20 -93.61 62.72
CA SER F 173 6.28 -92.70 62.34
C SER F 173 7.01 -92.91 61.00
N ASN F 174 6.97 -94.10 60.44
CA ASN F 174 7.76 -94.38 59.25
C ASN F 174 7.40 -93.46 58.07
N ASP F 175 6.10 -93.36 57.80
CA ASP F 175 5.52 -92.61 56.67
C ASP F 175 5.75 -91.08 56.72
N LEU F 176 5.72 -90.49 57.92
CA LEU F 176 5.87 -89.04 58.10
C LEU F 176 7.22 -88.58 57.58
N LEU F 177 8.26 -89.33 57.89
CA LEU F 177 9.59 -89.00 57.41
C LEU F 177 9.66 -89.00 55.88
N VAL F 178 8.96 -89.92 55.20
CA VAL F 178 9.01 -89.92 53.73
C VAL F 178 8.42 -88.58 53.23
N GLY F 179 7.35 -88.11 53.89
CA GLY F 179 6.74 -86.82 53.59
C GLY F 179 7.82 -85.79 53.87
N ALA F 180 8.44 -85.99 55.01
CA ALA F 180 9.44 -85.09 55.55
C ALA F 180 10.64 -84.88 54.62
N VAL F 181 10.96 -85.88 53.79
CA VAL F 181 12.11 -85.85 52.86
C VAL F 181 11.68 -85.16 51.56
N LEU F 182 10.38 -84.99 51.42
CA LEU F 182 9.75 -84.37 50.25
C LEU F 182 9.95 -82.87 50.31
N LEU F 183 9.52 -82.22 51.38
CA LEU F 183 9.57 -80.77 51.43
C LEU F 183 11.00 -80.26 51.20
N GLU F 184 12.02 -80.97 51.67
CA GLU F 184 13.41 -80.60 51.39
C GLU F 184 13.74 -80.63 49.90
N ARG F 185 13.41 -81.74 49.25
CA ARG F 185 13.63 -81.86 47.81
C ARG F 185 12.75 -80.84 47.07
N ALA F 186 11.57 -80.60 47.64
CA ALA F 186 10.62 -79.59 47.19
C ALA F 186 11.22 -78.20 47.35
N ALA F 187 11.96 -78.06 48.44
CA ALA F 187 12.53 -76.79 48.84
C ALA F 187 13.53 -76.22 47.84
N THR F 188 14.29 -77.08 47.19
CA THR F 188 15.33 -76.61 46.27
C THR F 188 14.80 -75.75 45.12
N GLY F 189 13.59 -76.04 44.65
CA GLY F 189 12.96 -75.28 43.59
C GLY F 189 12.46 -73.88 43.89
N VAL F 190 12.17 -73.62 45.16
CA VAL F 190 11.71 -72.31 45.61
C VAL F 190 12.85 -71.45 46.18
N PRO F 191 12.74 -70.11 46.05
CA PRO F 191 13.90 -69.27 46.38
C PRO F 191 14.13 -69.14 47.88
N ARG F 192 15.41 -69.04 48.26
CA ARG F 192 15.89 -68.89 49.64
C ARG F 192 15.27 -67.76 50.46
N GLY F 193 14.79 -66.72 49.79
CA GLY F 193 14.19 -65.56 50.43
C GLY F 193 12.92 -65.87 51.23
N LEU F 194 11.98 -66.49 50.54
CA LEU F 194 10.65 -66.89 51.01
C LEU F 194 10.63 -68.35 51.45
N ARG F 195 11.76 -69.03 51.34
CA ARG F 195 11.77 -70.45 51.64
C ARG F 195 11.81 -70.85 53.14
N ASP F 196 11.65 -69.93 54.06
CA ASP F 196 12.12 -70.28 55.40
C ASP F 196 11.00 -71.15 56.10
N PRO F 197 9.67 -70.87 55.90
CA PRO F 197 8.70 -71.67 56.68
C PRO F 197 8.56 -73.16 56.31
N LEU F 198 8.98 -73.57 55.12
CA LEU F 198 8.91 -74.99 54.81
C LEU F 198 9.93 -75.75 55.66
N LEU F 199 11.18 -75.29 55.66
CA LEU F 199 12.22 -75.94 56.45
C LEU F 199 11.82 -75.86 57.91
N ALA F 200 11.08 -74.81 58.26
CA ALA F 200 10.48 -74.69 59.58
C ALA F 200 9.46 -75.80 59.74
N ALA F 201 8.66 -76.00 58.69
CA ALA F 201 7.68 -77.07 58.69
C ALA F 201 8.50 -78.37 58.63
N ALA F 202 9.59 -78.32 57.89
CA ALA F 202 10.45 -79.49 57.73
C ALA F 202 11.17 -79.77 59.03
N ALA F 203 11.34 -78.76 59.87
CA ALA F 203 12.02 -79.01 61.13
C ALA F 203 10.97 -79.12 62.23
N ALA F 204 9.70 -79.25 61.81
CA ALA F 204 8.61 -79.53 62.75
C ALA F 204 8.91 -80.82 63.50
N LEU F 205 8.76 -81.98 62.87
CA LEU F 205 9.03 -83.16 63.68
C LEU F 205 10.03 -84.28 63.31
N ARG F 206 11.32 -83.97 63.25
CA ARG F 206 12.31 -85.05 63.09
C ARG F 206 12.20 -85.48 64.53
N THR F 207 12.14 -84.45 65.37
CA THR F 207 11.95 -84.57 66.80
C THR F 207 10.59 -85.24 67.06
N PRO F 208 10.60 -86.31 67.86
CA PRO F 208 9.47 -87.13 68.28
C PRO F 208 8.40 -86.35 69.03
N GLY F 209 7.16 -86.84 68.95
CA GLY F 209 6.08 -86.22 69.66
C GLY F 209 4.74 -86.61 69.09
N ASP F 210 3.72 -85.83 69.42
CA ASP F 210 2.39 -86.06 68.87
C ASP F 210 2.29 -85.83 67.36
N PRO F 211 1.33 -86.50 66.69
CA PRO F 211 1.01 -86.35 65.28
C PRO F 211 0.43 -84.97 64.97
N VAL F 212 -0.55 -84.55 65.77
CA VAL F 212 -1.29 -83.32 65.53
C VAL F 212 -0.30 -82.16 65.66
N THR F 213 0.77 -82.40 66.42
CA THR F 213 1.89 -81.46 66.59
C THR F 213 2.48 -81.28 65.19
N ARG F 214 2.55 -82.38 64.46
CA ARG F 214 3.20 -82.42 63.16
C ARG F 214 2.26 -81.83 62.10
N THR F 215 1.01 -82.30 62.09
CA THR F 215 -0.02 -81.72 61.20
C THR F 215 -0.43 -80.27 61.56
N ALA F 216 0.55 -79.58 62.15
CA ALA F 216 0.51 -78.18 62.52
C ALA F 216 1.03 -77.49 61.25
N LEU F 217 1.73 -78.34 60.49
CA LEU F 217 2.43 -78.03 59.25
C LEU F 217 1.68 -78.40 57.99
N ALA F 218 0.54 -79.04 58.18
CA ALA F 218 -0.31 -79.42 57.07
C ALA F 218 -1.43 -78.41 56.98
N LEU F 219 -1.97 -78.05 58.14
CA LEU F 219 -3.14 -77.20 58.16
C LEU F 219 -2.89 -75.74 57.83
N THR F 220 -1.64 -75.30 57.79
CA THR F 220 -1.40 -73.91 57.42
C THR F 220 -1.72 -73.54 55.94
N PRO F 221 -2.61 -72.54 55.71
CA PRO F 221 -2.77 -72.21 54.28
C PRO F 221 -1.61 -71.59 53.48
N GLU F 222 -0.45 -71.22 54.07
CA GLU F 222 0.60 -70.64 53.22
C GLU F 222 1.54 -71.62 52.54
N ILE F 223 1.63 -72.85 53.01
CA ILE F 223 2.53 -73.79 52.37
C ILE F 223 1.69 -74.55 51.36
N GLU F 224 0.39 -74.34 51.42
CA GLU F 224 -0.48 -74.94 50.44
C GLU F 224 -0.32 -74.00 49.24
N GLU F 225 -0.51 -72.71 49.53
CA GLU F 225 -0.44 -71.63 48.52
C GLU F 225 0.93 -71.43 47.87
N LEU F 226 2.00 -71.55 48.66
CA LEU F 226 3.35 -71.36 48.13
C LEU F 226 3.68 -72.51 47.16
N LEU F 227 3.30 -73.72 47.54
CA LEU F 227 3.53 -74.87 46.69
C LEU F 227 2.68 -74.76 45.43
N ALA F 228 1.49 -74.17 45.53
CA ALA F 228 0.70 -73.95 44.35
C ALA F 228 1.50 -73.06 43.39
N ASP F 229 2.11 -72.02 43.94
CA ASP F 229 2.92 -71.06 43.18
C ASP F 229 4.19 -71.72 42.61
N TYR F 230 4.88 -72.48 43.45
CA TYR F 230 6.04 -73.25 43.01
C TYR F 230 5.81 -74.68 43.47
N PRO F 231 5.58 -75.57 42.50
CA PRO F 231 5.18 -76.95 42.81
C PRO F 231 6.31 -77.96 42.72
N LEU F 232 6.16 -79.08 43.42
CA LEU F 232 7.13 -80.15 43.33
C LEU F 232 6.66 -81.15 42.30
N ARG F 233 7.31 -81.16 41.14
CA ARG F 233 6.81 -82.00 40.07
C ARG F 233 7.79 -83.15 39.87
N ASP F 234 7.26 -84.36 39.78
CA ASP F 234 8.10 -85.52 39.53
C ASP F 234 7.69 -86.17 38.22
N LEU F 235 8.65 -86.78 37.51
CA LEU F 235 8.36 -87.59 36.32
C LEU F 235 7.60 -86.79 35.27
N VAL F 236 7.91 -85.51 35.13
CA VAL F 236 7.20 -84.63 34.21
C VAL F 236 7.18 -85.08 32.74
N THR F 237 6.00 -85.08 32.13
CA THR F 237 5.88 -85.53 30.75
C THR F 237 5.10 -84.56 29.88
N ARG F 238 5.63 -84.28 28.69
CA ARG F 238 5.05 -83.26 27.83
C ARG F 238 4.07 -83.89 26.83
N GLY F 239 2.91 -83.24 26.72
CA GLY F 239 1.85 -83.65 25.82
C GLY F 239 2.04 -83.13 24.41
N GLU F 240 1.19 -83.58 23.50
CA GLU F 240 1.28 -83.15 22.11
C GLU F 240 0.87 -81.67 22.07
N GLN F 241 1.31 -80.95 21.03
CA GLN F 241 1.00 -79.52 20.88
C GLN F 241 -0.05 -79.19 19.83
N PHE F 242 -1.05 -78.40 20.21
CA PHE F 242 -2.11 -78.06 19.27
C PHE F 242 -2.20 -76.54 19.14
N GLY F 243 -2.87 -76.06 18.11
CA GLY F 243 -2.84 -74.63 17.87
C GLY F 243 -4.21 -74.01 17.83
N VAL F 244 -4.27 -72.75 18.22
CA VAL F 244 -5.51 -71.98 18.21
C VAL F 244 -5.28 -70.70 17.43
N TRP F 245 -6.21 -70.38 16.55
CA TRP F 245 -6.08 -69.13 15.83
C TRP F 245 -7.08 -68.11 16.33
N VAL F 246 -6.55 -67.05 16.92
CA VAL F 246 -7.39 -66.00 17.51
C VAL F 246 -7.62 -64.86 16.52
N ASP F 247 -8.87 -64.46 16.37
CA ASP F 247 -9.21 -63.38 15.45
C ASP F 247 -9.72 -62.20 16.27
N ARG F 248 -9.92 -61.05 15.63
CA ARG F 248 -10.52 -59.92 16.31
C ARG F 248 -11.97 -60.26 16.71
N PRO F 249 -12.51 -59.58 17.73
CA PRO F 249 -13.81 -59.99 18.28
C PRO F 249 -14.95 -59.96 17.26
N LEU F 250 -14.80 -59.20 16.18
CA LEU F 250 -15.87 -59.08 15.20
C LEU F 250 -16.07 -60.41 14.47
N ALA F 251 -15.08 -61.29 14.58
CA ALA F 251 -15.14 -62.61 13.97
C ALA F 251 -16.27 -63.42 14.61
N ARG F 252 -16.54 -63.12 15.88
CA ARG F 252 -17.59 -63.83 16.61
C ARG F 252 -18.85 -62.99 16.83
N PHE F 253 -18.65 -61.76 17.28
CA PHE F 253 -19.78 -60.93 17.66
C PHE F 253 -19.91 -59.68 16.80
N GLY F 254 -20.94 -59.66 15.95
CA GLY F 254 -21.27 -58.49 15.17
C GLY F 254 -22.58 -58.73 14.44
N ALA F 255 -23.26 -57.67 14.04
CA ALA F 255 -24.54 -57.82 13.34
C ALA F 255 -24.43 -57.29 11.92
N TRP F 256 -25.07 -57.98 10.99
CA TRP F 256 -24.93 -57.66 9.56
C TRP F 256 -26.17 -57.02 8.94
N TYR F 257 -25.95 -56.07 8.04
CA TYR F 257 -27.05 -55.50 7.26
C TYR F 257 -26.69 -55.57 5.78
N GLU F 258 -27.57 -56.18 5.00
CA GLU F 258 -27.32 -56.35 3.57
C GLU F 258 -28.17 -55.32 2.86
N MET F 259 -27.52 -54.43 2.13
CA MET F 259 -28.22 -53.37 1.44
C MET F 259 -27.70 -53.25 0.02
N PHE F 260 -28.55 -52.76 -0.87
CA PHE F 260 -28.18 -52.53 -2.25
C PHE F 260 -27.85 -51.06 -2.48
N PRO F 261 -26.58 -50.76 -2.79
CA PRO F 261 -26.08 -49.40 -2.97
C PRO F 261 -26.96 -48.75 -4.02
N ARG F 262 -27.25 -49.57 -5.02
CA ARG F 262 -28.05 -49.20 -6.17
C ARG F 262 -29.47 -48.78 -5.79
N SER F 263 -30.01 -49.36 -4.72
CA SER F 263 -31.38 -49.06 -4.29
C SER F 263 -31.56 -47.71 -3.60
N THR F 264 -30.44 -46.99 -3.40
CA THR F 264 -30.48 -45.70 -2.74
C THR F 264 -30.74 -44.55 -3.72
N GLY F 265 -31.49 -44.84 -4.79
CA GLY F 265 -31.68 -43.83 -5.80
C GLY F 265 -32.77 -42.83 -5.49
N GLY F 266 -33.92 -43.31 -5.00
CA GLY F 266 -34.86 -42.36 -4.45
C GLY F 266 -35.81 -41.71 -5.44
N TRP F 267 -36.08 -42.35 -6.58
CA TRP F 267 -37.13 -41.88 -7.48
C TRP F 267 -36.69 -40.58 -8.20
N ASP F 268 -37.44 -40.21 -9.23
CA ASP F 268 -37.17 -39.01 -10.01
C ASP F 268 -38.40 -38.14 -9.88
N ASP F 269 -38.48 -37.09 -10.69
CA ASP F 269 -39.62 -36.18 -10.58
C ASP F 269 -40.90 -36.95 -10.90
N ASP F 270 -40.80 -37.89 -11.84
CA ASP F 270 -41.83 -38.90 -12.06
C ASP F 270 -41.72 -40.05 -11.06
N GLY F 271 -42.47 -41.11 -11.29
CA GLY F 271 -42.52 -42.24 -10.37
C GLY F 271 -41.30 -43.15 -10.45
N ASN F 272 -40.68 -43.17 -11.63
CA ASN F 272 -39.56 -44.07 -11.93
C ASN F 272 -38.37 -44.15 -10.96
N PRO F 273 -38.01 -45.38 -10.56
CA PRO F 273 -36.89 -45.63 -9.64
C PRO F 273 -35.60 -45.02 -10.19
N VAL F 274 -34.66 -44.61 -9.35
CA VAL F 274 -33.41 -44.05 -9.87
C VAL F 274 -32.18 -44.83 -9.42
N HIS F 275 -31.22 -45.04 -10.33
CA HIS F 275 -29.99 -45.74 -9.98
C HIS F 275 -29.24 -44.93 -8.95
N GLY F 276 -28.72 -45.60 -7.92
CA GLY F 276 -28.01 -44.87 -6.89
C GLY F 276 -26.52 -44.78 -7.13
N THR F 277 -25.83 -44.14 -6.20
CA THR F 277 -24.37 -43.98 -6.23
C THR F 277 -23.87 -44.18 -4.81
N PHE F 278 -22.57 -44.32 -4.63
CA PHE F 278 -21.98 -44.47 -3.31
C PHE F 278 -22.38 -43.28 -2.44
N ALA F 279 -22.47 -42.12 -3.09
CA ALA F 279 -22.86 -40.88 -2.45
C ALA F 279 -24.26 -40.97 -1.87
N THR F 280 -25.21 -41.43 -2.67
CA THR F 280 -26.59 -41.56 -2.24
C THR F 280 -26.68 -42.67 -1.19
N ALA F 281 -25.86 -43.71 -1.39
CA ALA F 281 -25.85 -44.83 -0.46
C ALA F 281 -25.40 -44.39 0.93
N ALA F 282 -24.38 -43.55 0.97
CA ALA F 282 -23.85 -43.06 2.24
C ALA F 282 -24.90 -42.28 3.05
N ALA F 283 -25.89 -41.68 2.40
CA ALA F 283 -26.94 -40.95 3.12
C ALA F 283 -27.80 -41.87 3.98
N GLU F 284 -27.89 -43.15 3.61
CA GLU F 284 -28.73 -44.08 4.36
C GLU F 284 -27.89 -44.79 5.43
N LEU F 285 -26.59 -44.52 5.41
CA LEU F 285 -25.65 -45.15 6.35
C LEU F 285 -25.82 -44.79 7.86
N PRO F 286 -26.23 -43.54 8.19
CA PRO F 286 -26.42 -43.25 9.63
C PRO F 286 -27.51 -44.18 10.16
N ARG F 287 -28.61 -44.25 9.42
CA ARG F 287 -29.77 -45.00 9.82
C ARG F 287 -29.47 -46.47 10.12
N ILE F 288 -28.57 -47.06 9.33
CA ILE F 288 -28.16 -48.45 9.51
C ILE F 288 -27.45 -48.56 10.85
N ALA F 289 -26.52 -47.63 11.06
CA ALA F 289 -25.76 -47.58 12.30
C ALA F 289 -26.75 -47.37 13.47
N GLY F 290 -27.80 -46.60 13.19
CA GLY F 290 -28.81 -46.28 14.17
C GLY F 290 -29.47 -47.51 14.75
N MET F 291 -29.58 -48.56 13.94
CA MET F 291 -30.17 -49.81 14.40
C MET F 291 -29.19 -50.70 15.17
N GLY F 292 -27.92 -50.30 15.28
CA GLY F 292 -27.01 -51.07 16.11
C GLY F 292 -26.19 -52.14 15.41
N PHE F 293 -26.25 -52.15 14.08
CA PHE F 293 -25.48 -53.11 13.28
C PHE F 293 -24.01 -52.73 13.25
N ASP F 294 -23.16 -53.74 13.34
CA ASP F 294 -21.72 -53.48 13.35
C ASP F 294 -21.09 -53.65 11.97
N VAL F 295 -21.78 -54.32 11.06
CA VAL F 295 -21.23 -54.60 9.72
C VAL F 295 -22.25 -54.36 8.61
N VAL F 296 -21.83 -53.68 7.55
CA VAL F 296 -22.69 -53.45 6.40
C VAL F 296 -22.19 -54.26 5.21
N TYR F 297 -23.04 -55.14 4.70
CA TYR F 297 -22.65 -56.03 3.63
C TYR F 297 -23.23 -55.58 2.29
N LEU F 298 -22.36 -55.47 1.29
CA LEU F 298 -22.72 -54.97 -0.02
C LEU F 298 -22.57 -56.07 -1.06
N PRO F 299 -23.64 -56.32 -1.84
CA PRO F 299 -23.58 -57.20 -3.00
C PRO F 299 -22.51 -56.69 -3.95
N PRO F 300 -22.04 -57.52 -4.88
CA PRO F 300 -20.85 -57.11 -5.65
C PRO F 300 -21.02 -55.73 -6.26
N ILE F 301 -19.97 -54.90 -6.17
CA ILE F 301 -20.03 -53.54 -6.66
C ILE F 301 -19.44 -53.41 -8.07
N HIS F 302 -19.23 -54.52 -8.74
CA HIS F 302 -18.58 -54.49 -10.04
C HIS F 302 -19.55 -54.29 -11.20
N PRO F 303 -19.02 -53.94 -12.38
CA PRO F 303 -19.85 -53.79 -13.59
C PRO F 303 -20.60 -55.06 -13.98
N ILE F 304 -21.84 -54.93 -14.43
CA ILE F 304 -22.65 -56.08 -14.79
C ILE F 304 -22.60 -56.31 -16.30
N GLY F 305 -22.44 -57.57 -16.69
CA GLY F 305 -22.34 -57.95 -18.09
C GLY F 305 -23.58 -57.50 -18.83
N LYS F 306 -23.40 -57.18 -20.11
CA LYS F 306 -24.48 -56.72 -20.95
C LYS F 306 -25.12 -57.81 -21.81
N VAL F 307 -24.47 -58.98 -21.92
CA VAL F 307 -25.06 -60.03 -22.74
C VAL F 307 -25.79 -61.06 -21.90
N HIS F 308 -27.02 -61.33 -22.32
CA HIS F 308 -27.91 -62.29 -21.67
C HIS F 308 -28.23 -61.79 -20.27
N ARG F 309 -28.03 -60.49 -20.08
CA ARG F 309 -28.29 -59.81 -18.82
C ARG F 309 -29.75 -60.09 -18.50
N LYS F 310 -30.06 -60.35 -17.23
CA LYS F 310 -31.40 -60.76 -16.86
C LYS F 310 -32.35 -59.59 -16.62
N GLY F 311 -33.61 -59.81 -16.97
CA GLY F 311 -34.65 -58.81 -16.84
C GLY F 311 -35.41 -59.01 -15.55
N ARG F 312 -36.42 -58.18 -15.31
CA ARG F 312 -37.22 -58.24 -14.09
C ARG F 312 -37.82 -59.63 -13.86
N ASN F 313 -37.88 -60.07 -12.61
CA ASN F 313 -38.46 -61.38 -12.27
C ASN F 313 -37.74 -62.55 -12.90
N ASN F 314 -36.43 -62.45 -13.08
CA ASN F 314 -35.62 -63.55 -13.64
C ASN F 314 -36.01 -63.81 -15.09
N SER F 315 -36.65 -62.83 -15.71
CA SER F 315 -37.04 -62.93 -17.11
C SER F 315 -35.81 -63.08 -18.03
N PRO F 316 -35.95 -63.89 -19.09
CA PRO F 316 -34.81 -64.20 -19.96
C PRO F 316 -34.36 -62.99 -20.77
N THR F 317 -35.31 -62.13 -21.15
CA THR F 317 -34.98 -61.00 -22.00
C THR F 317 -34.97 -59.70 -21.19
N ALA F 318 -33.90 -58.94 -21.36
CA ALA F 318 -33.70 -57.70 -20.60
C ALA F 318 -34.13 -56.46 -21.37
N ALA F 319 -34.93 -55.60 -20.72
CA ALA F 319 -35.30 -54.34 -21.32
C ALA F 319 -34.02 -53.49 -21.45
N PRO F 320 -34.06 -52.39 -22.23
CA PRO F 320 -32.80 -51.66 -22.42
C PRO F 320 -32.28 -51.00 -21.14
N THR F 321 -33.23 -50.62 -20.28
CA THR F 321 -32.90 -49.90 -19.06
C THR F 321 -32.67 -50.82 -17.86
N ASP F 322 -33.07 -52.09 -17.97
CA ASP F 322 -32.94 -52.99 -16.82
C ASP F 322 -31.48 -53.12 -16.45
N VAL F 323 -31.23 -53.42 -15.18
CA VAL F 323 -29.86 -53.39 -14.64
C VAL F 323 -29.18 -54.76 -14.61
N GLY F 324 -29.96 -55.84 -14.54
CA GLY F 324 -29.35 -57.17 -14.52
C GLY F 324 -28.80 -57.50 -13.14
N SER F 325 -28.46 -58.76 -12.88
CA SER F 325 -28.06 -59.11 -11.52
C SER F 325 -26.60 -58.82 -11.29
N PRO F 326 -26.31 -58.16 -10.16
CA PRO F 326 -24.94 -57.75 -9.80
C PRO F 326 -23.95 -58.90 -9.75
N TRP F 327 -24.42 -60.13 -9.56
CA TRP F 327 -23.53 -61.29 -9.46
C TRP F 327 -23.04 -61.77 -10.83
N ALA F 328 -23.60 -61.18 -11.89
CA ALA F 328 -23.10 -61.39 -13.24
C ALA F 328 -21.90 -60.47 -13.47
N ILE F 329 -20.82 -60.74 -12.74
CA ILE F 329 -19.67 -59.83 -12.67
C ILE F 329 -18.92 -59.67 -13.98
N GLY F 330 -18.50 -58.45 -14.26
CA GLY F 330 -17.60 -58.20 -15.37
C GLY F 330 -18.29 -57.68 -16.61
N SER F 331 -17.64 -56.72 -17.25
CA SER F 331 -18.13 -56.16 -18.50
C SER F 331 -16.96 -55.45 -19.17
N ASP F 332 -17.17 -55.00 -20.41
CA ASP F 332 -16.16 -54.26 -21.16
C ASP F 332 -15.64 -53.03 -20.43
N GLU F 333 -16.46 -52.52 -19.52
CA GLU F 333 -16.10 -51.39 -18.67
C GLU F 333 -14.99 -51.76 -17.71
N GLY F 334 -15.12 -52.96 -17.14
CA GLY F 334 -14.16 -53.48 -16.17
C GLY F 334 -14.44 -54.86 -15.60
N GLY F 335 -13.48 -55.36 -14.82
CA GLY F 335 -13.56 -56.66 -14.16
C GLY F 335 -13.67 -56.55 -12.64
N HIS F 336 -13.16 -57.56 -11.94
CA HIS F 336 -13.22 -57.60 -10.47
C HIS F 336 -12.43 -56.49 -9.79
N ASP F 337 -11.53 -55.84 -10.52
CA ASP F 337 -10.69 -54.80 -9.92
C ASP F 337 -11.25 -53.40 -10.13
N THR F 338 -12.38 -53.30 -10.81
CA THR F 338 -12.93 -51.98 -11.11
C THR F 338 -14.33 -51.76 -10.51
N VAL F 339 -14.57 -50.56 -10.01
CA VAL F 339 -15.88 -50.19 -9.50
C VAL F 339 -16.83 -49.98 -10.68
N HIS F 340 -18.07 -50.47 -10.56
CA HIS F 340 -19.07 -50.23 -11.58
C HIS F 340 -19.26 -48.71 -11.68
N PRO F 341 -19.07 -48.14 -12.87
CA PRO F 341 -18.97 -46.68 -13.07
C PRO F 341 -20.20 -45.89 -12.62
N SER F 342 -21.39 -46.46 -12.75
CA SER F 342 -22.62 -45.76 -12.34
C SER F 342 -22.63 -45.44 -10.84
N LEU F 343 -21.90 -46.23 -10.06
CA LEU F 343 -21.77 -45.95 -8.64
C LEU F 343 -20.81 -44.80 -8.42
N GLY F 344 -19.74 -44.78 -9.21
CA GLY F 344 -18.76 -43.71 -9.13
C GLY F 344 -17.35 -44.21 -9.38
N THR F 345 -16.40 -43.30 -9.26
CA THR F 345 -14.98 -43.65 -9.37
C THR F 345 -14.63 -44.44 -8.12
N ILE F 346 -13.48 -45.11 -8.17
CA ILE F 346 -13.02 -45.93 -7.07
C ILE F 346 -12.75 -45.04 -5.87
N ASP F 347 -12.51 -43.74 -6.09
CA ASP F 347 -12.29 -42.79 -5.00
C ASP F 347 -13.57 -42.65 -4.15
N ASP F 348 -14.72 -42.70 -4.81
CA ASP F 348 -16.00 -42.62 -4.10
C ASP F 348 -16.18 -43.71 -3.06
N PHE F 349 -15.74 -44.93 -3.41
CA PHE F 349 -15.81 -46.07 -2.49
C PHE F 349 -15.00 -45.89 -1.20
N ASP F 350 -13.72 -45.52 -1.27
CA ASP F 350 -12.90 -45.33 -0.06
C ASP F 350 -13.60 -44.31 0.83
N ASP F 351 -14.26 -43.34 0.19
CA ASP F 351 -15.01 -42.31 0.90
C ASP F 351 -16.23 -42.97 1.55
N PHE F 352 -16.86 -43.91 0.84
CA PHE F 352 -18.01 -44.63 1.37
C PHE F 352 -17.55 -45.49 2.55
N VAL F 353 -16.44 -46.19 2.36
CA VAL F 353 -15.82 -47.00 3.40
C VAL F 353 -15.49 -46.14 4.62
N SER F 354 -14.85 -45.00 4.36
CA SER F 354 -14.42 -44.09 5.42
C SER F 354 -15.65 -43.57 6.15
N ALA F 355 -16.74 -43.42 5.40
CA ALA F 355 -18.00 -42.97 5.98
C ALA F 355 -18.47 -44.02 6.99
N ALA F 356 -18.43 -45.30 6.64
CA ALA F 356 -18.90 -46.33 7.58
C ALA F 356 -18.07 -46.37 8.87
N ARG F 357 -16.75 -46.37 8.74
CA ARG F 357 -15.85 -46.46 9.89
C ARG F 357 -15.99 -45.33 10.90
N ASP F 358 -16.35 -44.13 10.42
CA ASP F 358 -16.56 -43.00 11.32
C ASP F 358 -17.76 -43.32 12.23
N LEU F 359 -18.72 -44.09 11.71
CA LEU F 359 -19.94 -44.45 12.44
C LEU F 359 -19.73 -45.74 13.24
N GLY F 360 -18.52 -46.31 13.17
CA GLY F 360 -18.23 -47.54 13.88
C GLY F 360 -18.47 -48.82 13.10
N MET F 361 -18.77 -48.70 11.82
CA MET F 361 -19.08 -49.88 11.02
C MET F 361 -17.93 -50.35 10.14
N GLU F 362 -18.14 -51.52 9.52
CA GLU F 362 -17.12 -52.13 8.70
C GLU F 362 -17.81 -52.50 7.41
N VAL F 363 -17.07 -52.61 6.30
CA VAL F 363 -17.72 -52.94 5.04
C VAL F 363 -17.31 -54.33 4.58
N ALA F 364 -18.30 -55.11 4.17
CA ALA F 364 -18.06 -56.45 3.67
C ALA F 364 -18.56 -56.54 2.24
N LEU F 365 -17.68 -56.95 1.34
CA LEU F 365 -18.05 -57.01 -0.06
C LEU F 365 -18.28 -58.45 -0.46
N ASP F 366 -19.19 -58.68 -1.38
CA ASP F 366 -19.45 -60.04 -1.84
C ASP F 366 -18.29 -60.41 -2.75
N LEU F 367 -17.68 -61.56 -2.48
CA LEU F 367 -16.60 -62.04 -3.30
C LEU F 367 -17.11 -63.27 -4.04
N ALA F 368 -17.42 -63.07 -5.32
CA ALA F 368 -17.99 -64.08 -6.16
C ALA F 368 -17.08 -64.41 -7.32
N LEU F 369 -16.50 -65.61 -7.27
CA LEU F 369 -15.55 -66.04 -8.30
C LEU F 369 -16.31 -66.65 -9.47
N GLN F 370 -16.78 -65.75 -10.33
CA GLN F 370 -17.58 -66.06 -11.51
C GLN F 370 -17.31 -64.95 -12.52
N CYS F 371 -17.74 -65.15 -13.75
CA CYS F 371 -17.60 -64.10 -14.76
C CYS F 371 -18.81 -64.06 -15.67
N ALA F 372 -19.18 -62.85 -16.07
CA ALA F 372 -20.20 -62.61 -17.10
C ALA F 372 -19.48 -62.71 -18.44
N PRO F 373 -20.25 -62.86 -19.54
CA PRO F 373 -19.49 -63.02 -20.78
C PRO F 373 -18.62 -61.80 -21.12
N ASP F 374 -19.14 -60.60 -20.87
CA ASP F 374 -18.39 -59.41 -21.20
C ASP F 374 -17.19 -59.21 -20.28
N HIS F 375 -17.00 -60.10 -19.32
CA HIS F 375 -15.89 -60.02 -18.39
C HIS F 375 -14.57 -60.08 -19.16
N PRO F 376 -13.61 -59.21 -18.80
CA PRO F 376 -12.29 -59.17 -19.41
C PRO F 376 -11.57 -60.53 -19.47
N TRP F 377 -11.79 -61.39 -18.49
CA TRP F 377 -11.10 -62.69 -18.43
C TRP F 377 -11.50 -63.58 -19.61
N ALA F 378 -12.74 -63.38 -20.05
CA ALA F 378 -13.38 -64.10 -21.15
C ALA F 378 -12.55 -63.94 -22.41
N ARG F 379 -11.86 -62.82 -22.46
CA ARG F 379 -10.98 -62.49 -23.55
C ARG F 379 -9.52 -62.76 -23.17
N GLU F 380 -9.06 -62.12 -22.10
CA GLU F 380 -7.63 -62.14 -21.74
C GLU F 380 -6.98 -63.54 -21.46
N HIS F 381 -7.56 -64.36 -20.58
CA HIS F 381 -7.17 -65.72 -20.24
C HIS F 381 -8.29 -66.70 -20.33
N ARG F 382 -8.26 -67.54 -21.34
CA ARG F 382 -9.38 -68.43 -21.57
C ARG F 382 -8.82 -69.73 -21.02
N GLN F 383 -7.54 -69.70 -20.64
CA GLN F 383 -7.00 -70.89 -20.00
C GLN F 383 -7.79 -71.20 -18.71
N TRP F 384 -8.24 -70.11 -18.09
CA TRP F 384 -8.92 -70.13 -16.79
C TRP F 384 -10.34 -70.66 -16.86
N PHE F 385 -10.76 -71.04 -18.05
CA PHE F 385 -12.08 -71.58 -18.26
C PHE F 385 -12.20 -72.96 -18.85
N THR F 386 -13.39 -73.49 -18.71
CA THR F 386 -13.76 -74.81 -19.21
C THR F 386 -14.42 -74.80 -20.61
N GLU F 387 -13.62 -75.14 -21.61
CA GLU F 387 -13.99 -75.05 -23.03
C GLU F 387 -14.64 -76.33 -23.55
N LEU F 388 -15.78 -76.15 -24.20
CA LEU F 388 -16.61 -77.25 -24.71
C LEU F 388 -15.99 -77.88 -25.99
N PRO F 389 -16.61 -78.96 -26.52
CA PRO F 389 -16.13 -79.54 -27.78
C PRO F 389 -16.16 -78.61 -28.99
N ASP F 390 -17.21 -77.79 -29.12
CA ASP F 390 -17.33 -76.85 -30.23
C ASP F 390 -16.61 -75.53 -29.97
N GLY F 391 -15.80 -75.47 -28.91
CA GLY F 391 -14.96 -74.31 -28.66
C GLY F 391 -15.66 -73.22 -27.87
N THR F 392 -16.98 -73.34 -27.77
CA THR F 392 -17.80 -72.42 -26.97
C THR F 392 -17.55 -72.74 -25.50
N ILE F 393 -18.01 -71.88 -24.60
CA ILE F 393 -17.84 -72.18 -23.20
C ILE F 393 -19.18 -72.32 -22.48
N ALA F 394 -19.28 -73.37 -21.69
CA ALA F 394 -20.52 -73.70 -21.01
C ALA F 394 -20.94 -72.70 -19.92
N TYR F 395 -22.24 -72.39 -19.95
CA TYR F 395 -22.92 -71.50 -19.03
C TYR F 395 -22.99 -72.21 -17.70
N ALA F 396 -23.05 -71.48 -16.58
CA ALA F 396 -23.03 -72.14 -15.27
C ALA F 396 -24.23 -73.07 -15.23
N GLU F 397 -24.02 -74.23 -14.60
CA GLU F 397 -25.07 -75.22 -14.54
C GLU F 397 -25.31 -76.03 -13.28
N ASN F 398 -26.60 -76.22 -13.01
CA ASN F 398 -27.12 -77.08 -11.96
C ASN F 398 -28.23 -77.78 -12.73
N PRO F 399 -28.03 -79.06 -13.08
CA PRO F 399 -28.94 -79.71 -14.04
C PRO F 399 -30.39 -79.86 -13.56
N PRO F 400 -31.36 -79.52 -14.45
CA PRO F 400 -31.11 -79.01 -15.80
C PRO F 400 -31.08 -77.49 -15.89
N LYS F 401 -31.19 -76.82 -14.74
CA LYS F 401 -31.18 -75.35 -14.67
C LYS F 401 -29.87 -74.68 -15.10
N LYS F 402 -30.04 -73.55 -15.78
CA LYS F 402 -28.96 -72.70 -16.26
C LYS F 402 -28.96 -71.28 -15.65
N TYR F 403 -27.75 -70.89 -15.28
CA TYR F 403 -27.37 -69.65 -14.57
C TYR F 403 -26.60 -69.00 -15.68
N GLN F 404 -27.43 -68.58 -16.61
CA GLN F 404 -27.11 -68.05 -17.92
C GLN F 404 -26.26 -66.82 -18.00
N ASP F 405 -26.18 -65.98 -16.97
CA ASP F 405 -25.38 -64.80 -17.19
C ASP F 405 -23.91 -65.04 -16.94
N ILE F 406 -23.54 -66.26 -16.55
CA ILE F 406 -22.13 -66.51 -16.30
C ILE F 406 -21.58 -67.89 -16.72
N TYR F 407 -20.26 -67.98 -16.90
CA TYR F 407 -19.60 -69.25 -17.19
C TYR F 407 -18.72 -69.51 -15.98
N PRO F 408 -18.78 -70.70 -15.39
CA PRO F 408 -17.83 -70.96 -14.30
C PRO F 408 -16.41 -71.18 -14.78
N LEU F 409 -15.46 -70.75 -13.97
CA LEU F 409 -14.05 -70.93 -14.28
C LEU F 409 -13.52 -72.34 -13.94
N ASN F 410 -12.34 -72.65 -14.46
CA ASN F 410 -11.60 -73.91 -14.26
C ASN F 410 -10.24 -73.76 -13.60
N PHE F 411 -10.09 -74.32 -12.40
CA PHE F 411 -8.90 -74.11 -11.60
C PHE F 411 -7.83 -75.13 -11.95
N ASP F 412 -8.13 -76.06 -12.87
CA ASP F 412 -7.17 -77.12 -13.17
C ASP F 412 -6.33 -76.84 -14.42
N ASN F 413 -6.87 -76.17 -15.43
CA ASN F 413 -6.07 -75.86 -16.61
C ASN F 413 -4.87 -74.97 -16.26
N ASP F 414 -5.15 -73.85 -15.60
CA ASP F 414 -4.09 -72.92 -15.21
C ASP F 414 -4.25 -72.48 -13.76
N PRO F 415 -3.92 -73.35 -12.81
CA PRO F 415 -4.19 -72.98 -11.42
C PRO F 415 -3.43 -71.75 -10.87
N GLU F 416 -2.11 -71.85 -10.77
CA GLU F 416 -1.31 -70.81 -10.13
C GLU F 416 -1.33 -69.50 -10.92
N GLY F 417 -1.76 -69.60 -12.17
CA GLY F 417 -1.98 -68.45 -13.02
C GLY F 417 -3.19 -67.74 -12.43
N LEU F 418 -4.27 -68.49 -12.27
CA LEU F 418 -5.51 -67.94 -11.70
C LEU F 418 -5.39 -67.67 -10.20
N TYR F 419 -4.72 -68.57 -9.47
CA TYR F 419 -4.53 -68.40 -8.02
C TYR F 419 -3.95 -67.02 -7.71
N ASP F 420 -2.86 -66.67 -8.38
CA ASP F 420 -2.17 -65.41 -8.14
C ASP F 420 -3.01 -64.20 -8.56
N GLU F 421 -3.82 -64.37 -9.60
CA GLU F 421 -4.69 -63.28 -10.03
C GLU F 421 -5.81 -62.98 -9.04
N VAL F 422 -6.50 -64.02 -8.57
CA VAL F 422 -7.60 -63.82 -7.63
C VAL F 422 -7.05 -63.20 -6.34
N LEU F 423 -5.85 -63.65 -5.95
CA LEU F 423 -5.16 -63.10 -4.78
C LEU F 423 -4.87 -61.62 -4.99
N ARG F 424 -4.50 -61.27 -6.22
CA ARG F 424 -4.26 -59.88 -6.63
C ARG F 424 -5.54 -59.09 -6.42
N VAL F 425 -6.67 -59.65 -6.86
CA VAL F 425 -7.96 -58.96 -6.78
C VAL F 425 -8.38 -58.71 -5.34
N VAL F 426 -8.28 -59.75 -4.52
CA VAL F 426 -8.66 -59.65 -3.11
C VAL F 426 -7.77 -58.63 -2.41
N GLN F 427 -6.47 -58.65 -2.71
CA GLN F 427 -5.54 -57.74 -2.06
C GLN F 427 -5.86 -56.29 -2.42
N HIS F 428 -6.47 -56.11 -3.58
CA HIS F 428 -6.79 -54.77 -4.07
C HIS F 428 -7.78 -54.13 -3.11
N TRP F 429 -8.87 -54.82 -2.82
CA TRP F 429 -9.90 -54.25 -1.96
C TRP F 429 -9.43 -54.16 -0.52
N VAL F 430 -8.57 -55.10 -0.13
CA VAL F 430 -7.96 -55.05 1.19
C VAL F 430 -7.18 -53.74 1.38
N ASN F 431 -6.52 -53.31 0.31
CA ASN F 431 -5.77 -52.05 0.31
C ASN F 431 -6.70 -50.85 0.38
N HIS F 432 -7.99 -51.07 0.14
CA HIS F 432 -8.96 -49.97 0.22
C HIS F 432 -9.84 -50.02 1.47
N GLY F 433 -9.38 -50.73 2.50
CA GLY F 433 -10.04 -50.68 3.80
C GLY F 433 -11.08 -51.76 4.04
N VAL F 434 -11.19 -52.70 3.11
CA VAL F 434 -12.14 -53.78 3.25
C VAL F 434 -11.48 -55.01 3.82
N LYS F 435 -11.82 -55.35 5.07
CA LYS F 435 -11.14 -56.45 5.73
C LYS F 435 -12.15 -57.49 6.16
N PHE F 436 -13.28 -57.51 5.44
CA PHE F 436 -14.23 -58.59 5.57
C PHE F 436 -14.82 -58.96 4.23
N PHE F 437 -14.70 -60.23 3.85
CA PHE F 437 -15.20 -60.65 2.56
C PHE F 437 -16.28 -61.72 2.66
N ARG F 438 -17.32 -61.51 1.88
CA ARG F 438 -18.43 -62.44 1.75
C ARG F 438 -18.24 -63.34 0.52
N VAL F 439 -17.59 -64.48 0.73
CA VAL F 439 -17.30 -65.46 -0.32
C VAL F 439 -18.57 -66.08 -0.88
N ASP F 440 -18.73 -66.20 -2.19
CA ASP F 440 -20.05 -66.56 -2.71
C ASP F 440 -20.06 -67.98 -3.23
N ASN F 441 -20.98 -68.78 -2.72
CA ASN F 441 -21.12 -70.18 -3.11
C ASN F 441 -19.79 -70.94 -3.11
N PRO F 442 -19.00 -70.85 -2.01
CA PRO F 442 -17.63 -71.41 -2.00
C PRO F 442 -17.53 -72.92 -2.21
N HIS F 443 -18.61 -73.64 -1.95
CA HIS F 443 -18.60 -75.09 -2.05
C HIS F 443 -18.57 -75.54 -3.51
N THR F 444 -18.74 -74.58 -4.44
CA THR F 444 -18.72 -74.89 -5.87
C THR F 444 -17.37 -74.55 -6.45
N LYS F 445 -16.39 -74.36 -5.57
CA LYS F 445 -15.01 -74.11 -5.95
C LYS F 445 -14.14 -75.06 -5.13
N PRO F 446 -12.93 -75.36 -5.61
CA PRO F 446 -12.05 -76.34 -4.94
C PRO F 446 -11.69 -75.93 -3.51
N PRO F 447 -11.80 -76.87 -2.56
CA PRO F 447 -11.45 -76.68 -1.15
C PRO F 447 -10.01 -76.23 -0.93
N ASN F 448 -9.06 -76.89 -1.58
CA ASN F 448 -7.64 -76.61 -1.32
C ASN F 448 -7.30 -75.17 -1.71
N PHE F 449 -8.04 -74.67 -2.70
CA PHE F 449 -7.90 -73.31 -3.17
C PHE F 449 -8.19 -72.34 -2.03
N TRP F 450 -9.34 -72.51 -1.40
CA TRP F 450 -9.75 -71.66 -0.30
C TRP F 450 -8.72 -71.70 0.81
N ALA F 451 -8.23 -72.90 1.12
CA ALA F 451 -7.23 -73.07 2.16
C ALA F 451 -6.01 -72.23 1.82
N TRP F 452 -5.64 -72.23 0.54
CA TRP F 452 -4.50 -71.45 0.10
C TRP F 452 -4.77 -69.96 0.10
N LEU F 453 -5.89 -69.57 -0.50
CA LEU F 453 -6.22 -68.15 -0.66
C LEU F 453 -6.34 -67.47 0.70
N ILE F 454 -7.05 -68.13 1.61
CA ILE F 454 -7.28 -67.62 2.96
C ILE F 454 -5.97 -67.46 3.77
N ALA F 455 -5.15 -68.51 3.78
CA ALA F 455 -3.91 -68.50 4.56
C ALA F 455 -2.97 -67.46 3.98
N GLN F 456 -3.01 -67.32 2.65
CA GLN F 456 -2.15 -66.37 1.95
C GLN F 456 -2.50 -64.92 2.32
N VAL F 457 -3.78 -64.58 2.29
CA VAL F 457 -4.20 -63.22 2.63
C VAL F 457 -3.96 -62.84 4.09
N LYS F 458 -4.36 -63.69 5.02
CA LYS F 458 -4.23 -63.38 6.46
C LYS F 458 -2.79 -63.28 6.95
N THR F 459 -1.86 -63.89 6.24
CA THR F 459 -0.46 -63.84 6.64
C THR F 459 0.15 -62.45 6.47
N VAL F 460 -0.19 -61.75 5.38
CA VAL F 460 0.30 -60.39 5.23
C VAL F 460 -0.48 -59.48 6.19
N ASP F 461 -1.82 -59.58 6.20
CA ASP F 461 -2.68 -58.84 7.14
C ASP F 461 -3.72 -59.78 7.76
N PRO F 462 -3.58 -60.05 9.05
CA PRO F 462 -4.34 -61.07 9.79
C PRO F 462 -5.72 -60.64 10.28
N ASP F 463 -6.14 -59.42 9.96
CA ASP F 463 -7.43 -58.97 10.45
C ASP F 463 -8.51 -59.13 9.39
N VAL F 464 -8.14 -59.80 8.28
CA VAL F 464 -9.11 -60.04 7.21
C VAL F 464 -9.91 -61.32 7.47
N LEU F 465 -11.24 -61.21 7.36
CA LEU F 465 -12.13 -62.31 7.70
C LEU F 465 -13.05 -62.72 6.56
N PHE F 466 -13.40 -64.02 6.53
CA PHE F 466 -14.20 -64.58 5.45
C PHE F 466 -15.48 -65.27 5.92
N LEU F 467 -16.55 -65.05 5.17
CA LEU F 467 -17.84 -65.69 5.43
C LEU F 467 -18.26 -66.61 4.28
N SER F 468 -18.58 -67.86 4.59
CA SER F 468 -18.89 -68.89 3.59
C SER F 468 -20.37 -69.21 3.42
N GLU F 469 -20.93 -68.91 2.25
CA GLU F 469 -22.33 -69.19 1.96
C GLU F 469 -22.47 -70.63 1.48
N ALA F 470 -22.28 -71.60 2.36
CA ALA F 470 -22.35 -72.97 1.89
C ALA F 470 -23.63 -73.64 2.34
N PHE F 471 -24.65 -73.56 1.49
CA PHE F 471 -25.90 -74.26 1.75
C PHE F 471 -25.69 -75.62 1.13
N THR F 472 -25.13 -76.50 1.93
CA THR F 472 -24.69 -77.79 1.41
C THR F 472 -24.74 -78.81 2.55
N PRO F 473 -24.75 -80.11 2.24
CA PRO F 473 -24.81 -81.14 3.28
C PRO F 473 -23.67 -81.00 4.31
N PRO F 474 -23.82 -81.59 5.51
CA PRO F 474 -22.94 -81.31 6.65
C PRO F 474 -21.45 -81.41 6.35
N ALA F 475 -21.02 -82.53 5.77
CA ALA F 475 -19.61 -82.84 5.57
C ALA F 475 -18.88 -81.72 4.82
N ARG F 476 -19.57 -81.09 3.88
CA ARG F 476 -19.03 -79.94 3.16
C ARG F 476 -19.16 -78.64 3.96
N GLN F 477 -20.35 -78.40 4.49
CA GLN F 477 -20.64 -77.14 5.19
C GLN F 477 -19.69 -76.92 6.37
N TYR F 478 -19.63 -77.90 7.27
CA TYR F 478 -18.78 -77.81 8.44
C TYR F 478 -17.32 -78.05 8.03
N GLY F 479 -17.14 -78.75 6.92
CA GLY F 479 -15.80 -79.06 6.42
C GLY F 479 -15.09 -77.77 6.04
N LEU F 480 -15.82 -76.91 5.34
CA LEU F 480 -15.30 -75.63 4.87
C LEU F 480 -14.87 -74.74 6.03
N ALA F 481 -15.63 -74.78 7.11
CA ALA F 481 -15.32 -73.99 8.29
C ALA F 481 -13.97 -74.44 8.82
N LYS F 482 -13.74 -75.75 8.84
CA LYS F 482 -12.52 -76.28 9.41
C LYS F 482 -11.23 -75.73 8.76
N LEU F 483 -11.25 -75.54 7.45
CA LEU F 483 -10.03 -75.11 6.74
C LEU F 483 -9.70 -73.62 6.83
N GLY F 484 -10.56 -72.84 7.49
CA GLY F 484 -10.21 -71.46 7.78
C GLY F 484 -11.28 -70.38 7.69
N PHE F 485 -12.46 -70.70 7.15
CA PHE F 485 -13.52 -69.70 7.07
C PHE F 485 -13.96 -69.23 8.46
N THR F 486 -13.87 -67.93 8.66
CA THR F 486 -14.13 -67.32 9.97
C THR F 486 -15.59 -67.47 10.44
N GLN F 487 -16.53 -67.43 9.49
CA GLN F 487 -17.95 -67.68 9.78
C GLN F 487 -18.56 -68.52 8.67
N SER F 488 -19.72 -69.12 8.93
CA SER F 488 -20.42 -69.92 7.93
C SER F 488 -21.91 -69.67 7.98
N TYR F 489 -22.56 -69.68 6.83
CA TYR F 489 -24.01 -69.62 6.78
C TYR F 489 -24.55 -70.94 7.35
N SER F 490 -25.84 -71.00 7.67
CA SER F 490 -26.36 -72.23 8.29
C SER F 490 -27.71 -72.62 7.70
N TYR F 491 -28.25 -73.74 8.17
CA TYR F 491 -29.54 -74.22 7.69
C TYR F 491 -30.65 -73.53 8.48
N PHE F 492 -30.31 -72.45 9.16
CA PHE F 492 -31.18 -71.84 10.18
C PHE F 492 -32.58 -71.52 9.71
N THR F 493 -32.68 -70.98 8.50
CA THR F 493 -33.95 -70.47 7.99
C THR F 493 -35.02 -71.57 7.95
N TRP F 494 -34.58 -72.83 7.79
CA TRP F 494 -35.48 -73.98 7.61
C TRP F 494 -35.65 -74.79 8.90
N ARG F 495 -35.33 -74.16 10.03
CA ARG F 495 -35.64 -74.72 11.33
C ARG F 495 -36.76 -73.90 11.96
N THR F 496 -37.96 -74.48 12.08
CA THR F 496 -39.09 -73.71 12.60
C THR F 496 -39.97 -74.40 13.65
N THR F 497 -39.62 -75.60 14.09
CA THR F 497 -40.40 -76.25 15.14
C THR F 497 -39.51 -76.24 16.36
N LYS F 498 -40.13 -76.38 17.53
CA LYS F 498 -39.42 -76.30 18.79
C LYS F 498 -38.27 -77.30 18.73
N TRP F 499 -38.50 -78.47 18.16
CA TRP F 499 -37.46 -79.48 18.14
C TRP F 499 -36.34 -79.16 17.15
N GLU F 500 -36.64 -78.59 15.98
CA GLU F 500 -35.53 -78.20 15.11
C GLU F 500 -34.71 -77.12 15.78
N LEU F 501 -35.40 -76.10 16.27
CA LEU F 501 -34.72 -74.99 16.91
C LEU F 501 -33.97 -75.43 18.16
N THR F 502 -34.55 -76.36 18.93
CA THR F 502 -33.85 -76.87 20.13
C THR F 502 -32.54 -77.53 19.74
N GLU F 503 -32.61 -78.43 18.76
CA GLU F 503 -31.41 -79.14 18.33
C GLU F 503 -30.40 -78.19 17.72
N PHE F 504 -30.87 -77.27 16.87
CA PHE F 504 -30.00 -76.28 16.22
C PHE F 504 -29.22 -75.38 17.18
N GLY F 505 -29.90 -74.93 18.24
CA GLY F 505 -29.26 -74.08 19.22
C GLY F 505 -28.14 -74.83 19.93
N ASN F 506 -28.44 -76.02 20.43
CA ASN F 506 -27.42 -76.80 21.10
C ASN F 506 -26.33 -77.11 20.09
N GLN F 507 -26.71 -77.27 18.84
CA GLN F 507 -25.77 -77.62 17.80
C GLN F 507 -24.73 -76.54 17.57
N ILE F 508 -25.11 -75.28 17.83
CA ILE F 508 -24.25 -74.12 17.49
C ILE F 508 -22.82 -74.26 17.98
N ALA F 509 -22.76 -74.51 19.28
CA ALA F 509 -21.61 -75.06 19.98
C ALA F 509 -22.27 -76.05 20.89
N GLU F 510 -21.94 -77.34 20.91
CA GLU F 510 -21.05 -78.19 20.08
C GLU F 510 -19.93 -77.64 19.17
N LEU F 511 -20.25 -77.14 17.98
CA LEU F 511 -19.21 -76.82 16.99
C LEU F 511 -18.39 -75.53 17.07
N ALA F 512 -18.45 -74.82 18.19
CA ALA F 512 -17.79 -73.52 18.27
C ALA F 512 -16.29 -73.60 18.01
N ASP F 513 -15.66 -74.74 18.31
CA ASP F 513 -14.22 -74.81 18.12
C ASP F 513 -13.78 -74.60 16.67
N TYR F 514 -14.62 -74.88 15.69
CA TYR F 514 -14.22 -74.60 14.30
C TYR F 514 -15.31 -73.92 13.45
N ARG F 515 -16.54 -73.85 13.94
CA ARG F 515 -17.55 -73.12 13.17
C ARG F 515 -18.23 -72.00 13.97
N ARG F 516 -18.28 -70.82 13.36
CA ARG F 516 -19.04 -69.71 13.90
C ARG F 516 -20.20 -69.47 12.96
N PRO F 517 -21.43 -69.62 13.46
CA PRO F 517 -22.51 -69.44 12.49
C PRO F 517 -22.97 -67.99 12.39
N ASN F 518 -23.31 -67.56 11.18
CA ASN F 518 -23.95 -66.28 10.97
C ASN F 518 -25.40 -66.51 10.63
N LEU F 519 -26.29 -66.11 11.52
CA LEU F 519 -27.68 -66.46 11.36
C LEU F 519 -28.38 -65.37 10.60
N PHE F 520 -28.77 -65.66 9.36
CA PHE F 520 -29.39 -64.65 8.54
C PHE F 520 -30.88 -64.93 8.57
N VAL F 521 -31.65 -63.90 8.89
CA VAL F 521 -33.10 -64.06 8.92
C VAL F 521 -33.64 -64.24 7.51
N ASN F 522 -33.06 -63.53 6.57
CA ASN F 522 -33.38 -63.68 5.14
C ASN F 522 -32.19 -63.31 4.25
N THR F 523 -32.25 -63.73 2.98
CA THR F 523 -31.31 -63.24 1.97
C THR F 523 -32.14 -62.96 0.73
N PRO F 524 -31.57 -62.26 -0.26
CA PRO F 524 -32.30 -61.99 -1.50
C PRO F 524 -32.85 -63.25 -2.18
N ASP F 525 -32.17 -64.38 -1.97
CA ASP F 525 -32.56 -65.66 -2.54
C ASP F 525 -33.52 -66.44 -1.66
N ILE F 526 -33.63 -66.07 -0.38
CA ILE F 526 -34.41 -66.85 0.58
C ILE F 526 -35.47 -66.04 1.35
N LEU F 527 -36.73 -66.21 0.96
CA LEU F 527 -37.87 -65.66 1.70
C LEU F 527 -38.67 -66.84 2.20
N HIS F 528 -38.41 -67.27 3.43
CA HIS F 528 -39.00 -68.51 3.91
C HIS F 528 -40.52 -68.44 3.94
N ALA F 529 -41.12 -69.60 3.76
CA ALA F 529 -42.56 -69.75 3.67
C ALA F 529 -43.21 -69.22 4.94
N VAL F 530 -42.55 -69.47 6.07
CA VAL F 530 -43.13 -69.14 7.37
C VAL F 530 -43.35 -67.64 7.52
N LEU F 531 -42.47 -66.84 6.93
CA LEU F 531 -42.62 -65.37 6.94
C LEU F 531 -43.80 -64.89 6.07
N GLN F 532 -44.10 -65.65 5.03
CA GLN F 532 -45.11 -65.34 4.02
C GLN F 532 -46.57 -65.26 4.53
N HIS F 533 -46.94 -66.13 5.49
CA HIS F 533 -48.32 -66.33 5.94
C HIS F 533 -48.73 -66.09 7.39
N ASN F 534 -47.76 -65.88 8.27
CA ASN F 534 -48.04 -65.68 9.69
C ASN F 534 -48.06 -64.22 10.10
N GLY F 535 -47.85 -63.32 9.14
CA GLY F 535 -48.02 -61.90 9.40
C GLY F 535 -46.83 -61.35 10.18
N PRO F 536 -46.88 -60.04 10.52
CA PRO F 536 -45.76 -59.23 11.03
C PRO F 536 -45.14 -59.73 12.33
N GLY F 537 -45.87 -60.53 13.10
CA GLY F 537 -45.38 -61.06 14.36
C GLY F 537 -44.11 -61.91 14.23
N MET F 538 -44.10 -62.80 13.26
CA MET F 538 -43.00 -63.75 13.08
C MET F 538 -41.71 -63.02 12.77
N PHE F 539 -41.81 -61.93 12.03
CA PHE F 539 -40.62 -61.19 11.69
C PHE F 539 -39.89 -60.80 12.97
N ALA F 540 -40.66 -60.45 14.00
CA ALA F 540 -40.10 -60.18 15.31
C ALA F 540 -39.46 -61.46 15.86
N ILE F 541 -40.20 -62.55 15.75
CA ILE F 541 -39.83 -63.85 16.31
C ILE F 541 -38.52 -64.39 15.75
N ARG F 542 -38.37 -64.31 14.43
CA ARG F 542 -37.14 -64.79 13.80
C ARG F 542 -35.97 -63.91 14.24
N ALA F 543 -36.24 -62.62 14.36
CA ALA F 543 -35.24 -61.65 14.78
C ALA F 543 -34.75 -61.97 16.18
N VAL F 544 -35.67 -62.33 17.06
CA VAL F 544 -35.33 -62.70 18.43
C VAL F 544 -34.48 -63.95 18.45
N LEU F 545 -34.84 -64.90 17.58
CA LEU F 545 -34.14 -66.17 17.51
C LEU F 545 -32.74 -65.98 16.98
N ALA F 546 -32.60 -65.23 15.90
CA ALA F 546 -31.30 -65.03 15.28
C ALA F 546 -30.38 -64.27 16.23
N ALA F 547 -30.90 -63.15 16.76
CA ALA F 547 -30.10 -62.25 17.59
C ALA F 547 -29.60 -62.92 18.85
N THR F 548 -30.46 -63.73 19.47
CA THR F 548 -30.11 -64.41 20.72
C THR F 548 -29.27 -65.70 20.57
N MET F 549 -29.64 -66.54 19.62
CA MET F 549 -28.93 -67.81 19.42
C MET F 549 -27.47 -67.64 19.05
N SER F 550 -27.16 -66.65 18.23
CA SER F 550 -25.77 -66.46 17.83
C SER F 550 -25.26 -65.06 18.13
N PRO F 551 -23.97 -64.96 18.51
CA PRO F 551 -23.34 -63.66 18.73
C PRO F 551 -23.35 -62.90 17.41
N ALA F 552 -23.30 -63.64 16.30
CA ALA F 552 -23.33 -63.02 15.00
C ALA F 552 -24.63 -63.36 14.26
N TRP F 553 -25.36 -62.33 13.84
CA TRP F 553 -26.62 -62.52 13.13
C TRP F 553 -26.68 -61.45 12.03
N GLY F 554 -27.64 -61.57 11.13
CA GLY F 554 -27.71 -60.65 10.02
C GLY F 554 -29.09 -60.48 9.45
N MET F 555 -29.26 -59.42 8.66
CA MET F 555 -30.56 -59.12 8.09
C MET F 555 -30.42 -58.52 6.71
N TYR F 556 -31.28 -58.97 5.81
CA TYR F 556 -31.30 -58.43 4.46
C TYR F 556 -32.34 -57.32 4.41
N CYS F 557 -31.99 -56.24 3.71
CA CYS F 557 -32.79 -55.02 3.64
C CYS F 557 -34.25 -55.33 3.28
N GLY F 558 -35.17 -54.54 3.83
CA GLY F 558 -36.59 -54.70 3.57
C GLY F 558 -37.25 -55.68 4.53
N TYR F 559 -36.43 -56.43 5.27
CA TYR F 559 -36.99 -57.36 6.25
C TYR F 559 -37.78 -56.55 7.27
N GLU F 560 -37.22 -55.40 7.65
CA GLU F 560 -37.82 -54.51 8.63
C GLU F 560 -39.10 -53.83 8.13
N LEU F 561 -39.38 -53.96 6.84
CA LEU F 561 -40.60 -53.38 6.30
C LEU F 561 -41.67 -54.43 6.16
N PHE F 562 -41.35 -55.64 6.62
CA PHE F 562 -42.25 -56.78 6.61
C PHE F 562 -42.54 -57.22 5.17
N GLU F 563 -41.57 -57.01 4.27
CA GLU F 563 -41.74 -57.48 2.90
C GLU F 563 -41.92 -58.99 2.96
N HIS F 564 -43.12 -59.43 2.58
CA HIS F 564 -43.51 -60.82 2.81
C HIS F 564 -44.21 -61.50 1.64
N ARG F 565 -44.15 -60.90 0.46
CA ARG F 565 -44.87 -61.45 -0.69
C ARG F 565 -43.88 -62.13 -1.63
N ALA F 566 -44.11 -63.42 -1.92
CA ALA F 566 -43.21 -64.18 -2.79
C ALA F 566 -43.77 -64.24 -4.21
N VAL F 567 -42.89 -64.55 -5.16
CA VAL F 567 -43.24 -64.53 -6.59
C VAL F 567 -44.39 -65.47 -6.98
N ARG F 568 -44.36 -66.69 -6.44
CA ARG F 568 -45.45 -67.64 -6.65
C ARG F 568 -45.51 -68.48 -5.40
N GLU F 569 -46.68 -69.06 -5.12
CA GLU F 569 -46.80 -69.87 -3.92
C GLU F 569 -45.80 -71.02 -4.01
N GLY F 570 -45.14 -71.34 -2.91
CA GLY F 570 -44.18 -72.43 -2.90
C GLY F 570 -42.75 -72.11 -3.31
N SER F 571 -42.44 -70.83 -3.53
CA SER F 571 -41.07 -70.47 -3.88
C SER F 571 -40.47 -69.72 -2.72
N GLU F 572 -39.14 -69.61 -2.69
CA GLU F 572 -38.52 -68.86 -1.61
C GLU F 572 -37.82 -67.59 -2.09
N GLU F 573 -38.18 -67.13 -3.28
CA GLU F 573 -37.62 -65.92 -3.90
C GLU F 573 -38.56 -64.72 -3.83
N TYR F 574 -37.98 -63.58 -3.49
CA TYR F 574 -38.70 -62.33 -3.30
C TYR F 574 -39.35 -61.90 -4.61
N LEU F 575 -40.64 -61.60 -4.56
CA LEU F 575 -41.36 -61.13 -5.74
C LEU F 575 -40.80 -59.79 -6.23
N ASP F 576 -40.63 -59.68 -7.55
CA ASP F 576 -40.06 -58.48 -8.17
C ASP F 576 -38.69 -58.21 -7.57
N SER F 577 -37.88 -59.26 -7.52
CA SER F 577 -36.61 -59.21 -6.79
C SER F 577 -35.68 -58.07 -7.22
N GLU F 578 -35.00 -57.53 -6.22
CA GLU F 578 -34.05 -56.42 -6.35
C GLU F 578 -32.83 -56.82 -7.16
N LYS F 579 -32.58 -58.12 -7.28
CA LYS F 579 -31.41 -58.56 -8.02
C LYS F 579 -31.59 -58.16 -9.48
N TYR F 580 -32.84 -58.24 -9.95
CA TYR F 580 -33.16 -57.97 -11.35
C TYR F 580 -33.79 -56.58 -11.51
N GLU F 581 -34.13 -55.96 -10.39
CA GLU F 581 -34.90 -54.72 -10.38
C GLU F 581 -34.44 -53.69 -9.34
N LEU F 582 -34.73 -52.42 -9.59
CA LEU F 582 -34.47 -51.35 -8.64
C LEU F 582 -35.55 -51.27 -7.58
N ARG F 583 -35.13 -51.16 -6.32
CA ARG F 583 -36.08 -51.10 -5.23
C ARG F 583 -35.77 -49.97 -4.24
N PRO F 584 -36.24 -48.74 -4.52
CA PRO F 584 -36.12 -47.67 -3.51
C PRO F 584 -37.10 -47.94 -2.37
N ARG F 585 -36.80 -47.63 -1.11
CA ARG F 585 -37.79 -47.89 -0.07
C ARG F 585 -37.98 -46.63 0.77
N ASP F 586 -39.14 -46.38 1.36
CA ASP F 586 -39.29 -45.13 2.11
C ASP F 586 -39.49 -45.47 3.58
N PHE F 587 -38.40 -45.68 4.32
CA PHE F 587 -38.53 -46.11 5.71
C PHE F 587 -39.12 -45.07 6.64
N ALA F 588 -38.76 -43.81 6.44
CA ALA F 588 -39.18 -42.77 7.37
C ALA F 588 -40.70 -42.74 7.39
N SER F 589 -41.33 -42.75 6.23
CA SER F 589 -42.79 -42.70 6.16
C SER F 589 -43.39 -43.92 6.88
N ALA F 590 -42.71 -45.05 6.73
CA ALA F 590 -43.13 -46.31 7.36
C ALA F 590 -43.09 -46.16 8.88
N LEU F 591 -42.05 -45.48 9.35
CA LEU F 591 -41.84 -45.21 10.76
C LEU F 591 -43.02 -44.39 11.26
N ASP F 592 -43.40 -43.40 10.45
CA ASP F 592 -44.46 -42.45 10.76
C ASP F 592 -45.78 -43.20 10.83
N GLN F 593 -45.97 -44.18 9.95
CA GLN F 593 -47.20 -44.94 9.94
C GLN F 593 -47.14 -46.18 10.82
N GLY F 594 -46.09 -46.28 11.63
CA GLY F 594 -46.02 -47.41 12.55
C GLY F 594 -46.01 -48.74 11.83
N ARG F 595 -45.33 -48.81 10.70
CA ARG F 595 -45.25 -50.06 9.94
C ARG F 595 -43.78 -50.52 9.80
N SER F 596 -42.97 -50.23 10.81
CA SER F 596 -41.56 -50.60 10.72
C SER F 596 -41.08 -51.38 11.94
N LEU F 597 -40.23 -52.38 11.71
CA LEU F 597 -39.71 -53.19 12.80
C LEU F 597 -38.33 -52.69 13.19
N GLN F 598 -37.98 -51.52 12.66
CA GLN F 598 -36.70 -50.90 12.96
C GLN F 598 -36.43 -50.59 14.45
N PRO F 599 -37.42 -50.04 15.17
CA PRO F 599 -37.16 -49.79 16.60
C PRO F 599 -36.85 -51.08 17.36
N PHE F 600 -37.63 -52.12 17.08
CA PHE F 600 -37.48 -53.40 17.77
C PHE F 600 -36.07 -53.94 17.55
N ILE F 601 -35.64 -53.92 16.28
CA ILE F 601 -34.33 -54.43 15.89
C ILE F 601 -33.27 -53.62 16.64
N THR F 602 -33.51 -52.31 16.77
CA THR F 602 -32.60 -51.42 17.48
C THR F 602 -32.53 -52.00 18.91
N ARG F 603 -33.69 -52.33 19.47
CA ARG F 603 -33.77 -52.82 20.84
C ARG F 603 -33.05 -54.15 20.92
N LEU F 604 -33.12 -54.95 19.87
CA LEU F 604 -32.43 -56.23 19.89
C LEU F 604 -30.91 -56.04 19.89
N ASN F 605 -30.38 -55.18 19.02
CA ASN F 605 -28.94 -55.00 19.00
C ASN F 605 -28.36 -54.29 20.24
N ILE F 606 -29.10 -53.32 20.80
CA ILE F 606 -28.64 -52.64 22.03
C ILE F 606 -28.51 -53.63 23.18
N ILE F 607 -29.50 -54.52 23.27
CA ILE F 607 -29.56 -55.54 24.30
C ILE F 607 -28.35 -56.46 24.18
N ARG F 608 -28.07 -56.84 22.93
CA ARG F 608 -26.93 -57.70 22.66
C ARG F 608 -25.61 -57.10 23.09
N ARG F 609 -25.42 -55.82 22.77
CA ARG F 609 -24.21 -55.11 23.15
C ARG F 609 -24.18 -54.97 24.67
N LEU F 610 -25.35 -54.74 25.25
CA LEU F 610 -25.46 -54.50 26.67
C LEU F 610 -25.05 -55.73 27.49
N HIS F 611 -25.45 -56.92 27.07
CA HIS F 611 -25.12 -58.13 27.83
C HIS F 611 -24.10 -58.99 27.09
N PRO F 612 -22.88 -59.09 27.63
CA PRO F 612 -21.74 -59.81 27.03
C PRO F 612 -21.96 -61.31 26.99
N ALA F 613 -23.05 -61.74 27.62
CA ALA F 613 -23.44 -63.14 27.62
C ALA F 613 -23.77 -63.56 26.19
N PHE F 614 -24.27 -62.59 25.42
CA PHE F 614 -24.70 -62.83 24.05
C PHE F 614 -23.53 -62.94 23.05
N GLN F 615 -22.32 -62.71 23.52
CA GLN F 615 -21.11 -62.91 22.70
C GLN F 615 -20.55 -64.29 22.82
N GLN F 616 -21.20 -65.14 23.59
CA GLN F 616 -20.63 -66.47 23.82
C GLN F 616 -21.29 -67.52 22.91
N LEU F 617 -20.48 -68.46 22.40
CA LEU F 617 -21.05 -69.58 21.65
C LEU F 617 -21.40 -70.77 22.53
N ARG F 618 -20.47 -71.16 23.39
CA ARG F 618 -20.57 -72.43 24.12
C ARG F 618 -21.70 -72.55 25.13
N THR F 619 -22.03 -71.47 25.80
CA THR F 619 -22.77 -71.60 27.04
C THR F 619 -24.28 -71.55 26.89
N ILE F 620 -24.77 -71.62 25.65
CA ILE F 620 -26.21 -71.63 25.42
C ILE F 620 -26.75 -72.87 26.13
N HIS F 621 -27.87 -72.73 26.83
CA HIS F 621 -28.47 -73.86 27.51
C HIS F 621 -30.00 -73.80 27.47
N PHE F 622 -30.64 -74.92 27.17
CA PHE F 622 -32.08 -74.91 26.97
C PHE F 622 -32.81 -75.41 28.21
N HIS F 623 -33.83 -74.67 28.62
CA HIS F 623 -34.62 -75.00 29.80
C HIS F 623 -36.00 -75.50 29.40
N HIS F 624 -36.59 -76.36 30.24
CA HIS F 624 -37.84 -77.05 29.88
C HIS F 624 -39.07 -76.17 30.06
N VAL F 625 -39.88 -76.07 29.01
CA VAL F 625 -41.19 -75.43 29.08
C VAL F 625 -42.30 -76.31 28.54
N ASP F 626 -43.28 -76.64 29.38
CA ASP F 626 -44.29 -77.62 28.98
C ASP F 626 -45.31 -76.97 28.03
N ASN F 627 -44.80 -76.41 26.94
CA ASN F 627 -45.63 -75.94 25.83
C ASN F 627 -44.91 -76.09 24.52
N ASP F 628 -45.55 -76.74 23.55
CA ASP F 628 -44.91 -77.02 22.29
C ASP F 628 -44.63 -75.74 21.52
N ALA F 629 -45.32 -74.67 21.88
CA ALA F 629 -45.20 -73.39 21.18
C ALA F 629 -44.22 -72.43 21.85
N LEU F 630 -43.63 -72.84 22.97
CA LEU F 630 -42.73 -71.93 23.68
C LEU F 630 -41.32 -72.50 23.77
N LEU F 631 -40.34 -71.63 23.54
CA LEU F 631 -38.96 -72.06 23.57
C LEU F 631 -38.17 -71.18 24.55
N ALA F 632 -37.46 -71.81 25.49
CA ALA F 632 -36.71 -71.07 26.49
C ALA F 632 -35.27 -71.56 26.66
N TYR F 633 -34.32 -70.64 26.51
CA TYR F 633 -32.90 -70.96 26.59
C TYR F 633 -32.15 -69.82 27.29
N SER F 634 -30.96 -70.13 27.78
CA SER F 634 -30.17 -69.14 28.51
C SER F 634 -28.71 -69.16 28.11
N LYS F 635 -28.09 -68.00 28.20
CA LYS F 635 -26.69 -67.83 27.93
C LYS F 635 -26.04 -67.07 29.09
N PHE F 636 -24.76 -67.31 29.32
CA PHE F 636 -24.04 -66.56 30.34
C PHE F 636 -22.63 -66.25 29.85
N ASP F 637 -21.98 -65.28 30.48
CA ASP F 637 -20.62 -64.91 30.10
C ASP F 637 -19.67 -65.35 31.22
N PRO F 638 -18.69 -66.21 30.89
CA PRO F 638 -17.66 -66.75 31.79
C PRO F 638 -16.85 -65.68 32.52
N ALA F 639 -16.66 -64.54 31.88
CA ALA F 639 -15.90 -63.43 32.42
C ALA F 639 -16.66 -62.67 33.50
N THR F 640 -17.72 -61.99 33.08
CA THR F 640 -18.41 -61.06 33.95
C THR F 640 -19.46 -61.77 34.81
N GLY F 641 -19.76 -63.01 34.47
CA GLY F 641 -20.76 -63.75 35.23
C GLY F 641 -22.16 -63.37 34.76
N ASP F 642 -22.24 -62.46 33.79
CA ASP F 642 -23.52 -62.02 33.24
C ASP F 642 -24.40 -63.17 32.84
N CYS F 643 -25.72 -63.05 33.04
CA CYS F 643 -26.58 -64.17 32.71
C CYS F 643 -27.94 -63.70 32.21
N VAL F 644 -28.39 -64.33 31.13
CA VAL F 644 -29.62 -63.94 30.47
C VAL F 644 -30.43 -65.15 30.04
N LEU F 645 -31.75 -65.04 30.13
CA LEU F 645 -32.67 -66.09 29.74
C LEU F 645 -33.62 -65.53 28.69
N VAL F 646 -33.85 -66.30 27.64
CA VAL F 646 -34.74 -65.87 26.58
C VAL F 646 -35.94 -66.79 26.48
N VAL F 647 -37.14 -66.21 26.43
CA VAL F 647 -38.34 -66.98 26.17
C VAL F 647 -39.08 -66.40 24.98
N VAL F 648 -39.29 -67.21 23.95
CA VAL F 648 -39.94 -66.73 22.75
C VAL F 648 -41.09 -67.67 22.38
N THR F 649 -42.05 -67.18 21.61
CA THR F 649 -43.18 -67.98 21.14
C THR F 649 -42.99 -68.28 19.66
N LEU F 650 -43.41 -69.47 19.24
CA LEU F 650 -43.35 -69.79 17.83
C LEU F 650 -44.73 -69.57 17.23
N ASN F 651 -45.70 -69.20 18.07
CA ASN F 651 -47.01 -68.90 17.53
C ASN F 651 -47.18 -67.39 17.51
N ALA F 652 -47.29 -66.86 16.30
CA ALA F 652 -47.39 -65.44 16.03
C ALA F 652 -48.79 -64.90 16.24
N PHE F 653 -49.77 -65.80 16.26
CA PHE F 653 -51.15 -65.35 16.23
C PHE F 653 -51.86 -65.39 17.58
N GLY F 654 -51.56 -66.41 18.36
CA GLY F 654 -52.23 -66.63 19.63
C GLY F 654 -51.39 -66.45 20.88
N PRO F 655 -52.02 -65.95 21.94
CA PRO F 655 -51.34 -65.89 23.23
C PRO F 655 -51.02 -67.32 23.67
N GLU F 656 -49.88 -67.59 24.28
CA GLU F 656 -49.55 -68.93 24.72
C GLU F 656 -48.98 -68.89 26.12
N GLU F 657 -49.40 -69.81 26.97
CA GLU F 657 -48.96 -69.77 28.35
C GLU F 657 -48.51 -71.15 28.75
N ALA F 658 -47.64 -71.22 29.76
CA ALA F 658 -47.05 -72.48 30.20
C ALA F 658 -46.38 -72.34 31.56
N THR F 659 -45.87 -73.47 32.07
CA THR F 659 -45.08 -73.48 33.29
C THR F 659 -43.63 -73.70 32.93
N LEU F 660 -42.76 -72.82 33.39
CA LEU F 660 -41.38 -72.93 32.99
C LEU F 660 -40.55 -73.53 34.14
N TRP F 661 -39.80 -74.60 33.83
CA TRP F 661 -39.00 -75.31 34.83
C TRP F 661 -37.52 -75.04 34.55
N LEU F 662 -36.72 -74.85 35.58
CA LEU F 662 -35.32 -74.51 35.38
C LEU F 662 -34.38 -75.51 36.04
N ASP F 663 -33.23 -75.76 35.41
CA ASP F 663 -32.17 -76.51 36.06
C ASP F 663 -31.22 -75.49 36.68
N MET F 664 -31.47 -75.20 37.95
CA MET F 664 -30.85 -74.08 38.65
C MET F 664 -29.34 -74.24 38.71
N ALA F 665 -28.88 -75.48 38.75
CA ALA F 665 -27.47 -75.81 38.84
C ALA F 665 -26.73 -75.16 37.67
N ALA F 666 -27.38 -75.19 36.51
CA ALA F 666 -26.81 -74.60 35.30
C ALA F 666 -26.66 -73.08 35.44
N LEU F 667 -27.52 -72.46 36.24
CA LEU F 667 -27.48 -71.01 36.48
C LEU F 667 -26.66 -70.65 37.73
N GLY F 668 -26.12 -71.66 38.38
CA GLY F 668 -25.26 -71.47 39.53
C GLY F 668 -25.98 -71.26 40.85
N MET F 669 -27.19 -71.78 40.95
CA MET F 669 -27.94 -71.66 42.18
C MET F 669 -28.46 -73.02 42.61
N GLU F 670 -28.79 -73.16 43.90
CA GLU F 670 -29.38 -74.40 44.38
C GLU F 670 -30.84 -74.39 43.98
N ASP F 671 -31.47 -75.55 43.97
CA ASP F 671 -32.84 -75.69 43.50
C ASP F 671 -33.90 -74.88 44.25
N TYR F 672 -33.74 -74.71 45.56
CA TYR F 672 -34.76 -74.06 46.38
C TYR F 672 -34.68 -72.53 46.30
N ASP F 673 -33.61 -72.02 45.70
CA ASP F 673 -33.36 -70.58 45.72
C ASP F 673 -34.47 -69.78 45.05
N ARG F 674 -34.63 -68.54 45.51
CA ARG F 674 -35.50 -67.55 44.88
C ARG F 674 -34.75 -66.24 44.67
N PHE F 675 -35.05 -65.57 43.55
CA PHE F 675 -34.22 -64.47 43.10
C PHE F 675 -35.06 -63.50 42.26
N TRP F 676 -34.47 -62.35 41.96
CA TRP F 676 -35.19 -61.32 41.21
C TRP F 676 -34.64 -61.14 39.81
N VAL F 677 -35.54 -60.88 38.88
CA VAL F 677 -35.16 -60.71 37.49
C VAL F 677 -35.79 -59.43 36.95
N ARG F 678 -35.25 -58.97 35.82
CA ARG F 678 -35.77 -57.78 35.15
C ARG F 678 -35.87 -58.04 33.65
N ASP F 679 -36.95 -57.57 33.06
CA ASP F 679 -37.21 -57.75 31.63
C ASP F 679 -36.64 -56.58 30.85
N GLU F 680 -35.66 -56.82 29.99
CA GLU F 680 -34.93 -55.73 29.35
C GLU F 680 -35.77 -54.92 28.35
N ILE F 681 -36.80 -55.55 27.77
CA ILE F 681 -37.73 -54.80 26.93
C ILE F 681 -38.77 -54.01 27.77
N THR F 682 -39.43 -54.66 28.73
CA THR F 682 -40.49 -54.02 29.52
C THR F 682 -39.98 -53.13 30.64
N GLY F 683 -38.94 -53.60 31.31
CA GLY F 683 -38.38 -52.91 32.46
C GLY F 683 -39.06 -53.38 33.74
N GLU F 684 -40.09 -54.19 33.57
CA GLU F 684 -40.86 -54.71 34.70
C GLU F 684 -39.99 -55.72 35.46
N GLU F 685 -40.23 -55.85 36.76
CA GLU F 685 -39.47 -56.76 37.61
C GLU F 685 -40.31 -57.83 38.31
N TYR F 686 -39.74 -59.03 38.47
CA TYR F 686 -40.46 -60.00 39.26
C TYR F 686 -39.54 -60.94 40.03
N GLN F 687 -40.14 -61.69 40.94
CA GLN F 687 -39.38 -62.68 41.72
C GLN F 687 -39.75 -64.09 41.18
N TRP F 688 -38.70 -64.87 41.04
CA TRP F 688 -38.80 -66.18 40.44
C TRP F 688 -38.12 -67.27 41.30
N GLY F 689 -38.35 -68.52 40.92
CA GLY F 689 -37.77 -69.68 41.57
C GLY F 689 -37.50 -70.76 40.53
N GLN F 690 -37.40 -72.00 40.97
CA GLN F 690 -37.16 -73.08 40.02
C GLN F 690 -38.29 -73.20 39.02
N ALA F 691 -39.52 -73.05 39.51
CA ALA F 691 -40.70 -73.13 38.64
C ALA F 691 -41.45 -71.81 38.67
N ASN F 692 -41.68 -71.25 37.50
CA ASN F 692 -42.27 -69.92 37.40
C ASN F 692 -43.34 -69.89 36.33
N TYR F 693 -44.32 -69.00 36.50
CA TYR F 693 -45.40 -68.92 35.54
C TYR F 693 -45.02 -67.97 34.44
N ILE F 694 -45.28 -68.35 33.19
CA ILE F 694 -45.01 -67.45 32.08
C ILE F 694 -46.13 -67.50 31.03
N ARG F 695 -46.51 -66.31 30.56
CA ARG F 695 -47.50 -66.17 29.51
C ARG F 695 -47.05 -65.11 28.52
N ILE F 696 -47.10 -65.44 27.22
CA ILE F 696 -46.58 -64.52 26.20
C ILE F 696 -47.69 -64.07 25.26
N ASP F 697 -47.78 -62.76 25.06
CA ASP F 697 -48.83 -62.17 24.26
C ASP F 697 -48.27 -61.44 23.05
N PRO F 698 -48.48 -62.03 21.87
CA PRO F 698 -48.07 -61.35 20.63
C PRO F 698 -48.91 -60.08 20.50
N ALA F 699 -48.50 -59.15 19.65
CA ALA F 699 -49.20 -57.86 19.46
C ALA F 699 -49.10 -57.03 20.74
N ARG F 700 -48.31 -57.55 21.69
CA ARG F 700 -47.87 -56.78 22.85
C ARG F 700 -46.35 -56.97 22.95
N ALA F 701 -45.91 -58.22 23.11
CA ALA F 701 -44.50 -58.60 22.95
C ALA F 701 -44.36 -60.11 22.71
N VAL F 702 -43.62 -60.48 21.66
CA VAL F 702 -43.52 -61.88 21.27
C VAL F 702 -42.41 -62.62 22.01
N ALA F 703 -41.68 -61.92 22.87
CA ALA F 703 -40.61 -62.54 23.63
C ALA F 703 -40.23 -61.74 24.87
N HIS F 704 -39.66 -62.46 25.84
CA HIS F 704 -39.13 -61.89 27.08
C HIS F 704 -37.63 -62.10 27.13
N ILE F 705 -36.87 -61.02 27.17
CA ILE F 705 -35.43 -61.14 27.33
C ILE F 705 -35.16 -60.74 28.78
N ILE F 706 -34.76 -61.72 29.57
CA ILE F 706 -34.75 -61.63 31.02
C ILE F 706 -33.34 -61.55 31.56
N ASN F 707 -33.08 -60.55 32.39
CA ASN F 707 -31.78 -60.47 33.02
C ASN F 707 -31.81 -61.32 34.28
N MET F 708 -30.82 -62.19 34.43
CA MET F 708 -30.82 -63.14 35.53
C MET F 708 -29.66 -62.83 36.46
N PRO F 709 -29.70 -63.34 37.69
CA PRO F 709 -28.61 -63.07 38.63
C PRO F 709 -27.26 -63.50 38.07
N ALA F 710 -26.22 -62.68 38.21
CA ALA F 710 -24.95 -63.01 37.60
C ALA F 710 -24.38 -64.29 38.21
N VAL F 711 -23.90 -65.21 37.37
CA VAL F 711 -23.29 -66.44 37.83
C VAL F 711 -22.06 -66.19 38.71
N PRO F 712 -22.04 -66.79 39.92
CA PRO F 712 -20.94 -66.55 40.87
C PRO F 712 -19.58 -66.91 40.31
N TYR F 713 -18.50 -66.70 41.04
CA TYR F 713 -17.21 -67.17 40.53
C TYR F 713 -17.12 -68.69 40.70
N GLU F 714 -18.09 -69.40 40.13
CA GLU F 714 -17.97 -70.84 39.94
C GLU F 714 -18.39 -71.04 38.51
N SER F 715 -18.20 -69.96 37.77
CA SER F 715 -18.46 -69.84 36.35
C SER F 715 -17.53 -70.82 35.59
N ARG F 716 -16.27 -70.90 36.04
CA ARG F 716 -15.21 -71.64 35.32
C ARG F 716 -15.57 -73.12 35.13
N ASN F 717 -16.19 -73.75 36.12
CA ASN F 717 -16.51 -75.17 35.96
C ASN F 717 -17.83 -75.38 35.19
N THR F 718 -18.68 -74.36 35.13
CA THR F 718 -19.96 -74.36 34.39
C THR F 718 -19.74 -74.17 32.86
N LEU F 719 -18.47 -74.05 32.51
CA LEU F 719 -17.88 -73.90 31.17
C LEU F 719 -17.35 -75.26 30.70
N LEU F 720 -17.44 -76.23 31.59
CA LEU F 720 -16.86 -77.57 31.49
C LEU F 720 -16.96 -78.36 30.19
N ARG F 721 -15.94 -79.21 30.05
CA ARG F 721 -15.62 -80.09 28.92
C ARG F 721 -14.84 -79.25 27.90
C1 GLC G . 20.82 -12.54 20.35
C2 GLC G . 21.23 -12.49 18.85
C3 GLC G . 21.98 -13.73 18.35
C4 GLC G . 22.39 -14.61 19.53
C5 GLC G . 21.11 -14.97 20.26
C6 GLC G . 21.28 -16.16 21.20
O1 GLC G . 19.63 -11.80 20.53
O2 GLC G . 20.12 -12.21 18.00
O3 GLC G . 23.08 -13.29 17.58
O4 GLC G . 23.07 -15.78 19.15
O5 GLC G . 20.65 -13.83 20.96
O6 GLC G . 20.50 -17.22 20.73
C1 GLC G . 24.47 -15.71 19.30
C2 GLC G . 25.18 -16.76 18.45
C3 GLC G . 26.19 -17.51 19.34
C4 GLC G . 27.06 -16.49 20.07
C5 GLC G . 26.18 -15.59 20.93
C6 GLC G . 26.46 -14.11 20.68
O2 GLC G . 24.24 -17.64 17.88
O3 GLC G . 26.98 -18.40 18.59
O4 GLC G . 27.97 -17.16 20.90
O5 GLC G . 24.82 -15.87 20.66
O6 GLC G . 25.44 -13.36 21.31
C1 GLC H . 2.67 -23.34 2.70
C2 GLC H . 1.30 -23.15 2.15
C3 GLC H . 1.17 -23.61 0.78
C4 GLC H . 2.23 -23.13 -0.16
C5 GLC H . 3.66 -23.22 0.40
C6 GLC H . 4.58 -22.45 -0.40
O1 GLC H . 2.99 -24.71 2.90
O2 GLC H . 0.30 -23.88 2.96
O3 GLC H . -0.17 -23.19 0.27
O4 GLC H . 2.14 -24.05 -1.27
O5 GLC H . 3.69 -22.72 1.84
O6 GLC H . 5.80 -23.12 -0.55
C1 GLC H . 1.90 -23.38 -2.52
C2 GLC H . 0.75 -23.94 -3.23
C3 GLC H . 1.00 -25.24 -3.85
C4 GLC H . 2.26 -25.33 -4.62
C5 GLC H . 3.50 -24.83 -3.85
C6 GLC H . 4.67 -24.75 -4.67
O2 GLC H . -0.41 -24.08 -2.29
O3 GLC H . -0.15 -25.62 -4.69
O4 GLC H . 2.45 -26.77 -4.90
O5 GLC H . 3.17 -23.46 -3.27
O6 GLC H . 5.15 -23.41 -4.73
C1 GLC H . 2.29 -27.08 -6.27
C2 GLC H . 2.88 -28.45 -6.43
C3 GLC H . 4.24 -28.39 -6.92
C4 GLC H . 4.30 -27.80 -8.27
C5 GLC H . 3.53 -26.45 -8.41
C6 GLC H . 2.52 -26.52 -9.37
O2 GLC H . 2.88 -29.12 -5.13
O3 GLC H . 4.81 -29.76 -6.94
O4 GLC H . 5.68 -27.59 -8.60
O5 GLC H . 2.91 -26.03 -7.06
O6 GLC H . 3.00 -25.98 -10.62
C1 GLC H . 6.09 -28.54 -9.59
C2 GLC H . 7.46 -28.99 -9.31
C3 GLC H . 8.45 -27.96 -9.49
C4 GLC H . 8.34 -27.18 -10.75
C5 GLC H . 6.92 -26.74 -11.10
C6 GLC H . 6.75 -26.30 -12.48
O2 GLC H . 7.54 -29.45 -7.88
O3 GLC H . 9.79 -28.62 -9.42
O4 GLC H . 9.19 -26.00 -10.54
O5 GLC H . 5.97 -27.92 -10.90
O6 GLC H . 5.48 -26.69 -12.94
C1 GLC H . 10.02 -25.75 -11.68
C2 GLC H . 11.46 -25.77 -11.31
C3 GLC H . 11.80 -24.64 -10.47
C4 GLC H . 11.60 -23.35 -11.13
C5 GLC H . 10.37 -23.22 -12.09
C6 GLC H . 10.78 -22.79 -13.36
O2 GLC H . 11.77 -27.02 -10.55
O3 GLC H . 13.21 -24.77 -9.99
O4 GLC H . 11.44 -22.34 -10.11
O5 GLC H . 9.54 -24.49 -12.25
O6 GLC H . 10.80 -23.90 -14.28
C1 GLC H . 12.48 -21.35 -10.17
C2 GLC H . 12.43 -20.48 -8.97
C3 GLC H . 11.18 -19.72 -8.90
C4 GLC H . 10.96 -18.90 -10.11
C5 GLC H . 10.98 -19.76 -11.39
C6 GLC H . 10.94 -18.96 -12.54
O2 GLC H . 12.60 -21.31 -7.76
O3 GLC H . 11.20 -18.86 -7.71
O4 GLC H . 9.67 -18.24 -10.03
O5 GLC H . 12.30 -20.58 -11.40
O6 GLC H . 11.55 -19.66 -13.63
C1 GLC I . -44.43 -3.32 31.14
C2 GLC I . -45.58 -2.92 32.06
C3 GLC I . -46.05 -1.46 31.85
C4 GLC I . -46.18 -1.04 30.37
C5 GLC I . -45.49 -2.03 29.43
C6 GLC I . -45.21 -1.40 28.08
O1 GLC I . -44.65 -4.65 30.71
O2 GLC I . -46.63 -3.84 31.92
O3 GLC I . -45.17 -0.60 32.55
O4 GLC I . -47.52 -0.88 29.96
O5 GLC I . -44.27 -2.45 30.02
O6 GLC I . -44.16 -0.46 28.19
C1 GLC I . -48.50 -1.83 30.30
C2 GLC I . -49.40 -2.18 29.11
C3 GLC I . -50.32 -1.01 28.75
C4 GLC I . -50.99 -0.42 30.01
C5 GLC I . -49.97 -0.17 31.11
C6 GLC I . -50.61 0.36 32.39
O2 GLC I . -48.58 -2.53 28.00
O3 GLC I . -51.32 -1.44 27.84
O4 GLC I . -51.62 0.80 29.68
O5 GLC I . -49.29 -1.37 31.39
O6 GLC I . -49.65 0.47 33.41
C1 GLC J . -37.35 -20.78 12.14
C2 GLC J . -36.34 -21.78 11.74
C3 GLC J . -36.92 -22.84 10.93
C4 GLC J . -38.09 -23.51 11.56
C5 GLC J . -39.14 -22.55 12.15
C6 GLC J . -40.04 -23.23 13.03
O1 GLC J . -37.92 -20.12 11.02
O2 GLC J . -35.23 -21.14 11.00
O3 GLC J . -35.87 -23.86 10.64
O4 GLC J . -38.71 -24.28 10.51
O5 GLC J . -38.43 -21.42 12.90
O6 GLC J . -41.34 -23.27 12.51
C1 GLC J . -38.74 -25.69 10.76
C2 GLC J . -38.03 -26.41 9.69
C3 GLC J . -38.71 -26.36 8.39
C4 GLC J . -40.17 -26.65 8.47
C5 GLC J . -40.86 -25.75 9.52
C6 GLC J . -42.28 -25.93 9.61
O2 GLC J . -36.65 -25.86 9.53
O3 GLC J . -38.06 -27.31 7.44
O4 GLC J . -40.75 -26.45 7.13
O5 GLC J . -40.16 -26.08 10.84
O6 GLC J . -42.32 -27.12 10.45
C1 GLC J . -41.27 -27.67 6.60
C2 GLC J . -42.31 -27.28 5.59
C3 GLC J . -43.67 -27.52 6.07
C4 GLC J . -43.95 -28.91 6.45
C5 GLC J . -42.82 -29.56 7.33
C6 GLC J . -42.21 -30.64 6.72
O2 GLC J . -42.17 -25.86 5.29
O3 GLC J . -44.64 -27.09 5.03
O4 GLC J . -45.16 -28.86 7.22
O5 GLC J . -41.76 -28.49 7.70
O6 GLC J . -40.93 -30.87 7.36
C1 GLC J . -46.18 -29.68 6.67
C2 GLC J . -47.31 -28.82 6.33
C3 GLC J . -48.28 -28.80 7.38
C4 GLC J . -48.93 -30.12 7.55
C5 GLC J . -47.92 -31.26 7.72
C6 GLC J . -48.04 -32.25 6.68
O2 GLC J . -46.84 -27.42 6.13
O3 GLC J . -49.29 -27.75 7.10
O4 GLC J . -49.78 -29.98 8.75
O5 GLC J . -46.49 -30.67 7.70
O6 GLC J . -48.03 -33.54 7.25
C1 GLC J . -50.54 -31.15 9.14
C2 GLC J . -51.78 -30.65 9.78
C3 GLC J . -51.50 -30.15 11.11
C4 GLC J . -50.99 -31.18 12.04
C5 GLC J . -50.22 -32.39 11.39
C6 GLC J . -50.98 -33.57 11.35
O2 GLC J . -52.41 -29.57 8.95
O3 GLC J . -52.72 -29.47 11.67
O4 GLC J . -50.04 -30.55 12.94
O5 GLC J . -49.70 -31.99 10.02
O6 GLC J . -50.19 -34.72 11.67
C1 GLC J . -50.47 -30.65 14.30
C2 GLC J . -50.05 -29.44 15.05
C3 GLC J . -48.62 -29.47 15.46
C4 GLC J . -48.24 -30.73 16.11
C5 GLC J . -48.47 -31.94 15.18
C6 GLC J . -48.15 -33.14 15.82
O2 GLC J . -50.33 -28.25 14.20
O3 GLC J . -48.36 -28.40 16.43
O4 GLC J . -46.84 -30.66 16.48
O5 GLC J . -49.99 -31.92 14.86
O6 GLC J . -49.18 -34.10 15.54
C1 GLC K . 34.54 23.50 -44.50
C2 GLC K . 34.13 23.36 -45.96
C3 GLC K . 35.27 23.69 -46.94
C4 GLC K . 36.65 23.10 -46.56
C5 GLC K . 36.67 22.60 -45.13
C6 GLC K . 38.11 22.46 -44.62
O1 GLC K . 33.93 22.44 -43.77
O2 GLC K . 33.58 22.07 -46.17
O3 GLC K . 35.36 25.10 -47.05
O4 GLC K . 37.09 22.06 -47.42
O5 GLC K . 35.96 23.51 -44.31
O6 GLC K . 38.71 23.73 -44.53
C1 GLC K . 36.20 21.06 -47.87
C2 GLC K . 36.91 19.71 -47.99
C3 GLC K . 37.98 19.79 -49.09
C4 GLC K . 37.43 20.42 -50.37
C5 GLC K . 36.67 21.71 -50.07
C6 GLC K . 36.08 22.35 -51.34
O2 GLC K . 37.46 19.35 -46.74
O3 GLC K . 38.48 18.49 -49.37
O4 GLC K . 38.49 20.71 -51.25
O5 GLC K . 35.67 21.43 -49.13
O6 GLC K . 35.22 21.45 -52.02
C1 GLC L . 37.51 11.53 -21.36
C2 GLC L . 37.20 11.61 -19.90
C3 GLC L . 37.20 10.31 -19.28
C4 GLC L . 36.35 9.30 -19.95
C5 GLC L . 36.63 9.18 -21.47
C6 GLC L . 35.62 8.39 -22.14
O1 GLC L . 38.87 11.16 -21.56
O2 GLC L . 38.17 12.46 -19.21
O3 GLC L . 36.75 10.48 -17.86
O4 GLC L . 36.68 8.03 -19.34
O5 GLC L . 36.64 10.59 -22.06
O6 GLC L . 35.99 7.03 -22.22
C1 GLC L . 35.55 7.41 -18.68
C2 GLC L . 35.86 7.13 -17.27
C3 GLC L . 36.92 6.13 -17.10
C4 GLC L . 36.72 4.90 -17.92
C5 GLC L . 36.45 5.20 -19.40
C6 GLC L . 36.18 4.06 -20.22
O2 GLC L . 36.25 8.40 -16.58
O3 GLC L . 37.07 5.80 -15.67
O4 GLC L . 37.95 4.09 -17.77
O5 GLC L . 35.26 6.16 -19.43
O6 GLC L . 36.63 4.26 -21.55
C1 GLC L . 37.70 2.81 -17.21
C2 GLC L . 38.74 1.92 -17.80
C3 GLC L . 38.17 1.04 -18.80
C4 GLC L . 37.18 0.12 -18.21
C5 GLC L . 36.03 0.89 -17.47
C6 GLC L . 35.89 0.47 -16.15
O2 GLC L . 39.75 2.77 -18.43
O3 GLC L . 39.27 0.27 -19.43
O4 GLC L . 36.60 -0.66 -19.28
O5 GLC L . 36.33 2.41 -17.53
O6 GLC L . 34.69 1.04 -15.57
C1 GLC L . 37.13 -1.98 -19.26
C2 GLC L . 37.65 -2.32 -20.59
C3 GLC L . 36.63 -2.35 -21.60
C4 GLC L . 35.45 -3.19 -21.25
C5 GLC L . 34.89 -2.90 -19.85
C6 GLC L . 33.94 -3.91 -19.44
O2 GLC L . 38.67 -1.31 -21.01
O3 GLC L . 37.26 -2.86 -22.85
O4 GLC L . 34.38 -2.93 -22.22
O5 GLC L . 36.07 -2.90 -18.86
O6 GLC L . 34.15 -4.21 -18.07
C1 GLC L . 34.10 -4.16 -22.91
C2 GLC L . 34.19 -3.99 -24.37
C3 GLC L . 33.17 -3.12 -24.91
C4 GLC L . 31.81 -3.32 -24.42
C5 GLC L . 31.65 -3.71 -22.90
C6 GLC L . 30.45 -4.39 -22.69
O2 GLC L . 35.51 -3.37 -24.71
O3 GLC L . 33.21 -3.24 -26.41
O4 GLC L . 31.13 -2.04 -24.58
O5 GLC L . 32.79 -4.61 -22.47
O6 GLC L . 29.31 -3.55 -22.91
C1 GLC L . 30.16 -2.09 -25.62
C2 GLC L . 30.35 -0.95 -26.54
C3 GLC L . 30.11 0.35 -25.89
C4 GLC L . 28.82 0.43 -25.19
C5 GLC L . 28.60 -0.73 -24.20
C6 GLC L . 27.28 -0.73 -23.75
O2 GLC L . 31.73 -0.99 -27.08
O3 GLC L . 30.13 1.40 -26.91
O4 GLC L . 28.74 1.69 -24.47
O5 GLC L . 28.83 -2.04 -24.99
O6 GLC L . 26.46 -1.23 -24.82
C1 GLC M . 33.03 60.38 11.35
C2 GLC M . 32.52 61.73 10.83
C3 GLC M . 31.45 62.35 11.72
C4 GLC M . 30.88 61.36 12.77
C5 GLC M . 30.76 59.93 12.26
C6 GLC M . 29.54 59.77 11.35
O1 GLC M . 33.92 60.56 12.44
O2 GLC M . 33.60 62.61 10.71
O3 GLC M . 30.40 62.88 10.92
O4 GLC M . 31.72 61.33 13.91
O5 GLC M . 31.96 59.46 11.64
O6 GLC M . 29.24 58.41 11.15
C1 GLC M . 31.31 62.10 15.01
C2 GLC M . 31.01 61.22 16.22
C3 GLC M . 29.96 61.89 17.10
C4 GLC M . 30.05 63.42 17.02
C5 GLC M . 29.97 63.91 15.56
C6 GLC M . 31.04 64.93 15.20
O2 GLC M . 30.59 59.94 15.79
O3 GLC M . 30.16 61.52 18.45
O4 GLC M . 29.01 63.97 17.82
O5 GLC M . 30.15 62.82 14.69
O6 GLC M . 31.14 65.94 16.18
C1 GLC N . 40.89 35.29 12.44
C2 GLC N . 41.35 34.00 11.82
C3 GLC N . 41.98 33.12 12.77
C4 GLC N . 43.08 33.75 13.55
C5 GLC N . 42.61 35.05 14.25
C6 GLC N . 43.70 35.74 14.92
O1 GLC N . 39.78 35.08 13.31
O2 GLC N . 40.24 33.29 11.16
O3 GLC N . 42.43 31.87 12.06
O4 GLC N . 43.49 32.80 14.56
O5 GLC N . 41.97 35.94 13.18
O6 GLC N . 43.28 36.28 16.14
C1 GLC N . 44.88 32.48 14.56
C2 GLC N . 45.09 31.04 14.40
C3 GLC N . 44.54 30.27 15.52
C4 GLC N . 44.99 30.75 16.85
C5 GLC N . 44.77 32.27 17.04
C6 GLC N . 45.29 32.74 18.29
O2 GLC N . 44.49 30.56 13.11
O3 GLC N . 44.84 28.83 15.36
O4 GLC N . 44.17 30.10 17.89
O5 GLC N . 45.41 32.98 15.85
O6 GLC N . 46.00 33.95 18.12
C1 GLC N . 44.88 29.04 18.54
C2 GLC N . 44.23 28.84 19.88
C3 GLC N . 44.74 29.75 20.87
C4 GLC N . 46.17 29.54 21.10
C5 GLC N . 47.05 29.79 19.83
C6 GLC N . 48.26 29.13 19.92
O2 GLC N . 42.78 29.07 19.72
O3 GLC N . 44.00 29.54 22.14
O4 GLC N . 46.59 30.48 22.10
O5 GLC N . 46.32 29.33 18.53
O6 GLC N . 48.61 28.49 18.67
C1 GLC N . 47.04 29.80 23.26
C2 GLC N . 46.27 30.29 24.41
C3 GLC N . 46.61 31.66 24.68
C4 GLC N . 48.00 31.80 25.16
C5 GLC N . 49.05 30.87 24.51
C6 GLC N . 49.63 29.97 25.48
O2 GLC N . 44.81 30.22 24.10
O3 GLC N . 45.68 32.24 25.68
O4 GLC N . 48.37 33.19 24.90
O5 GLC N . 48.48 30.03 23.34
O6 GLC N . 50.86 30.48 25.94
C1 GLC N . 49.63 33.50 25.52
C2 GLC N . 49.43 34.55 26.53
C3 GLC N . 49.51 35.88 25.98
C4 GLC N . 50.81 36.18 25.35
C5 GLC N . 51.51 34.98 24.63
C6 GLC N . 52.69 34.55 25.27
O2 GLC N . 48.07 34.39 27.14
O3 GLC N . 49.23 36.90 27.04
O4 GLC N . 50.53 37.19 24.35
O5 GLC N . 50.56 33.81 24.43
O6 GLC N . 52.61 34.80 26.68
C1 GLC N . 51.30 38.37 24.56
C2 GLC N . 50.72 39.47 23.73
C3 GLC N . 50.84 39.18 22.29
C4 GLC N . 52.20 38.81 21.86
C5 GLC N . 52.83 37.69 22.71
C6 GLC N . 54.19 37.54 22.42
O2 GLC N . 49.31 39.65 24.11
O3 GLC N . 50.46 40.37 21.51
O4 GLC N . 52.15 38.36 20.48
O5 GLC N . 52.68 38.09 24.20
O6 GLC N . 54.86 37.06 23.59
C1 GLC O . -25.00 -22.04 -39.84
C2 GLC O . -26.38 -22.34 -39.26
C3 GLC O . -26.81 -23.80 -39.45
C4 GLC O . -25.98 -24.54 -40.51
C5 GLC O . -25.53 -23.62 -41.67
C6 GLC O . -26.68 -23.27 -42.62
O1 GLC O . -23.99 -22.56 -38.99
O2 GLC O . -26.35 -22.06 -37.87
O3 GLC O . -28.19 -23.84 -39.75
O4 GLC O . -24.83 -25.08 -39.90
O5 GLC O . -24.84 -22.47 -41.20
O6 GLC O . -26.27 -22.30 -43.56
C1 GLC O . -24.83 -26.46 -39.57
C2 GLC O . -23.62 -27.15 -40.20
C3 GLC O . -24.06 -28.46 -40.86
C4 GLC O . -25.02 -29.23 -39.97
C5 GLC O . -26.22 -28.36 -39.56
C6 GLC O . -26.43 -28.30 -38.06
O2 GLC O . -23.02 -26.30 -41.16
O3 GLC O . -22.94 -29.29 -41.12
O4 GLC O . -25.44 -30.37 -40.68
O5 GLC O . -26.02 -27.05 -40.03
O6 GLC O . -26.56 -29.58 -37.49
C1 GLC P . -5.49 -7.30 -49.46
C2 GLC P . -4.81 -5.99 -49.55
C3 GLC P . -3.39 -6.18 -49.61
C4 GLC P . -2.87 -6.83 -48.37
C5 GLC P . -3.54 -8.20 -48.14
C6 GLC P . -3.22 -8.72 -46.83
O1 GLC P . -5.22 -8.12 -50.59
O2 GLC P . -5.25 -5.21 -50.73
O3 GLC P . -2.71 -4.87 -49.86
O4 GLC P . -1.46 -7.04 -48.60
O5 GLC P . -5.06 -8.04 -48.26
O6 GLC P . -1.95 -9.32 -46.83
C1 GLC P . -0.62 -6.36 -47.66
C2 GLC P . 0.24 -5.38 -48.34
C3 GLC P . 1.18 -5.99 -49.28
C4 GLC P . 1.95 -7.10 -48.68
C5 GLC P . 1.06 -8.16 -48.00
C6 GLC P . 1.81 -9.19 -47.33
O2 GLC P . -0.60 -4.37 -49.06
O3 GLC P . 2.08 -4.96 -49.84
O4 GLC P . 2.75 -7.73 -49.76
O5 GLC P . 0.18 -7.41 -47.00
O6 GLC P . 1.38 -9.37 -45.99
C1 GLC P . 4.13 -7.54 -49.57
C2 GLC P . 4.81 -8.60 -50.39
C3 GLC P . 5.29 -9.70 -49.55
C4 GLC P . 6.33 -9.23 -48.62
C5 GLC P . 5.86 -8.04 -47.73
C6 GLC P . 6.75 -6.96 -47.77
O2 GLC P . 3.85 -9.13 -51.36
O3 GLC P . 5.76 -10.78 -50.43
O4 GLC P . 6.70 -10.32 -47.75
O5 GLC P . 4.44 -7.59 -48.15
O6 GLC P . 7.26 -6.79 -49.11
C1 GLC P . 7.91 -10.93 -48.15
C2 GLC P . 7.75 -12.39 -48.13
C3 GLC P . 7.47 -12.88 -46.80
C4 GLC P . 8.43 -12.43 -45.75
C5 GLC P . 8.72 -10.93 -45.78
C6 GLC P . 9.89 -10.60 -45.01
O2 GLC P . 6.62 -12.76 -49.05
O3 GLC P . 7.44 -14.37 -46.84
O4 GLC P . 7.84 -12.76 -44.45
O5 GLC P . 8.97 -10.51 -47.24
O6 GLC P . 10.50 -9.46 -45.58
C1 GLC P . 8.67 -13.71 -43.76
C2 GLC P . 7.92 -14.96 -43.48
C3 GLC P . 6.96 -14.87 -42.40
C4 GLC P . 7.29 -14.01 -41.25
C5 GLC P . 8.05 -12.70 -41.62
C6 GLC P . 8.58 -12.05 -40.49
O2 GLC P . 7.14 -15.33 -44.69
O3 GLC P . 6.61 -16.25 -41.92
O4 GLC P . 6.04 -13.60 -40.63
O5 GLC P . 9.19 -13.06 -42.56
O6 GLC P . 8.85 -13.01 -39.46
C1 GLC P . 5.81 -14.22 -39.35
C2 GLC P . 4.37 -14.44 -39.17
C3 GLC P . 3.61 -13.17 -39.15
C4 GLC P . 4.14 -12.16 -38.21
C5 GLC P . 5.66 -11.95 -38.36
C6 GLC P . 6.14 -11.14 -37.31
O2 GLC P . 3.87 -15.32 -40.24
O3 GLC P . 2.23 -13.44 -38.74
O4 GLC P . 3.47 -10.89 -38.48
O5 GLC P . 6.33 -13.35 -38.31
O6 GLC P . 7.50 -11.49 -37.02
C1 GLC Q . -26.42 -67.24 -4.77
C2 GLC Q . -25.77 -66.10 -5.55
C3 GLC Q . -25.60 -66.48 -7.03
C4 GLC Q . -26.92 -67.02 -7.59
C5 GLC Q . -27.57 -68.09 -6.71
C6 GLC Q . -26.88 -69.45 -6.83
O1 GLC Q . -26.58 -66.82 -3.44
O2 GLC Q . -26.54 -64.91 -5.40
O3 GLC Q . -24.54 -67.40 -7.17
O4 GLC Q . -27.83 -65.94 -7.67
O5 GLC Q . -27.65 -67.64 -5.37
O6 GLC Q . -27.70 -70.42 -6.22
C1 GLC Q . -28.14 -65.38 -8.93
C2 GLC Q . -29.63 -65.56 -9.21
C3 GLC Q . -29.85 -65.96 -10.66
C4 GLC Q . -28.91 -65.17 -11.58
C5 GLC Q . -27.46 -65.46 -11.20
C6 GLC Q . -26.59 -64.20 -11.23
O2 GLC Q . -30.16 -66.53 -8.32
O3 GLC Q . -31.19 -65.74 -11.05
O4 GLC Q . -29.10 -65.57 -12.92
O5 GLC Q . -27.40 -66.05 -9.93
O6 GLC Q . -25.31 -64.51 -10.72
C1 GLC R . -43.99 -74.88 13.02
C2 GLC R . -44.19 -75.22 14.45
C3 GLC R . -45.48 -74.85 14.94
C4 GLC R . -45.82 -73.42 14.72
C5 GLC R . -45.63 -72.99 13.25
C6 GLC R . -45.75 -71.56 13.11
O1 GLC R . -44.82 -75.68 12.18
O2 GLC R . -44.01 -76.68 14.67
O3 GLC R . -45.54 -75.16 16.40
O4 GLC R . -47.21 -73.28 15.05
O5 GLC R . -44.26 -73.46 12.75
O6 GLC R . -47.09 -71.20 12.92
C1 GLC R . -47.43 -72.44 16.20
C2 GLC R . -48.20 -73.15 17.23
C3 GLC R . -49.56 -73.48 16.83
C4 GLC R . -50.31 -72.36 16.22
C5 GLC R . -49.53 -71.59 15.15
C6 GLC R . -50.24 -70.41 14.76
O2 GLC R . -47.46 -74.40 17.63
O3 GLC R . -50.28 -74.01 18.00
O4 GLC R . -51.50 -72.90 15.54
O5 GLC R . -48.15 -71.24 15.72
O6 GLC R . -49.49 -69.25 15.06
C1 GLC R . -52.67 -72.90 16.36
C2 GLC R . -53.83 -73.10 15.45
C3 GLC R . -54.11 -71.89 14.71
C4 GLC R . -54.59 -70.85 15.63
C5 GLC R . -53.57 -70.48 16.75
C6 GLC R . -54.22 -69.97 17.87
O2 GLC R . -53.52 -74.18 14.50
O3 GLC R . -55.11 -72.19 13.66
O4 GLC R . -54.83 -69.66 14.86
O5 GLC R . -52.71 -71.69 17.20
O6 GLC R . -53.64 -70.53 19.07
C1 GLC R . -56.24 -69.49 14.68
C2 GLC R . -56.51 -69.09 13.30
C3 GLC R . -55.98 -67.79 12.98
C4 GLC R . -56.27 -66.70 13.97
C5 GLC R . -56.08 -67.12 15.44
C6 GLC R . -56.72 -66.23 16.38
O2 GLC R . -55.90 -70.08 12.37
O3 GLC R . -56.49 -67.40 11.64
O4 GLC R . -55.31 -65.64 13.66
O5 GLC R . -56.69 -68.51 15.66
O6 GLC R . -57.25 -66.99 17.46
C1 GLC R . -55.92 -64.34 13.73
C2 GLC R . -55.87 -63.67 12.39
C3 GLC R . -54.62 -63.02 12.14
C4 GLC R . -54.27 -61.98 13.10
C5 GLC R . -54.71 -62.23 14.59
C6 GLC R . -55.61 -61.25 15.06
O2 GLC R . -56.07 -64.68 11.31
O3 GLC R . -54.62 -62.48 10.74
O4 GLC R . -52.81 -61.93 13.10
O5 GLC R . -55.25 -63.65 14.83
O6 GLC R . -56.92 -61.41 14.48
C1 GLC R . -52.31 -60.60 12.97
C2 GLC R . -50.92 -60.68 12.45
C3 GLC R . -50.00 -61.34 13.39
C4 GLC R . -50.05 -60.76 14.74
C5 GLC R . -51.49 -60.77 15.30
C6 GLC R . -51.58 -60.17 16.56
O2 GLC R . -50.93 -61.41 11.16
O3 GLC R . -48.62 -61.26 12.92
O4 GLC R . -49.16 -61.51 15.61
O5 GLC R . -52.36 -59.98 14.29
O6 GLC R . -52.52 -59.08 16.52
#